data_5A4D
#
_entry.id   5A4D
#
_cell.length_a   82.160
_cell.length_b   128.600
_cell.length_c   150.120
_cell.angle_alpha   90.00
_cell.angle_beta   97.76
_cell.angle_gamma   90.00
#
_symmetry.space_group_name_H-M   'P 1 21 1'
#
loop_
_entity.id
_entity.type
_entity.pdbx_description
1 polymer 'PUTATIVE QUINONE-OXIDOREDUCTASE HOMOLOG, CHLOROPLASTIC'
2 non-polymer 'NADP NICOTINAMIDE-ADENINE-DINUCLEOTIDE PHOSPHATE'
3 non-polymer '(13-oxo-9(Z),11(E),15(Z)-octadecatrienoic acid)'
#
_entity_poly.entity_id   1
_entity_poly.type   'polypeptide(L)'
_entity_poly.pdbx_seq_one_letter_code
;MAGKLMHALQYNSYGGGAAGLEHVQVPVPTPKSNEVCLKLEATSLNPVDWKIQKGMIRPFLPRKFPCIPATDVAGEVVEV
GSGVKNFKAGDKVVAVLSHLGGGGLAEFAVATEKLTVKRPQEVGAAEAAALPVAGLTALQALTNPAGLKLDGTGKKANIL
VTAASGGVGHYAVQLAKLANAHVTATCGARNIEFVKSLGADEVLDYKTPEGAALKSPSGKKYDAVVHCANGIPFSVFEPN
LSENGKVIDITPGPNAMWTYAVKKITMSKKQLVPLLLIPKAENLEFMVNLVKEGKVKTVIDSKHPLSKAEDAWAKSIDGH
ATGKIIVEP
;
_entity_poly.pdbx_strand_id   A,B,C,D,E,F,G,H
#
loop_
_chem_comp.id
_chem_comp.type
_chem_comp.name
_chem_comp.formula
KZH non-polymer '(13-oxo-9(Z),11(E),15(Z)-octadecatrienoic acid)' 'C18 H28 O3'
NAP non-polymer 'NADP NICOTINAMIDE-ADENINE-DINUCLEOTIDE PHOSPHATE' 'C21 H28 N7 O17 P3'
#
# COMPACT_ATOMS: atom_id res chain seq x y z
N GLY A 3 29.79 -2.74 1.02
CA GLY A 3 28.47 -2.65 0.42
C GLY A 3 28.29 -1.59 -0.68
N LYS A 4 29.00 -1.75 -1.81
CA LYS A 4 28.85 -0.86 -2.95
C LYS A 4 27.41 -0.88 -3.49
N LEU A 5 27.00 0.22 -4.11
CA LEU A 5 25.68 0.32 -4.72
C LEU A 5 25.74 0.42 -6.24
N MET A 6 24.64 0.05 -6.89
CA MET A 6 24.58 0.21 -8.34
C MET A 6 23.22 0.67 -8.82
N HIS A 7 23.22 1.25 -10.01
CA HIS A 7 22.00 1.61 -10.71
C HIS A 7 21.42 0.35 -11.39
N ALA A 8 20.11 0.20 -11.31
CA ALA A 8 19.44 -0.92 -11.96
C ALA A 8 17.99 -0.57 -12.31
N LEU A 9 17.37 -1.40 -13.14
CA LEU A 9 15.95 -1.25 -13.38
C LEU A 9 15.27 -2.48 -12.83
N GLN A 10 14.10 -2.29 -12.24
CA GLN A 10 13.36 -3.44 -11.78
C GLN A 10 11.84 -3.19 -11.89
N TYR A 11 11.07 -4.26 -11.98
CA TYR A 11 9.64 -4.12 -11.86
C TYR A 11 9.22 -4.79 -10.58
N ASN A 12 8.10 -4.34 -10.02
CA ASN A 12 7.67 -4.74 -8.69
C ASN A 12 6.36 -5.54 -8.71
N SER A 13 5.83 -5.74 -9.91
CA SER A 13 4.55 -6.41 -10.05
C SER A 13 4.29 -6.76 -11.50
N TYR A 14 3.22 -7.53 -11.71
CA TYR A 14 2.85 -7.95 -13.07
C TYR A 14 2.14 -6.81 -13.78
N GLY A 15 2.28 -6.79 -15.11
CA GLY A 15 1.46 -5.96 -15.97
C GLY A 15 1.82 -4.51 -16.16
N GLY A 16 2.98 -4.11 -15.68
CA GLY A 16 3.31 -2.71 -15.74
C GLY A 16 3.82 -2.17 -17.07
N GLY A 17 4.23 -3.04 -18.00
CA GLY A 17 4.91 -2.61 -19.21
C GLY A 17 6.13 -1.74 -18.94
N ALA A 18 6.51 -0.90 -19.90
CA ALA A 18 7.67 -0.04 -19.70
C ALA A 18 7.45 0.99 -18.56
N ALA A 19 6.19 1.37 -18.34
CA ALA A 19 5.90 2.29 -17.25
C ALA A 19 6.28 1.69 -15.90
N GLY A 20 6.05 0.39 -15.75
CA GLY A 20 6.29 -0.29 -14.48
C GLY A 20 7.74 -0.60 -14.20
N LEU A 21 8.57 -0.37 -15.21
CA LEU A 21 10.01 -0.49 -15.08
C LEU A 21 10.53 0.71 -14.30
N GLU A 22 11.15 0.48 -13.15
CA GLU A 22 11.52 1.60 -12.28
C GLU A 22 13.04 1.67 -12.03
N HIS A 23 13.63 2.86 -12.20
CA HIS A 23 15.06 3.05 -11.95
C HIS A 23 15.36 3.00 -10.45
N VAL A 24 16.26 2.13 -10.04
CA VAL A 24 16.52 2.00 -8.62
C VAL A 24 18.02 1.96 -8.30
N GLN A 25 18.33 2.14 -7.03
CA GLN A 25 19.70 2.02 -6.54
C GLN A 25 19.78 0.81 -5.59
N VAL A 26 20.52 -0.22 -5.97
CA VAL A 26 20.52 -1.46 -5.19
C VAL A 26 21.93 -2.00 -4.93
N PRO A 27 22.07 -2.87 -3.92
CA PRO A 27 23.40 -3.43 -3.64
C PRO A 27 23.98 -4.21 -4.79
N VAL A 28 25.25 -3.98 -5.07
CA VAL A 28 26.00 -4.78 -6.03
C VAL A 28 26.06 -6.20 -5.52
N PRO A 29 25.69 -7.17 -6.37
CA PRO A 29 25.64 -8.58 -5.97
C PRO A 29 27.03 -9.16 -5.64
N THR A 30 27.09 -10.08 -4.68
CA THR A 30 28.34 -10.73 -4.30
C THR A 30 28.41 -12.11 -4.94
N PRO A 31 29.53 -12.41 -5.63
CA PRO A 31 29.69 -13.72 -6.27
C PRO A 31 29.75 -14.85 -5.26
N LYS A 32 29.01 -15.92 -5.52
CA LYS A 32 29.15 -17.15 -4.76
C LYS A 32 30.45 -17.86 -5.21
N SER A 33 30.81 -18.97 -4.56
CA SER A 33 32.10 -19.60 -4.80
C SER A 33 32.33 -20.00 -6.27
N ASN A 34 31.26 -20.16 -7.05
CA ASN A 34 31.38 -20.59 -8.44
C ASN A 34 30.93 -19.51 -9.44
N GLU A 35 30.65 -18.32 -8.95
CA GLU A 35 30.14 -17.26 -9.79
C GLU A 35 31.23 -16.23 -10.10
N VAL A 36 31.03 -15.43 -11.13
CA VAL A 36 31.91 -14.28 -11.34
C VAL A 36 31.06 -13.02 -11.36
N CYS A 37 31.61 -11.91 -10.92
CA CYS A 37 30.90 -10.63 -10.95
C CYS A 37 31.41 -9.79 -12.12
N LEU A 38 30.50 -9.45 -13.01
CA LEU A 38 30.82 -8.69 -14.21
C LEU A 38 30.40 -7.22 -14.09
N LYS A 39 31.30 -6.31 -14.47
CA LYS A 39 30.88 -4.94 -14.77
C LYS A 39 30.32 -4.98 -16.20
N LEU A 40 29.03 -4.74 -16.32
CA LEU A 40 28.37 -4.88 -17.61
C LEU A 40 28.78 -3.81 -18.65
N GLU A 41 29.04 -4.29 -19.86
CA GLU A 41 29.40 -3.43 -20.98
C GLU A 41 28.26 -3.41 -22.02
N ALA A 42 27.46 -4.48 -22.03
CA ALA A 42 26.29 -4.56 -22.90
C ALA A 42 25.29 -5.63 -22.45
N THR A 43 24.00 -5.30 -22.51
CA THR A 43 22.98 -6.29 -22.22
C THR A 43 22.01 -6.36 -23.40
N SER A 44 21.50 -7.53 -23.72
CA SER A 44 20.49 -7.57 -24.78
C SER A 44 19.18 -8.12 -24.27
N LEU A 45 18.10 -7.57 -24.78
CA LEU A 45 16.77 -7.99 -24.40
C LEU A 45 16.26 -9.17 -25.26
N ASN A 46 15.40 -9.99 -24.67
CA ASN A 46 14.71 -11.05 -25.38
C ASN A 46 13.22 -10.94 -25.07
N PRO A 47 12.37 -11.33 -26.01
CA PRO A 47 10.92 -11.18 -25.77
C PRO A 47 10.45 -11.83 -24.46
N VAL A 48 11.02 -12.97 -24.08
CA VAL A 48 10.63 -13.62 -22.81
C VAL A 48 10.78 -12.63 -21.62
N ASP A 49 11.71 -11.70 -21.70
CA ASP A 49 11.89 -10.74 -20.63
C ASP A 49 10.61 -9.96 -20.33
N TRP A 50 9.90 -9.50 -21.37
CA TRP A 50 8.71 -8.68 -21.10
C TRP A 50 7.51 -9.59 -20.87
N LYS A 51 7.55 -10.79 -21.46
CA LYS A 51 6.55 -11.79 -21.20
C LYS A 51 6.47 -12.17 -19.73
N ILE A 52 7.64 -12.30 -19.10
CA ILE A 52 7.70 -12.65 -17.68
C ILE A 52 7.00 -11.57 -16.88
N GLN A 53 7.31 -10.32 -17.20
CA GLN A 53 6.70 -9.20 -16.49
C GLN A 53 5.17 -9.14 -16.71
N LYS A 54 4.72 -9.57 -17.88
CA LYS A 54 3.30 -9.54 -18.21
C LYS A 54 2.50 -10.62 -17.48
N GLY A 55 3.17 -11.68 -17.08
CA GLY A 55 2.53 -12.72 -16.30
C GLY A 55 2.35 -13.98 -17.11
N MET A 56 2.97 -14.03 -18.27
CA MET A 56 2.72 -15.12 -19.21
C MET A 56 3.47 -16.37 -18.85
N ILE A 57 4.42 -16.28 -17.93
CA ILE A 57 5.24 -17.43 -17.59
C ILE A 57 4.92 -17.89 -16.17
N ARG A 58 3.82 -17.42 -15.62
CA ARG A 58 3.35 -17.91 -14.35
C ARG A 58 2.88 -19.34 -14.54
N PRO A 59 3.07 -20.19 -13.51
CA PRO A 59 3.61 -19.88 -12.18
C PRO A 59 5.12 -20.17 -12.03
N PHE A 60 5.83 -20.25 -13.14
CA PHE A 60 7.25 -20.51 -13.12
C PHE A 60 8.12 -19.26 -12.86
N LEU A 61 7.85 -18.16 -13.55
CA LEU A 61 8.62 -16.93 -13.40
C LEU A 61 7.70 -15.71 -13.34
N PRO A 62 8.14 -14.64 -12.65
CA PRO A 62 9.40 -14.54 -11.90
C PRO A 62 9.29 -15.28 -10.57
N ARG A 63 10.42 -15.68 -9.99
CA ARG A 63 10.36 -16.39 -8.71
C ARG A 63 9.85 -15.50 -7.57
N LYS A 64 10.28 -14.23 -7.58
CA LYS A 64 9.98 -13.28 -6.52
C LYS A 64 10.11 -11.85 -7.06
N PHE A 65 9.32 -10.95 -6.50
CA PHE A 65 9.47 -9.51 -6.73
C PHE A 65 10.35 -8.86 -5.63
N PRO A 66 11.08 -7.79 -5.97
CA PRO A 66 11.19 -7.17 -7.29
C PRO A 66 12.16 -7.94 -8.16
N CYS A 67 12.05 -7.74 -9.47
CA CYS A 67 12.81 -8.49 -10.44
C CYS A 67 13.64 -7.52 -11.29
N ILE A 68 14.94 -7.78 -11.41
CA ILE A 68 15.78 -7.05 -12.38
C ILE A 68 15.90 -7.88 -13.65
N PRO A 69 15.32 -7.40 -14.76
CA PRO A 69 15.16 -8.26 -15.94
C PRO A 69 16.42 -8.45 -16.78
N ALA A 70 16.37 -9.42 -17.72
CA ALA A 70 17.36 -9.66 -18.80
C ALA A 70 18.48 -10.58 -18.38
N THR A 71 18.94 -11.40 -19.32
CA THR A 71 19.91 -12.47 -19.03
C THR A 71 21.10 -12.56 -19.95
N ASP A 72 21.08 -11.86 -21.09
CA ASP A 72 22.21 -11.88 -22.03
C ASP A 72 23.15 -10.71 -21.82
N VAL A 73 24.36 -10.97 -21.33
CA VAL A 73 25.27 -9.88 -21.00
C VAL A 73 26.68 -10.10 -21.53
N ALA A 74 27.39 -9.00 -21.72
CA ALA A 74 28.83 -9.00 -21.96
C ALA A 74 29.44 -7.96 -21.06
N GLY A 75 30.66 -8.21 -20.58
CA GLY A 75 31.26 -7.31 -19.61
C GLY A 75 32.69 -7.61 -19.20
N GLU A 76 33.11 -7.02 -18.09
CA GLU A 76 34.47 -7.21 -17.58
C GLU A 76 34.36 -7.81 -16.19
N VAL A 77 35.15 -8.85 -15.94
CA VAL A 77 35.18 -9.50 -14.65
C VAL A 77 35.84 -8.57 -13.61
N VAL A 78 35.15 -8.35 -12.49
CA VAL A 78 35.70 -7.48 -11.46
C VAL A 78 36.03 -8.24 -10.18
N GLU A 79 35.43 -9.43 -10.02
CA GLU A 79 35.62 -10.25 -8.84
C GLU A 79 35.20 -11.68 -9.15
N VAL A 80 35.99 -12.65 -8.75
CA VAL A 80 35.61 -14.06 -8.91
C VAL A 80 35.47 -14.80 -7.58
N GLY A 81 34.69 -15.88 -7.60
CA GLY A 81 34.43 -16.66 -6.40
C GLY A 81 35.59 -17.54 -6.05
N SER A 82 35.61 -18.02 -4.80
CA SER A 82 36.73 -18.81 -4.28
C SER A 82 37.07 -20.07 -5.12
N GLY A 83 36.13 -20.58 -5.89
CA GLY A 83 36.37 -21.82 -6.63
C GLY A 83 36.45 -21.65 -8.13
N VAL A 84 36.46 -20.41 -8.61
CA VAL A 84 36.54 -20.12 -10.03
C VAL A 84 37.98 -20.27 -10.57
N LYS A 85 38.14 -21.07 -11.63
CA LYS A 85 39.47 -21.39 -12.14
C LYS A 85 39.77 -20.72 -13.48
N ASN A 86 38.72 -20.41 -14.25
CA ASN A 86 38.88 -20.03 -15.64
C ASN A 86 38.81 -18.53 -15.93
N PHE A 87 38.51 -17.72 -14.92
CA PHE A 87 38.45 -16.28 -15.11
C PHE A 87 39.10 -15.54 -13.97
N LYS A 88 39.72 -14.43 -14.30
CA LYS A 88 40.33 -13.56 -13.31
C LYS A 88 39.81 -12.13 -13.55
N ALA A 89 40.07 -11.23 -12.61
CA ALA A 89 39.62 -9.85 -12.75
C ALA A 89 40.28 -9.24 -13.98
N GLY A 90 39.48 -8.51 -14.76
CA GLY A 90 39.97 -7.86 -15.97
C GLY A 90 39.60 -8.54 -17.26
N ASP A 91 39.22 -9.82 -17.17
CA ASP A 91 38.90 -10.62 -18.35
C ASP A 91 37.61 -10.13 -18.99
N LYS A 92 37.62 -9.96 -20.32
CA LYS A 92 36.38 -9.63 -21.03
C LYS A 92 35.59 -10.89 -21.28
N VAL A 93 34.31 -10.88 -20.92
CA VAL A 93 33.50 -12.08 -21.09
C VAL A 93 32.14 -11.81 -21.70
N VAL A 94 31.44 -12.90 -22.02
CA VAL A 94 30.03 -12.91 -22.41
C VAL A 94 29.38 -14.04 -21.62
N ALA A 95 28.18 -13.82 -21.12
CA ALA A 95 27.59 -14.79 -20.20
C ALA A 95 26.07 -14.88 -20.25
N VAL A 96 25.51 -15.95 -19.71
CA VAL A 96 24.06 -16.07 -19.61
C VAL A 96 23.74 -16.07 -18.16
N LEU A 97 22.84 -15.19 -17.74
CA LEU A 97 22.44 -15.10 -16.34
C LEU A 97 21.27 -16.06 -16.11
N SER A 98 21.11 -16.55 -14.89
CA SER A 98 19.94 -17.34 -14.55
C SER A 98 18.63 -16.56 -14.72
N HIS A 99 17.66 -17.16 -15.40
CA HIS A 99 16.32 -16.55 -15.51
C HIS A 99 15.66 -16.49 -14.16
N LEU A 100 16.21 -17.22 -13.19
CA LEU A 100 15.64 -17.25 -11.86
C LEU A 100 15.88 -15.92 -11.19
N GLY A 101 17.12 -15.44 -11.27
CA GLY A 101 17.55 -14.23 -10.60
C GLY A 101 17.65 -12.96 -11.43
N GLY A 102 17.71 -13.10 -12.77
CA GLY A 102 17.88 -12.00 -13.70
C GLY A 102 19.14 -11.15 -13.43
N GLY A 103 19.09 -9.87 -13.82
CA GLY A 103 20.07 -8.90 -13.41
C GLY A 103 20.85 -8.33 -14.56
N GLY A 104 20.27 -8.29 -15.74
CA GLY A 104 20.98 -7.74 -16.87
C GLY A 104 20.91 -6.24 -16.98
N LEU A 105 19.76 -5.63 -16.66
CA LEU A 105 19.62 -4.17 -16.65
C LEU A 105 20.17 -3.60 -15.33
N ALA A 106 21.48 -3.63 -15.22
CA ALA A 106 22.16 -3.13 -14.06
C ALA A 106 23.60 -2.85 -14.42
N GLU A 107 24.34 -2.25 -13.49
CA GLU A 107 25.72 -1.88 -13.78
C GLU A 107 26.59 -3.09 -13.60
N PHE A 108 26.17 -3.96 -12.68
CA PHE A 108 26.90 -5.18 -12.35
C PHE A 108 25.96 -6.39 -12.30
N ALA A 109 26.49 -7.57 -12.62
CA ALA A 109 25.72 -8.81 -12.45
C ALA A 109 26.64 -9.97 -12.11
N VAL A 110 26.09 -11.01 -11.50
CA VAL A 110 26.84 -12.25 -11.33
C VAL A 110 26.37 -13.37 -12.27
N ALA A 111 27.34 -14.11 -12.80
CA ALA A 111 27.07 -15.22 -13.66
C ALA A 111 27.83 -16.44 -13.14
N THR A 112 27.32 -17.64 -13.39
CA THR A 112 28.07 -18.83 -13.00
C THR A 112 29.22 -19.03 -13.97
N GLU A 113 30.28 -19.69 -13.51
CA GLU A 113 31.40 -20.00 -14.37
C GLU A 113 30.97 -20.88 -15.56
N LYS A 114 30.06 -21.82 -15.31
CA LYS A 114 29.57 -22.76 -16.31
C LYS A 114 28.94 -22.04 -17.50
N LEU A 115 28.37 -20.86 -17.25
CA LEU A 115 27.68 -20.13 -18.31
C LEU A 115 28.38 -18.84 -18.69
N THR A 116 29.71 -18.81 -18.50
CA THR A 116 30.53 -17.65 -18.89
C THR A 116 31.64 -18.07 -19.86
N VAL A 117 31.83 -17.27 -20.89
CA VAL A 117 32.80 -17.57 -21.93
C VAL A 117 33.70 -16.36 -22.20
N LYS A 118 35.00 -16.59 -22.38
CA LYS A 118 35.90 -15.49 -22.73
C LYS A 118 35.50 -14.89 -24.06
N ARG A 119 35.45 -13.56 -24.08
CA ARG A 119 35.16 -12.76 -25.27
C ARG A 119 36.45 -12.25 -25.91
N PRO A 120 36.83 -12.82 -27.06
CA PRO A 120 38.03 -12.37 -27.79
C PRO A 120 37.93 -10.91 -28.19
N GLN A 121 39.04 -10.20 -28.28
CA GLN A 121 38.99 -8.75 -28.48
C GLN A 121 38.43 -8.38 -29.86
N GLU A 122 38.47 -9.31 -30.80
CA GLU A 122 37.90 -9.08 -32.12
C GLU A 122 36.37 -8.91 -32.08
N VAL A 123 35.75 -9.30 -30.97
CA VAL A 123 34.29 -9.25 -30.81
C VAL A 123 33.85 -8.22 -29.77
N GLY A 124 33.07 -7.22 -30.19
CA GLY A 124 32.65 -6.16 -29.28
C GLY A 124 31.66 -6.67 -28.26
N ALA A 125 31.38 -5.87 -27.22
CA ALA A 125 30.48 -6.31 -26.16
C ALA A 125 29.04 -6.47 -26.65
N ALA A 126 28.53 -5.52 -27.42
CA ALA A 126 27.16 -5.59 -27.88
C ALA A 126 26.99 -6.75 -28.83
N GLU A 127 27.99 -6.94 -29.70
CA GLU A 127 27.93 -8.00 -30.69
C GLU A 127 27.89 -9.36 -29.98
N ALA A 128 28.55 -9.46 -28.82
CA ALA A 128 28.58 -10.72 -28.07
C ALA A 128 27.36 -10.90 -27.19
N ALA A 129 26.86 -9.83 -26.60
CA ALA A 129 25.70 -9.93 -25.72
C ALA A 129 24.42 -10.32 -26.46
N ALA A 130 24.42 -10.20 -27.78
CA ALA A 130 23.24 -10.53 -28.56
C ALA A 130 23.10 -12.03 -28.74
N LEU A 131 24.22 -12.73 -28.55
CA LEU A 131 24.34 -14.18 -28.79
C LEU A 131 23.63 -15.16 -27.86
N PRO A 132 23.79 -15.03 -26.52
CA PRO A 132 23.38 -16.15 -25.63
C PRO A 132 21.99 -16.73 -25.86
N VAL A 133 20.90 -16.00 -25.70
CA VAL A 133 19.60 -16.61 -25.92
C VAL A 133 19.26 -16.76 -27.42
N ALA A 134 19.25 -15.67 -28.16
CA ALA A 134 18.85 -15.72 -29.57
C ALA A 134 19.72 -16.68 -30.40
N GLY A 135 21.04 -16.55 -30.28
CA GLY A 135 21.98 -17.33 -31.06
C GLY A 135 22.03 -18.79 -30.69
N LEU A 136 22.02 -19.09 -29.39
CA LEU A 136 22.11 -20.50 -28.96
C LEU A 136 20.83 -21.26 -29.30
N THR A 137 19.71 -20.55 -29.30
CA THR A 137 18.43 -21.13 -29.71
C THR A 137 18.41 -21.49 -31.18
N ALA A 138 18.90 -20.58 -32.02
CA ALA A 138 19.04 -20.89 -33.43
C ALA A 138 19.96 -22.09 -33.62
N LEU A 139 21.09 -22.10 -32.91
CA LEU A 139 22.05 -23.19 -33.01
C LEU A 139 21.44 -24.52 -32.60
N GLN A 140 20.63 -24.49 -31.52
CA GLN A 140 20.07 -25.73 -31.00
C GLN A 140 19.02 -26.32 -31.94
N ALA A 141 18.20 -25.43 -32.49
CA ALA A 141 17.14 -25.83 -33.40
C ALA A 141 17.66 -26.50 -34.66
N LEU A 142 18.74 -25.98 -35.22
CA LEU A 142 19.31 -26.50 -36.46
C LEU A 142 20.19 -27.72 -36.21
N THR A 143 20.75 -27.81 -35.01
CA THR A 143 21.70 -28.86 -34.67
C THR A 143 21.04 -30.14 -34.14
N ASN A 144 19.97 -30.00 -33.33
CA ASN A 144 19.29 -31.17 -32.79
C ASN A 144 18.10 -31.59 -33.66
N PRO A 145 16.93 -30.92 -33.55
CA PRO A 145 15.80 -31.47 -34.33
C PRO A 145 16.00 -31.48 -35.84
N ALA A 146 16.54 -30.41 -36.41
CA ALA A 146 16.74 -30.34 -37.86
C ALA A 146 17.90 -31.25 -38.30
N GLY A 147 18.80 -31.56 -37.36
CA GLY A 147 19.87 -32.52 -37.56
C GLY A 147 20.93 -32.12 -38.56
N LEU A 148 21.18 -30.82 -38.67
CA LEU A 148 22.19 -30.31 -39.60
C LEU A 148 23.58 -30.33 -38.97
N LYS A 149 24.61 -30.23 -39.80
CA LYS A 149 25.98 -30.08 -39.34
C LYS A 149 26.56 -28.83 -39.98
N LEU A 150 27.30 -28.06 -39.21
CA LEU A 150 27.78 -26.77 -39.68
C LEU A 150 29.19 -26.80 -40.29
N ASP A 151 29.79 -27.98 -40.39
CA ASP A 151 31.09 -28.06 -41.02
C ASP A 151 31.00 -28.39 -42.52
N GLY A 152 30.00 -29.19 -42.90
CA GLY A 152 29.87 -29.59 -44.29
C GLY A 152 29.64 -31.09 -44.50
N THR A 153 29.95 -31.88 -43.48
CA THR A 153 29.53 -33.27 -43.41
C THR A 153 28.03 -33.44 -43.66
N GLY A 154 27.26 -32.53 -43.07
CA GLY A 154 25.81 -32.64 -42.98
C GLY A 154 25.03 -32.94 -44.24
N LYS A 155 23.80 -33.40 -44.03
CA LYS A 155 22.85 -33.69 -45.10
C LYS A 155 22.32 -32.41 -45.75
N LYS A 156 22.14 -32.41 -47.07
CA LYS A 156 21.47 -31.31 -47.75
C LYS A 156 20.06 -31.17 -47.17
N ALA A 157 19.52 -29.95 -47.13
CA ALA A 157 18.18 -29.77 -46.54
C ALA A 157 17.49 -28.46 -46.94
N ASN A 158 16.16 -28.49 -46.92
CA ASN A 158 15.39 -27.27 -47.11
C ASN A 158 14.89 -26.74 -45.78
N ILE A 159 15.34 -25.55 -45.42
CA ILE A 159 14.92 -24.93 -44.18
C ILE A 159 14.00 -23.73 -44.45
N LEU A 160 12.90 -23.65 -43.71
CA LEU A 160 12.09 -22.45 -43.62
C LEU A 160 12.39 -21.77 -42.28
N VAL A 161 12.64 -20.46 -42.31
CA VAL A 161 12.82 -19.69 -41.10
C VAL A 161 11.78 -18.61 -41.06
N THR A 162 10.77 -18.75 -40.20
CA THR A 162 9.79 -17.68 -40.09
C THR A 162 10.35 -16.57 -39.18
N ALA A 163 9.92 -15.32 -39.41
CA ALA A 163 10.40 -14.16 -38.65
C ALA A 163 11.89 -14.06 -38.72
N ALA A 164 12.43 -14.21 -39.92
CA ALA A 164 13.86 -14.25 -40.11
C ALA A 164 14.55 -12.93 -39.75
N SER A 165 13.77 -11.88 -39.53
CA SER A 165 14.35 -10.56 -39.28
C SER A 165 14.55 -10.31 -37.79
N GLY A 166 14.03 -11.19 -36.95
CA GLY A 166 14.16 -11.03 -35.52
C GLY A 166 15.47 -11.60 -34.97
N GLY A 167 15.60 -11.58 -33.64
CA GLY A 167 16.77 -12.11 -32.97
C GLY A 167 17.13 -13.55 -33.32
N VAL A 168 16.26 -14.51 -32.99
CA VAL A 168 16.57 -15.90 -33.32
C VAL A 168 16.64 -16.10 -34.81
N GLY A 169 15.64 -15.56 -35.51
CA GLY A 169 15.51 -15.75 -36.94
C GLY A 169 16.75 -15.35 -37.71
N HIS A 170 17.34 -14.19 -37.38
CA HIS A 170 18.43 -13.68 -38.19
C HIS A 170 19.74 -14.44 -37.95
N TYR A 171 19.81 -15.16 -36.84
CA TYR A 171 20.93 -16.07 -36.60
C TYR A 171 20.66 -17.35 -37.33
N ALA A 172 19.42 -17.84 -37.19
CA ALA A 172 18.99 -19.08 -37.83
C ALA A 172 19.27 -19.07 -39.34
N VAL A 173 18.99 -17.96 -40.01
CA VAL A 173 19.21 -17.89 -41.46
C VAL A 173 20.70 -18.10 -41.78
N GLN A 174 21.57 -17.44 -41.02
CA GLN A 174 23.02 -17.50 -41.27
C GLN A 174 23.61 -18.86 -40.92
N LEU A 175 23.21 -19.38 -39.75
CA LEU A 175 23.67 -20.69 -39.32
C LEU A 175 23.23 -21.75 -40.31
N ALA A 176 22.01 -21.61 -40.82
CA ALA A 176 21.47 -22.57 -41.76
C ALA A 176 22.31 -22.62 -43.06
N LYS A 177 22.81 -21.47 -43.50
CA LYS A 177 23.63 -21.44 -44.70
C LYS A 177 25.00 -22.08 -44.49
N LEU A 178 25.57 -21.91 -43.30
CA LEU A 178 26.81 -22.59 -42.97
C LEU A 178 26.63 -24.11 -43.05
N ALA A 179 25.39 -24.56 -42.86
CA ALA A 179 25.07 -25.99 -42.95
C ALA A 179 24.71 -26.45 -44.36
N ASN A 180 24.98 -25.60 -45.35
CA ASN A 180 24.67 -25.91 -46.75
C ASN A 180 23.22 -26.29 -46.99
N ALA A 181 22.30 -25.53 -46.40
CA ALA A 181 20.87 -25.76 -46.58
C ALA A 181 20.29 -24.69 -47.48
N HIS A 182 19.15 -25.02 -48.09
CA HIS A 182 18.39 -24.05 -48.86
C HIS A 182 17.43 -23.34 -47.93
N VAL A 183 17.63 -22.04 -47.77
CA VAL A 183 16.84 -21.28 -46.80
C VAL A 183 15.71 -20.45 -47.42
N THR A 184 14.49 -20.71 -46.95
CA THR A 184 13.35 -19.90 -47.30
C THR A 184 13.01 -19.11 -46.05
N ALA A 185 12.76 -17.82 -46.17
CA ALA A 185 12.55 -17.00 -44.99
C ALA A 185 11.31 -16.12 -45.12
N THR A 186 10.66 -15.83 -43.99
CA THR A 186 9.56 -14.87 -44.01
C THR A 186 9.92 -13.68 -43.16
N CYS A 187 9.44 -12.53 -43.58
CA CYS A 187 9.59 -11.29 -42.83
C CYS A 187 8.66 -10.23 -43.37
N GLY A 188 8.71 -9.04 -42.78
CA GLY A 188 7.95 -7.92 -43.29
C GLY A 188 8.55 -7.36 -44.56
N ALA A 189 7.77 -6.55 -45.27
CA ALA A 189 8.20 -5.99 -46.56
C ALA A 189 9.48 -5.17 -46.48
N ARG A 190 9.67 -4.47 -45.36
CA ARG A 190 10.84 -3.61 -45.21
C ARG A 190 12.17 -4.34 -44.98
N ASN A 191 12.11 -5.61 -44.61
CA ASN A 191 13.36 -6.31 -44.33
C ASN A 191 13.72 -7.35 -45.38
N ILE A 192 13.01 -7.37 -46.49
CA ILE A 192 13.25 -8.38 -47.52
C ILE A 192 14.69 -8.33 -48.01
N GLU A 193 15.19 -7.14 -48.28
CA GLU A 193 16.57 -7.03 -48.75
C GLU A 193 17.52 -7.38 -47.62
N PHE A 194 17.17 -6.99 -46.40
CA PHE A 194 17.96 -7.35 -45.21
C PHE A 194 18.12 -8.87 -45.06
N VAL A 195 17.01 -9.61 -45.05
CA VAL A 195 17.07 -11.07 -44.92
C VAL A 195 17.83 -11.73 -46.07
N LYS A 196 17.74 -11.14 -47.26
CA LYS A 196 18.52 -11.66 -48.39
C LYS A 196 20.00 -11.54 -48.11
N SER A 197 20.41 -10.45 -47.48
CA SER A 197 21.83 -10.21 -47.22
C SER A 197 22.40 -11.16 -46.18
N LEU A 198 21.55 -11.74 -45.34
CA LEU A 198 21.96 -12.74 -44.38
C LEU A 198 22.25 -14.08 -45.06
N GLY A 199 21.72 -14.27 -46.27
CA GLY A 199 22.02 -15.45 -47.06
C GLY A 199 20.81 -16.27 -47.48
N ALA A 200 19.61 -15.75 -47.23
CA ALA A 200 18.40 -16.50 -47.56
C ALA A 200 18.25 -16.64 -49.08
N ASP A 201 17.93 -17.85 -49.53
CA ASP A 201 17.77 -18.11 -50.95
C ASP A 201 16.44 -17.56 -51.47
N GLU A 202 15.40 -17.55 -50.64
CA GLU A 202 14.08 -17.04 -50.98
C GLU A 202 13.54 -16.29 -49.79
N VAL A 203 12.91 -15.14 -50.04
CA VAL A 203 12.30 -14.38 -48.96
C VAL A 203 10.83 -14.08 -49.29
N LEU A 204 9.95 -14.37 -48.33
CA LEU A 204 8.53 -14.08 -48.45
C LEU A 204 8.07 -12.93 -47.55
N ASP A 205 7.20 -12.06 -48.08
CA ASP A 205 6.56 -11.03 -47.27
C ASP A 205 5.32 -11.67 -46.65
N TYR A 206 5.30 -11.76 -45.32
CA TYR A 206 4.29 -12.54 -44.65
C TYR A 206 2.90 -11.91 -44.68
N LYS A 207 2.81 -10.68 -45.18
CA LYS A 207 1.52 -10.01 -45.33
C LYS A 207 0.86 -10.39 -46.65
N THR A 208 1.67 -10.78 -47.62
CA THR A 208 1.14 -11.26 -48.90
C THR A 208 0.51 -12.63 -48.75
N PRO A 209 -0.48 -12.96 -49.61
CA PRO A 209 -1.12 -14.30 -49.56
C PRO A 209 -0.13 -15.47 -49.57
N GLU A 210 0.91 -15.37 -50.39
CA GLU A 210 1.89 -16.46 -50.54
C GLU A 210 2.75 -16.60 -49.28
N GLY A 211 3.11 -15.47 -48.66
CA GLY A 211 3.85 -15.50 -47.42
C GLY A 211 3.04 -16.10 -46.29
N ALA A 212 1.76 -15.77 -46.24
CA ALA A 212 0.86 -16.32 -45.23
C ALA A 212 0.61 -17.83 -45.44
N ALA A 213 0.77 -18.32 -46.67
CA ALA A 213 0.63 -19.75 -46.93
C ALA A 213 1.97 -20.46 -46.77
N LEU A 214 3.01 -19.66 -46.49
CA LEU A 214 4.38 -20.13 -46.35
C LEU A 214 4.83 -20.93 -47.57
N LYS A 215 4.36 -20.51 -48.74
CA LYS A 215 4.56 -21.28 -49.96
C LYS A 215 5.84 -20.86 -50.70
N SER A 216 6.76 -21.79 -50.83
CA SER A 216 8.05 -21.54 -51.50
C SER A 216 7.83 -21.12 -52.96
N PRO A 217 8.40 -19.97 -53.35
CA PRO A 217 8.34 -19.50 -54.75
C PRO A 217 8.98 -20.43 -55.78
N SER A 218 9.72 -21.45 -55.34
CA SER A 218 10.29 -22.43 -56.27
C SER A 218 9.75 -23.84 -56.02
N GLY A 219 8.75 -23.92 -55.15
CA GLY A 219 8.05 -25.17 -54.87
C GLY A 219 8.69 -26.11 -53.86
N LYS A 220 9.71 -25.64 -53.14
CA LYS A 220 10.42 -26.50 -52.19
C LYS A 220 9.51 -26.96 -51.03
N LYS A 221 9.64 -28.23 -50.66
CA LYS A 221 9.01 -28.72 -49.44
C LYS A 221 10.06 -28.66 -48.32
N TYR A 222 9.67 -28.17 -47.15
CA TYR A 222 10.64 -27.93 -46.09
C TYR A 222 10.90 -29.19 -45.26
N ASP A 223 12.18 -29.44 -44.95
CA ASP A 223 12.57 -30.56 -44.11
C ASP A 223 12.42 -30.17 -42.65
N ALA A 224 12.73 -28.91 -42.36
CA ALA A 224 12.52 -28.39 -41.01
C ALA A 224 12.20 -26.92 -41.07
N VAL A 225 11.29 -26.49 -40.21
CA VAL A 225 11.03 -25.08 -40.04
C VAL A 225 11.57 -24.55 -38.70
N VAL A 226 12.40 -23.51 -38.73
CA VAL A 226 12.71 -22.83 -37.48
C VAL A 226 11.65 -21.75 -37.31
N HIS A 227 10.60 -22.08 -36.56
CA HIS A 227 9.42 -21.23 -36.41
C HIS A 227 9.59 -20.16 -35.31
N CYS A 228 9.91 -18.95 -35.72
CA CYS A 228 10.21 -17.89 -34.76
C CYS A 228 9.07 -16.88 -34.65
N ALA A 229 8.03 -17.03 -35.45
CA ALA A 229 6.85 -16.15 -35.37
C ALA A 229 5.79 -16.83 -34.51
N ASN A 230 4.55 -16.32 -34.53
CA ASN A 230 3.54 -16.81 -33.58
C ASN A 230 2.12 -17.07 -34.07
N GLY A 231 1.76 -16.57 -35.24
CA GLY A 231 0.37 -16.68 -35.64
C GLY A 231 -0.12 -17.99 -36.23
N ILE A 232 0.80 -18.95 -36.45
CA ILE A 232 0.55 -20.00 -37.44
C ILE A 232 0.22 -21.38 -36.87
N PRO A 233 -0.97 -21.90 -37.20
CA PRO A 233 -1.41 -23.25 -36.84
C PRO A 233 -0.82 -24.30 -37.78
N PHE A 234 -0.64 -25.52 -37.26
CA PHE A 234 0.07 -26.57 -37.99
C PHE A 234 -0.47 -26.80 -39.40
N SER A 235 -1.77 -26.62 -39.59
CA SER A 235 -2.37 -26.87 -40.89
C SER A 235 -1.78 -25.99 -42.00
N VAL A 236 -1.26 -24.83 -41.65
CA VAL A 236 -0.64 -23.94 -42.64
C VAL A 236 0.73 -24.46 -43.08
N PHE A 237 1.50 -24.97 -42.14
CA PHE A 237 2.80 -25.60 -42.40
C PHE A 237 2.70 -26.90 -43.19
N GLU A 238 1.71 -27.73 -42.87
CA GLU A 238 1.63 -29.10 -43.35
C GLU A 238 1.81 -29.30 -44.87
N PRO A 239 1.08 -28.54 -45.72
CA PRO A 239 1.24 -28.78 -47.15
C PRO A 239 2.65 -28.46 -47.66
N ASN A 240 3.38 -27.67 -46.88
CA ASN A 240 4.72 -27.25 -47.28
C ASN A 240 5.84 -28.15 -46.75
N LEU A 241 5.49 -29.12 -45.90
CA LEU A 241 6.50 -30.00 -45.33
C LEU A 241 6.78 -31.17 -46.22
N SER A 242 8.05 -31.58 -46.25
CA SER A 242 8.45 -32.85 -46.86
C SER A 242 7.84 -34.01 -46.08
N GLU A 243 7.99 -35.25 -46.56
CA GLU A 243 7.26 -36.37 -45.98
C GLU A 243 7.44 -36.51 -44.47
N ASN A 244 8.66 -36.28 -43.98
CA ASN A 244 8.94 -36.38 -42.55
C ASN A 244 9.39 -35.05 -41.92
N GLY A 245 8.90 -33.94 -42.47
CA GLY A 245 9.32 -32.63 -42.06
C GLY A 245 8.92 -32.27 -40.65
N LYS A 246 9.74 -31.45 -40.01
CA LYS A 246 9.50 -31.04 -38.63
C LYS A 246 9.26 -29.54 -38.54
N VAL A 247 8.17 -29.14 -37.90
CA VAL A 247 8.05 -27.74 -37.49
C VAL A 247 8.64 -27.53 -36.09
N ILE A 248 9.75 -26.81 -36.00
CA ILE A 248 10.41 -26.59 -34.71
C ILE A 248 9.90 -25.31 -34.10
N ASP A 249 8.98 -25.43 -33.15
CA ASP A 249 8.26 -24.30 -32.58
C ASP A 249 9.05 -23.76 -31.41
N ILE A 250 9.73 -22.62 -31.59
CA ILE A 250 10.60 -22.17 -30.52
C ILE A 250 9.80 -21.34 -29.53
N THR A 251 8.52 -21.16 -29.77
CA THR A 251 7.68 -20.51 -28.78
C THR A 251 6.59 -21.46 -28.35
N PRO A 252 6.97 -22.58 -27.71
CA PRO A 252 5.97 -23.60 -27.44
C PRO A 252 4.97 -23.11 -26.40
N GLY A 253 3.68 -23.24 -26.69
CA GLY A 253 2.66 -22.99 -25.70
C GLY A 253 1.83 -24.23 -25.55
N PRO A 254 0.73 -24.13 -24.80
CA PRO A 254 -0.16 -25.27 -24.57
C PRO A 254 -0.66 -25.93 -25.86
N ASN A 255 -1.00 -25.15 -26.89
CA ASN A 255 -1.40 -25.72 -28.19
C ASN A 255 -0.29 -26.55 -28.79
N ALA A 256 0.93 -26.00 -28.80
CA ALA A 256 2.08 -26.74 -29.32
C ALA A 256 2.29 -28.07 -28.59
N MET A 257 2.27 -28.03 -27.27
CA MET A 257 2.45 -29.23 -26.46
C MET A 257 1.39 -30.24 -26.81
N TRP A 258 0.15 -29.78 -26.91
CA TRP A 258 -0.93 -30.72 -27.20
C TRP A 258 -0.77 -31.32 -28.58
N THR A 259 -0.50 -30.48 -29.56
CA THR A 259 -0.25 -30.93 -30.94
C THR A 259 0.86 -31.99 -30.95
N TYR A 260 1.96 -31.69 -30.27
CA TYR A 260 3.09 -32.62 -30.11
C TYR A 260 2.62 -33.97 -29.58
N ALA A 261 1.83 -33.93 -28.51
CA ALA A 261 1.29 -35.14 -27.92
C ALA A 261 0.49 -35.97 -28.91
N VAL A 262 -0.44 -35.36 -29.64
CA VAL A 262 -1.33 -36.20 -30.45
C VAL A 262 -0.59 -36.64 -31.69
N LYS A 263 0.45 -35.89 -32.07
CA LYS A 263 1.22 -36.31 -33.22
C LYS A 263 2.25 -37.39 -32.87
N LYS A 264 2.62 -37.47 -31.61
CA LYS A 264 3.32 -38.65 -31.10
C LYS A 264 2.37 -39.85 -31.01
N ILE A 265 1.27 -39.67 -30.27
CA ILE A 265 0.25 -40.70 -30.11
C ILE A 265 -0.20 -41.31 -31.44
N THR A 266 -0.47 -40.46 -32.43
CA THR A 266 -1.04 -40.94 -33.69
C THR A 266 0.04 -41.32 -34.69
N MET A 267 1.30 -41.17 -34.26
CA MET A 267 2.46 -41.55 -35.05
C MET A 267 2.44 -40.89 -36.42
N SER A 268 2.19 -39.59 -36.41
CA SER A 268 2.19 -38.78 -37.62
C SER A 268 3.61 -38.71 -38.16
N LYS A 269 3.73 -38.79 -39.49
CA LYS A 269 5.05 -38.69 -40.11
C LYS A 269 5.58 -37.26 -40.04
N LYS A 270 4.73 -36.27 -40.31
CA LYS A 270 5.11 -34.85 -40.12
C LYS A 270 4.93 -34.50 -38.66
N GLN A 271 5.93 -33.85 -38.08
CA GLN A 271 5.99 -33.65 -36.64
C GLN A 271 6.01 -32.17 -36.25
N LEU A 272 5.45 -31.85 -35.09
CA LEU A 272 5.69 -30.53 -34.50
C LEU A 272 6.51 -30.71 -33.23
N VAL A 273 7.63 -30.02 -33.15
CA VAL A 273 8.59 -30.23 -32.09
C VAL A 273 8.80 -28.97 -31.24
N PRO A 274 8.39 -29.00 -29.96
CA PRO A 274 8.66 -27.84 -29.10
C PRO A 274 10.15 -27.76 -28.80
N LEU A 275 10.67 -26.57 -28.57
CA LEU A 275 12.08 -26.41 -28.27
C LEU A 275 12.23 -25.54 -27.02
N LEU A 276 12.99 -26.05 -26.07
CA LEU A 276 13.33 -25.28 -24.88
C LEU A 276 14.84 -25.19 -24.81
N LEU A 277 15.36 -23.97 -24.88
CA LEU A 277 16.80 -23.75 -24.94
C LEU A 277 17.53 -24.30 -23.72
N ILE A 278 18.56 -25.10 -23.99
CA ILE A 278 19.53 -25.50 -22.97
C ILE A 278 20.90 -24.85 -23.24
N PRO A 279 21.22 -23.77 -22.51
CA PRO A 279 22.44 -22.99 -22.70
C PRO A 279 23.65 -23.75 -22.21
N LYS A 280 24.67 -23.91 -23.06
CA LYS A 280 25.90 -24.54 -22.64
C LYS A 280 27.11 -23.72 -23.11
N ALA A 281 28.14 -23.63 -22.27
CA ALA A 281 29.30 -22.82 -22.61
C ALA A 281 29.98 -23.25 -23.91
N GLU A 282 30.06 -24.54 -24.18
CA GLU A 282 30.68 -25.03 -25.42
C GLU A 282 30.00 -24.41 -26.64
N ASN A 283 28.67 -24.29 -26.57
CA ASN A 283 27.92 -23.74 -27.67
C ASN A 283 28.10 -22.24 -27.76
N LEU A 284 28.14 -21.57 -26.61
CA LEU A 284 28.36 -20.13 -26.58
C LEU A 284 29.74 -19.81 -27.13
N GLU A 285 30.72 -20.62 -26.71
CA GLU A 285 32.10 -20.48 -27.15
C GLU A 285 32.14 -20.65 -28.67
N PHE A 286 31.41 -21.65 -29.15
CA PHE A 286 31.33 -21.93 -30.58
C PHE A 286 30.71 -20.78 -31.36
N MET A 287 29.60 -20.23 -30.86
CA MET A 287 28.96 -19.09 -31.52
C MET A 287 29.86 -17.85 -31.50
N VAL A 288 30.50 -17.57 -30.36
CA VAL A 288 31.36 -16.40 -30.23
C VAL A 288 32.51 -16.51 -31.22
N ASN A 289 32.97 -17.73 -31.44
CA ASN A 289 34.05 -17.98 -32.39
C ASN A 289 33.59 -17.70 -33.82
N LEU A 290 32.36 -18.07 -34.14
CA LEU A 290 31.83 -17.84 -35.47
C LEU A 290 31.75 -16.35 -35.76
N VAL A 291 31.40 -15.57 -34.74
CA VAL A 291 31.32 -14.14 -34.90
C VAL A 291 32.73 -13.56 -35.09
N LYS A 292 33.69 -14.09 -34.35
CA LYS A 292 35.08 -13.68 -34.48
C LYS A 292 35.58 -13.89 -35.91
N GLU A 293 35.27 -15.05 -36.47
CA GLU A 293 35.76 -15.43 -37.80
C GLU A 293 34.89 -14.84 -38.92
N GLY A 294 33.90 -14.04 -38.54
CA GLY A 294 33.07 -13.34 -39.52
C GLY A 294 32.06 -14.21 -40.25
N LYS A 295 31.91 -15.47 -39.81
CA LYS A 295 30.97 -16.40 -40.42
C LYS A 295 29.53 -16.10 -40.03
N VAL A 296 29.36 -15.49 -38.87
CA VAL A 296 28.06 -15.03 -38.39
C VAL A 296 28.21 -13.58 -37.99
N LYS A 297 27.27 -12.72 -38.36
CA LYS A 297 27.32 -11.33 -37.91
C LYS A 297 26.12 -11.04 -37.03
N THR A 298 26.35 -10.36 -35.92
CA THR A 298 25.25 -9.92 -35.07
C THR A 298 24.66 -8.63 -35.64
N VAL A 299 23.36 -8.61 -35.84
CA VAL A 299 22.75 -7.39 -36.30
C VAL A 299 22.13 -6.71 -35.10
N ILE A 300 22.46 -5.43 -34.90
CA ILE A 300 21.92 -4.70 -33.76
C ILE A 300 20.79 -3.75 -34.16
N ASP A 301 19.60 -3.96 -33.59
CA ASP A 301 18.46 -3.13 -33.89
C ASP A 301 18.65 -1.69 -33.42
N SER A 302 19.06 -1.54 -32.17
CA SER A 302 19.28 -0.23 -31.55
C SER A 302 20.10 -0.35 -30.27
N LYS A 303 20.71 0.76 -29.85
CA LYS A 303 21.43 0.77 -28.59
C LYS A 303 20.81 1.83 -27.67
N HIS A 304 20.67 1.51 -26.39
CA HIS A 304 20.07 2.44 -25.44
C HIS A 304 20.92 2.51 -24.18
N PRO A 305 21.09 3.71 -23.64
CA PRO A 305 21.80 3.79 -22.35
C PRO A 305 20.94 3.22 -21.22
N LEU A 306 21.57 2.74 -20.16
CA LEU A 306 20.84 2.17 -19.04
C LEU A 306 19.88 3.22 -18.46
N SER A 307 20.28 4.48 -18.48
CA SER A 307 19.46 5.57 -17.95
C SER A 307 18.16 5.77 -18.74
N LYS A 308 18.09 5.20 -19.93
CA LYS A 308 16.90 5.27 -20.76
C LYS A 308 16.43 3.87 -21.17
N ALA A 309 16.79 2.86 -20.40
CA ALA A 309 16.51 1.45 -20.74
C ALA A 309 15.01 1.15 -20.93
N GLU A 310 14.14 1.96 -20.34
CA GLU A 310 12.71 1.74 -20.54
C GLU A 310 12.35 1.91 -22.02
N ASP A 311 13.17 2.64 -22.79
CA ASP A 311 12.99 2.74 -24.23
C ASP A 311 13.31 1.43 -24.93
N ALA A 312 14.38 0.76 -24.49
CA ALA A 312 14.70 -0.55 -25.05
C ALA A 312 13.59 -1.55 -24.75
N TRP A 313 13.07 -1.47 -23.53
CA TRP A 313 12.00 -2.36 -23.08
C TRP A 313 10.79 -2.19 -23.98
N ALA A 314 10.36 -0.93 -24.14
CA ALA A 314 9.23 -0.62 -25.02
C ALA A 314 9.44 -1.17 -26.43
N LYS A 315 10.66 -1.07 -26.92
CA LYS A 315 10.98 -1.51 -28.28
C LYS A 315 10.83 -3.01 -28.41
N SER A 316 11.26 -3.74 -27.38
CA SER A 316 11.08 -5.18 -27.29
C SER A 316 9.59 -5.56 -27.30
N ILE A 317 8.85 -4.97 -26.38
CA ILE A 317 7.40 -5.15 -26.26
C ILE A 317 6.68 -4.95 -27.59
N ASP A 318 7.13 -3.97 -28.35
CA ASP A 318 6.49 -3.60 -29.61
C ASP A 318 6.69 -4.68 -30.68
N GLY A 319 7.77 -5.43 -30.56
CA GLY A 319 8.00 -6.54 -31.47
C GLY A 319 8.41 -6.27 -32.91
N HIS A 320 8.90 -5.08 -33.22
CA HIS A 320 9.31 -4.81 -34.59
C HIS A 320 10.83 -4.76 -34.75
N ALA A 321 11.53 -5.31 -33.76
CA ALA A 321 12.98 -5.27 -33.76
C ALA A 321 13.57 -6.00 -34.95
N THR A 322 14.56 -5.41 -35.57
CA THR A 322 15.31 -6.08 -36.61
C THR A 322 16.69 -6.38 -36.06
N GLY A 323 16.95 -7.63 -35.71
CA GLY A 323 18.15 -7.99 -34.98
C GLY A 323 17.93 -7.84 -33.48
N LYS A 324 18.98 -7.49 -32.74
CA LYS A 324 18.91 -7.51 -31.28
C LYS A 324 18.92 -6.12 -30.63
N ILE A 325 18.06 -5.92 -29.65
CA ILE A 325 18.01 -4.65 -28.91
C ILE A 325 19.05 -4.65 -27.78
N ILE A 326 19.85 -3.60 -27.69
CA ILE A 326 20.98 -3.57 -26.74
C ILE A 326 20.87 -2.46 -25.70
N VAL A 327 21.13 -2.78 -24.45
CA VAL A 327 21.32 -1.73 -23.45
C VAL A 327 22.79 -1.64 -23.03
N GLU A 328 23.34 -0.43 -23.11
CA GLU A 328 24.72 -0.11 -22.72
C GLU A 328 24.78 0.75 -21.45
N PRO A 329 25.93 0.77 -20.77
CA PRO A 329 26.04 1.75 -19.68
C PRO A 329 26.37 3.15 -20.18
N MET B 6 -12.63 -67.97 -40.16
CA MET B 6 -11.49 -68.35 -39.34
C MET B 6 -11.79 -68.38 -37.84
N HIS B 7 -10.99 -69.15 -37.12
CA HIS B 7 -11.04 -69.17 -35.66
C HIS B 7 -10.26 -67.96 -35.12
N ALA B 8 -10.77 -67.35 -34.04
CA ALA B 8 -10.10 -66.23 -33.41
C ALA B 8 -10.54 -66.08 -31.97
N LEU B 9 -9.79 -65.31 -31.20
CA LEU B 9 -10.23 -64.98 -29.86
C LEU B 9 -10.54 -63.50 -29.84
N GLN B 10 -11.53 -63.10 -29.07
CA GLN B 10 -11.83 -61.69 -28.95
C GLN B 10 -12.47 -61.39 -27.60
N TYR B 11 -12.25 -60.17 -27.09
CA TYR B 11 -13.00 -59.71 -25.92
C TYR B 11 -14.02 -58.68 -26.36
N ASN B 12 -15.10 -58.58 -25.59
CA ASN B 12 -16.24 -57.78 -26.00
C ASN B 12 -16.48 -56.60 -25.07
N SER B 13 -15.61 -56.45 -24.08
CA SER B 13 -15.77 -55.38 -23.09
C SER B 13 -14.54 -55.28 -22.22
N TYR B 14 -14.50 -54.24 -21.39
CA TYR B 14 -13.37 -54.03 -20.47
C TYR B 14 -13.45 -54.94 -19.25
N GLY B 15 -12.29 -55.31 -18.73
CA GLY B 15 -12.16 -55.94 -17.42
C GLY B 15 -12.37 -57.43 -17.33
N GLY B 16 -12.47 -58.10 -18.47
CA GLY B 16 -12.80 -59.52 -18.49
C GLY B 16 -11.70 -60.49 -18.12
N GLY B 17 -10.44 -60.06 -18.19
CA GLY B 17 -9.32 -60.95 -17.97
C GLY B 17 -9.35 -62.11 -18.96
N ALA B 18 -8.72 -63.25 -18.60
CA ALA B 18 -8.69 -64.39 -19.50
C ALA B 18 -10.09 -65.01 -19.66
N ALA B 19 -10.95 -64.84 -18.66
CA ALA B 19 -12.32 -65.32 -18.73
C ALA B 19 -13.10 -64.62 -19.84
N GLY B 20 -12.86 -63.31 -19.97
CA GLY B 20 -13.54 -62.49 -20.97
C GLY B 20 -13.05 -62.67 -22.39
N LEU B 21 -11.99 -63.46 -22.56
CA LEU B 21 -11.49 -63.83 -23.87
C LEU B 21 -12.37 -64.96 -24.41
N GLU B 22 -12.94 -64.75 -25.58
CA GLU B 22 -13.94 -65.69 -26.08
C GLU B 22 -13.57 -66.24 -27.46
N HIS B 23 -13.64 -67.57 -27.60
CA HIS B 23 -13.34 -68.22 -28.88
C HIS B 23 -14.48 -67.97 -29.84
N VAL B 24 -14.16 -67.46 -31.02
CA VAL B 24 -15.20 -67.11 -31.99
C VAL B 24 -14.83 -67.53 -33.40
N GLN B 25 -15.83 -67.51 -34.27
CA GLN B 25 -15.66 -67.79 -35.69
C GLN B 25 -15.97 -66.50 -36.44
N VAL B 26 -14.98 -65.95 -37.14
CA VAL B 26 -15.17 -64.65 -37.80
C VAL B 26 -14.61 -64.63 -39.22
N PRO B 27 -15.10 -63.69 -40.06
CA PRO B 27 -14.60 -63.59 -41.43
C PRO B 27 -13.10 -63.37 -41.51
N VAL B 28 -12.45 -64.09 -42.42
CA VAL B 28 -11.07 -63.85 -42.76
C VAL B 28 -10.94 -62.45 -43.37
N PRO B 29 -10.03 -61.63 -42.84
CA PRO B 29 -9.89 -60.26 -43.33
C PRO B 29 -9.40 -60.19 -44.78
N THR B 30 -9.85 -59.17 -45.50
CA THR B 30 -9.41 -58.96 -46.88
C THR B 30 -8.37 -57.85 -46.94
N PRO B 31 -7.22 -58.13 -47.59
CA PRO B 31 -6.15 -57.13 -47.69
C PRO B 31 -6.55 -55.91 -48.50
N LYS B 32 -6.26 -54.72 -47.96
CA LYS B 32 -6.37 -53.49 -48.73
C LYS B 32 -5.24 -53.44 -49.74
N SER B 33 -5.18 -52.37 -50.55
CA SER B 33 -4.24 -52.33 -51.68
C SER B 33 -2.77 -52.38 -51.26
N ASN B 34 -2.49 -52.02 -50.01
CA ASN B 34 -1.13 -51.96 -49.47
C ASN B 34 -0.87 -52.99 -48.36
N GLU B 35 -1.83 -53.87 -48.12
CA GLU B 35 -1.71 -54.85 -47.04
C GLU B 35 -1.39 -56.22 -47.61
N VAL B 36 -0.90 -57.12 -46.74
CA VAL B 36 -0.79 -58.52 -47.11
C VAL B 36 -1.57 -59.35 -46.10
N CYS B 37 -2.11 -60.47 -46.57
CA CYS B 37 -2.83 -61.38 -45.69
C CYS B 37 -1.94 -62.56 -45.32
N LEU B 38 -1.70 -62.74 -44.03
CA LEU B 38 -0.83 -63.81 -43.55
C LEU B 38 -1.64 -64.95 -42.93
N LYS B 39 -1.29 -66.19 -43.29
CA LYS B 39 -1.68 -67.35 -42.50
C LYS B 39 -0.71 -67.45 -41.34
N LEU B 40 -1.19 -67.23 -40.11
CA LEU B 40 -0.29 -67.09 -38.97
C LEU B 40 0.34 -68.42 -38.58
N GLU B 41 1.63 -68.37 -38.25
CA GLU B 41 2.39 -69.53 -37.81
C GLU B 41 2.80 -69.36 -36.35
N ALA B 42 2.87 -68.11 -35.90
CA ALA B 42 3.17 -67.78 -34.51
C ALA B 42 2.74 -66.35 -34.16
N THR B 43 2.18 -66.18 -32.97
CA THR B 43 1.87 -64.85 -32.45
C THR B 43 2.49 -64.72 -31.07
N SER B 44 3.01 -63.54 -30.73
CA SER B 44 3.51 -63.35 -29.38
C SER B 44 2.72 -62.28 -28.65
N LEU B 45 2.54 -62.46 -27.35
CA LEU B 45 1.81 -61.50 -26.53
C LEU B 45 2.75 -60.45 -25.94
N ASN B 46 2.22 -59.25 -25.72
CA ASN B 46 2.90 -58.19 -24.98
C ASN B 46 2.01 -57.69 -23.86
N PRO B 47 2.59 -57.24 -22.75
CA PRO B 47 1.77 -56.79 -21.62
C PRO B 47 0.72 -55.75 -22.02
N VAL B 48 1.03 -54.86 -22.95
CA VAL B 48 0.05 -53.85 -23.39
C VAL B 48 -1.25 -54.51 -23.89
N ASP B 49 -1.16 -55.73 -24.43
CA ASP B 49 -2.32 -56.43 -24.93
C ASP B 49 -3.41 -56.63 -23.87
N TRP B 50 -3.02 -57.02 -22.65
CA TRP B 50 -4.02 -57.25 -21.60
C TRP B 50 -4.35 -55.93 -20.90
N LYS B 51 -3.40 -55.00 -20.92
CA LYS B 51 -3.63 -53.65 -20.38
C LYS B 51 -4.76 -52.94 -21.13
N ILE B 52 -4.77 -53.08 -22.46
CA ILE B 52 -5.83 -52.51 -23.29
C ILE B 52 -7.19 -53.08 -22.88
N GLN B 53 -7.24 -54.39 -22.69
CA GLN B 53 -8.47 -55.05 -22.27
C GLN B 53 -8.91 -54.58 -20.88
N LYS B 54 -7.95 -54.23 -20.04
CA LYS B 54 -8.27 -53.86 -18.66
C LYS B 54 -8.82 -52.44 -18.59
N GLY B 55 -8.49 -51.64 -19.60
CA GLY B 55 -9.02 -50.29 -19.69
C GLY B 55 -7.97 -49.25 -19.38
N MET B 56 -6.72 -49.68 -19.33
CA MET B 56 -5.64 -48.81 -18.88
C MET B 56 -5.16 -47.87 -19.98
N ILE B 57 -5.61 -48.09 -21.21
CA ILE B 57 -5.13 -47.28 -22.32
C ILE B 57 -6.28 -46.44 -22.87
N ARG B 58 -7.36 -46.36 -22.10
CA ARG B 58 -8.45 -45.46 -22.43
C ARG B 58 -7.99 -44.02 -22.26
N PRO B 59 -8.46 -43.11 -23.13
CA PRO B 59 -9.47 -43.31 -24.18
C PRO B 59 -8.88 -43.57 -25.56
N PHE B 60 -7.63 -44.02 -25.64
CA PHE B 60 -6.98 -44.27 -26.91
C PHE B 60 -7.31 -45.66 -27.50
N LEU B 61 -7.24 -46.69 -26.67
CA LEU B 61 -7.49 -48.07 -27.10
C LEU B 61 -8.38 -48.80 -26.11
N PRO B 62 -9.19 -49.75 -26.61
CA PRO B 62 -9.32 -50.17 -28.01
C PRO B 62 -10.23 -49.21 -28.75
N ARG B 63 -10.11 -49.13 -30.08
CA ARG B 63 -10.92 -48.18 -30.81
C ARG B 63 -12.40 -48.58 -30.74
N LYS B 64 -12.67 -49.87 -30.87
CA LYS B 64 -14.03 -50.38 -30.93
C LYS B 64 -14.07 -51.82 -30.45
N PHE B 65 -15.19 -52.24 -29.87
CA PHE B 65 -15.44 -53.65 -29.57
C PHE B 65 -16.23 -54.33 -30.70
N PRO B 66 -16.04 -55.64 -30.90
CA PRO B 66 -15.11 -56.52 -30.19
C PRO B 66 -13.69 -56.37 -30.73
N CYS B 67 -12.70 -56.78 -29.94
CA CYS B 67 -11.31 -56.63 -30.36
CA CYS B 67 -11.31 -56.65 -30.37
C CYS B 67 -10.61 -57.98 -30.33
N ILE B 68 -9.88 -58.26 -31.41
CA ILE B 68 -9.02 -59.44 -31.49
C ILE B 68 -7.60 -58.99 -31.14
N PRO B 69 -7.09 -59.42 -29.98
CA PRO B 69 -5.85 -58.85 -29.45
C PRO B 69 -4.56 -59.32 -30.13
N ALA B 70 -3.45 -58.65 -29.80
CA ALA B 70 -2.05 -59.01 -30.17
C ALA B 70 -1.62 -58.48 -31.54
N THR B 71 -0.35 -58.11 -31.65
CA THR B 71 0.17 -57.44 -32.84
C THR B 71 1.47 -58.01 -33.42
N ASP B 72 2.15 -58.89 -32.68
CA ASP B 72 3.40 -59.47 -33.14
C ASP B 72 3.17 -60.83 -33.79
N VAL B 73 3.36 -60.92 -35.09
CA VAL B 73 3.07 -62.15 -35.81
C VAL B 73 4.16 -62.59 -36.79
N ALA B 74 4.20 -63.89 -37.05
CA ALA B 74 5.01 -64.46 -38.11
C ALA B 74 4.11 -65.44 -38.85
N GLY B 75 4.28 -65.55 -40.16
CA GLY B 75 3.40 -66.41 -40.93
C GLY B 75 3.76 -66.55 -42.39
N GLU B 76 2.80 -67.03 -43.17
CA GLU B 76 2.96 -67.21 -44.61
C GLU B 76 1.96 -66.34 -45.35
N VAL B 77 2.43 -65.64 -46.37
CA VAL B 77 1.58 -64.77 -47.18
C VAL B 77 0.66 -65.61 -48.05
N VAL B 78 -0.64 -65.31 -47.99
CA VAL B 78 -1.60 -66.08 -48.76
C VAL B 78 -2.27 -65.23 -49.84
N GLU B 79 -2.28 -63.91 -49.65
CA GLU B 79 -2.82 -62.98 -50.63
CA GLU B 79 -2.88 -62.97 -50.59
C GLU B 79 -2.25 -61.59 -50.39
N VAL B 80 -1.92 -60.90 -51.48
CA VAL B 80 -1.41 -59.53 -51.37
C VAL B 80 -2.33 -58.54 -52.06
N GLY B 81 -2.19 -57.27 -51.69
CA GLY B 81 -3.02 -56.21 -52.24
C GLY B 81 -2.54 -55.77 -53.61
N SER B 82 -3.40 -55.05 -54.32
CA SER B 82 -3.09 -54.63 -55.69
C SER B 82 -1.83 -53.78 -55.83
N GLY B 83 -1.37 -53.18 -54.74
CA GLY B 83 -0.22 -52.27 -54.80
C GLY B 83 1.03 -52.78 -54.10
N VAL B 84 1.01 -54.03 -53.64
CA VAL B 84 2.14 -54.62 -52.94
C VAL B 84 3.21 -55.11 -53.92
N LYS B 85 4.46 -54.66 -53.70
CA LYS B 85 5.57 -54.96 -54.61
C LYS B 85 6.56 -55.98 -54.05
N ASN B 86 6.65 -56.05 -52.72
CA ASN B 86 7.75 -56.77 -52.07
C ASN B 86 7.41 -58.16 -51.53
N PHE B 87 6.15 -58.55 -51.65
CA PHE B 87 5.75 -59.88 -51.18
C PHE B 87 4.79 -60.54 -52.14
N LYS B 88 4.91 -61.86 -52.24
CA LYS B 88 4.01 -62.66 -53.04
C LYS B 88 3.50 -63.79 -52.18
N ALA B 89 2.48 -64.51 -52.66
CA ALA B 89 1.95 -65.63 -51.92
C ALA B 89 3.02 -66.70 -51.72
N GLY B 90 3.10 -67.25 -50.52
CA GLY B 90 4.07 -68.28 -50.22
C GLY B 90 5.27 -67.80 -49.41
N ASP B 91 5.52 -66.49 -49.44
CA ASP B 91 6.65 -65.90 -48.70
C ASP B 91 6.46 -66.03 -47.18
N LYS B 92 7.52 -66.47 -46.50
CA LYS B 92 7.51 -66.48 -45.04
C LYS B 92 7.85 -65.08 -44.51
N VAL B 93 7.03 -64.54 -43.62
CA VAL B 93 7.28 -63.20 -43.12
C VAL B 93 7.15 -63.07 -41.61
N VAL B 94 7.52 -61.89 -41.12
CA VAL B 94 7.28 -61.48 -39.74
C VAL B 94 6.77 -60.06 -39.83
N ALA B 95 5.76 -59.70 -39.04
CA ALA B 95 5.12 -58.41 -39.20
C ALA B 95 4.60 -57.80 -37.90
N VAL B 96 4.37 -56.49 -37.92
CA VAL B 96 3.66 -55.83 -36.82
C VAL B 96 2.28 -55.40 -37.29
N LEU B 97 1.25 -55.81 -36.56
CA LEU B 97 -0.10 -55.41 -36.89
C LEU B 97 -0.39 -54.07 -36.22
N SER B 98 -1.37 -53.33 -36.75
CA SER B 98 -1.80 -52.09 -36.14
C SER B 98 -2.49 -52.33 -34.80
N HIS B 99 -2.07 -51.61 -33.76
CA HIS B 99 -2.74 -51.69 -32.45
C HIS B 99 -4.17 -51.19 -32.54
N LEU B 100 -4.50 -50.53 -33.64
CA LEU B 100 -5.83 -50.01 -33.85
C LEU B 100 -6.78 -51.17 -34.08
N GLY B 101 -6.39 -52.06 -35.00
CA GLY B 101 -7.26 -53.15 -35.45
C GLY B 101 -6.94 -54.51 -34.87
N GLY B 102 -5.65 -54.75 -34.61
CA GLY B 102 -5.18 -55.97 -33.99
C GLY B 102 -5.26 -57.22 -34.87
N GLY B 103 -5.49 -58.36 -34.25
CA GLY B 103 -5.78 -59.57 -34.98
C GLY B 103 -4.68 -60.62 -34.93
N GLY B 104 -3.93 -60.66 -33.85
CA GLY B 104 -2.87 -61.64 -33.70
C GLY B 104 -3.37 -63.00 -33.26
N LEU B 105 -4.37 -63.04 -32.37
CA LEU B 105 -4.96 -64.30 -31.94
C LEU B 105 -6.05 -64.76 -32.92
N ALA B 106 -5.60 -65.17 -34.10
CA ALA B 106 -6.49 -65.66 -35.14
C ALA B 106 -5.67 -66.52 -36.10
N GLU B 107 -6.36 -67.19 -37.02
CA GLU B 107 -5.70 -68.04 -38.00
C GLU B 107 -5.06 -67.18 -39.09
N PHE B 108 -5.70 -66.06 -39.38
CA PHE B 108 -5.26 -65.14 -40.43
C PHE B 108 -5.25 -63.70 -39.95
N ALA B 109 -4.35 -62.90 -40.49
CA ALA B 109 -4.32 -61.47 -40.16
C ALA B 109 -3.78 -60.66 -41.33
N VAL B 110 -4.14 -59.38 -41.40
CA VAL B 110 -3.56 -58.52 -42.41
C VAL B 110 -2.54 -57.55 -41.80
N ALA B 111 -1.46 -57.31 -42.53
CA ALA B 111 -0.42 -56.37 -42.11
C ALA B 111 -0.10 -55.45 -43.27
N THR B 112 0.32 -54.23 -42.98
CA THR B 112 0.73 -53.33 -44.05
C THR B 112 2.09 -53.78 -44.57
N GLU B 113 2.38 -53.43 -45.82
CA GLU B 113 3.64 -53.78 -46.44
C GLU B 113 4.80 -53.10 -45.73
N LYS B 114 4.55 -51.86 -45.30
CA LYS B 114 5.52 -51.05 -44.55
C LYS B 114 6.01 -51.71 -43.26
N LEU B 115 5.15 -52.53 -42.65
CA LEU B 115 5.49 -53.18 -41.39
C LEU B 115 5.64 -54.68 -41.52
N THR B 116 6.00 -55.14 -42.71
CA THR B 116 6.25 -56.57 -42.95
C THR B 116 7.66 -56.80 -43.52
N VAL B 117 8.31 -57.84 -42.99
CA VAL B 117 9.69 -58.15 -43.33
C VAL B 117 9.83 -59.63 -43.68
N LYS B 118 10.61 -59.93 -44.73
CA LYS B 118 10.88 -61.32 -45.06
C LYS B 118 11.61 -62.03 -43.92
N ARG B 119 11.12 -63.22 -43.59
CA ARG B 119 11.71 -64.08 -42.56
C ARG B 119 12.58 -65.15 -43.21
N PRO B 120 13.91 -65.02 -43.09
CA PRO B 120 14.84 -66.02 -43.64
C PRO B 120 14.59 -67.40 -43.04
N GLN B 121 14.87 -68.47 -43.78
CA GLN B 121 14.49 -69.80 -43.32
C GLN B 121 15.29 -70.26 -42.10
N GLU B 122 16.42 -69.62 -41.85
CA GLU B 122 17.22 -69.90 -40.66
C GLU B 122 16.52 -69.49 -39.35
N VAL B 123 15.47 -68.67 -39.48
CA VAL B 123 14.73 -68.17 -38.32
C VAL B 123 13.31 -68.73 -38.24
N GLY B 124 13.00 -69.44 -37.16
CA GLY B 124 11.69 -70.03 -36.98
C GLY B 124 10.61 -68.98 -36.82
N ALA B 125 9.34 -69.39 -36.89
CA ALA B 125 8.23 -68.44 -36.79
C ALA B 125 8.11 -67.85 -35.37
N ALA B 126 8.21 -68.70 -34.36
CA ALA B 126 8.07 -68.25 -32.99
C ALA B 126 9.23 -67.34 -32.60
N GLU B 127 10.43 -67.71 -33.03
CA GLU B 127 11.63 -66.92 -32.75
C GLU B 127 11.52 -65.52 -33.35
N ALA B 128 10.82 -65.42 -34.48
CA ALA B 128 10.67 -64.14 -35.18
C ALA B 128 9.50 -63.31 -34.66
N ALA B 129 8.41 -63.97 -34.30
CA ALA B 129 7.23 -63.28 -33.81
C ALA B 129 7.48 -62.62 -32.44
N ALA B 130 8.53 -63.04 -31.75
CA ALA B 130 8.83 -62.48 -30.44
C ALA B 130 9.47 -61.10 -30.59
N LEU B 131 10.00 -60.84 -31.77
CA LEU B 131 10.80 -59.64 -32.03
C LEU B 131 10.08 -58.28 -32.10
N PRO B 132 8.99 -58.15 -32.89
CA PRO B 132 8.48 -56.80 -33.24
C PRO B 132 8.33 -55.78 -32.08
N VAL B 133 7.49 -56.03 -31.09
CA VAL B 133 7.35 -55.03 -30.03
C VAL B 133 8.50 -55.09 -29.04
N ALA B 134 8.75 -56.26 -28.46
CA ALA B 134 9.78 -56.39 -27.43
C ALA B 134 11.18 -56.02 -27.93
N GLY B 135 11.57 -56.58 -29.06
CA GLY B 135 12.90 -56.36 -29.60
C GLY B 135 13.13 -54.97 -30.16
N LEU B 136 12.15 -54.42 -30.88
CA LEU B 136 12.33 -53.10 -31.49
C LEU B 136 12.37 -52.01 -30.43
N THR B 137 11.65 -52.24 -29.33
CA THR B 137 11.69 -51.35 -28.17
C THR B 137 13.08 -51.34 -27.51
N ALA B 138 13.65 -52.51 -27.28
CA ALA B 138 15.00 -52.58 -26.75
C ALA B 138 15.97 -51.86 -27.71
N LEU B 139 15.81 -52.10 -29.00
CA LEU B 139 16.70 -51.52 -29.99
C LEU B 139 16.58 -50.00 -30.00
N GLN B 140 15.36 -49.51 -29.91
CA GLN B 140 15.13 -48.08 -29.94
C GLN B 140 15.71 -47.40 -28.69
N ALA B 141 15.52 -48.02 -27.54
CA ALA B 141 15.96 -47.47 -26.28
C ALA B 141 17.48 -47.31 -26.22
N LEU B 142 18.20 -48.31 -26.74
CA LEU B 142 19.66 -48.28 -26.72
C LEU B 142 20.24 -47.44 -27.86
N THR B 143 19.50 -47.34 -28.96
CA THR B 143 19.97 -46.62 -30.13
C THR B 143 19.71 -45.10 -30.11
N ASN B 144 18.55 -44.66 -29.63
CA ASN B 144 18.27 -43.23 -29.57
C ASN B 144 18.68 -42.63 -28.21
N PRO B 145 17.87 -42.79 -27.14
CA PRO B 145 18.26 -42.05 -25.93
C PRO B 145 19.62 -42.44 -25.34
N ALA B 146 19.94 -43.72 -25.32
CA ALA B 146 21.22 -44.18 -24.73
C ALA B 146 22.39 -43.88 -25.67
N GLY B 147 22.07 -43.71 -26.96
CA GLY B 147 23.02 -43.26 -27.96
C GLY B 147 24.15 -44.23 -28.25
N LEU B 148 23.86 -45.52 -28.11
CA LEU B 148 24.85 -46.56 -28.40
C LEU B 148 24.89 -46.88 -29.90
N LYS B 149 25.96 -47.54 -30.30
CA LYS B 149 26.09 -48.07 -31.65
C LYS B 149 26.40 -49.55 -31.54
N LEU B 150 25.78 -50.36 -32.39
CA LEU B 150 25.91 -51.81 -32.27
C LEU B 150 27.01 -52.43 -33.13
N ASP B 151 27.76 -51.61 -33.86
CA ASP B 151 28.84 -52.15 -34.67
C ASP B 151 30.18 -52.13 -33.92
N GLY B 152 30.39 -51.12 -33.06
CA GLY B 152 31.64 -51.02 -32.33
C GLY B 152 32.25 -49.64 -32.36
N THR B 153 31.80 -48.80 -33.30
CA THR B 153 32.09 -47.36 -33.30
C THR B 153 31.77 -46.73 -31.95
N GLY B 154 30.62 -47.14 -31.39
CA GLY B 154 30.01 -46.49 -30.24
C GLY B 154 30.86 -46.19 -29.03
N LYS B 155 30.34 -45.29 -28.21
CA LYS B 155 30.98 -44.90 -26.97
C LYS B 155 30.84 -46.03 -25.94
N LYS B 156 31.88 -46.24 -25.12
CA LYS B 156 31.75 -47.15 -23.99
C LYS B 156 30.65 -46.63 -23.08
N ALA B 157 29.96 -47.52 -22.37
CA ALA B 157 28.85 -47.07 -21.51
C ALA B 157 28.43 -48.09 -20.44
N ASN B 158 27.88 -47.58 -19.34
CA ASN B 158 27.32 -48.43 -18.29
C ASN B 158 25.81 -48.48 -18.41
N ILE B 159 25.26 -49.66 -18.71
CA ILE B 159 23.82 -49.79 -18.85
C ILE B 159 23.23 -50.60 -17.70
N LEU B 160 22.15 -50.10 -17.13
CA LEU B 160 21.30 -50.87 -16.21
C LEU B 160 20.06 -51.31 -16.98
N VAL B 161 19.74 -52.59 -16.90
CA VAL B 161 18.50 -53.08 -17.45
C VAL B 161 17.67 -53.66 -16.33
N THR B 162 16.59 -52.99 -15.95
CA THR B 162 15.69 -53.58 -14.97
C THR B 162 14.74 -54.56 -15.64
N ALA B 163 14.35 -55.61 -14.91
CA ALA B 163 13.45 -56.65 -15.42
C ALA B 163 14.07 -57.29 -16.64
N ALA B 164 15.35 -57.60 -16.53
CA ALA B 164 16.10 -58.15 -17.65
C ALA B 164 15.61 -59.54 -18.09
N SER B 165 14.72 -60.15 -17.33
CA SER B 165 14.26 -61.49 -17.66
C SER B 165 12.98 -61.47 -18.50
N GLY B 166 12.38 -60.30 -18.66
CA GLY B 166 11.18 -60.16 -19.47
C GLY B 166 11.46 -60.01 -20.96
N GLY B 167 10.40 -59.75 -21.71
CA GLY B 167 10.50 -59.60 -23.16
C GLY B 167 11.49 -58.54 -23.62
N VAL B 168 11.21 -57.27 -23.32
CA VAL B 168 12.11 -56.20 -23.70
C VAL B 168 13.47 -56.37 -23.03
N GLY B 169 13.44 -56.70 -21.73
CA GLY B 169 14.64 -56.76 -20.93
C GLY B 169 15.68 -57.72 -21.46
N HIS B 170 15.24 -58.89 -21.90
CA HIS B 170 16.17 -59.95 -22.28
C HIS B 170 16.77 -59.68 -23.66
N TYR B 171 16.10 -58.83 -24.45
CA TYR B 171 16.67 -58.36 -25.70
C TYR B 171 17.64 -57.22 -25.39
N ALA B 172 17.21 -56.34 -24.51
CA ALA B 172 18.01 -55.19 -24.11
C ALA B 172 19.40 -55.61 -23.61
N VAL B 173 19.46 -56.63 -22.78
CA VAL B 173 20.74 -57.10 -22.26
C VAL B 173 21.67 -57.53 -23.40
N GLN B 174 21.16 -58.32 -24.34
CA GLN B 174 21.95 -58.83 -25.46
C GLN B 174 22.39 -57.71 -26.39
N LEU B 175 21.45 -56.85 -26.75
CA LEU B 175 21.76 -55.75 -27.66
C LEU B 175 22.80 -54.81 -27.02
N ALA B 176 22.66 -54.59 -25.72
CA ALA B 176 23.61 -53.73 -25.02
C ALA B 176 25.05 -54.27 -25.08
N LYS B 177 25.20 -55.60 -25.02
CA LYS B 177 26.52 -56.20 -25.11
C LYS B 177 27.14 -56.04 -26.51
N LEU B 178 26.30 -56.14 -27.55
CA LEU B 178 26.76 -55.91 -28.92
C LEU B 178 27.31 -54.50 -29.05
N ALA B 179 26.83 -53.61 -28.20
CA ALA B 179 27.26 -52.22 -28.22
C ALA B 179 28.48 -51.98 -27.33
N ASN B 180 29.08 -53.07 -26.82
CA ASN B 180 30.26 -52.99 -25.95
C ASN B 180 30.02 -52.19 -24.69
N ALA B 181 28.87 -52.41 -24.07
CA ALA B 181 28.53 -51.72 -22.85
C ALA B 181 28.65 -52.65 -21.66
N HIS B 182 28.86 -52.06 -20.48
CA HIS B 182 28.83 -52.80 -19.23
C HIS B 182 27.38 -52.89 -18.76
N VAL B 183 26.85 -54.10 -18.69
CA VAL B 183 25.46 -54.31 -18.35
C VAL B 183 25.24 -54.77 -16.92
N THR B 184 24.47 -53.98 -16.17
CA THR B 184 23.98 -54.39 -14.86
C THR B 184 22.51 -54.72 -15.04
N ALA B 185 22.06 -55.83 -14.49
CA ALA B 185 20.68 -56.23 -14.71
C ALA B 185 19.98 -56.60 -13.41
N THR B 186 18.68 -56.36 -13.34
CA THR B 186 17.87 -56.84 -12.22
C THR B 186 16.87 -57.88 -12.69
N CYS B 187 16.60 -58.85 -11.82
CA CYS B 187 15.58 -59.87 -12.07
C CYS B 187 15.28 -60.60 -10.78
N GLY B 188 14.37 -61.57 -10.84
CA GLY B 188 14.08 -62.41 -9.69
C GLY B 188 15.19 -63.41 -9.44
N ALA B 189 15.20 -63.99 -8.24
CA ALA B 189 16.25 -64.93 -7.86
C ALA B 189 16.38 -66.12 -8.83
N ARG B 190 15.27 -66.60 -9.39
CA ARG B 190 15.31 -67.80 -10.22
C ARG B 190 15.94 -67.58 -11.60
N ASN B 191 16.03 -66.34 -12.04
CA ASN B 191 16.57 -66.08 -13.37
C ASN B 191 17.98 -65.48 -13.38
N ILE B 192 18.62 -65.45 -12.22
CA ILE B 192 19.95 -64.86 -12.13
C ILE B 192 20.92 -65.53 -13.10
N GLU B 193 20.96 -66.85 -13.10
CA GLU B 193 21.84 -67.56 -14.01
C GLU B 193 21.40 -67.34 -15.45
N PHE B 194 20.09 -67.28 -15.68
CA PHE B 194 19.55 -67.00 -17.01
C PHE B 194 20.06 -65.65 -17.56
N VAL B 195 19.89 -64.58 -16.79
CA VAL B 195 20.30 -63.24 -17.23
C VAL B 195 21.82 -63.16 -17.45
N LYS B 196 22.58 -63.90 -16.64
CA LYS B 196 24.02 -63.97 -16.84
C LYS B 196 24.35 -64.58 -18.19
N SER B 197 23.56 -65.56 -18.63
CA SER B 197 23.82 -66.26 -19.89
C SER B 197 23.55 -65.36 -21.10
N LEU B 198 22.76 -64.32 -20.91
CA LEU B 198 22.44 -63.38 -21.96
C LEU B 198 23.61 -62.42 -22.18
N GLY B 199 24.48 -62.35 -21.18
CA GLY B 199 25.68 -61.54 -21.27
C GLY B 199 25.84 -60.44 -20.23
N ALA B 200 24.95 -60.42 -19.25
CA ALA B 200 25.00 -59.39 -18.20
C ALA B 200 26.27 -59.55 -17.36
N ASP B 201 26.94 -58.42 -17.11
CA ASP B 201 28.18 -58.41 -16.34
C ASP B 201 27.89 -58.52 -14.85
N GLU B 202 26.75 -57.97 -14.43
CA GLU B 202 26.31 -58.06 -13.03
C GLU B 202 24.82 -58.29 -12.99
N VAL B 203 24.39 -59.19 -12.10
CA VAL B 203 22.95 -59.42 -11.93
C VAL B 203 22.50 -59.22 -10.48
N LEU B 204 21.47 -58.41 -10.28
CA LEU B 204 20.88 -58.17 -8.96
C LEU B 204 19.52 -58.83 -8.76
N ASP B 205 19.32 -59.48 -7.63
CA ASP B 205 18.00 -59.98 -7.24
C ASP B 205 17.21 -58.80 -6.67
N TYR B 206 16.09 -58.45 -7.31
CA TYR B 206 15.42 -57.19 -6.97
C TYR B 206 14.66 -57.25 -5.63
N LYS B 207 14.56 -58.44 -5.04
CA LYS B 207 13.94 -58.60 -3.74
C LYS B 207 14.94 -58.31 -2.60
N THR B 208 16.22 -58.46 -2.89
CA THR B 208 17.27 -58.12 -1.92
C THR B 208 17.38 -56.60 -1.77
N PRO B 209 17.85 -56.12 -0.60
CA PRO B 209 18.02 -54.68 -0.38
C PRO B 209 18.87 -53.98 -1.45
N GLU B 210 19.93 -54.64 -1.92
CA GLU B 210 20.85 -54.03 -2.90
C GLU B 210 20.19 -53.93 -4.27
N GLY B 211 19.41 -54.96 -4.63
CA GLY B 211 18.67 -54.94 -5.88
C GLY B 211 17.63 -53.84 -5.89
N ALA B 212 16.97 -53.66 -4.74
CA ALA B 212 15.94 -52.64 -4.59
C ALA B 212 16.52 -51.22 -4.67
N ALA B 213 17.79 -51.09 -4.29
CA ALA B 213 18.46 -49.80 -4.35
C ALA B 213 19.13 -49.61 -5.71
N LEU B 214 19.04 -50.65 -6.54
CA LEU B 214 19.66 -50.66 -7.87
C LEU B 214 21.16 -50.40 -7.81
N LYS B 215 21.78 -50.90 -6.75
CA LYS B 215 23.16 -50.53 -6.47
C LYS B 215 24.14 -51.54 -7.07
N SER B 216 24.98 -51.03 -7.98
CA SER B 216 25.97 -51.87 -8.67
C SER B 216 26.97 -52.48 -7.69
N PRO B 217 27.12 -53.82 -7.73
CA PRO B 217 28.06 -54.50 -6.85
C PRO B 217 29.53 -54.09 -7.06
N SER B 218 29.84 -53.38 -8.14
CA SER B 218 31.22 -52.92 -8.38
C SER B 218 31.29 -51.38 -8.36
N GLY B 219 30.20 -50.75 -7.96
CA GLY B 219 30.17 -49.30 -7.82
C GLY B 219 29.89 -48.47 -9.07
N LYS B 220 29.56 -49.10 -10.19
CA LYS B 220 29.33 -48.36 -11.44
C LYS B 220 28.17 -47.37 -11.34
N LYS B 221 28.35 -46.19 -11.92
CA LYS B 221 27.24 -45.28 -12.12
C LYS B 221 26.71 -45.45 -13.55
N TYR B 222 25.39 -45.49 -13.70
CA TYR B 222 24.79 -45.88 -14.99
C TYR B 222 24.63 -44.66 -15.89
N ASP B 223 24.99 -44.83 -17.16
CA ASP B 223 24.83 -43.76 -18.15
C ASP B 223 23.41 -43.73 -18.68
N ALA B 224 22.82 -44.91 -18.81
CA ALA B 224 21.43 -45.05 -19.20
C ALA B 224 20.81 -46.30 -18.56
N VAL B 225 19.55 -46.17 -18.14
CA VAL B 225 18.80 -47.31 -17.66
C VAL B 225 17.72 -47.67 -18.67
N VAL B 226 17.69 -48.93 -19.10
CA VAL B 226 16.53 -49.41 -19.85
C VAL B 226 15.57 -49.96 -18.80
N HIS B 227 14.65 -49.11 -18.38
CA HIS B 227 13.72 -49.44 -17.30
C HIS B 227 12.49 -50.22 -17.77
N CYS B 228 12.52 -51.53 -17.56
CA CYS B 228 11.43 -52.39 -18.03
C CYS B 228 10.51 -52.87 -16.91
N ALA B 229 10.83 -52.52 -15.67
CA ALA B 229 9.98 -52.84 -14.52
C ALA B 229 9.08 -51.64 -14.22
N ASN B 230 8.41 -51.67 -13.07
CA ASN B 230 7.37 -50.65 -12.81
C ASN B 230 7.31 -49.99 -11.43
N GLY B 231 7.96 -50.58 -10.43
CA GLY B 231 7.78 -50.08 -9.07
C GLY B 231 8.56 -48.83 -8.67
N ILE B 232 9.46 -48.36 -9.52
CA ILE B 232 10.56 -47.53 -9.05
C ILE B 232 10.45 -46.04 -9.37
N PRO B 233 10.44 -45.21 -8.31
CA PRO B 233 10.46 -43.74 -8.41
C PRO B 233 11.86 -43.19 -8.69
N PHE B 234 11.94 -42.04 -9.36
CA PHE B 234 13.22 -41.51 -9.81
C PHE B 234 14.27 -41.40 -8.74
N SER B 235 13.83 -41.11 -7.51
CA SER B 235 14.77 -40.97 -6.40
C SER B 235 15.64 -42.21 -6.15
N VAL B 236 15.15 -43.39 -6.50
CA VAL B 236 15.90 -44.64 -6.33
C VAL B 236 17.00 -44.76 -7.39
N PHE B 237 16.68 -44.34 -8.60
CA PHE B 237 17.64 -44.33 -9.71
C PHE B 237 18.77 -43.31 -9.50
N GLU B 238 18.39 -42.12 -9.03
CA GLU B 238 19.27 -40.95 -9.02
C GLU B 238 20.70 -41.16 -8.47
N PRO B 239 20.85 -41.72 -7.25
CA PRO B 239 22.21 -41.90 -6.73
C PRO B 239 23.07 -42.83 -7.58
N ASN B 240 22.43 -43.62 -8.44
CA ASN B 240 23.14 -44.58 -9.26
C ASN B 240 23.47 -44.05 -10.65
N LEU B 241 22.99 -42.86 -10.96
CA LEU B 241 23.23 -42.32 -12.29
C LEU B 241 24.52 -41.53 -12.35
N SER B 242 25.19 -41.61 -13.50
CA SER B 242 26.33 -40.76 -13.82
C SER B 242 25.83 -39.32 -13.92
N GLU B 243 26.75 -38.37 -14.10
CA GLU B 243 26.37 -36.96 -14.02
C GLU B 243 25.24 -36.58 -14.99
N ASN B 244 25.23 -37.14 -16.18
CA ASN B 244 24.18 -36.84 -17.14
C ASN B 244 23.36 -38.04 -17.56
N GLY B 245 23.23 -38.99 -16.65
CA GLY B 245 22.59 -40.25 -16.94
C GLY B 245 21.11 -40.13 -17.21
N LYS B 246 20.60 -41.02 -18.06
CA LYS B 246 19.18 -41.03 -18.41
C LYS B 246 18.48 -42.29 -17.91
N VAL B 247 17.31 -42.12 -17.29
CA VAL B 247 16.44 -43.26 -17.04
C VAL B 247 15.46 -43.31 -18.20
N ILE B 248 15.53 -44.38 -19.00
CA ILE B 248 14.64 -44.54 -20.13
C ILE B 248 13.44 -45.38 -19.73
N ASP B 249 12.35 -44.71 -19.39
CA ASP B 249 11.16 -45.37 -18.89
C ASP B 249 10.32 -45.90 -20.04
N ILE B 250 10.38 -47.19 -20.29
CA ILE B 250 9.62 -47.71 -21.43
C ILE B 250 8.16 -47.99 -21.07
N THR B 251 7.77 -47.72 -19.82
CA THR B 251 6.35 -47.81 -19.46
C THR B 251 5.90 -46.43 -18.97
N PRO B 252 5.89 -45.45 -19.87
CA PRO B 252 5.64 -44.09 -19.39
C PRO B 252 4.20 -43.95 -18.95
N GLY B 253 3.99 -43.44 -17.75
CA GLY B 253 2.66 -43.07 -17.29
C GLY B 253 2.63 -41.60 -16.98
N PRO B 254 1.53 -41.13 -16.37
CA PRO B 254 1.39 -39.72 -16.01
C PRO B 254 2.52 -39.22 -15.10
N ASN B 255 2.95 -40.04 -14.14
CA ASN B 255 4.08 -39.65 -13.30
C ASN B 255 5.34 -39.41 -14.10
N ALA B 256 5.65 -40.35 -15.00
CA ALA B 256 6.83 -40.22 -15.83
C ALA B 256 6.75 -38.96 -16.68
N MET B 257 5.61 -38.72 -17.31
CA MET B 257 5.43 -37.53 -18.14
C MET B 257 5.67 -36.28 -17.30
N TRP B 258 5.08 -36.25 -16.10
CA TRP B 258 5.25 -35.07 -15.26
C TRP B 258 6.71 -34.89 -14.86
N THR B 259 7.34 -35.96 -14.40
CA THR B 259 8.73 -35.93 -14.04
C THR B 259 9.58 -35.37 -15.18
N TYR B 260 9.33 -35.90 -16.38
CA TYR B 260 9.99 -35.45 -17.60
C TYR B 260 9.86 -33.94 -17.77
N ALA B 261 8.64 -33.44 -17.59
CA ALA B 261 8.34 -32.03 -17.74
C ALA B 261 9.15 -31.18 -16.74
N VAL B 262 9.16 -31.54 -15.47
CA VAL B 262 9.79 -30.65 -14.51
C VAL B 262 11.30 -30.80 -14.59
N LYS B 263 11.78 -31.92 -15.12
CA LYS B 263 13.22 -32.07 -15.28
C LYS B 263 13.71 -31.37 -16.53
N LYS B 264 12.81 -31.17 -17.50
CA LYS B 264 13.10 -30.27 -18.61
C LYS B 264 13.08 -28.82 -18.14
N ILE B 265 11.94 -28.42 -17.54
CA ILE B 265 11.77 -27.09 -16.99
C ILE B 265 12.95 -26.68 -16.10
N THR B 266 13.36 -27.56 -15.18
CA THR B 266 14.37 -27.19 -14.18
C THR B 266 15.78 -27.48 -14.64
N MET B 267 15.88 -27.92 -15.90
CA MET B 267 17.15 -28.17 -16.58
C MET B 267 18.06 -29.07 -15.74
N SER B 268 17.47 -30.15 -15.23
CA SER B 268 18.20 -31.14 -14.47
C SER B 268 19.20 -31.84 -15.37
N LYS B 269 20.39 -32.08 -14.84
CA LYS B 269 21.40 -32.79 -15.61
C LYS B 269 21.04 -34.27 -15.77
N LYS B 270 20.56 -34.92 -14.71
CA LYS B 270 20.06 -36.30 -14.82
C LYS B 270 18.63 -36.23 -15.34
N GLN B 271 18.30 -37.06 -16.33
CA GLN B 271 17.03 -36.95 -17.02
CA GLN B 271 17.00 -36.95 -16.98
C GLN B 271 16.18 -38.24 -16.91
N LEU B 272 14.86 -38.08 -16.98
CA LEU B 272 13.96 -39.22 -17.15
C LEU B 272 13.31 -39.08 -18.51
N VAL B 273 13.43 -40.12 -19.32
CA VAL B 273 13.02 -40.05 -20.72
C VAL B 273 11.94 -41.08 -21.05
N PRO B 274 10.72 -40.64 -21.33
CA PRO B 274 9.68 -41.59 -21.71
C PRO B 274 9.99 -42.16 -23.09
N LEU B 275 9.56 -43.38 -23.36
CA LEU B 275 9.81 -43.96 -24.68
C LEU B 275 8.54 -44.52 -25.24
N LEU B 276 8.23 -44.13 -26.47
CA LEU B 276 7.09 -44.69 -27.16
C LEU B 276 7.60 -45.34 -28.45
N LEU B 277 7.38 -46.63 -28.59
CA LEU B 277 7.96 -47.36 -29.72
C LEU B 277 7.46 -46.87 -31.08
N ILE B 278 8.41 -46.60 -31.99
CA ILE B 278 8.11 -46.36 -33.39
C ILE B 278 8.63 -47.52 -34.26
N PRO B 279 7.74 -48.45 -34.64
CA PRO B 279 8.11 -49.63 -35.42
C PRO B 279 8.46 -49.27 -36.85
N LYS B 280 9.64 -49.68 -37.31
CA LYS B 280 10.04 -49.47 -38.70
C LYS B 280 10.61 -50.75 -39.28
N ALA B 281 10.30 -51.02 -40.56
CA ALA B 281 10.75 -52.24 -41.22
C ALA B 281 12.28 -52.41 -41.20
N GLU B 282 13.00 -51.32 -41.45
CA GLU B 282 14.47 -51.35 -41.43
C GLU B 282 15.00 -51.92 -40.13
N ASN B 283 14.39 -51.53 -39.02
CA ASN B 283 14.79 -52.02 -37.71
C ASN B 283 14.40 -53.47 -37.49
N LEU B 284 13.19 -53.85 -37.92
CA LEU B 284 12.73 -55.23 -37.81
C LEU B 284 13.60 -56.17 -38.67
N GLU B 285 13.92 -55.71 -39.88
CA GLU B 285 14.85 -56.40 -40.76
C GLU B 285 16.21 -56.57 -40.07
N PHE B 286 16.68 -55.51 -39.45
CA PHE B 286 17.94 -55.51 -38.72
C PHE B 286 17.92 -56.53 -37.57
N MET B 287 16.87 -56.50 -36.76
CA MET B 287 16.75 -57.46 -35.64
C MET B 287 16.64 -58.90 -36.13
N VAL B 288 15.82 -59.12 -37.16
CA VAL B 288 15.66 -60.46 -37.71
C VAL B 288 16.99 -61.00 -38.19
N ASN B 289 17.79 -60.11 -38.78
CA ASN B 289 19.11 -60.48 -39.24
C ASN B 289 20.04 -60.87 -38.09
N LEU B 290 19.97 -60.13 -36.97
CA LEU B 290 20.78 -60.46 -35.80
C LEU B 290 20.45 -61.83 -35.24
N VAL B 291 19.17 -62.20 -35.29
CA VAL B 291 18.74 -63.53 -34.85
C VAL B 291 19.26 -64.61 -35.81
N LYS B 292 19.20 -64.32 -37.11
CA LYS B 292 19.74 -65.21 -38.13
C LYS B 292 21.23 -65.50 -37.90
N GLU B 293 21.99 -64.45 -37.61
CA GLU B 293 23.44 -64.56 -37.41
C GLU B 293 23.81 -65.03 -36.00
N GLY B 294 22.80 -65.32 -35.19
CA GLY B 294 23.03 -65.84 -33.85
C GLY B 294 23.57 -64.85 -32.84
N LYS B 295 23.59 -63.57 -33.20
CA LYS B 295 24.07 -62.54 -32.29
C LYS B 295 23.05 -62.21 -31.21
N VAL B 296 21.77 -62.39 -31.54
CA VAL B 296 20.67 -62.27 -30.59
C VAL B 296 19.85 -63.55 -30.61
N LYS B 297 19.50 -64.10 -29.45
CA LYS B 297 18.63 -65.27 -29.41
C LYS B 297 17.30 -64.91 -28.75
N THR B 298 16.21 -65.37 -29.35
CA THR B 298 14.89 -65.18 -28.78
C THR B 298 14.65 -66.24 -27.72
N VAL B 299 14.32 -65.81 -26.51
CA VAL B 299 13.99 -66.79 -25.47
C VAL B 299 12.48 -66.90 -25.40
N ILE B 300 11.98 -68.13 -25.49
CA ILE B 300 10.54 -68.37 -25.46
C ILE B 300 10.09 -68.92 -24.11
N ASP B 301 9.21 -68.19 -23.44
CA ASP B 301 8.70 -68.59 -22.14
C ASP B 301 7.84 -69.85 -22.22
N SER B 302 6.90 -69.86 -23.17
CA SER B 302 6.02 -71.00 -23.37
C SER B 302 5.31 -70.90 -24.72
N LYS B 303 4.81 -72.03 -25.21
CA LYS B 303 4.03 -72.03 -26.44
C LYS B 303 2.64 -72.59 -26.14
N HIS B 304 1.61 -71.98 -26.73
CA HIS B 304 0.25 -72.42 -26.50
C HIS B 304 -0.48 -72.50 -27.84
N PRO B 305 -1.31 -73.55 -28.02
CA PRO B 305 -2.14 -73.59 -29.21
C PRO B 305 -3.26 -72.55 -29.17
N LEU B 306 -3.70 -72.09 -30.33
CA LEU B 306 -4.75 -71.09 -30.41
C LEU B 306 -6.02 -71.55 -29.68
N SER B 307 -6.24 -72.85 -29.67
CA SER B 307 -7.43 -73.40 -29.02
C SER B 307 -7.37 -73.29 -27.50
N LYS B 308 -6.18 -72.98 -27.00
CA LYS B 308 -5.99 -72.79 -25.56
C LYS B 308 -5.32 -71.44 -25.26
N ALA B 309 -5.51 -70.47 -26.15
CA ALA B 309 -4.80 -69.18 -26.08
C ALA B 309 -5.11 -68.40 -24.81
N GLU B 310 -6.27 -68.65 -24.19
CA GLU B 310 -6.59 -68.00 -22.93
C GLU B 310 -5.56 -68.33 -21.84
N ASP B 311 -4.87 -69.47 -21.98
CA ASP B 311 -3.77 -69.81 -21.08
C ASP B 311 -2.59 -68.89 -21.29
N ALA B 312 -2.27 -68.60 -22.55
CA ALA B 312 -1.20 -67.66 -22.86
C ALA B 312 -1.52 -66.29 -22.29
N TRP B 313 -2.77 -65.88 -22.47
CA TRP B 313 -3.29 -64.61 -21.97
C TRP B 313 -3.10 -64.49 -20.46
N ALA B 314 -3.55 -65.51 -19.73
CA ALA B 314 -3.41 -65.56 -18.29
C ALA B 314 -1.94 -65.47 -17.85
N LYS B 315 -1.06 -66.10 -18.62
CA LYS B 315 0.37 -66.11 -18.32
C LYS B 315 0.96 -64.70 -18.46
N SER B 316 0.52 -63.99 -19.48
CA SER B 316 0.91 -62.60 -19.71
C SER B 316 0.45 -61.72 -18.55
N ILE B 317 -0.84 -61.78 -18.26
CA ILE B 317 -1.46 -61.07 -17.13
C ILE B 317 -0.72 -61.28 -15.82
N ASP B 318 -0.24 -62.50 -15.61
CA ASP B 318 0.42 -62.88 -14.37
C ASP B 318 1.79 -62.22 -14.22
N GLY B 319 2.43 -61.95 -15.36
CA GLY B 319 3.66 -61.17 -15.38
C GLY B 319 4.94 -61.86 -14.93
N HIS B 320 4.98 -63.18 -14.94
CA HIS B 320 6.19 -63.88 -14.51
C HIS B 320 6.91 -64.54 -15.69
N ALA B 321 6.55 -64.11 -16.89
CA ALA B 321 7.14 -64.64 -18.10
C ALA B 321 8.65 -64.43 -18.13
N THR B 322 9.36 -65.46 -18.54
CA THR B 322 10.78 -65.33 -18.81
C THR B 322 11.00 -65.48 -20.30
N GLY B 323 11.23 -64.35 -20.98
CA GLY B 323 11.23 -64.31 -22.43
C GLY B 323 9.85 -64.03 -22.95
N LYS B 324 9.52 -64.54 -24.13
CA LYS B 324 8.25 -64.20 -24.79
C LYS B 324 7.25 -65.35 -24.80
N ILE B 325 5.98 -65.02 -24.54
CA ILE B 325 4.89 -65.98 -24.59
C ILE B 325 4.37 -66.12 -26.02
N ILE B 326 4.19 -67.35 -26.50
CA ILE B 326 3.86 -67.57 -27.92
C ILE B 326 2.56 -68.33 -28.11
N VAL B 327 1.73 -67.88 -29.04
CA VAL B 327 0.56 -68.65 -29.46
C VAL B 327 0.76 -69.18 -30.89
N GLU B 328 0.63 -70.49 -31.05
CA GLU B 328 0.78 -71.20 -32.32
C GLU B 328 -0.58 -71.73 -32.80
N PRO B 329 -0.70 -72.03 -34.11
CA PRO B 329 -1.93 -72.69 -34.54
C PRO B 329 -1.92 -74.20 -34.26
N LYS C 4 -32.52 -55.43 -43.99
CA LYS C 4 -33.06 -54.16 -44.45
C LYS C 4 -32.00 -53.04 -44.50
N LEU C 5 -32.06 -52.21 -45.54
CA LEU C 5 -31.05 -51.19 -45.79
C LEU C 5 -31.60 -49.76 -45.63
N MET C 6 -30.72 -48.81 -45.28
CA MET C 6 -31.10 -47.39 -45.18
C MET C 6 -30.12 -46.46 -45.90
N HIS C 7 -30.61 -45.26 -46.21
CA HIS C 7 -29.78 -44.19 -46.75
C HIS C 7 -29.04 -43.47 -45.61
N ALA C 8 -27.78 -43.12 -45.83
CA ALA C 8 -27.02 -42.38 -44.84
C ALA C 8 -25.91 -41.59 -45.50
N LEU C 9 -25.32 -40.66 -44.76
CA LEU C 9 -24.13 -39.99 -45.21
C LEU C 9 -22.99 -40.38 -44.30
N GLN C 10 -21.81 -40.50 -44.86
CA GLN C 10 -20.65 -40.84 -44.05
C GLN C 10 -19.38 -40.28 -44.69
N TYR C 11 -18.39 -39.99 -43.86
CA TYR C 11 -17.07 -39.66 -44.38
C TYR C 11 -16.13 -40.82 -44.09
N ASN C 12 -15.09 -40.93 -44.90
CA ASN C 12 -14.23 -42.10 -44.85
C ASN C 12 -12.81 -41.74 -44.42
N SER C 13 -12.58 -40.46 -44.17
CA SER C 13 -11.24 -39.98 -43.82
C SER C 13 -11.28 -38.56 -43.30
N TYR C 14 -10.14 -38.09 -42.80
CA TYR C 14 -10.05 -36.73 -42.30
C TYR C 14 -9.96 -35.72 -43.43
N GLY C 15 -10.43 -34.50 -43.18
CA GLY C 15 -10.18 -33.34 -44.02
C GLY C 15 -11.03 -33.17 -45.28
N GLY C 16 -12.07 -33.98 -45.44
CA GLY C 16 -12.87 -33.98 -46.64
C GLY C 16 -13.83 -32.82 -46.84
N GLY C 17 -14.21 -32.13 -45.75
CA GLY C 17 -15.23 -31.11 -45.83
C GLY C 17 -16.54 -31.67 -46.36
N ALA C 18 -17.40 -30.82 -46.91
CA ALA C 18 -18.68 -31.31 -47.42
C ALA C 18 -18.50 -32.22 -48.64
N ALA C 19 -17.41 -32.02 -49.38
CA ALA C 19 -17.09 -32.87 -50.52
C ALA C 19 -16.85 -34.32 -50.08
N GLY C 20 -16.19 -34.50 -48.94
CA GLY C 20 -15.87 -35.83 -48.44
C GLY C 20 -17.04 -36.55 -47.80
N LEU C 21 -18.16 -35.85 -47.68
CA LEU C 21 -19.39 -36.44 -47.19
C LEU C 21 -20.00 -37.22 -48.32
N GLU C 22 -20.22 -38.52 -48.12
CA GLU C 22 -20.65 -39.39 -49.22
C GLU C 22 -21.97 -40.13 -48.95
N HIS C 23 -22.91 -40.04 -49.89
CA HIS C 23 -24.21 -40.71 -49.77
C HIS C 23 -24.02 -42.19 -49.94
N VAL C 24 -24.48 -42.97 -48.97
CA VAL C 24 -24.30 -44.42 -48.99
C VAL C 24 -25.56 -45.18 -48.59
N GLN C 25 -25.55 -46.47 -48.88
CA GLN C 25 -26.60 -47.38 -48.48
C GLN C 25 -26.03 -48.37 -47.46
N VAL C 26 -26.54 -48.36 -46.24
CA VAL C 26 -25.96 -49.19 -45.17
C VAL C 26 -27.02 -49.91 -44.36
N PRO C 27 -26.62 -50.98 -43.64
CA PRO C 27 -27.57 -51.70 -42.80
C PRO C 27 -28.20 -50.84 -41.71
N VAL C 28 -29.52 -50.98 -41.54
CA VAL C 28 -30.22 -50.38 -40.42
C VAL C 28 -29.72 -51.00 -39.14
N PRO C 29 -29.31 -50.15 -38.19
CA PRO C 29 -28.75 -50.65 -36.94
C PRO C 29 -29.76 -51.43 -36.10
N THR C 30 -29.27 -52.44 -35.37
CA THR C 30 -30.11 -53.24 -34.47
C THR C 30 -29.92 -52.78 -33.02
N PRO C 31 -31.03 -52.51 -32.33
CA PRO C 31 -30.97 -52.06 -30.94
C PRO C 31 -30.42 -53.13 -30.01
N LYS C 32 -29.47 -52.75 -29.17
CA LYS C 32 -29.03 -53.61 -28.07
C LYS C 32 -30.13 -53.63 -27.01
N SER C 33 -29.90 -54.37 -25.92
CA SER C 33 -30.96 -54.63 -24.94
C SER C 33 -31.48 -53.36 -24.27
N ASN C 34 -30.65 -52.32 -24.25
CA ASN C 34 -31.00 -51.06 -23.60
C ASN C 34 -31.20 -49.88 -24.57
N GLU C 35 -31.13 -50.17 -25.87
CA GLU C 35 -31.26 -49.11 -26.87
C GLU C 35 -32.66 -49.09 -27.49
N VAL C 36 -32.99 -48.00 -28.15
CA VAL C 36 -34.20 -47.96 -28.97
C VAL C 36 -33.81 -47.58 -30.40
N CYS C 37 -34.54 -48.09 -31.37
CA CYS C 37 -34.28 -47.73 -32.76
C CYS C 37 -35.31 -46.71 -33.23
N LEU C 38 -34.83 -45.55 -33.67
CA LEU C 38 -35.69 -44.46 -34.10
C LEU C 38 -35.73 -44.32 -35.62
N LYS C 39 -36.91 -44.14 -36.18
CA LYS C 39 -37.03 -43.63 -37.53
C LYS C 39 -36.92 -42.12 -37.44
N LEU C 40 -35.86 -41.56 -37.98
CA LEU C 40 -35.57 -40.15 -37.76
C LEU C 40 -36.54 -39.22 -38.49
N GLU C 41 -36.97 -38.18 -37.78
CA GLU C 41 -37.85 -37.16 -38.33
C GLU C 41 -37.12 -35.81 -38.46
N ALA C 42 -36.05 -35.64 -37.68
CA ALA C 42 -35.21 -34.45 -37.72
C ALA C 42 -33.86 -34.72 -37.06
N THR C 43 -32.81 -34.20 -37.67
CA THR C 43 -31.47 -34.21 -37.07
C THR C 43 -30.93 -32.79 -37.09
N SER C 44 -30.20 -32.41 -36.05
CA SER C 44 -29.54 -31.11 -36.05
C SER C 44 -28.02 -31.24 -35.95
N LEU C 45 -27.33 -30.35 -36.64
CA LEU C 45 -25.89 -30.37 -36.67
C LEU C 45 -25.31 -29.48 -35.56
N ASN C 46 -24.11 -29.82 -35.10
CA ASN C 46 -23.36 -29.04 -34.15
C ASN C 46 -21.96 -28.87 -34.69
N PRO C 47 -21.31 -27.72 -34.43
CA PRO C 47 -19.98 -27.49 -34.98
C PRO C 47 -18.98 -28.63 -34.69
N VAL C 48 -19.07 -29.26 -33.51
CA VAL C 48 -18.19 -30.39 -33.21
C VAL C 48 -18.27 -31.48 -34.29
N ASP C 49 -19.43 -31.61 -34.93
CA ASP C 49 -19.58 -32.61 -35.99
C ASP C 49 -18.57 -32.44 -37.12
N TRP C 50 -18.35 -31.22 -37.59
CA TRP C 50 -17.42 -31.05 -38.71
C TRP C 50 -16.00 -30.99 -38.20
N LYS C 51 -15.85 -30.57 -36.94
CA LYS C 51 -14.54 -30.54 -36.27
C LYS C 51 -13.93 -31.92 -36.14
N ILE C 52 -14.77 -32.89 -35.80
CA ILE C 52 -14.34 -34.28 -35.75
C ILE C 52 -13.81 -34.72 -37.10
N GLN C 53 -14.56 -34.44 -38.16
CA GLN C 53 -14.14 -34.79 -39.50
C GLN C 53 -12.83 -34.10 -39.88
N LYS C 54 -12.58 -32.91 -39.35
CA LYS C 54 -11.43 -32.14 -39.77
C LYS C 54 -10.19 -32.69 -39.10
N GLY C 55 -10.39 -33.40 -38.00
CA GLY C 55 -9.31 -34.02 -37.24
C GLY C 55 -8.95 -33.26 -35.98
N MET C 56 -9.82 -32.34 -35.58
CA MET C 56 -9.52 -31.46 -34.46
C MET C 56 -9.75 -32.13 -33.12
N ILE C 57 -10.35 -33.31 -33.13
CA ILE C 57 -10.67 -33.98 -31.88
C ILE C 57 -9.86 -35.26 -31.76
N ARG C 58 -8.89 -35.44 -32.63
CA ARG C 58 -7.94 -36.52 -32.46
C ARG C 58 -7.09 -36.31 -31.19
N PRO C 59 -6.74 -37.40 -30.51
CA PRO C 59 -6.94 -38.80 -30.87
C PRO C 59 -8.18 -39.41 -30.25
N PHE C 60 -9.13 -38.60 -29.82
CA PHE C 60 -10.34 -39.10 -29.17
C PHE C 60 -11.43 -39.52 -30.19
N LEU C 61 -11.68 -38.69 -31.20
CA LEU C 61 -12.72 -38.97 -32.18
C LEU C 61 -12.23 -38.65 -33.58
N PRO C 62 -12.74 -39.37 -34.59
CA PRO C 62 -13.74 -40.43 -34.50
C PRO C 62 -13.09 -41.74 -34.07
N ARG C 63 -13.86 -42.69 -33.55
CA ARG C 63 -13.24 -43.93 -33.06
C ARG C 63 -12.72 -44.77 -34.20
N LYS C 64 -13.51 -44.81 -35.28
CA LYS C 64 -13.22 -45.62 -36.44
C LYS C 64 -13.88 -45.05 -37.69
N PHE C 65 -13.26 -45.23 -38.85
CA PHE C 65 -13.91 -44.93 -40.14
C PHE C 65 -14.59 -46.19 -40.70
N PRO C 66 -15.67 -46.00 -41.47
CA PRO C 66 -16.32 -44.74 -41.81
C PRO C 66 -17.22 -44.27 -40.69
N CYS C 67 -17.55 -42.98 -40.71
CA CYS C 67 -18.29 -42.38 -39.63
C CYS C 67 -19.57 -41.74 -40.19
N ILE C 68 -20.71 -42.05 -39.58
CA ILE C 68 -21.96 -41.34 -39.89
C ILE C 68 -22.18 -40.25 -38.84
N PRO C 69 -22.08 -38.98 -39.24
CA PRO C 69 -22.02 -37.88 -38.28
C PRO C 69 -23.35 -37.48 -37.65
N ALA C 70 -23.27 -36.63 -36.62
CA ALA C 70 -24.39 -35.96 -35.93
C ALA C 70 -25.01 -36.80 -34.81
N THR C 71 -25.45 -36.12 -33.74
CA THR C 71 -25.94 -36.80 -32.53
C THR C 71 -27.25 -36.29 -31.97
N ASP C 72 -27.74 -35.15 -32.45
CA ASP C 72 -29.04 -34.63 -31.99
C ASP C 72 -30.19 -35.04 -32.89
N VAL C 73 -31.08 -35.90 -32.40
CA VAL C 73 -32.15 -36.41 -33.24
C VAL C 73 -33.53 -36.36 -32.58
N ALA C 74 -34.55 -36.29 -33.42
CA ALA C 74 -35.94 -36.51 -33.01
C ALA C 74 -36.56 -37.50 -33.99
N GLY C 75 -37.42 -38.38 -33.51
CA GLY C 75 -38.01 -39.37 -34.39
C GLY C 75 -39.12 -40.21 -33.79
N GLU C 76 -39.40 -41.32 -34.44
CA GLU C 76 -40.40 -42.26 -33.97
C GLU C 76 -39.72 -43.59 -33.65
N VAL C 77 -40.07 -44.17 -32.50
CA VAL C 77 -39.55 -45.48 -32.11
C VAL C 77 -40.15 -46.57 -33.00
N VAL C 78 -39.29 -47.40 -33.58
CA VAL C 78 -39.75 -48.49 -34.43
C VAL C 78 -39.46 -49.88 -33.83
N GLU C 79 -38.50 -49.92 -32.90
CA GLU C 79 -38.11 -51.17 -32.26
C GLU C 79 -37.37 -50.87 -30.96
N VAL C 80 -37.70 -51.59 -29.88
CA VAL C 80 -36.98 -51.41 -28.63
C VAL C 80 -36.26 -52.69 -28.21
N GLY C 81 -35.25 -52.54 -27.35
CA GLY C 81 -34.46 -53.65 -26.88
C GLY C 81 -35.17 -54.44 -25.81
N SER C 82 -34.69 -55.65 -25.54
CA SER C 82 -35.32 -56.55 -24.57
C SER C 82 -35.45 -55.97 -23.15
N GLY C 83 -34.64 -54.96 -22.81
CA GLY C 83 -34.62 -54.41 -21.47
C GLY C 83 -35.18 -53.01 -21.33
N VAL C 84 -35.76 -52.48 -22.41
CA VAL C 84 -36.33 -51.13 -22.40
C VAL C 84 -37.75 -51.09 -21.79
N LYS C 85 -37.93 -50.22 -20.80
CA LYS C 85 -39.20 -50.14 -20.06
C LYS C 85 -40.04 -48.91 -20.41
N ASN C 86 -39.39 -47.85 -20.85
CA ASN C 86 -40.05 -46.55 -20.95
C ASN C 86 -40.52 -46.12 -22.34
N PHE C 87 -40.20 -46.94 -23.35
CA PHE C 87 -40.62 -46.63 -24.71
C PHE C 87 -41.11 -47.86 -25.44
N LYS C 88 -42.11 -47.65 -26.30
CA LYS C 88 -42.66 -48.71 -27.13
C LYS C 88 -42.67 -48.21 -28.56
N ALA C 89 -42.91 -49.10 -29.51
CA ALA C 89 -42.99 -48.70 -30.91
C ALA C 89 -44.13 -47.69 -31.12
N GLY C 90 -43.86 -46.64 -31.90
CA GLY C 90 -44.84 -45.62 -32.16
C GLY C 90 -44.65 -44.33 -31.38
N ASP C 91 -43.92 -44.41 -30.27
CA ASP C 91 -43.65 -43.22 -29.42
C ASP C 91 -42.79 -42.19 -30.14
N LYS C 92 -43.22 -40.92 -30.09
CA LYS C 92 -42.41 -39.82 -30.60
C LYS C 92 -41.36 -39.42 -29.56
N VAL C 93 -40.09 -39.36 -29.97
CA VAL C 93 -39.03 -39.06 -29.01
C VAL C 93 -38.02 -38.02 -29.51
N VAL C 94 -37.16 -37.59 -28.59
CA VAL C 94 -35.99 -36.78 -28.90
C VAL C 94 -34.84 -37.40 -28.12
N ALA C 95 -33.67 -37.50 -28.73
CA ALA C 95 -32.58 -38.25 -28.12
C ALA C 95 -31.18 -37.71 -28.44
N VAL C 96 -30.21 -38.10 -27.62
CA VAL C 96 -28.79 -37.84 -27.90
C VAL C 96 -28.09 -39.15 -28.24
N LEU C 97 -27.47 -39.19 -29.41
CA LEU C 97 -26.73 -40.38 -29.81
C LEU C 97 -25.32 -40.29 -29.24
N SER C 98 -24.67 -41.44 -29.10
CA SER C 98 -23.29 -41.46 -28.66
C SER C 98 -22.39 -40.85 -29.71
N HIS C 99 -21.52 -39.94 -29.28
N HIS C 99 -21.55 -39.96 -29.23
CA HIS C 99 -20.57 -39.37 -30.23
CA HIS C 99 -20.51 -39.30 -29.97
C HIS C 99 -19.67 -40.47 -30.76
C HIS C 99 -19.51 -40.33 -30.54
N LEU C 100 -19.53 -41.53 -29.95
CA LEU C 100 -18.63 -42.63 -30.31
C LEU C 100 -19.05 -43.23 -31.64
N GLY C 101 -20.34 -43.53 -31.75
CA GLY C 101 -20.87 -44.24 -32.91
C GLY C 101 -21.64 -43.39 -33.91
N GLY C 102 -22.28 -42.35 -33.40
CA GLY C 102 -23.04 -41.41 -34.23
C GLY C 102 -24.08 -42.09 -35.08
N GLY C 103 -24.60 -41.34 -36.06
CA GLY C 103 -25.62 -41.85 -36.93
C GLY C 103 -26.83 -40.96 -37.03
N GLY C 104 -26.62 -39.65 -36.95
CA GLY C 104 -27.70 -38.70 -37.11
C GLY C 104 -28.13 -38.46 -38.56
N LEU C 105 -27.17 -38.43 -39.48
CA LEU C 105 -27.49 -38.26 -40.89
C LEU C 105 -27.81 -39.62 -41.53
N ALA C 106 -28.96 -40.15 -41.19
CA ALA C 106 -29.41 -41.43 -41.71
C ALA C 106 -30.92 -41.49 -41.51
N GLU C 107 -31.56 -42.51 -42.09
CA GLU C 107 -33.00 -42.69 -41.96
C GLU C 107 -33.35 -43.26 -40.59
N PHE C 108 -32.45 -44.08 -40.05
CA PHE C 108 -32.64 -44.73 -38.75
C PHE C 108 -31.42 -44.60 -37.88
N ALA C 109 -31.62 -44.53 -36.57
CA ALA C 109 -30.51 -44.53 -35.61
C ALA C 109 -30.89 -45.19 -34.30
N VAL C 110 -29.90 -45.67 -33.56
CA VAL C 110 -30.19 -46.21 -32.23
C VAL C 110 -29.71 -45.25 -31.15
N ALA C 111 -30.50 -45.15 -30.08
CA ALA C 111 -30.15 -44.35 -28.92
C ALA C 111 -30.34 -45.17 -27.66
N THR C 112 -29.57 -44.88 -26.62
CA THR C 112 -29.79 -45.57 -25.36
C THR C 112 -31.07 -45.03 -24.72
N GLU C 113 -31.66 -45.82 -23.84
CA GLU C 113 -32.86 -45.41 -23.14
C GLU C 113 -32.56 -44.24 -22.20
N LYS C 114 -31.39 -44.30 -21.57
CA LYS C 114 -30.90 -43.25 -20.67
C LYS C 114 -30.86 -41.85 -21.32
N LEU C 115 -30.64 -41.81 -22.63
CA LEU C 115 -30.53 -40.53 -23.33
C LEU C 115 -31.68 -40.28 -24.31
N THR C 116 -32.83 -40.88 -24.03
CA THR C 116 -34.03 -40.67 -24.83
C THR C 116 -35.18 -40.14 -23.96
N VAL C 117 -35.90 -39.16 -24.51
CA VAL C 117 -36.98 -38.50 -23.80
C VAL C 117 -38.24 -38.43 -24.68
N LYS C 118 -39.40 -38.67 -24.10
CA LYS C 118 -40.65 -38.53 -24.84
C LYS C 118 -40.86 -37.09 -25.31
N ARG C 119 -41.21 -36.96 -26.58
CA ARG C 119 -41.48 -35.68 -27.20
C ARG C 119 -42.99 -35.43 -27.26
N PRO C 120 -43.49 -34.50 -26.41
CA PRO C 120 -44.92 -34.17 -26.40
C PRO C 120 -45.38 -33.64 -27.77
N GLN C 121 -46.65 -33.82 -28.12
CA GLN C 121 -47.08 -33.51 -29.47
C GLN C 121 -47.09 -32.01 -29.75
N GLU C 122 -47.09 -31.21 -28.69
CA GLU C 122 -46.99 -29.75 -28.84
C GLU C 122 -45.64 -29.30 -29.39
N VAL C 123 -44.65 -30.21 -29.38
CA VAL C 123 -43.30 -29.90 -29.84
C VAL C 123 -42.94 -30.65 -31.13
N GLY C 124 -42.59 -29.91 -32.17
CA GLY C 124 -42.26 -30.51 -33.46
C GLY C 124 -40.94 -31.23 -33.40
N ALA C 125 -40.65 -32.05 -34.40
CA ALA C 125 -39.41 -32.83 -34.40
C ALA C 125 -38.16 -31.94 -34.54
N ALA C 126 -38.22 -30.97 -35.44
CA ALA C 126 -37.08 -30.10 -35.68
C ALA C 126 -36.83 -29.22 -34.45
N GLU C 127 -37.91 -28.72 -33.86
CA GLU C 127 -37.81 -27.87 -32.68
C GLU C 127 -37.19 -28.63 -31.51
N ALA C 128 -37.38 -29.95 -31.49
CA ALA C 128 -36.86 -30.77 -30.41
C ALA C 128 -35.44 -31.25 -30.67
N ALA C 129 -35.13 -31.54 -31.93
CA ALA C 129 -33.82 -32.06 -32.29
C ALA C 129 -32.72 -31.00 -32.13
N ALA C 130 -33.13 -29.74 -32.06
CA ALA C 130 -32.18 -28.65 -31.90
C ALA C 130 -31.66 -28.58 -30.46
N LEU C 131 -32.43 -29.17 -29.55
CA LEU C 131 -32.18 -29.06 -28.12
C LEU C 131 -30.96 -29.80 -27.53
N PRO C 132 -30.79 -31.11 -27.80
CA PRO C 132 -29.83 -31.91 -27.00
C PRO C 132 -28.45 -31.27 -26.75
N VAL C 133 -27.62 -31.05 -27.76
CA VAL C 133 -26.30 -30.51 -27.49
C VAL C 133 -26.37 -29.00 -27.20
N ALA C 134 -26.93 -28.21 -28.12
CA ALA C 134 -26.93 -26.77 -27.94
C ALA C 134 -27.64 -26.32 -26.66
N GLY C 135 -28.84 -26.80 -26.45
CA GLY C 135 -29.64 -26.38 -25.32
C GLY C 135 -29.17 -26.91 -23.97
N LEU C 136 -28.75 -28.18 -23.90
CA LEU C 136 -28.29 -28.74 -22.63
C LEU C 136 -26.97 -28.12 -22.16
N THR C 137 -26.14 -27.70 -23.11
CA THR C 137 -24.93 -26.95 -22.83
C THR C 137 -25.25 -25.59 -22.25
N ALA C 138 -26.19 -24.87 -22.85
CA ALA C 138 -26.60 -23.58 -22.30
C ALA C 138 -27.13 -23.78 -20.87
N LEU C 139 -27.99 -24.78 -20.71
CA LEU C 139 -28.55 -25.10 -19.40
C LEU C 139 -27.46 -25.39 -18.36
N GLN C 140 -26.48 -26.20 -18.74
CA GLN C 140 -25.43 -26.61 -17.82
C GLN C 140 -24.55 -25.42 -17.42
N ALA C 141 -24.20 -24.59 -18.38
CA ALA C 141 -23.35 -23.43 -18.12
C ALA C 141 -23.99 -22.46 -17.13
N LEU C 142 -25.29 -22.19 -17.28
CA LEU C 142 -25.99 -21.27 -16.40
C LEU C 142 -26.34 -21.90 -15.05
N THR C 143 -26.53 -23.21 -15.04
CA THR C 143 -26.96 -23.92 -13.84
C THR C 143 -25.82 -24.28 -12.89
N ASN C 144 -24.69 -24.75 -13.43
CA ASN C 144 -23.57 -25.12 -12.56
C ASN C 144 -22.59 -23.95 -12.35
N PRO C 145 -21.67 -23.66 -13.30
CA PRO C 145 -20.71 -22.59 -12.95
C PRO C 145 -21.31 -21.21 -12.65
N ALA C 146 -22.33 -20.79 -13.41
CA ALA C 146 -22.94 -19.48 -13.19
C ALA C 146 -23.81 -19.47 -11.93
N GLY C 147 -24.27 -20.66 -11.56
CA GLY C 147 -25.01 -20.86 -10.33
C GLY C 147 -26.39 -20.23 -10.29
N LEU C 148 -27.03 -20.12 -11.44
CA LEU C 148 -28.35 -19.50 -11.50
C LEU C 148 -29.43 -20.53 -11.21
N LYS C 149 -30.63 -20.05 -10.89
CA LYS C 149 -31.80 -20.91 -10.76
C LYS C 149 -32.89 -20.38 -11.67
N LEU C 150 -33.58 -21.28 -12.36
CA LEU C 150 -34.54 -20.87 -13.38
C LEU C 150 -35.98 -20.73 -12.89
N ASP C 151 -36.21 -20.92 -11.60
CA ASP C 151 -37.56 -20.75 -11.06
C ASP C 151 -37.79 -19.34 -10.51
N GLY C 152 -36.76 -18.73 -9.94
CA GLY C 152 -36.89 -17.40 -9.37
C GLY C 152 -36.27 -17.25 -7.99
N THR C 153 -36.02 -18.38 -7.34
CA THR C 153 -35.22 -18.42 -6.12
C THR C 153 -33.87 -17.71 -6.30
N GLY C 154 -33.27 -17.96 -7.46
CA GLY C 154 -31.90 -17.60 -7.76
C GLY C 154 -31.45 -16.18 -7.45
N LYS C 155 -30.13 -16.04 -7.38
CA LYS C 155 -29.47 -14.76 -7.16
C LYS C 155 -29.54 -13.89 -8.42
N LYS C 156 -29.71 -12.57 -8.23
CA LYS C 156 -29.64 -11.63 -9.36
C LYS C 156 -28.24 -11.72 -9.95
N ALA C 157 -28.09 -11.50 -11.26
CA ALA C 157 -26.77 -11.66 -11.88
C ALA C 157 -26.63 -10.97 -13.24
N ASN C 158 -25.41 -10.56 -13.57
CA ASN C 158 -25.11 -10.01 -14.89
C ASN C 158 -24.47 -11.07 -15.77
N ILE C 159 -25.16 -11.46 -16.84
CA ILE C 159 -24.62 -12.46 -17.74
C ILE C 159 -24.20 -11.81 -19.06
N LEU C 160 -23.02 -12.19 -19.56
CA LEU C 160 -22.61 -11.89 -20.93
C LEU C 160 -22.71 -13.18 -21.72
N VAL C 161 -23.37 -13.12 -22.88
CA VAL C 161 -23.41 -14.26 -23.79
C VAL C 161 -22.78 -13.87 -25.12
N THR C 162 -21.57 -14.34 -25.39
CA THR C 162 -20.97 -14.09 -26.68
C THR C 162 -21.55 -15.06 -27.70
N ALA C 163 -21.60 -14.60 -28.96
CA ALA C 163 -22.16 -15.39 -30.05
C ALA C 163 -23.58 -15.80 -29.75
N ALA C 164 -24.37 -14.84 -29.28
CA ALA C 164 -25.73 -15.10 -28.85
C ALA C 164 -26.63 -15.52 -29.99
N SER C 165 -26.16 -15.39 -31.23
CA SER C 165 -27.02 -15.73 -32.37
C SER C 165 -26.89 -17.18 -32.80
N GLY C 166 -25.89 -17.88 -32.24
CA GLY C 166 -25.65 -19.27 -32.56
C GLY C 166 -26.53 -20.26 -31.79
N GLY C 167 -26.24 -21.54 -31.96
CA GLY C 167 -26.98 -22.60 -31.30
C GLY C 167 -27.02 -22.47 -29.78
N VAL C 168 -25.86 -22.60 -29.15
CA VAL C 168 -25.80 -22.49 -27.70
C VAL C 168 -26.21 -21.09 -27.24
N GLY C 169 -25.66 -20.10 -27.92
CA GLY C 169 -25.89 -18.71 -27.56
C GLY C 169 -27.36 -18.31 -27.46
N HIS C 170 -28.15 -18.71 -28.44
CA HIS C 170 -29.52 -18.25 -28.51
C HIS C 170 -30.39 -18.96 -27.48
N TYR C 171 -29.97 -20.12 -27.01
CA TYR C 171 -30.64 -20.76 -25.89
C TYR C 171 -30.19 -20.07 -24.60
N ALA C 172 -28.88 -19.84 -24.50
CA ALA C 172 -28.31 -19.21 -23.32
C ALA C 172 -29.00 -17.89 -22.99
N VAL C 173 -29.24 -17.07 -23.99
CA VAL C 173 -29.86 -15.77 -23.75
C VAL C 173 -31.25 -15.95 -23.12
N GLN C 174 -32.06 -16.85 -23.69
CA GLN C 174 -33.42 -17.11 -23.20
C GLN C 174 -33.43 -17.73 -21.80
N LEU C 175 -32.58 -18.74 -21.59
CA LEU C 175 -32.53 -19.41 -20.30
C LEU C 175 -32.04 -18.45 -19.23
N ALA C 176 -31.12 -17.56 -19.59
CA ALA C 176 -30.61 -16.57 -18.66
C ALA C 176 -31.72 -15.63 -18.17
N LYS C 177 -32.62 -15.28 -19.08
CA LYS C 177 -33.73 -14.40 -18.69
C LYS C 177 -34.71 -15.09 -17.75
N LEU C 178 -34.95 -16.38 -17.95
CA LEU C 178 -35.80 -17.13 -17.04
C LEU C 178 -35.21 -17.12 -15.63
N ALA C 179 -33.90 -16.93 -15.55
CA ALA C 179 -33.20 -16.89 -14.27
C ALA C 179 -33.12 -15.49 -13.69
N ASN C 180 -33.87 -14.54 -14.28
CA ASN C 180 -33.91 -13.16 -13.83
C ASN C 180 -32.53 -12.50 -13.82
N ALA C 181 -31.77 -12.74 -14.88
CA ALA C 181 -30.46 -12.14 -15.02
C ALA C 181 -30.47 -10.98 -16.01
N HIS C 182 -29.53 -10.05 -15.87
CA HIS C 182 -29.33 -9.03 -16.87
C HIS C 182 -28.39 -9.55 -17.95
N VAL C 183 -28.91 -9.66 -19.18
CA VAL C 183 -28.16 -10.27 -20.27
C VAL C 183 -27.55 -9.26 -21.24
N THR C 184 -26.24 -9.32 -21.38
CA THR C 184 -25.54 -8.57 -22.40
C THR C 184 -25.13 -9.59 -23.45
N ALA C 185 -25.34 -9.29 -24.73
CA ALA C 185 -25.04 -10.29 -25.76
C ALA C 185 -24.23 -9.71 -26.91
N THR C 186 -23.38 -10.53 -27.51
CA THR C 186 -22.65 -10.11 -28.71
C THR C 186 -23.09 -10.93 -29.90
N CYS C 187 -23.11 -10.31 -31.07
CA CYS C 187 -23.43 -10.98 -32.32
C CYS C 187 -23.07 -10.07 -33.48
N GLY C 188 -23.30 -10.54 -34.70
CA GLY C 188 -23.07 -9.73 -35.88
C GLY C 188 -24.15 -8.67 -36.06
N ALA C 189 -23.87 -7.66 -36.88
CA ALA C 189 -24.79 -6.54 -37.08
C ALA C 189 -26.21 -6.97 -37.54
N ARG C 190 -26.28 -8.04 -38.33
CA ARG C 190 -27.55 -8.44 -38.90
C ARG C 190 -28.51 -9.09 -37.89
N ASN C 191 -27.98 -9.57 -36.78
CA ASN C 191 -28.81 -10.29 -35.82
C ASN C 191 -29.12 -9.48 -34.57
N ILE C 192 -28.78 -8.20 -34.58
CA ILE C 192 -28.97 -7.38 -33.38
C ILE C 192 -30.42 -7.37 -32.95
N GLU C 193 -31.33 -7.13 -33.90
CA GLU C 193 -32.75 -7.15 -33.57
C GLU C 193 -33.19 -8.57 -33.17
N PHE C 194 -32.64 -9.58 -33.83
CA PHE C 194 -32.92 -10.97 -33.46
C PHE C 194 -32.56 -11.30 -32.00
N VAL C 195 -31.33 -10.99 -31.59
CA VAL C 195 -30.90 -11.29 -30.22
C VAL C 195 -31.74 -10.50 -29.20
N LYS C 196 -32.16 -9.29 -29.58
CA LYS C 196 -33.00 -8.50 -28.70
C LYS C 196 -34.34 -9.20 -28.47
N SER C 197 -34.85 -9.86 -29.51
CA SER C 197 -36.14 -10.53 -29.42
C SER C 197 -36.10 -11.78 -28.53
N LEU C 198 -34.90 -12.31 -28.31
CA LEU C 198 -34.71 -13.45 -27.43
C LEU C 198 -34.76 -13.03 -25.96
N GLY C 199 -34.55 -11.73 -25.72
CA GLY C 199 -34.71 -11.17 -24.39
C GLY C 199 -33.48 -10.45 -23.87
N ALA C 200 -32.48 -10.26 -24.70
CA ALA C 200 -31.22 -9.65 -24.24
C ALA C 200 -31.48 -8.18 -23.92
N ASP C 201 -30.93 -7.74 -22.78
CA ASP C 201 -31.10 -6.36 -22.33
C ASP C 201 -30.18 -5.42 -23.10
N GLU C 202 -29.01 -5.90 -23.49
CA GLU C 202 -28.05 -5.13 -24.30
C GLU C 202 -27.47 -6.01 -25.38
N VAL C 203 -27.31 -5.48 -26.59
CA VAL C 203 -26.69 -6.24 -27.68
C VAL C 203 -25.53 -5.47 -28.31
N LEU C 204 -24.37 -6.10 -28.40
CA LEU C 204 -23.19 -5.51 -29.04
C LEU C 204 -22.87 -6.14 -30.40
N ASP C 205 -22.54 -5.31 -31.39
CA ASP C 205 -22.01 -5.79 -32.65
C ASP C 205 -20.52 -6.04 -32.48
N TYR C 206 -20.10 -7.30 -32.66
CA TYR C 206 -18.74 -7.68 -32.23
C TYR C 206 -17.64 -7.19 -33.17
N LYS C 207 -18.05 -6.60 -34.29
CA LYS C 207 -17.13 -5.97 -35.24
C LYS C 207 -16.78 -4.53 -34.83
N THR C 208 -17.67 -3.87 -34.08
CA THR C 208 -17.41 -2.54 -33.55
C THR C 208 -16.36 -2.61 -32.45
N PRO C 209 -15.63 -1.50 -32.23
CA PRO C 209 -14.63 -1.46 -31.15
C PRO C 209 -15.18 -1.84 -29.77
N GLU C 210 -16.41 -1.41 -29.46
CA GLU C 210 -17.03 -1.67 -28.15
C GLU C 210 -17.42 -3.14 -27.99
N GLY C 211 -17.91 -3.73 -29.07
CA GLY C 211 -18.22 -5.15 -29.07
C GLY C 211 -16.96 -5.99 -28.88
N ALA C 212 -15.87 -5.59 -29.52
CA ALA C 212 -14.62 -6.31 -29.42
C ALA C 212 -14.01 -6.19 -28.03
N ALA C 213 -14.36 -5.11 -27.32
CA ALA C 213 -13.88 -4.93 -25.95
C ALA C 213 -14.85 -5.54 -24.94
N LEU C 214 -15.94 -6.08 -25.45
CA LEU C 214 -17.02 -6.69 -24.64
C LEU C 214 -17.50 -5.73 -23.58
N LYS C 215 -17.53 -4.45 -23.93
CA LYS C 215 -17.82 -3.40 -22.96
C LYS C 215 -19.30 -3.05 -22.88
N SER C 216 -19.91 -3.33 -21.74
CA SER C 216 -21.35 -3.08 -21.54
C SER C 216 -21.69 -1.61 -21.73
N PRO C 217 -22.69 -1.33 -22.58
CA PRO C 217 -23.13 0.06 -22.82
C PRO C 217 -23.72 0.76 -21.59
N SER C 218 -23.98 0.03 -20.51
CA SER C 218 -24.46 0.64 -19.27
C SER C 218 -23.48 0.43 -18.12
N GLY C 219 -22.29 -0.07 -18.45
CA GLY C 219 -21.21 -0.20 -17.51
C GLY C 219 -21.22 -1.43 -16.61
N LYS C 220 -22.09 -2.39 -16.89
CA LYS C 220 -22.22 -3.58 -16.04
C LYS C 220 -20.94 -4.42 -16.05
N LYS C 221 -20.58 -4.93 -14.88
CA LYS C 221 -19.54 -5.93 -14.81
C LYS C 221 -20.22 -7.32 -14.77
N TYR C 222 -19.66 -8.28 -15.49
CA TYR C 222 -20.33 -9.56 -15.66
C TYR C 222 -19.95 -10.54 -14.55
N ASP C 223 -20.93 -11.25 -14.04
CA ASP C 223 -20.71 -12.25 -13.00
C ASP C 223 -20.29 -13.55 -13.64
N ALA C 224 -20.83 -13.80 -14.83
CA ALA C 224 -20.46 -14.98 -15.59
C ALA C 224 -20.64 -14.71 -17.08
N VAL C 225 -19.72 -15.22 -17.88
CA VAL C 225 -19.85 -15.16 -19.32
C VAL C 225 -20.10 -16.54 -19.88
N VAL C 226 -21.17 -16.70 -20.67
CA VAL C 226 -21.33 -17.92 -21.43
C VAL C 226 -20.63 -17.66 -22.76
N HIS C 227 -19.38 -18.08 -22.83
CA HIS C 227 -18.53 -17.78 -23.98
C HIS C 227 -18.70 -18.78 -25.14
N CYS C 228 -19.50 -18.40 -26.15
CA CYS C 228 -19.80 -19.29 -27.28
C CYS C 228 -19.05 -18.97 -28.56
N ALA C 229 -18.24 -17.90 -28.54
CA ALA C 229 -17.40 -17.54 -29.67
C ALA C 229 -16.00 -18.06 -29.43
N ASN C 230 -15.02 -17.61 -30.22
CA ASN C 230 -13.71 -18.25 -30.19
C ASN C 230 -12.48 -17.35 -30.21
N GLY C 231 -12.63 -16.10 -30.57
CA GLY C 231 -11.45 -15.29 -30.81
C GLY C 231 -10.76 -14.69 -29.60
N ILE C 232 -11.37 -14.82 -28.42
CA ILE C 232 -11.09 -13.89 -27.31
C ILE C 232 -10.22 -14.45 -26.19
N PRO C 233 -9.07 -13.79 -25.94
CA PRO C 233 -8.15 -14.11 -24.84
C PRO C 233 -8.60 -13.48 -23.53
N PHE C 234 -8.28 -14.12 -22.41
CA PHE C 234 -8.84 -13.77 -21.11
C PHE C 234 -8.70 -12.30 -20.81
N SER C 235 -7.61 -11.68 -21.27
CA SER C 235 -7.32 -10.28 -20.96
C SER C 235 -8.40 -9.32 -21.47
N VAL C 236 -9.12 -9.72 -22.51
CA VAL C 236 -10.24 -8.91 -23.01
C VAL C 236 -11.45 -8.99 -22.08
N PHE C 237 -11.75 -10.20 -21.59
CA PHE C 237 -12.81 -10.40 -20.61
C PHE C 237 -12.54 -9.68 -19.27
N GLU C 238 -11.30 -9.77 -18.79
CA GLU C 238 -10.95 -9.40 -17.41
C GLU C 238 -11.47 -8.04 -16.90
N PRO C 239 -11.27 -6.95 -17.67
CA PRO C 239 -11.78 -5.65 -17.17
C PRO C 239 -13.29 -5.60 -17.02
N ASN C 240 -14.00 -6.50 -17.70
CA ASN C 240 -15.46 -6.51 -17.69
C ASN C 240 -16.05 -7.43 -16.64
N LEU C 241 -15.20 -8.19 -15.93
CA LEU C 241 -15.72 -9.11 -14.93
C LEU C 241 -15.85 -8.45 -13.57
N SER C 242 -16.90 -8.86 -12.84
CA SER C 242 -17.05 -8.51 -11.42
C SER C 242 -15.92 -9.16 -10.63
N GLU C 243 -15.84 -8.89 -9.33
CA GLU C 243 -14.66 -9.29 -8.57
C GLU C 243 -14.36 -10.78 -8.65
N ASN C 244 -15.41 -11.60 -8.65
CA ASN C 244 -15.23 -13.06 -8.70
C ASN C 244 -15.87 -13.69 -9.94
N GLY C 245 -15.91 -12.93 -11.02
CA GLY C 245 -16.58 -13.32 -12.24
C GLY C 245 -15.92 -14.51 -12.91
N LYS C 246 -16.73 -15.33 -13.57
CA LYS C 246 -16.25 -16.50 -14.29
C LYS C 246 -16.49 -16.34 -15.79
N VAL C 247 -15.47 -16.64 -16.58
CA VAL C 247 -15.67 -16.84 -18.01
C VAL C 247 -15.88 -18.36 -18.23
N ILE C 248 -17.07 -18.72 -18.67
CA ILE C 248 -17.34 -20.13 -18.93
C ILE C 248 -17.07 -20.42 -20.38
N ASP C 249 -15.90 -21.00 -20.65
CA ASP C 249 -15.46 -21.27 -22.03
C ASP C 249 -16.05 -22.59 -22.54
N ILE C 250 -17.08 -22.52 -23.39
CA ILE C 250 -17.70 -23.77 -23.78
C ILE C 250 -16.94 -24.39 -24.95
N THR C 251 -15.89 -23.74 -25.41
CA THR C 251 -15.04 -24.36 -26.42
C THR C 251 -13.64 -24.51 -25.86
N PRO C 252 -13.47 -25.38 -24.84
CA PRO C 252 -12.18 -25.38 -24.16
C PRO C 252 -11.14 -26.02 -25.04
N GLY C 253 -10.02 -25.34 -25.24
CA GLY C 253 -8.88 -25.94 -25.91
C GLY C 253 -7.70 -25.93 -24.95
N PRO C 254 -6.53 -26.32 -25.47
CA PRO C 254 -5.31 -26.33 -24.63
C PRO C 254 -5.02 -24.99 -23.92
N ASN C 255 -5.18 -23.85 -24.60
CA ASN C 255 -5.00 -22.55 -23.93
C ASN C 255 -5.93 -22.42 -22.74
N ALA C 256 -7.21 -22.73 -22.94
CA ALA C 256 -8.19 -22.63 -21.87
C ALA C 256 -7.80 -23.49 -20.66
N MET C 257 -7.44 -24.75 -20.93
CA MET C 257 -7.03 -25.68 -19.88
C MET C 257 -5.84 -25.13 -19.13
N TRP C 258 -4.83 -24.66 -19.86
CA TRP C 258 -3.67 -24.07 -19.19
C TRP C 258 -4.06 -22.86 -18.34
N THR C 259 -4.84 -21.94 -18.92
CA THR C 259 -5.27 -20.75 -18.21
C THR C 259 -5.96 -21.15 -16.92
N TYR C 260 -6.88 -22.11 -17.01
CA TYR C 260 -7.59 -22.66 -15.86
C TYR C 260 -6.62 -23.15 -14.79
N ALA C 261 -5.61 -23.90 -15.22
CA ALA C 261 -4.60 -24.41 -14.31
C ALA C 261 -3.88 -23.31 -13.57
N VAL C 262 -3.39 -22.28 -14.27
CA VAL C 262 -2.56 -21.30 -13.58
C VAL C 262 -3.45 -20.39 -12.75
N LYS C 263 -4.72 -20.27 -13.12
CA LYS C 263 -5.60 -19.42 -12.31
C LYS C 263 -6.08 -20.18 -11.06
N LYS C 264 -6.08 -21.51 -11.12
CA LYS C 264 -6.26 -22.31 -9.90
C LYS C 264 -5.01 -22.22 -9.02
N ILE C 265 -3.86 -22.58 -9.58
CA ILE C 265 -2.56 -22.47 -8.92
C ILE C 265 -2.35 -21.10 -8.25
N THR C 266 -2.57 -20.01 -8.98
CA THR C 266 -2.29 -18.68 -8.44
C THR C 266 -3.45 -18.11 -7.65
N MET C 267 -4.51 -18.89 -7.51
CA MET C 267 -5.69 -18.52 -6.72
C MET C 267 -6.25 -17.18 -7.13
N SER C 268 -6.41 -17.01 -8.43
CA SER C 268 -6.99 -15.80 -8.99
C SER C 268 -8.47 -15.72 -8.61
N LYS C 269 -8.92 -14.50 -8.30
CA LYS C 269 -10.32 -14.32 -7.94
C LYS C 269 -11.22 -14.44 -9.17
N LYS C 270 -10.82 -13.84 -10.27
CA LYS C 270 -11.51 -14.02 -11.56
C LYS C 270 -11.06 -15.31 -12.22
N GLN C 271 -12.00 -16.13 -12.65
CA GLN C 271 -11.71 -17.50 -13.04
C GLN C 271 -12.06 -17.74 -14.53
N LEU C 272 -11.34 -18.66 -15.19
CA LEU C 272 -11.79 -19.17 -16.48
C LEU C 272 -12.14 -20.63 -16.32
N VAL C 273 -13.35 -21.00 -16.73
CA VAL C 273 -13.87 -22.33 -16.43
C VAL C 273 -14.20 -23.08 -17.70
N PRO C 274 -13.48 -24.18 -17.98
CA PRO C 274 -13.82 -25.00 -19.14
C PRO C 274 -15.14 -25.71 -18.89
N LEU C 275 -15.89 -26.01 -19.93
CA LEU C 275 -17.14 -26.74 -19.75
C LEU C 275 -17.19 -27.88 -20.73
N LEU C 276 -17.48 -29.07 -20.22
CA LEU C 276 -17.70 -30.20 -21.08
C LEU C 276 -19.10 -30.73 -20.79
N LEU C 277 -19.94 -30.77 -21.82
CA LEU C 277 -21.34 -31.13 -21.64
C LEU C 277 -21.52 -32.55 -21.11
N ILE C 278 -22.31 -32.67 -20.04
CA ILE C 278 -22.80 -33.97 -19.56
C ILE C 278 -24.32 -34.11 -19.80
N PRO C 279 -24.70 -34.81 -20.87
CA PRO C 279 -26.11 -34.98 -21.23
C PRO C 279 -26.84 -35.88 -20.27
N LYS C 280 -27.95 -35.41 -19.72
CA LYS C 280 -28.79 -36.23 -18.86
C LYS C 280 -30.24 -36.10 -19.26
N ALA C 281 -30.98 -37.21 -19.20
CA ALA C 281 -32.38 -37.22 -19.60
C ALA C 281 -33.23 -36.21 -18.84
N GLU C 282 -32.98 -36.08 -17.53
CA GLU C 282 -33.73 -35.14 -16.68
C GLU C 282 -33.67 -33.74 -17.25
N ASN C 283 -32.48 -33.35 -17.69
CA ASN C 283 -32.26 -32.03 -18.25
C ASN C 283 -32.92 -31.88 -19.62
N LEU C 284 -32.83 -32.92 -20.44
CA LEU C 284 -33.46 -32.90 -21.76
C LEU C 284 -34.97 -32.82 -21.61
N GLU C 285 -35.50 -33.60 -20.68
CA GLU C 285 -36.92 -33.58 -20.34
C GLU C 285 -37.33 -32.17 -19.91
N PHE C 286 -36.50 -31.56 -19.07
CA PHE C 286 -36.72 -30.21 -18.59
C PHE C 286 -36.74 -29.18 -19.72
N MET C 287 -35.75 -29.24 -20.62
CA MET C 287 -35.68 -28.32 -21.76
C MET C 287 -36.85 -28.52 -22.72
N VAL C 288 -37.17 -29.77 -23.03
CA VAL C 288 -38.30 -30.09 -23.90
C VAL C 288 -39.58 -29.51 -23.31
N ASN C 289 -39.70 -29.59 -22.00
CA ASN C 289 -40.86 -29.02 -21.32
C ASN C 289 -40.93 -27.51 -21.48
N LEU C 290 -39.78 -26.85 -21.38
CA LEU C 290 -39.74 -25.39 -21.53
C LEU C 290 -40.17 -24.96 -22.91
N VAL C 291 -39.82 -25.75 -23.92
CA VAL C 291 -40.24 -25.47 -25.27
C VAL C 291 -41.75 -25.67 -25.43
N LYS C 292 -42.26 -26.73 -24.80
CA LYS C 292 -43.70 -27.02 -24.78
C LYS C 292 -44.49 -25.85 -24.20
N GLU C 293 -44.01 -25.31 -23.09
CA GLU C 293 -44.69 -24.22 -22.39
C GLU C 293 -44.38 -22.85 -22.99
N GLY C 294 -43.63 -22.82 -24.08
CA GLY C 294 -43.34 -21.59 -24.80
C GLY C 294 -42.37 -20.65 -24.09
N LYS C 295 -41.72 -21.12 -23.03
CA LYS C 295 -40.76 -20.30 -22.29
C LYS C 295 -39.41 -20.21 -23.02
N VAL C 296 -39.11 -21.23 -23.82
CA VAL C 296 -37.95 -21.23 -24.71
C VAL C 296 -38.42 -21.57 -26.11
N LYS C 297 -37.96 -20.83 -27.11
CA LYS C 297 -38.28 -21.17 -28.50
C LYS C 297 -37.01 -21.58 -29.22
N THR C 298 -37.10 -22.66 -29.98
CA THR C 298 -36.01 -23.08 -30.84
C THR C 298 -36.03 -22.26 -32.14
N VAL C 299 -34.90 -21.63 -32.46
CA VAL C 299 -34.82 -20.90 -33.71
C VAL C 299 -34.10 -21.76 -34.72
N ILE C 300 -34.71 -21.93 -35.89
CA ILE C 300 -34.13 -22.82 -36.88
C ILE C 300 -33.52 -22.00 -38.03
N ASP C 301 -32.23 -22.20 -38.25
CA ASP C 301 -31.51 -21.49 -39.29
C ASP C 301 -31.97 -21.89 -40.68
N SER C 302 -32.07 -23.20 -40.91
CA SER C 302 -32.49 -23.74 -42.20
C SER C 302 -32.85 -25.22 -42.08
N LYS C 303 -33.63 -25.72 -43.04
CA LYS C 303 -33.94 -27.15 -43.10
C LYS C 303 -33.44 -27.72 -44.42
N HIS C 304 -32.85 -28.91 -44.37
CA HIS C 304 -32.36 -29.55 -45.57
C HIS C 304 -32.79 -31.00 -45.61
N PRO C 305 -33.20 -31.49 -46.79
CA PRO C 305 -33.48 -32.92 -46.94
C PRO C 305 -32.20 -33.76 -46.83
N LEU C 306 -32.32 -35.00 -46.34
CA LEU C 306 -31.18 -35.88 -46.22
C LEU C 306 -30.46 -36.05 -47.55
N SER C 307 -31.21 -36.03 -48.64
CA SER C 307 -30.63 -36.20 -49.97
C SER C 307 -29.73 -35.03 -50.38
N LYS C 308 -29.83 -33.92 -49.63
CA LYS C 308 -29.00 -32.75 -49.87
C LYS C 308 -28.24 -32.33 -48.59
N ALA C 309 -28.04 -33.30 -47.69
CA ALA C 309 -27.49 -33.01 -46.37
C ALA C 309 -26.11 -32.36 -46.43
N GLU C 310 -25.36 -32.58 -47.52
CA GLU C 310 -24.05 -31.94 -47.65
C GLU C 310 -24.17 -30.40 -47.66
N ASP C 311 -25.34 -29.89 -48.02
CA ASP C 311 -25.60 -28.45 -47.92
C ASP C 311 -25.66 -28.00 -46.46
N ALA C 312 -26.33 -28.79 -45.64
CA ALA C 312 -26.42 -28.50 -44.22
C ALA C 312 -25.03 -28.50 -43.62
N TRP C 313 -24.26 -29.54 -43.94
CA TRP C 313 -22.87 -29.67 -43.50
C TRP C 313 -22.06 -28.41 -43.84
N ALA C 314 -22.09 -28.01 -45.11
CA ALA C 314 -21.38 -26.81 -45.56
C ALA C 314 -21.80 -25.58 -44.78
N LYS C 315 -23.10 -25.50 -44.47
CA LYS C 315 -23.63 -24.36 -43.73
C LYS C 315 -23.07 -24.32 -42.30
N SER C 316 -22.94 -25.50 -41.69
CA SER C 316 -22.35 -25.63 -40.37
C SER C 316 -20.88 -25.21 -40.40
N ILE C 317 -20.11 -25.82 -41.30
CA ILE C 317 -18.70 -25.46 -41.51
C ILE C 317 -18.47 -23.96 -41.67
N ASP C 318 -19.39 -23.29 -42.35
CA ASP C 318 -19.28 -21.87 -42.67
C ASP C 318 -19.45 -20.99 -41.44
N GLY C 319 -20.19 -21.50 -40.46
CA GLY C 319 -20.33 -20.84 -39.17
C GLY C 319 -21.13 -19.56 -39.09
N HIS C 320 -22.03 -19.33 -40.03
CA HIS C 320 -22.85 -18.12 -39.96
C HIS C 320 -24.28 -18.45 -39.58
N ALA C 321 -24.50 -19.65 -39.06
CA ALA C 321 -25.84 -20.10 -38.71
C ALA C 321 -26.47 -19.19 -37.65
N THR C 322 -27.73 -18.86 -37.83
CA THR C 322 -28.49 -18.17 -36.79
C THR C 322 -29.52 -19.15 -36.26
N GLY C 323 -29.27 -19.68 -35.07
CA GLY C 323 -30.08 -20.78 -34.54
C GLY C 323 -29.51 -22.11 -34.98
N LYS C 324 -30.36 -23.12 -35.16
CA LYS C 324 -29.89 -24.48 -35.42
C LYS C 324 -30.15 -24.97 -36.85
N ILE C 325 -29.16 -25.63 -37.44
CA ILE C 325 -29.28 -26.20 -38.78
C ILE C 325 -29.93 -27.57 -38.68
N ILE C 326 -30.94 -27.84 -39.51
CA ILE C 326 -31.73 -29.08 -39.41
C ILE C 326 -31.70 -29.94 -40.68
N VAL C 327 -31.49 -31.25 -40.51
CA VAL C 327 -31.66 -32.18 -41.62
C VAL C 327 -32.91 -33.05 -41.42
N GLU C 328 -33.80 -33.02 -42.40
CA GLU C 328 -35.07 -33.78 -42.39
C GLU C 328 -35.02 -34.93 -43.40
N PRO C 329 -35.91 -35.93 -43.26
CA PRO C 329 -35.96 -36.95 -44.32
C PRO C 329 -36.79 -36.47 -45.52
N GLY D 3 16.71 -1.86 13.23
CA GLY D 3 16.54 -3.19 12.69
C GLY D 3 16.52 -4.29 13.76
N LYS D 4 15.35 -4.51 14.37
CA LYS D 4 15.18 -5.60 15.33
C LYS D 4 15.42 -6.97 14.67
N LEU D 5 15.89 -7.93 15.48
CA LEU D 5 16.23 -9.26 14.98
C LEU D 5 15.39 -10.37 15.60
N MET D 6 15.29 -11.50 14.88
CA MET D 6 14.56 -12.65 15.40
C MET D 6 15.23 -13.99 15.12
N HIS D 7 14.89 -14.97 15.95
CA HIS D 7 15.28 -16.36 15.75
C HIS D 7 14.35 -17.00 14.72
N ALA D 8 14.90 -17.85 13.85
CA ALA D 8 14.08 -18.61 12.91
C ALA D 8 14.79 -19.87 12.48
N LEU D 9 14.07 -20.77 11.84
CA LEU D 9 14.69 -21.91 11.18
C LEU D 9 14.50 -21.78 9.69
N GLN D 10 15.48 -22.25 8.95
CA GLN D 10 15.39 -22.17 7.49
C GLN D 10 16.23 -23.26 6.85
N TYR D 11 15.80 -23.70 5.67
CA TYR D 11 16.63 -24.60 4.89
C TYR D 11 17.14 -23.83 3.70
N ASN D 12 18.29 -24.27 3.19
CA ASN D 12 19.01 -23.52 2.17
C ASN D 12 19.08 -24.27 0.85
N SER D 13 18.46 -25.44 0.80
CA SER D 13 18.57 -26.30 -0.38
C SER D 13 17.63 -27.50 -0.26
N TYR D 14 17.51 -28.25 -1.34
CA TYR D 14 16.61 -29.39 -1.36
C TYR D 14 17.25 -30.58 -0.65
N GLY D 15 16.41 -31.42 -0.05
CA GLY D 15 16.80 -32.75 0.36
C GLY D 15 17.43 -32.90 1.72
N GLY D 16 17.44 -31.82 2.49
CA GLY D 16 18.17 -31.78 3.75
C GLY D 16 17.52 -32.49 4.94
N GLY D 17 16.20 -32.75 4.87
CA GLY D 17 15.47 -33.32 5.99
C GLY D 17 15.59 -32.43 7.21
N ALA D 18 15.45 -33.00 8.40
CA ALA D 18 15.53 -32.20 9.62
C ALA D 18 16.97 -31.72 9.87
N ALA D 19 17.96 -32.49 9.38
CA ALA D 19 19.36 -32.06 9.46
C ALA D 19 19.61 -30.74 8.72
N GLY D 20 18.98 -30.56 7.57
CA GLY D 20 19.17 -29.38 6.75
C GLY D 20 18.42 -28.16 7.26
N LEU D 21 17.62 -28.36 8.30
CA LEU D 21 16.92 -27.27 8.97
C LEU D 21 17.92 -26.57 9.87
N GLU D 22 18.13 -25.27 9.68
CA GLU D 22 19.22 -24.57 10.36
C GLU D 22 18.71 -23.37 11.17
N HIS D 23 19.11 -23.30 12.44
CA HIS D 23 18.72 -22.20 13.31
C HIS D 23 19.50 -20.96 12.90
N VAL D 24 18.78 -19.86 12.66
CA VAL D 24 19.41 -18.63 12.18
C VAL D 24 18.84 -17.39 12.87
N GLN D 25 19.57 -16.29 12.74
CA GLN D 25 19.08 -15.00 13.20
CA GLN D 25 19.12 -14.99 13.22
C GLN D 25 18.84 -14.10 12.00
N VAL D 26 17.59 -13.67 11.82
CA VAL D 26 17.25 -12.89 10.62
C VAL D 26 16.40 -11.67 10.96
N PRO D 27 16.36 -10.70 10.04
CA PRO D 27 15.54 -9.50 10.28
C PRO D 27 14.06 -9.80 10.46
N VAL D 28 13.46 -9.14 11.45
CA VAL D 28 12.01 -9.18 11.63
C VAL D 28 11.32 -8.55 10.43
N PRO D 29 10.37 -9.26 9.82
CA PRO D 29 9.72 -8.76 8.61
C PRO D 29 8.89 -7.51 8.89
N THR D 30 8.83 -6.62 7.89
CA THR D 30 8.04 -5.39 7.98
C THR D 30 6.75 -5.57 7.23
N PRO D 31 5.62 -5.26 7.88
CA PRO D 31 4.31 -5.38 7.24
C PRO D 31 4.12 -4.41 6.08
N LYS D 32 3.66 -4.91 4.94
CA LYS D 32 3.22 -4.07 3.83
C LYS D 32 1.90 -3.41 4.22
N SER D 33 1.31 -2.61 3.33
CA SER D 33 0.17 -1.76 3.69
C SER D 33 -1.07 -2.58 4.09
N ASN D 34 -1.13 -3.81 3.63
CA ASN D 34 -2.28 -4.70 3.89
C ASN D 34 -1.95 -5.90 4.79
N GLU D 35 -0.74 -5.93 5.34
CA GLU D 35 -0.30 -7.03 6.17
C GLU D 35 -0.34 -6.67 7.65
N VAL D 36 -0.33 -7.67 8.51
CA VAL D 36 -0.12 -7.46 9.93
C VAL D 36 1.08 -8.29 10.38
N CYS D 37 1.80 -7.76 11.37
CA CYS D 37 2.95 -8.46 11.91
C CYS D 37 2.57 -9.10 13.23
N LEU D 38 2.71 -10.42 13.30
CA LEU D 38 2.34 -11.18 14.47
C LEU D 38 3.56 -11.63 15.26
N LYS D 39 3.50 -11.48 16.58
CA LYS D 39 4.41 -12.19 17.46
C LYS D 39 3.81 -13.59 17.67
N LEU D 40 4.47 -14.60 17.14
CA LEU D 40 3.90 -15.95 17.12
C LEU D 40 3.80 -16.58 18.51
N GLU D 41 2.67 -17.22 18.76
CA GLU D 41 2.43 -17.93 20.01
C GLU D 41 2.33 -19.43 19.77
N ALA D 42 2.00 -19.81 18.52
CA ALA D 42 1.96 -21.21 18.09
C ALA D 42 2.03 -21.33 16.56
N THR D 43 2.79 -22.30 16.09
CA THR D 43 2.81 -22.65 14.67
C THR D 43 2.54 -24.14 14.53
N SER D 44 1.81 -24.54 13.50
CA SER D 44 1.60 -25.96 13.28
C SER D 44 2.18 -26.37 11.93
N LEU D 45 2.71 -27.59 11.88
CA LEU D 45 3.31 -28.10 10.65
C LEU D 45 2.27 -28.87 9.82
N ASN D 46 2.48 -28.90 8.51
CA ASN D 46 1.68 -29.72 7.59
C ASN D 46 2.64 -30.50 6.71
N PRO D 47 2.26 -31.72 6.30
CA PRO D 47 3.16 -32.54 5.50
C PRO D 47 3.71 -31.80 4.27
N VAL D 48 2.92 -30.93 3.62
CA VAL D 48 3.42 -30.19 2.48
C VAL D 48 4.72 -29.40 2.82
N ASP D 49 4.85 -28.99 4.07
CA ASP D 49 6.02 -28.22 4.49
C ASP D 49 7.32 -29.00 4.23
N TRP D 50 7.37 -30.28 4.59
CA TRP D 50 8.61 -31.04 4.35
C TRP D 50 8.69 -31.51 2.88
N LYS D 51 7.53 -31.71 2.26
CA LYS D 51 7.48 -32.07 0.84
C LYS D 51 8.09 -30.97 -0.06
N ILE D 52 7.80 -29.73 0.27
CA ILE D 52 8.47 -28.63 -0.43
C ILE D 52 9.99 -28.71 -0.28
N GLN D 53 10.47 -28.94 0.95
CA GLN D 53 11.90 -29.04 1.17
C GLN D 53 12.49 -30.24 0.42
N LYS D 54 11.71 -31.30 0.24
CA LYS D 54 12.25 -32.51 -0.40
C LYS D 54 12.36 -32.32 -1.92
N GLY D 55 11.61 -31.36 -2.45
CA GLY D 55 11.64 -31.06 -3.87
C GLY D 55 10.43 -31.61 -4.62
N MET D 56 9.41 -32.01 -3.87
CA MET D 56 8.27 -32.68 -4.50
C MET D 56 7.31 -31.69 -5.13
N ILE D 57 7.48 -30.41 -4.83
CA ILE D 57 6.54 -29.42 -5.33
C ILE D 57 7.22 -28.52 -6.38
N ARG D 58 8.38 -28.94 -6.84
CA ARG D 58 9.04 -28.27 -7.95
C ARG D 58 8.22 -28.49 -9.20
N PRO D 59 8.17 -27.48 -10.10
CA PRO D 59 8.91 -26.21 -10.05
C PRO D 59 8.11 -25.04 -9.46
N PHE D 60 7.05 -25.33 -8.70
CA PHE D 60 6.24 -24.29 -8.11
C PHE D 60 6.79 -23.74 -6.78
N LEU D 61 7.25 -24.63 -5.89
CA LEU D 61 7.77 -24.24 -4.58
C LEU D 61 9.04 -25.01 -4.22
N PRO D 62 9.95 -24.38 -3.45
CA PRO D 62 9.87 -23.02 -2.91
C PRO D 62 10.23 -21.98 -3.97
N ARG D 63 9.84 -20.73 -3.78
CA ARG D 63 10.12 -19.74 -4.80
C ARG D 63 11.61 -19.41 -4.86
N LYS D 64 12.23 -19.35 -3.69
CA LYS D 64 13.62 -18.94 -3.58
C LYS D 64 14.20 -19.50 -2.28
N PHE D 65 15.50 -19.78 -2.28
CA PHE D 65 16.22 -20.09 -1.05
C PHE D 65 16.88 -18.83 -0.45
N PRO D 66 17.04 -18.77 0.87
CA PRO D 66 16.60 -19.74 1.87
C PRO D 66 15.12 -19.61 2.20
N CYS D 67 14.55 -20.65 2.75
CA CYS D 67 13.12 -20.69 2.99
C CYS D 67 12.86 -20.92 4.48
N ILE D 68 12.00 -20.09 5.09
CA ILE D 68 11.53 -20.33 6.45
C ILE D 68 10.17 -21.01 6.36
N PRO D 69 10.10 -22.29 6.76
CA PRO D 69 8.89 -23.08 6.46
C PRO D 69 7.69 -22.78 7.36
N ALA D 70 6.53 -23.33 6.96
CA ALA D 70 5.28 -23.39 7.76
C ALA D 70 4.39 -22.16 7.60
N THR D 71 3.08 -22.39 7.59
CA THR D 71 2.11 -21.36 7.23
C THR D 71 0.93 -21.20 8.17
N ASP D 72 0.72 -22.15 9.08
CA ASP D 72 -0.38 -22.06 10.05
C ASP D 72 0.07 -21.47 11.37
N VAL D 73 -0.38 -20.27 11.69
CA VAL D 73 0.12 -19.60 12.89
C VAL D 73 -0.99 -18.99 13.73
N ALA D 74 -0.72 -18.87 15.02
CA ALA D 74 -1.54 -18.06 15.91
C ALA D 74 -0.59 -17.15 16.69
N GLY D 75 -1.05 -15.94 17.03
CA GLY D 75 -0.18 -15.03 17.74
C GLY D 75 -0.81 -13.72 18.19
N GLU D 76 0.05 -12.74 18.48
CA GLU D 76 -0.39 -11.41 18.88
C GLU D 76 0.09 -10.37 17.87
N VAL D 77 -0.82 -9.48 17.49
CA VAL D 77 -0.49 -8.42 16.54
C VAL D 77 0.43 -7.40 17.21
N VAL D 78 1.54 -7.08 16.55
CA VAL D 78 2.47 -6.12 17.14
C VAL D 78 2.57 -4.85 16.29
N GLU D 79 2.19 -4.96 15.03
CA GLU D 79 2.26 -3.83 14.10
C GLU D 79 1.34 -4.11 12.92
N VAL D 80 0.59 -3.10 12.48
CA VAL D 80 -0.26 -3.26 11.29
C VAL D 80 0.13 -2.29 10.18
N GLY D 81 -0.26 -2.63 8.96
CA GLY D 81 0.04 -1.81 7.79
C GLY D 81 -0.87 -0.59 7.69
N SER D 82 -0.46 0.37 6.87
CA SER D 82 -1.18 1.65 6.76
C SER D 82 -2.64 1.49 6.32
N GLY D 83 -2.96 0.35 5.71
CA GLY D 83 -4.28 0.12 5.16
C GLY D 83 -5.11 -0.94 5.86
N VAL D 84 -4.63 -1.43 6.99
CA VAL D 84 -5.36 -2.43 7.76
C VAL D 84 -6.45 -1.79 8.65
N LYS D 85 -7.67 -2.31 8.53
CA LYS D 85 -8.83 -1.74 9.25
C LYS D 85 -9.31 -2.62 10.41
N ASN D 86 -9.04 -3.92 10.33
CA ASN D 86 -9.69 -4.89 11.20
C ASN D 86 -8.86 -5.40 12.38
N PHE D 87 -7.60 -4.98 12.44
CA PHE D 87 -6.74 -5.40 13.53
C PHE D 87 -5.85 -4.27 14.02
N LYS D 88 -5.63 -4.27 15.33
CA LYS D 88 -4.75 -3.31 15.96
C LYS D 88 -3.72 -4.07 16.79
N ALA D 89 -2.70 -3.36 17.27
CA ALA D 89 -1.68 -4.01 18.09
C ALA D 89 -2.31 -4.54 19.37
N GLY D 90 -1.93 -5.76 19.73
CA GLY D 90 -2.45 -6.39 20.93
C GLY D 90 -3.52 -7.45 20.69
N ASP D 91 -4.15 -7.40 19.52
CA ASP D 91 -5.19 -8.36 19.15
C ASP D 91 -4.63 -9.78 19.02
N LYS D 92 -5.28 -10.76 19.65
CA LYS D 92 -4.93 -12.16 19.45
C LYS D 92 -5.54 -12.67 18.15
N VAL D 93 -4.71 -13.28 17.29
CA VAL D 93 -5.22 -13.75 16.00
C VAL D 93 -4.77 -15.16 15.62
N VAL D 94 -5.36 -15.67 14.54
CA VAL D 94 -4.95 -16.90 13.89
C VAL D 94 -4.92 -16.58 12.40
N ALA D 95 -3.92 -17.08 11.67
CA ALA D 95 -3.75 -16.65 10.29
C ALA D 95 -3.12 -17.72 9.41
N VAL D 96 -3.23 -17.52 8.10
CA VAL D 96 -2.54 -18.37 7.14
C VAL D 96 -1.51 -17.52 6.46
N LEU D 97 -0.27 -17.99 6.41
CA LEU D 97 0.80 -17.26 5.73
C LEU D 97 0.86 -17.74 4.28
N SER D 98 1.38 -16.90 3.41
CA SER D 98 1.58 -17.31 2.03
C SER D 98 2.59 -18.44 1.90
N HIS D 99 2.24 -19.50 1.16
CA HIS D 99 3.19 -20.59 0.89
C HIS D 99 4.33 -20.08 0.05
N LEU D 100 4.17 -18.89 -0.52
CA LEU D 100 5.21 -18.32 -1.36
C LEU D 100 6.36 -17.89 -0.50
N GLY D 101 6.07 -17.17 0.56
CA GLY D 101 7.12 -16.53 1.31
C GLY D 101 7.48 -17.09 2.65
N GLY D 102 6.56 -17.08 3.58
CA GLY D 102 7.23 -17.19 4.83
C GLY D 102 6.67 -17.42 6.14
N GLY D 103 7.33 -18.35 6.78
CA GLY D 103 7.85 -17.95 8.05
C GLY D 103 7.05 -18.31 9.26
N GLY D 104 6.55 -19.53 9.32
CA GLY D 104 5.93 -20.00 10.53
C GLY D 104 6.93 -20.34 11.63
N LEU D 105 8.08 -20.92 11.27
CA LEU D 105 9.09 -21.27 12.25
C LEU D 105 9.99 -20.07 12.53
N ALA D 106 9.41 -19.07 13.20
CA ALA D 106 10.13 -17.87 13.59
C ALA D 106 9.40 -17.20 14.74
N GLU D 107 10.01 -16.16 15.30
CA GLU D 107 9.42 -15.46 16.44
C GLU D 107 8.33 -14.54 15.95
N PHE D 108 8.50 -14.03 14.73
CA PHE D 108 7.58 -13.07 14.11
C PHE D 108 7.28 -13.43 12.67
N ALA D 109 6.08 -13.09 12.21
CA ALA D 109 5.69 -13.36 10.84
C ALA D 109 4.68 -12.32 10.36
N VAL D 110 4.61 -12.10 9.05
CA VAL D 110 3.57 -11.22 8.52
C VAL D 110 2.50 -12.01 7.77
N ALA D 111 1.26 -11.57 7.93
CA ALA D 111 0.13 -12.22 7.26
C ALA D 111 -0.73 -11.15 6.63
N THR D 112 -1.41 -11.48 5.55
CA THR D 112 -2.32 -10.51 4.97
C THR D 112 -3.58 -10.39 5.84
N GLU D 113 -4.21 -9.23 5.81
CA GLU D 113 -5.45 -9.02 6.53
C GLU D 113 -6.53 -10.00 6.05
N LYS D 114 -6.61 -10.22 4.74
CA LYS D 114 -7.55 -11.16 4.13
C LYS D 114 -7.49 -12.59 4.73
N LEU D 115 -6.30 -12.99 5.19
CA LEU D 115 -6.13 -14.33 5.73
C LEU D 115 -5.83 -14.33 7.21
N THR D 116 -6.31 -13.31 7.93
CA THR D 116 -6.18 -13.26 9.38
C THR D 116 -7.56 -13.15 10.05
N VAL D 117 -7.72 -13.88 11.15
CA VAL D 117 -8.98 -13.93 11.86
C VAL D 117 -8.77 -13.70 13.35
N LYS D 118 -9.63 -12.89 13.97
CA LYS D 118 -9.56 -12.73 15.44
C LYS D 118 -9.78 -14.05 16.17
N ARG D 119 -8.89 -14.33 17.11
CA ARG D 119 -8.94 -15.52 17.96
C ARG D 119 -9.58 -15.21 19.30
N PRO D 120 -10.82 -15.67 19.51
CA PRO D 120 -11.51 -15.44 20.78
C PRO D 120 -10.73 -16.02 21.96
N GLN D 121 -10.87 -15.45 23.15
CA GLN D 121 -10.03 -15.88 24.27
C GLN D 121 -10.33 -17.30 24.74
N GLU D 122 -11.51 -17.82 24.42
CA GLU D 122 -11.88 -19.20 24.74
C GLU D 122 -11.01 -20.22 23.97
N VAL D 123 -10.32 -19.75 22.94
CA VAL D 123 -9.50 -20.61 22.08
C VAL D 123 -7.99 -20.36 22.22
N GLY D 124 -7.25 -21.39 22.61
CA GLY D 124 -5.81 -21.26 22.81
C GLY D 124 -5.08 -21.07 21.52
N ALA D 125 -3.81 -20.68 21.58
CA ALA D 125 -3.05 -20.41 20.36
C ALA D 125 -2.77 -21.69 19.60
N ALA D 126 -2.37 -22.74 20.31
CA ALA D 126 -2.05 -24.01 19.66
C ALA D 126 -3.30 -24.63 19.05
N GLU D 127 -4.40 -24.58 19.79
CA GLU D 127 -5.67 -25.11 19.31
C GLU D 127 -6.12 -24.40 18.04
N ALA D 128 -5.75 -23.13 17.90
CA ALA D 128 -6.19 -22.35 16.74
C ALA D 128 -5.24 -22.48 15.55
N ALA D 129 -3.95 -22.61 15.86
CA ALA D 129 -2.93 -22.70 14.82
C ALA D 129 -3.02 -24.02 14.06
N ALA D 130 -3.69 -25.01 14.64
CA ALA D 130 -3.83 -26.31 14.00
C ALA D 130 -4.88 -26.28 12.90
N LEU D 131 -5.73 -25.26 12.93
CA LEU D 131 -6.89 -25.14 12.03
C LEU D 131 -6.63 -24.79 10.54
N PRO D 132 -5.81 -23.75 10.24
CA PRO D 132 -5.87 -23.19 8.88
C PRO D 132 -5.75 -24.18 7.72
N VAL D 133 -4.66 -24.93 7.58
CA VAL D 133 -4.58 -25.86 6.46
C VAL D 133 -5.38 -27.15 6.70
N ALA D 134 -5.11 -27.83 7.80
CA ALA D 134 -5.77 -29.10 8.06
C ALA D 134 -7.30 -28.97 8.15
N GLY D 135 -7.77 -28.04 8.97
CA GLY D 135 -9.19 -27.84 9.17
C GLY D 135 -9.95 -27.26 7.99
N LEU D 136 -9.37 -26.29 7.28
CA LEU D 136 -10.08 -25.67 6.17
C LEU D 136 -10.19 -26.63 4.99
N THR D 137 -9.22 -27.53 4.88
CA THR D 137 -9.23 -28.58 3.86
C THR D 137 -10.35 -29.58 4.14
N ALA D 138 -10.48 -29.98 5.39
CA ALA D 138 -11.58 -30.88 5.74
C ALA D 138 -12.90 -30.20 5.42
N LEU D 139 -13.01 -28.92 5.82
CA LEU D 139 -14.23 -28.16 5.62
C LEU D 139 -14.58 -28.05 4.14
N GLN D 140 -13.57 -27.81 3.32
CA GLN D 140 -13.78 -27.62 1.90
C GLN D 140 -14.22 -28.92 1.23
N ALA D 141 -13.56 -30.02 1.58
CA ALA D 141 -13.89 -31.32 1.02
C ALA D 141 -15.34 -31.73 1.28
N LEU D 142 -15.82 -31.49 2.50
CA LEU D 142 -17.18 -31.92 2.87
C LEU D 142 -18.22 -30.93 2.36
N THR D 143 -17.82 -29.69 2.20
CA THR D 143 -18.75 -28.63 1.83
C THR D 143 -18.96 -28.54 0.33
N ASN D 144 -17.89 -28.63 -0.46
CA ASN D 144 -18.05 -28.51 -1.91
C ASN D 144 -18.27 -29.89 -2.60
N PRO D 145 -17.22 -30.71 -2.83
CA PRO D 145 -17.53 -31.95 -3.57
C PRO D 145 -18.52 -32.91 -2.90
N ALA D 146 -18.42 -33.10 -1.59
CA ALA D 146 -19.32 -34.00 -0.88
C ALA D 146 -20.72 -33.41 -0.77
N GLY D 147 -20.80 -32.08 -0.86
CA GLY D 147 -22.06 -31.36 -0.87
C GLY D 147 -22.88 -31.40 0.41
N LEU D 148 -22.19 -31.54 1.55
CA LEU D 148 -22.87 -31.59 2.84
C LEU D 148 -23.15 -30.19 3.39
N LYS D 149 -24.07 -30.12 4.35
CA LYS D 149 -24.34 -28.88 5.07
C LYS D 149 -24.18 -29.15 6.55
N LEU D 150 -23.56 -28.22 7.26
CA LEU D 150 -23.22 -28.47 8.65
C LEU D 150 -24.26 -27.97 9.66
N ASP D 151 -25.38 -27.46 9.17
CA ASP D 151 -26.41 -26.99 10.10
C ASP D 151 -27.47 -28.08 10.35
N GLY D 152 -27.75 -28.90 9.33
CA GLY D 152 -28.78 -29.92 9.46
C GLY D 152 -29.76 -29.97 8.31
N THR D 153 -29.81 -28.90 7.53
CA THR D 153 -30.51 -28.89 6.24
C THR D 153 -30.07 -30.06 5.37
N GLY D 154 -28.75 -30.31 5.37
CA GLY D 154 -28.10 -31.22 4.44
C GLY D 154 -28.69 -32.60 4.22
N LYS D 155 -28.29 -33.21 3.11
CA LYS D 155 -28.69 -34.55 2.74
C LYS D 155 -27.98 -35.56 3.61
N LYS D 156 -28.68 -36.64 3.96
CA LYS D 156 -28.03 -37.77 4.65
C LYS D 156 -26.94 -38.31 3.74
N ALA D 157 -25.86 -38.84 4.31
CA ALA D 157 -24.76 -39.35 3.47
C ALA D 157 -23.82 -40.32 4.18
N ASN D 158 -23.21 -41.21 3.41
CA ASN D 158 -22.17 -42.10 3.91
C ASN D 158 -20.80 -41.59 3.57
N ILE D 159 -20.01 -41.20 4.57
CA ILE D 159 -18.66 -40.70 4.33
C ILE D 159 -17.60 -41.68 4.80
N LEU D 160 -16.61 -41.92 3.94
CA LEU D 160 -15.41 -42.63 4.33
C LEU D 160 -14.29 -41.62 4.54
N VAL D 161 -13.62 -41.68 5.67
CA VAL D 161 -12.46 -40.82 5.89
C VAL D 161 -11.22 -41.69 6.09
N THR D 162 -10.34 -41.72 5.10
CA THR D 162 -9.11 -42.46 5.26
C THR D 162 -8.11 -41.61 6.03
N ALA D 163 -7.23 -42.28 6.79
CA ALA D 163 -6.23 -41.60 7.62
C ALA D 163 -6.91 -40.65 8.59
N ALA D 164 -7.97 -41.11 9.22
CA ALA D 164 -8.78 -40.30 10.11
C ALA D 164 -8.03 -39.82 11.35
N SER D 165 -6.84 -40.37 11.60
CA SER D 165 -6.09 -40.00 12.80
C SER D 165 -5.13 -38.83 12.55
N GLY D 166 -4.97 -38.46 11.28
CA GLY D 166 -4.11 -37.36 10.90
C GLY D 166 -4.75 -36.00 11.04
N GLY D 167 -4.01 -34.95 10.66
CA GLY D 167 -4.50 -33.58 10.75
C GLY D 167 -5.83 -33.33 10.03
N VAL D 168 -5.86 -33.50 8.71
CA VAL D 168 -7.10 -33.33 7.98
C VAL D 168 -8.13 -34.35 8.44
N GLY D 169 -7.70 -35.60 8.52
CA GLY D 169 -8.61 -36.69 8.83
C GLY D 169 -9.41 -36.49 10.10
N HIS D 170 -8.75 -36.03 11.16
CA HIS D 170 -9.41 -35.97 12.46
C HIS D 170 -10.39 -34.78 12.54
N TYR D 171 -10.20 -33.80 11.67
CA TYR D 171 -11.17 -32.72 11.55
C TYR D 171 -12.33 -33.20 10.71
N ALA D 172 -11.99 -33.86 9.58
CA ALA D 172 -12.98 -34.39 8.66
C ALA D 172 -14.02 -35.27 9.37
N VAL D 173 -13.57 -36.14 10.27
CA VAL D 173 -14.47 -37.03 10.97
C VAL D 173 -15.48 -36.24 11.80
N GLN D 174 -15.00 -35.23 12.52
CA GLN D 174 -15.86 -34.42 13.38
C GLN D 174 -16.82 -33.54 12.57
N LEU D 175 -16.30 -32.87 11.54
CA LEU D 175 -17.12 -32.02 10.68
C LEU D 175 -18.18 -32.86 9.97
N ALA D 176 -17.82 -34.06 9.54
CA ALA D 176 -18.78 -34.97 8.91
C ALA D 176 -19.95 -35.32 9.82
N LYS D 177 -19.70 -35.48 11.11
CA LYS D 177 -20.78 -35.80 12.05
C LYS D 177 -21.72 -34.60 12.24
N LEU D 178 -21.16 -33.39 12.26
CA LEU D 178 -21.99 -32.19 12.36
C LEU D 178 -22.96 -32.13 11.19
N ALA D 179 -22.56 -32.74 10.08
CA ALA D 179 -23.38 -32.76 8.88
C ALA D 179 -24.36 -33.94 8.86
N ASN D 180 -24.48 -34.65 9.99
CA ASN D 180 -25.38 -35.79 10.11
C ASN D 180 -25.09 -36.90 9.11
N ALA D 181 -23.82 -37.19 8.91
CA ALA D 181 -23.40 -38.24 8.00
C ALA D 181 -22.97 -39.50 8.76
N HIS D 182 -23.06 -40.64 8.09
CA HIS D 182 -22.50 -41.87 8.64
C HIS D 182 -21.02 -41.96 8.27
N VAL D 183 -20.16 -41.94 9.28
CA VAL D 183 -18.72 -41.89 9.04
C VAL D 183 -18.03 -43.24 9.23
N THR D 184 -17.36 -43.69 8.17
CA THR D 184 -16.50 -44.86 8.26
C THR D 184 -15.10 -44.31 8.18
N ALA D 185 -14.22 -44.78 9.05
CA ALA D 185 -12.86 -44.22 9.08
C ALA D 185 -11.79 -45.31 9.09
N THR D 186 -10.63 -45.01 8.48
CA THR D 186 -9.50 -45.91 8.58
C THR D 186 -8.37 -45.26 9.36
N CYS D 187 -7.64 -46.08 10.12
CA CYS D 187 -6.46 -45.63 10.83
C CYS D 187 -5.65 -46.83 11.28
N GLY D 188 -4.55 -46.56 11.99
CA GLY D 188 -3.74 -47.63 12.55
C GLY D 188 -4.38 -48.23 13.79
N ALA D 189 -3.90 -49.41 14.19
CA ALA D 189 -4.52 -50.15 15.29
C ALA D 189 -4.56 -49.33 16.59
N ARG D 190 -3.55 -48.49 16.80
CA ARG D 190 -3.42 -47.79 18.08
C ARG D 190 -4.39 -46.62 18.25
N ASN D 191 -4.99 -46.19 17.15
CA ASN D 191 -5.86 -45.02 17.22
C ASN D 191 -7.32 -45.35 17.02
N ILE D 192 -7.65 -46.64 17.02
CA ILE D 192 -9.02 -47.04 16.79
C ILE D 192 -9.95 -46.39 17.82
N GLU D 193 -9.59 -46.49 19.10
CA GLU D 193 -10.43 -45.90 20.13
C GLU D 193 -10.42 -44.38 19.98
N PHE D 194 -9.28 -43.83 19.60
CA PHE D 194 -9.20 -42.38 19.37
C PHE D 194 -10.19 -41.90 18.29
N VAL D 195 -10.17 -42.53 17.11
CA VAL D 195 -11.04 -42.12 16.02
C VAL D 195 -12.51 -42.33 16.40
N LYS D 196 -12.80 -43.36 17.20
CA LYS D 196 -14.17 -43.56 17.68
C LYS D 196 -14.63 -42.38 18.55
N SER D 197 -13.71 -41.82 19.33
CA SER D 197 -14.05 -40.71 20.22
C SER D 197 -14.35 -39.41 19.46
N LEU D 198 -13.86 -39.32 18.22
CA LEU D 198 -14.12 -38.16 17.37
C LEU D 198 -15.54 -38.22 16.80
N GLY D 199 -16.12 -39.42 16.78
CA GLY D 199 -17.49 -39.58 16.38
C GLY D 199 -17.72 -40.58 15.25
N ALA D 200 -16.69 -41.32 14.89
CA ALA D 200 -16.80 -42.22 13.74
C ALA D 200 -17.69 -43.39 14.10
N ASP D 201 -18.59 -43.74 13.19
CA ASP D 201 -19.55 -44.81 13.44
C ASP D 201 -18.90 -46.18 13.24
N GLU D 202 -17.91 -46.24 12.36
CA GLU D 202 -17.15 -47.46 12.12
C GLU D 202 -15.67 -47.12 11.95
N VAL D 203 -14.79 -47.91 12.54
CA VAL D 203 -13.35 -47.70 12.37
C VAL D 203 -12.64 -48.96 11.87
N LEU D 204 -11.87 -48.83 10.79
CA LEU D 204 -11.08 -49.94 10.25
C LEU D 204 -9.58 -49.78 10.49
N ASP D 205 -8.92 -50.85 10.87
CA ASP D 205 -7.46 -50.90 10.95
C ASP D 205 -6.94 -51.19 9.54
N TYR D 206 -6.19 -50.23 8.98
CA TYR D 206 -5.86 -50.32 7.57
C TYR D 206 -4.82 -51.37 7.22
N LYS D 207 -4.25 -52.00 8.25
CA LYS D 207 -3.30 -53.10 8.09
C LYS D 207 -4.03 -54.43 7.90
N THR D 208 -5.25 -54.52 8.43
CA THR D 208 -6.09 -55.72 8.26
C THR D 208 -6.58 -55.81 6.83
N PRO D 209 -6.87 -57.04 6.35
CA PRO D 209 -7.42 -57.22 4.99
C PRO D 209 -8.67 -56.39 4.69
N GLU D 210 -9.56 -56.25 5.67
CA GLU D 210 -10.80 -55.49 5.49
C GLU D 210 -10.56 -53.99 5.38
N GLY D 211 -9.64 -53.48 6.19
CA GLY D 211 -9.28 -52.07 6.13
C GLY D 211 -8.61 -51.74 4.81
N ALA D 212 -7.79 -52.65 4.31
CA ALA D 212 -7.12 -52.45 3.03
C ALA D 212 -8.10 -52.46 1.85
N ALA D 213 -9.21 -53.18 2.01
CA ALA D 213 -10.23 -53.23 0.98
C ALA D 213 -11.23 -52.09 1.16
N LEU D 214 -11.05 -51.33 2.24
CA LEU D 214 -11.93 -50.21 2.62
C LEU D 214 -13.36 -50.66 2.74
N LYS D 215 -13.56 -51.87 3.23
CA LYS D 215 -14.86 -52.49 3.22
C LYS D 215 -15.64 -52.24 4.52
N SER D 216 -16.76 -51.53 4.40
CA SER D 216 -17.58 -51.19 5.56
C SER D 216 -18.09 -52.45 6.28
N PRO D 217 -17.86 -52.53 7.60
CA PRO D 217 -18.33 -53.67 8.41
C PRO D 217 -19.85 -53.81 8.45
N SER D 218 -20.61 -52.81 8.01
CA SER D 218 -22.07 -52.93 7.94
C SER D 218 -22.59 -52.87 6.50
N GLY D 219 -21.67 -52.89 5.54
CA GLY D 219 -22.02 -52.98 4.13
C GLY D 219 -22.33 -51.68 3.42
N LYS D 220 -22.09 -50.55 4.08
CA LYS D 220 -22.40 -49.24 3.50
C LYS D 220 -21.60 -48.96 2.23
N LYS D 221 -22.26 -48.39 1.23
CA LYS D 221 -21.55 -47.84 0.08
C LYS D 221 -21.34 -46.33 0.30
N TYR D 222 -20.14 -45.84 0.00
CA TYR D 222 -19.80 -44.45 0.36
C TYR D 222 -20.22 -43.47 -0.71
N ASP D 223 -20.83 -42.36 -0.29
CA ASP D 223 -21.21 -41.30 -1.20
C ASP D 223 -20.02 -40.42 -1.54
N ALA D 224 -19.16 -40.20 -0.56
CA ALA D 224 -17.93 -39.44 -0.76
C ALA D 224 -16.86 -39.97 0.17
N VAL D 225 -15.63 -40.00 -0.32
CA VAL D 225 -14.48 -40.34 0.50
C VAL D 225 -13.59 -39.12 0.69
N VAL D 226 -13.31 -38.76 1.95
CA VAL D 226 -12.28 -37.77 2.18
C VAL D 226 -10.98 -38.54 2.31
N HIS D 227 -10.27 -38.69 1.20
CA HIS D 227 -9.08 -39.50 1.11
C HIS D 227 -7.81 -38.76 1.58
N CYS D 228 -7.41 -39.03 2.82
CA CYS D 228 -6.27 -38.34 3.41
C CYS D 228 -5.00 -39.21 3.49
N ALA D 229 -5.09 -40.45 3.06
CA ALA D 229 -3.93 -41.34 2.97
C ALA D 229 -3.37 -41.32 1.55
N ASN D 230 -2.48 -42.25 1.22
CA ASN D 230 -1.75 -42.16 -0.05
C ASN D 230 -1.57 -43.42 -0.87
N GLY D 231 -1.76 -44.58 -0.27
CA GLY D 231 -1.42 -45.79 -0.99
C GLY D 231 -2.41 -46.32 -2.03
N ILE D 232 -3.59 -45.72 -2.12
CA ILE D 232 -4.74 -46.42 -2.67
C ILE D 232 -5.15 -46.02 -4.09
N PRO D 233 -5.11 -46.97 -5.03
CA PRO D 233 -5.58 -46.78 -6.41
C PRO D 233 -7.10 -46.86 -6.52
N PHE D 234 -7.68 -46.19 -7.51
CA PHE D 234 -9.13 -46.04 -7.60
C PHE D 234 -9.88 -47.37 -7.56
N SER D 235 -9.25 -48.42 -8.10
CA SER D 235 -9.91 -49.72 -8.16
C SER D 235 -10.29 -50.28 -6.78
N VAL D 236 -9.55 -49.89 -5.75
CA VAL D 236 -9.86 -50.32 -4.38
C VAL D 236 -11.11 -49.61 -3.84
N PHE D 237 -11.21 -48.32 -4.13
CA PHE D 237 -12.37 -47.51 -3.73
C PHE D 237 -13.65 -47.95 -4.44
N GLU D 238 -13.54 -48.24 -5.73
CA GLU D 238 -14.70 -48.42 -6.63
C GLU D 238 -15.82 -49.34 -6.13
N PRO D 239 -15.49 -50.58 -5.69
CA PRO D 239 -16.59 -51.45 -5.24
C PRO D 239 -17.32 -50.92 -4.01
N ASN D 240 -16.70 -49.99 -3.30
CA ASN D 240 -17.28 -49.45 -2.07
C ASN D 240 -18.08 -48.17 -2.28
N LEU D 241 -18.05 -47.64 -3.50
CA LEU D 241 -18.77 -46.40 -3.79
C LEU D 241 -20.22 -46.64 -4.17
N SER D 242 -21.10 -45.75 -3.73
CA SER D 242 -22.46 -45.71 -4.23
C SER D 242 -22.45 -45.38 -5.73
N GLU D 243 -23.61 -45.40 -6.37
CA GLU D 243 -23.65 -45.26 -7.83
C GLU D 243 -22.93 -44.02 -8.36
N ASN D 244 -23.05 -42.89 -7.66
CA ASN D 244 -22.40 -41.67 -8.12
C ASN D 244 -21.39 -41.14 -7.12
N GLY D 245 -20.77 -42.05 -6.38
CA GLY D 245 -19.85 -41.69 -5.31
C GLY D 245 -18.59 -41.00 -5.79
N LYS D 246 -18.07 -40.10 -4.96
CA LYS D 246 -16.85 -39.38 -5.30
C LYS D 246 -15.73 -39.75 -4.34
N VAL D 247 -14.55 -40.04 -4.88
CA VAL D 247 -13.34 -40.06 -4.07
C VAL D 247 -12.70 -38.68 -4.15
N ILE D 248 -12.69 -37.97 -3.02
CA ILE D 248 -12.05 -36.67 -2.96
C ILE D 248 -10.60 -36.83 -2.53
N ASP D 249 -9.69 -36.78 -3.50
CA ASP D 249 -8.28 -37.02 -3.25
C ASP D 249 -7.61 -35.73 -2.79
N ILE D 250 -7.33 -35.60 -1.50
CA ILE D 250 -6.76 -34.32 -1.06
C ILE D 250 -5.26 -34.26 -1.26
N THR D 251 -4.67 -35.32 -1.79
CA THR D 251 -3.25 -35.30 -2.15
C THR D 251 -3.13 -35.58 -3.63
N PRO D 252 -3.65 -34.67 -4.47
CA PRO D 252 -3.68 -34.97 -5.90
C PRO D 252 -2.29 -34.96 -6.49
N GLY D 253 -1.94 -36.01 -7.23
CA GLY D 253 -0.69 -36.05 -7.95
C GLY D 253 -1.03 -36.29 -9.41
N PRO D 254 -0.01 -36.55 -10.23
CA PRO D 254 -0.22 -36.78 -11.66
C PRO D 254 -1.19 -37.93 -11.96
N ASN D 255 -1.12 -39.03 -11.21
CA ASN D 255 -2.07 -40.12 -11.41
C ASN D 255 -3.51 -39.65 -11.17
N ALA D 256 -3.73 -38.92 -10.08
CA ALA D 256 -5.06 -38.43 -9.75
C ALA D 256 -5.57 -37.53 -10.87
N MET D 257 -4.73 -36.61 -11.32
CA MET D 257 -5.13 -35.69 -12.38
C MET D 257 -5.53 -36.46 -13.63
N TRP D 258 -4.70 -37.44 -14.01
CA TRP D 258 -4.98 -38.23 -15.20
C TRP D 258 -6.29 -39.02 -15.03
N THR D 259 -6.44 -39.70 -13.89
CA THR D 259 -7.66 -40.45 -13.59
C THR D 259 -8.89 -39.53 -13.72
N TYR D 260 -8.80 -38.34 -13.12
CA TYR D 260 -9.84 -37.33 -13.22
C TYR D 260 -10.20 -37.02 -14.67
N ALA D 261 -9.16 -36.81 -15.47
CA ALA D 261 -9.34 -36.52 -16.88
C ALA D 261 -10.12 -37.63 -17.58
N VAL D 262 -9.70 -38.89 -17.43
CA VAL D 262 -10.30 -39.92 -18.26
C VAL D 262 -11.68 -40.26 -17.72
N LYS D 263 -11.91 -39.99 -16.44
CA LYS D 263 -13.24 -40.22 -15.89
C LYS D 263 -14.22 -39.09 -16.26
N LYS D 264 -13.69 -37.90 -16.55
CA LYS D 264 -14.48 -36.84 -17.17
C LYS D 264 -14.76 -37.19 -18.63
N ILE D 265 -13.70 -37.45 -19.40
CA ILE D 265 -13.81 -37.86 -20.80
C ILE D 265 -14.78 -39.01 -21.01
N THR D 266 -14.67 -40.07 -20.21
CA THR D 266 -15.51 -41.27 -20.43
C THR D 266 -16.86 -41.17 -19.75
N MET D 267 -17.11 -40.04 -19.10
CA MET D 267 -18.39 -39.79 -18.42
CA MET D 267 -18.39 -39.79 -18.43
C MET D 267 -18.72 -40.88 -17.41
N SER D 268 -17.74 -41.22 -16.57
CA SER D 268 -17.90 -42.23 -15.53
C SER D 268 -18.85 -41.71 -14.46
N LYS D 269 -19.73 -42.56 -13.97
CA LYS D 269 -20.66 -42.15 -12.92
C LYS D 269 -19.94 -41.97 -11.59
N LYS D 270 -19.07 -42.91 -11.24
CA LYS D 270 -18.18 -42.75 -10.06
C LYS D 270 -16.99 -41.88 -10.44
N GLN D 271 -16.71 -40.86 -9.61
CA GLN D 271 -15.73 -39.85 -9.95
CA GLN D 271 -15.70 -39.88 -9.96
C GLN D 271 -14.54 -39.84 -8.98
N LEU D 272 -13.38 -39.40 -9.45
CA LEU D 272 -12.26 -39.08 -8.57
C LEU D 272 -12.02 -37.59 -8.70
N VAL D 273 -12.04 -36.89 -7.56
CA VAL D 273 -11.99 -35.43 -7.56
C VAL D 273 -10.76 -34.90 -6.83
N PRO D 274 -9.83 -34.26 -7.56
CA PRO D 274 -8.70 -33.64 -6.87
C PRO D 274 -9.17 -32.46 -6.04
N LEU D 275 -8.46 -32.14 -4.96
CA LEU D 275 -8.82 -30.99 -4.14
C LEU D 275 -7.60 -30.14 -3.87
N LEU D 276 -7.72 -28.86 -4.15
CA LEU D 276 -6.68 -27.92 -3.83
C LEU D 276 -7.29 -26.86 -2.92
N LEU D 277 -6.74 -26.71 -1.72
CA LEU D 277 -7.34 -25.85 -0.71
C LEU D 277 -7.32 -24.38 -1.14
N ILE D 278 -8.49 -23.74 -1.04
CA ILE D 278 -8.61 -22.30 -1.16
C ILE D 278 -8.98 -21.69 0.21
N PRO D 279 -7.97 -21.13 0.92
CA PRO D 279 -8.15 -20.52 2.24
C PRO D 279 -8.94 -19.22 2.19
N LYS D 280 -10.02 -19.12 2.96
CA LYS D 280 -10.78 -17.88 3.04
C LYS D 280 -11.03 -17.55 4.50
N ALA D 281 -10.93 -16.27 4.85
CA ALA D 281 -11.18 -15.85 6.23
C ALA D 281 -12.56 -16.29 6.77
N GLU D 282 -13.60 -16.21 5.96
CA GLU D 282 -14.95 -16.60 6.39
C GLU D 282 -14.97 -18.03 6.93
N ASN D 283 -14.25 -18.90 6.23
CA ASN D 283 -14.17 -20.30 6.63
C ASN D 283 -13.31 -20.48 7.87
N LEU D 284 -12.21 -19.75 7.95
CA LEU D 284 -11.37 -19.81 9.15
C LEU D 284 -12.12 -19.30 10.39
N GLU D 285 -12.81 -18.19 10.22
CA GLU D 285 -13.68 -17.63 11.24
C GLU D 285 -14.70 -18.67 11.66
N PHE D 286 -15.26 -19.38 10.69
CA PHE D 286 -16.29 -20.38 10.93
C PHE D 286 -15.73 -21.56 11.73
N MET D 287 -14.56 -22.06 11.33
CA MET D 287 -13.88 -23.14 12.05
C MET D 287 -13.46 -22.73 13.46
N VAL D 288 -12.89 -21.53 13.60
CA VAL D 288 -12.49 -21.03 14.91
C VAL D 288 -13.70 -20.95 15.83
N ASN D 289 -14.85 -20.59 15.27
CA ASN D 289 -16.07 -20.51 16.04
C ASN D 289 -16.54 -21.88 16.51
N LEU D 290 -16.40 -22.88 15.64
CA LEU D 290 -16.78 -24.25 16.01
C LEU D 290 -15.92 -24.78 17.16
N VAL D 291 -14.65 -24.40 17.17
CA VAL D 291 -13.76 -24.79 18.27
C VAL D 291 -14.16 -24.08 19.56
N LYS D 292 -14.51 -22.80 19.45
CA LYS D 292 -14.98 -22.01 20.58
C LYS D 292 -16.21 -22.66 21.22
N GLU D 293 -17.16 -23.09 20.40
CA GLU D 293 -18.41 -23.67 20.86
C GLU D 293 -18.29 -25.15 21.23
N GLY D 294 -17.08 -25.69 21.13
CA GLY D 294 -16.83 -27.07 21.50
C GLY D 294 -17.37 -28.11 20.54
N LYS D 295 -17.83 -27.68 19.37
CA LYS D 295 -18.36 -28.62 18.38
C LYS D 295 -17.24 -29.35 17.64
N VAL D 296 -16.09 -28.70 17.55
CA VAL D 296 -14.88 -29.32 17.01
C VAL D 296 -13.75 -29.17 18.04
N LYS D 297 -12.97 -30.22 18.27
CA LYS D 297 -11.83 -30.09 19.15
C LYS D 297 -10.57 -30.34 18.35
N THR D 298 -9.57 -29.51 18.58
CA THR D 298 -8.26 -29.70 17.97
C THR D 298 -7.48 -30.72 18.78
N VAL D 299 -6.99 -31.78 18.13
CA VAL D 299 -6.16 -32.74 18.83
C VAL D 299 -4.70 -32.43 18.55
N ILE D 300 -3.91 -32.30 19.60
CA ILE D 300 -2.51 -31.94 19.43
C ILE D 300 -1.59 -33.14 19.64
N ASP D 301 -0.81 -33.47 18.62
CA ASP D 301 0.08 -34.62 18.67
C ASP D 301 1.22 -34.39 19.65
N SER D 302 1.88 -33.24 19.51
CA SER D 302 2.97 -32.87 20.40
C SER D 302 3.27 -31.36 20.31
N LYS D 303 3.96 -30.83 21.32
CA LYS D 303 4.39 -29.44 21.32
C LYS D 303 5.90 -29.37 21.42
N HIS D 304 6.52 -28.53 20.62
CA HIS D 304 7.97 -28.38 20.63
C HIS D 304 8.36 -26.91 20.69
N PRO D 305 9.35 -26.57 21.51
CA PRO D 305 9.86 -25.20 21.49
C PRO D 305 10.58 -24.91 20.16
N LEU D 306 10.58 -23.64 19.75
CA LEU D 306 11.25 -23.23 18.53
C LEU D 306 12.73 -23.64 18.55
N SER D 307 13.35 -23.60 19.72
CA SER D 307 14.77 -23.96 19.85
C SER D 307 15.05 -25.45 19.55
N LYS D 308 13.97 -26.24 19.50
CA LYS D 308 14.07 -27.65 19.18
C LYS D 308 13.13 -28.03 18.03
N ALA D 309 12.79 -27.06 17.19
CA ALA D 309 11.79 -27.25 16.13
C ALA D 309 12.16 -28.33 15.12
N GLU D 310 13.45 -28.64 14.98
CA GLU D 310 13.85 -29.72 14.10
C GLU D 310 13.26 -31.06 14.55
N ASP D 311 12.94 -31.18 15.84
CA ASP D 311 12.22 -32.34 16.34
C ASP D 311 10.80 -32.41 15.78
N ALA D 312 10.10 -31.27 15.78
CA ALA D 312 8.76 -31.22 15.20
C ALA D 312 8.82 -31.61 13.74
N TRP D 313 9.78 -31.02 13.03
CA TRP D 313 10.00 -31.31 11.62
C TRP D 313 10.17 -32.80 11.36
N ALA D 314 11.06 -33.43 12.13
CA ALA D 314 11.29 -34.87 12.01
C ALA D 314 9.99 -35.66 12.23
N LYS D 315 9.19 -35.21 13.19
CA LYS D 315 7.96 -35.90 13.55
C LYS D 315 6.97 -35.84 12.39
N SER D 316 6.93 -34.69 11.71
CA SER D 316 6.08 -34.51 10.52
C SER D 316 6.52 -35.43 9.39
N ILE D 317 7.80 -35.36 9.05
CA ILE D 317 8.43 -36.23 8.06
C ILE D 317 8.12 -37.72 8.30
N ASP D 318 8.11 -38.12 9.56
CA ASP D 318 7.91 -39.52 9.94
C ASP D 318 6.47 -39.99 9.68
N GLY D 319 5.53 -39.05 9.69
CA GLY D 319 4.16 -39.31 9.31
C GLY D 319 3.29 -40.13 10.25
N HIS D 320 3.67 -40.21 11.52
CA HIS D 320 2.84 -40.97 12.47
C HIS D 320 2.10 -40.09 13.44
N ALA D 321 1.99 -38.83 13.09
CA ALA D 321 1.32 -37.87 13.94
C ALA D 321 -0.16 -38.21 14.13
N THR D 322 -0.65 -38.06 15.35
CA THR D 322 -2.06 -38.20 15.63
C THR D 322 -2.57 -36.84 16.03
N GLY D 323 -3.32 -36.20 15.13
CA GLY D 323 -3.63 -34.78 15.31
C GLY D 323 -2.53 -33.87 14.74
N LYS D 324 -2.37 -32.68 15.31
CA LYS D 324 -1.46 -31.69 14.73
C LYS D 324 -0.18 -31.47 15.54
N ILE D 325 0.94 -31.35 14.85
CA ILE D 325 2.24 -31.08 15.48
C ILE D 325 2.40 -29.56 15.68
N ILE D 326 2.81 -29.13 16.86
CA ILE D 326 2.85 -27.71 17.18
C ILE D 326 4.24 -27.22 17.60
N VAL D 327 4.67 -26.10 17.06
CA VAL D 327 5.87 -25.42 17.55
C VAL D 327 5.47 -24.13 18.30
N GLU D 328 5.96 -24.00 19.54
CA GLU D 328 5.73 -22.85 20.42
C GLU D 328 7.01 -22.08 20.64
N PRO D 329 6.90 -20.82 21.08
CA PRO D 329 8.15 -20.12 21.40
C PRO D 329 8.67 -20.48 22.79
N MET E 6 -7.47 63.45 48.22
CA MET E 6 -7.53 64.13 46.92
C MET E 6 -8.72 63.69 46.08
N HIS E 7 -9.09 64.55 45.13
CA HIS E 7 -10.13 64.22 44.15
C HIS E 7 -9.50 63.38 43.05
N ALA E 8 -10.25 62.40 42.54
CA ALA E 8 -9.78 61.58 41.44
C ALA E 8 -10.95 60.96 40.71
N LEU E 9 -10.69 60.45 39.50
CA LEU E 9 -11.67 59.63 38.81
C LEU E 9 -11.16 58.19 38.78
N GLN E 10 -12.08 57.24 38.84
CA GLN E 10 -11.70 55.84 38.75
C GLN E 10 -12.85 55.00 38.22
N TYR E 11 -12.52 53.92 37.54
CA TYR E 11 -13.54 52.96 37.15
C TYR E 11 -13.38 51.72 38.00
N ASN E 12 -14.47 50.99 38.18
CA ASN E 12 -14.49 49.89 39.13
C ASN E 12 -14.70 48.55 38.44
N SER E 13 -14.83 48.58 37.12
CA SER E 13 -15.11 47.37 36.36
C SER E 13 -14.93 47.62 34.87
N TYR E 14 -15.01 46.53 34.09
CA TYR E 14 -14.88 46.63 32.65
C TYR E 14 -16.16 47.15 31.99
N GLY E 15 -16.01 47.83 30.86
CA GLY E 15 -17.12 48.11 29.97
C GLY E 15 -17.98 49.32 30.31
N GLY E 16 -17.55 50.12 31.28
CA GLY E 16 -18.36 51.23 31.75
C GLY E 16 -18.42 52.48 30.87
N GLY E 17 -17.44 52.66 30.00
CA GLY E 17 -17.37 53.88 29.21
C GLY E 17 -17.23 55.10 30.10
N ALA E 18 -17.62 56.27 29.60
CA ALA E 18 -17.52 57.50 30.39
C ALA E 18 -18.51 57.47 31.58
N ALA E 19 -19.60 56.74 31.41
CA ALA E 19 -20.57 56.59 32.49
C ALA E 19 -19.97 55.89 33.71
N GLY E 20 -19.13 54.88 33.45
CA GLY E 20 -18.51 54.09 34.50
C GLY E 20 -17.33 54.78 35.18
N LEU E 21 -16.95 55.94 34.67
CA LEU E 21 -15.94 56.77 35.29
C LEU E 21 -16.58 57.49 36.46
N GLU E 22 -16.03 57.31 37.66
CA GLU E 22 -16.70 57.82 38.85
C GLU E 22 -15.81 58.77 39.67
N HIS E 23 -16.35 59.94 40.01
CA HIS E 23 -15.62 60.92 40.81
C HIS E 23 -15.52 60.43 42.25
N VAL E 24 -14.30 60.36 42.78
CA VAL E 24 -14.09 59.83 44.13
C VAL E 24 -13.11 60.65 44.92
N GLN E 25 -13.10 60.42 46.23
CA GLN E 25 -12.17 61.04 47.16
C GLN E 25 -11.26 59.96 47.72
N VAL E 26 -9.96 60.04 47.43
CA VAL E 26 -9.04 58.97 47.81
C VAL E 26 -7.76 59.51 48.44
N PRO E 27 -7.04 58.66 49.20
CA PRO E 27 -5.76 59.09 49.78
C PRO E 27 -4.73 59.55 48.76
N VAL E 28 -4.08 60.67 49.05
CA VAL E 28 -2.93 61.12 48.29
C VAL E 28 -1.81 60.11 48.42
N PRO E 29 -1.26 59.66 47.28
CA PRO E 29 -0.23 58.62 47.31
C PRO E 29 1.06 59.09 47.97
N THR E 30 1.75 58.17 48.63
CA THR E 30 3.03 58.45 49.27
C THR E 30 4.18 57.95 48.41
N PRO E 31 5.15 58.82 48.12
CA PRO E 31 6.31 58.44 47.29
C PRO E 31 7.18 57.37 47.95
N LYS E 32 7.52 56.34 47.17
CA LYS E 32 8.53 55.37 47.59
C LYS E 32 9.90 56.03 47.49
N SER E 33 10.96 55.30 47.84
CA SER E 33 12.28 55.90 47.98
C SER E 33 12.82 56.48 46.68
N ASN E 34 12.31 55.99 45.55
CA ASN E 34 12.76 56.43 44.22
C ASN E 34 11.71 57.20 43.42
N GLU E 35 10.58 57.50 44.05
CA GLU E 35 9.48 58.18 43.37
C GLU E 35 9.43 59.65 43.76
N VAL E 36 8.72 60.44 42.98
CA VAL E 36 8.40 61.80 43.39
C VAL E 36 6.90 61.98 43.35
N CYS E 37 6.38 62.83 44.24
CA CYS E 37 4.97 63.13 44.26
C CYS E 37 4.70 64.47 43.57
N LEU E 38 3.87 64.46 42.53
CA LEU E 38 3.56 65.65 41.78
C LEU E 38 2.17 66.17 42.08
N LYS E 39 2.05 67.48 42.27
CA LYS E 39 0.76 68.15 42.20
C LYS E 39 0.49 68.41 40.72
N LEU E 40 -0.51 67.72 40.16
CA LEU E 40 -0.72 67.75 38.72
C LEU E 40 -1.22 69.10 38.20
N GLU E 41 -0.65 69.56 37.09
CA GLU E 41 -1.04 70.79 36.44
C GLU E 41 -1.70 70.50 35.08
N ALA E 42 -1.40 69.33 34.52
CA ALA E 42 -2.02 68.85 33.28
C ALA E 42 -1.84 67.34 33.10
N THR E 43 -2.89 66.68 32.64
CA THR E 43 -2.83 65.27 32.27
C THR E 43 -3.35 65.11 30.86
N SER E 44 -2.76 64.21 30.08
CA SER E 44 -3.28 63.97 28.73
C SER E 44 -3.73 62.54 28.59
N LEU E 45 -4.79 62.34 27.83
CA LEU E 45 -5.33 61.02 27.60
C LEU E 45 -4.72 60.36 26.36
N ASN E 46 -4.63 59.03 26.38
CA ASN E 46 -4.24 58.24 25.22
C ASN E 46 -5.28 57.16 24.99
N PRO E 47 -5.48 56.75 23.73
CA PRO E 47 -6.55 55.79 23.44
C PRO E 47 -6.42 54.50 24.28
N VAL E 48 -5.20 54.07 24.58
CA VAL E 48 -5.01 52.87 25.39
C VAL E 48 -5.74 52.99 26.74
N ASP E 49 -5.85 54.21 27.26
CA ASP E 49 -6.52 54.44 28.52
C ASP E 49 -7.95 53.91 28.53
N TRP E 50 -8.73 54.18 27.47
CA TRP E 50 -10.11 53.70 27.47
C TRP E 50 -10.17 52.24 27.01
N LYS E 51 -9.19 51.83 26.20
CA LYS E 51 -9.10 50.45 25.78
C LYS E 51 -8.91 49.51 26.97
N ILE E 52 -8.10 49.94 27.93
CA ILE E 52 -7.89 49.17 29.15
C ILE E 52 -9.22 48.99 29.87
N GLN E 53 -9.96 50.07 30.03
CA GLN E 53 -11.26 50.01 30.67
C GLN E 53 -12.23 49.10 29.92
N LYS E 54 -12.10 49.03 28.61
CA LYS E 54 -13.05 48.26 27.81
C LYS E 54 -12.76 46.77 27.94
N GLY E 55 -11.53 46.44 28.30
CA GLY E 55 -11.14 45.06 28.51
C GLY E 55 -10.28 44.54 27.39
N MET E 56 -9.81 45.45 26.56
CA MET E 56 -9.09 45.06 25.36
C MET E 56 -7.64 44.68 25.65
N ILE E 57 -7.17 44.96 26.86
CA ILE E 57 -5.78 44.68 27.19
C ILE E 57 -5.68 43.57 28.23
N ARG E 58 -6.79 42.86 28.43
CA ARG E 58 -6.77 41.67 29.26
C ARG E 58 -5.97 40.56 28.56
N PRO E 59 -5.23 39.76 29.34
CA PRO E 59 -5.21 39.72 30.80
C PRO E 59 -4.05 40.50 31.40
N PHE E 60 -3.49 41.44 30.65
CA PHE E 60 -2.37 42.24 31.14
C PHE E 60 -2.80 43.43 32.02
N LEU E 61 -3.79 44.20 31.57
CA LEU E 61 -4.25 45.39 32.27
C LEU E 61 -5.78 45.48 32.30
N PRO E 62 -6.35 46.09 33.35
CA PRO E 62 -5.66 46.68 34.50
C PRO E 62 -5.22 45.60 35.47
N ARG E 63 -4.24 45.87 36.31
CA ARG E 63 -3.81 44.85 37.29
C ARG E 63 -4.88 44.57 38.32
N LYS E 64 -5.54 45.62 38.80
CA LYS E 64 -6.52 45.49 39.86
C LYS E 64 -7.53 46.65 39.81
N PHE E 65 -8.77 46.38 40.24
CA PHE E 65 -9.77 47.43 40.39
C PHE E 65 -9.76 47.91 41.85
N PRO E 66 -10.12 49.19 42.08
CA PRO E 66 -10.44 50.22 41.09
C PRO E 66 -9.18 50.81 40.46
N CYS E 67 -9.35 51.43 39.30
CA CYS E 67 -8.23 51.94 38.54
C CYS E 67 -8.42 53.43 38.29
N ILE E 68 -7.39 54.22 38.60
CA ILE E 68 -7.36 55.64 38.24
C ILE E 68 -6.56 55.79 36.96
N PRO E 69 -7.24 56.13 35.84
CA PRO E 69 -6.61 56.06 34.51
C PRO E 69 -5.62 57.17 34.21
N ALA E 70 -4.88 57.00 33.11
CA ALA E 70 -4.00 57.99 32.46
C ALA E 70 -2.59 58.03 33.05
N THR E 71 -1.62 58.28 32.18
CA THR E 71 -0.20 58.14 32.52
C THR E 71 0.70 59.29 32.08
N ASP E 72 0.20 60.19 31.23
CA ASP E 72 0.97 61.35 30.80
C ASP E 72 0.66 62.60 31.62
N VAL E 73 1.60 63.06 32.43
CA VAL E 73 1.34 64.17 33.35
C VAL E 73 2.43 65.23 33.34
N ALA E 74 2.03 66.46 33.66
CA ALA E 74 2.97 67.53 33.97
C ALA E 74 2.51 68.16 35.28
N GLY E 75 3.45 68.58 36.13
CA GLY E 75 3.07 69.16 37.41
C GLY E 75 4.19 69.77 38.22
N GLU E 76 3.95 69.92 39.52
CA GLU E 76 4.94 70.46 40.43
C GLU E 76 5.25 69.41 41.50
N VAL E 77 6.55 69.23 41.76
CA VAL E 77 6.99 68.30 42.79
C VAL E 77 6.64 68.83 44.19
N VAL E 78 5.99 68.01 45.00
CA VAL E 78 5.60 68.44 46.34
C VAL E 78 6.31 67.62 47.40
N LYS E 88 13.68 68.25 43.61
CA LYS E 88 13.31 68.78 44.91
C LYS E 88 11.91 69.37 44.84
N ALA E 89 11.33 69.66 45.99
CA ALA E 89 10.00 70.27 46.03
C ALA E 89 10.02 71.64 45.33
N GLY E 90 9.00 71.88 44.51
CA GLY E 90 8.90 73.14 43.79
C GLY E 90 9.26 73.04 42.33
N ASP E 91 10.01 71.99 41.95
CA ASP E 91 10.44 71.80 40.56
C ASP E 91 9.27 71.48 39.63
N LYS E 92 9.19 72.18 38.50
CA LYS E 92 8.20 71.88 37.47
C LYS E 92 8.68 70.69 36.64
N VAL E 93 7.84 69.67 36.50
CA VAL E 93 8.26 68.49 35.76
C VAL E 93 7.20 67.97 34.76
N VAL E 94 7.64 67.02 33.94
CA VAL E 94 6.77 66.24 33.07
C VAL E 94 7.19 64.79 33.26
N ALA E 95 6.23 63.87 33.33
CA ALA E 95 6.54 62.49 33.69
C ALA E 95 5.64 61.45 33.04
N VAL E 96 6.10 60.21 33.02
CA VAL E 96 5.26 59.07 32.63
C VAL E 96 4.97 58.23 33.86
N LEU E 97 3.69 57.99 34.11
CA LEU E 97 3.31 57.12 35.22
C LEU E 97 3.30 55.67 34.75
N SER E 98 3.43 54.74 35.68
CA SER E 98 3.33 53.34 35.34
C SER E 98 1.91 52.95 34.91
N HIS E 99 1.79 52.27 33.78
CA HIS E 99 0.50 51.77 33.33
C HIS E 99 -0.07 50.75 34.31
N LEU E 100 0.79 50.25 35.19
CA LEU E 100 0.39 49.28 36.18
C LEU E 100 -0.53 49.93 37.19
N GLY E 101 -0.11 51.09 37.71
CA GLY E 101 -0.82 51.75 38.80
C GLY E 101 -1.62 52.97 38.41
N GLY E 102 -1.19 53.65 37.35
CA GLY E 102 -1.85 54.82 36.81
C GLY E 102 -1.95 56.00 37.77
N GLY E 103 -2.94 56.84 37.57
CA GLY E 103 -3.20 57.93 38.48
C GLY E 103 -3.07 59.30 37.86
N GLY E 104 -3.35 59.41 36.56
CA GLY E 104 -3.29 60.69 35.87
C GLY E 104 -4.49 61.59 36.14
N LEU E 105 -5.69 61.01 36.21
CA LEU E 105 -6.90 61.77 36.54
C LEU E 105 -7.08 61.92 38.05
N ALA E 106 -6.21 62.71 38.65
CA ALA E 106 -6.24 63.00 40.07
C ALA E 106 -5.52 64.31 40.33
N GLU E 107 -5.59 64.79 41.57
CA GLU E 107 -4.93 66.04 41.94
C GLU E 107 -3.43 65.80 42.13
N PHE E 108 -3.11 64.60 42.60
CA PHE E 108 -1.73 64.21 42.88
C PHE E 108 -1.41 62.85 42.30
N ALA E 109 -0.14 62.64 41.93
CA ALA E 109 0.31 61.34 41.44
C ALA E 109 1.78 61.13 41.75
N VAL E 110 2.20 59.87 41.83
CA VAL E 110 3.62 59.58 42.01
C VAL E 110 4.23 59.04 40.73
N ALA E 111 5.46 59.45 40.46
CA ALA E 111 6.20 58.99 39.28
C ALA E 111 7.60 58.58 39.70
N THR E 112 8.20 57.62 39.01
CA THR E 112 9.56 57.24 39.34
C THR E 112 10.49 58.34 38.85
N GLU E 113 11.67 58.41 39.46
CA GLU E 113 12.67 59.40 39.07
C GLU E 113 13.15 59.14 37.65
N LYS E 114 13.31 57.85 37.33
CA LYS E 114 13.74 57.40 36.01
C LYS E 114 12.84 57.91 34.87
N LEU E 115 11.56 58.13 35.15
CA LEU E 115 10.62 58.56 34.12
C LEU E 115 10.10 59.97 34.34
N THR E 116 10.90 60.79 35.02
CA THR E 116 10.54 62.20 35.26
C THR E 116 11.62 63.12 34.70
N VAL E 117 11.19 64.19 34.04
CA VAL E 117 12.08 65.13 33.40
C VAL E 117 11.74 66.57 33.77
N LYS E 118 12.75 67.39 34.03
CA LYS E 118 12.51 68.81 34.32
C LYS E 118 11.87 69.54 33.14
N ARG E 119 10.80 70.27 33.43
CA ARG E 119 10.07 71.04 32.44
C ARG E 119 10.50 72.50 32.45
N PRO E 120 11.26 72.92 31.44
CA PRO E 120 11.72 74.32 31.34
C PRO E 120 10.56 75.31 31.29
N VAL E 123 8.08 75.99 28.39
CA VAL E 123 7.11 74.96 28.02
C VAL E 123 5.98 74.83 29.05
N GLY E 124 4.75 75.07 28.61
CA GLY E 124 3.59 74.98 29.48
C GLY E 124 3.32 73.56 29.93
N ALA E 125 2.47 73.41 30.94
CA ALA E 125 2.18 72.09 31.49
C ALA E 125 1.42 71.22 30.48
N ALA E 126 0.40 71.77 29.84
CA ALA E 126 -0.41 71.01 28.90
C ALA E 126 0.42 70.61 27.70
N GLU E 127 1.24 71.55 27.22
CA GLU E 127 2.10 71.32 26.06
C GLU E 127 3.11 70.19 26.34
N ALA E 128 3.50 70.04 27.60
CA ALA E 128 4.46 69.02 27.97
C ALA E 128 3.82 67.66 28.28
N ALA E 129 2.61 67.68 28.86
CA ALA E 129 1.92 66.45 29.23
C ALA E 129 1.44 65.69 28.00
N ALA E 130 1.38 66.37 26.86
CA ALA E 130 0.95 65.71 25.63
C ALA E 130 2.03 64.83 25.06
N LEU E 131 3.27 65.09 25.49
CA LEU E 131 4.46 64.42 24.95
C LEU E 131 4.70 62.93 25.27
N PRO E 132 4.65 62.53 26.57
CA PRO E 132 5.20 61.22 26.94
C PRO E 132 4.80 60.02 26.07
N VAL E 133 3.53 59.65 25.99
CA VAL E 133 3.18 58.48 25.18
C VAL E 133 3.14 58.81 23.67
N ALA E 134 2.36 59.81 23.29
CA ALA E 134 2.19 60.13 21.87
C ALA E 134 3.51 60.52 21.21
N GLY E 135 4.26 61.40 21.85
CA GLY E 135 5.51 61.90 21.29
C GLY E 135 6.67 60.92 21.29
N LEU E 136 6.83 60.17 22.38
CA LEU E 136 7.95 59.21 22.45
C LEU E 136 7.76 58.03 21.51
N THR E 137 6.49 57.69 21.26
CA THR E 137 6.16 56.66 20.28
C THR E 137 6.52 57.10 18.87
N ALA E 138 6.17 58.34 18.50
CA ALA E 138 6.53 58.88 17.20
C ALA E 138 8.05 58.90 17.06
N LEU E 139 8.72 59.33 18.13
CA LEU E 139 10.17 59.41 18.12
C LEU E 139 10.78 58.04 17.96
N GLN E 140 10.22 57.05 18.63
CA GLN E 140 10.79 55.70 18.59
C GLN E 140 10.61 55.07 17.21
N ALA E 141 9.43 55.27 16.63
CA ALA E 141 9.10 54.70 15.33
C ALA E 141 10.04 55.20 14.24
N LEU E 142 10.34 56.50 14.26
CA LEU E 142 11.18 57.10 13.24
C LEU E 142 12.67 56.87 13.49
N THR E 143 13.02 56.70 14.76
CA THR E 143 14.43 56.54 15.14
C THR E 143 14.94 55.09 15.03
N ASN E 144 14.14 54.11 15.45
CA ASN E 144 14.58 52.72 15.39
C ASN E 144 14.18 52.03 14.06
N PRO E 145 12.92 51.58 13.89
CA PRO E 145 12.68 50.83 12.64
C PRO E 145 12.88 51.63 11.33
N ALA E 146 12.44 52.89 11.30
CA ALA E 146 12.59 53.70 10.08
C ALA E 146 14.05 54.10 9.86
N GLY E 147 14.82 54.12 10.94
CA GLY E 147 16.25 54.39 10.90
C GLY E 147 16.64 55.80 10.52
N LEU E 148 15.82 56.78 10.87
CA LEU E 148 16.11 58.17 10.53
C LEU E 148 16.98 58.81 11.62
N LYS E 149 17.59 59.94 11.27
CA LYS E 149 18.33 60.77 12.22
C LYS E 149 17.78 62.17 12.17
N LEU E 150 17.60 62.79 13.33
CA LEU E 150 16.94 64.08 13.39
C LEU E 150 17.88 65.29 13.35
N ASP E 151 19.18 65.05 13.19
CA ASP E 151 20.12 66.16 13.11
C ASP E 151 20.39 66.57 11.65
N GLY E 152 20.42 65.59 10.74
CA GLY E 152 20.70 65.89 9.35
C GLY E 152 21.68 64.92 8.72
N THR E 153 22.43 64.21 9.56
CA THR E 153 23.24 63.08 9.11
C THR E 153 22.44 62.07 8.29
N GLY E 154 21.21 61.82 8.75
CA GLY E 154 20.38 60.72 8.28
C GLY E 154 20.18 60.57 6.79
N LYS E 155 19.73 59.36 6.42
CA LYS E 155 19.43 59.04 5.04
C LYS E 155 18.14 59.71 4.56
N LYS E 156 18.10 60.14 3.30
CA LYS E 156 16.86 60.66 2.73
C LYS E 156 15.83 59.53 2.74
N ALA E 157 14.54 59.86 2.87
CA ALA E 157 13.52 58.81 2.99
C ALA E 157 12.11 59.30 2.69
N ASN E 158 11.27 58.38 2.22
CA ASN E 158 9.85 58.66 2.05
C ASN E 158 9.02 58.07 3.20
N ILE E 159 8.37 58.94 3.96
CA ILE E 159 7.57 58.47 5.06
C ILE E 159 6.09 58.67 4.78
N LEU E 160 5.30 57.64 5.07
CA LEU E 160 3.85 57.75 5.12
C LEU E 160 3.45 57.78 6.58
N VAL E 161 2.60 58.74 6.95
CA VAL E 161 2.05 58.78 8.30
C VAL E 161 0.54 58.71 8.22
N THR E 162 -0.03 57.57 8.57
CA THR E 162 -1.49 57.48 8.58
C THR E 162 -2.03 58.09 9.88
N ALA E 163 -3.23 58.65 9.81
CA ALA E 163 -3.87 59.30 10.95
C ALA E 163 -2.97 60.39 11.48
N ALA E 164 -2.46 61.20 10.58
CA ALA E 164 -1.51 62.26 10.92
C ALA E 164 -2.12 63.36 11.78
N SER E 165 -3.44 63.35 11.96
CA SER E 165 -4.11 64.39 12.73
C SER E 165 -4.26 64.02 14.21
N GLY E 166 -3.95 62.76 14.53
CA GLY E 166 -4.03 62.28 15.89
C GLY E 166 -2.80 62.59 16.73
N GLY E 167 -2.79 62.09 17.97
CA GLY E 167 -1.70 62.33 18.90
C GLY E 167 -0.33 61.93 18.37
N VAL E 168 -0.13 60.63 18.16
CA VAL E 168 1.13 60.15 17.62
C VAL E 168 1.39 60.74 16.25
N GLY E 169 0.37 60.68 15.39
CA GLY E 169 0.47 61.11 14.02
C GLY E 169 1.01 62.52 13.83
N HIS E 170 0.50 63.45 14.64
CA HIS E 170 0.84 64.86 14.44
C HIS E 170 2.23 65.18 14.96
N TYR E 171 2.75 64.35 15.85
CA TYR E 171 4.16 64.44 16.23
C TYR E 171 5.03 63.80 15.16
N ALA E 172 4.59 62.65 14.66
CA ALA E 172 5.33 61.90 13.67
C ALA E 172 5.61 62.74 12.45
N VAL E 173 4.61 63.49 11.97
CA VAL E 173 4.77 64.31 10.78
C VAL E 173 5.87 65.35 10.99
N GLN E 174 5.86 66.02 12.14
CA GLN E 174 6.86 67.05 12.47
C GLN E 174 8.25 66.48 12.65
N LEU E 175 8.34 65.39 13.40
CA LEU E 175 9.63 64.75 13.67
C LEU E 175 10.24 64.24 12.36
N ALA E 176 9.39 63.70 11.50
CA ALA E 176 9.84 63.19 10.20
C ALA E 176 10.48 64.30 9.36
N LYS E 177 9.91 65.50 9.40
CA LYS E 177 10.47 66.62 8.64
C LYS E 177 11.83 67.06 9.19
N LEU E 178 12.00 67.03 10.51
CA LEU E 178 13.31 67.32 11.11
C LEU E 178 14.37 66.33 10.61
N ALA E 179 13.92 65.16 10.19
CA ALA E 179 14.80 64.14 9.66
C ALA E 179 15.03 64.28 8.16
N ASN E 180 14.55 65.37 7.56
CA ASN E 180 14.67 65.61 6.12
C ASN E 180 14.04 64.51 5.26
N ALA E 181 12.85 64.06 5.66
CA ALA E 181 12.13 63.04 4.91
C ALA E 181 10.97 63.65 4.13
N HIS E 182 10.59 62.97 3.06
CA HIS E 182 9.38 63.34 2.34
C HIS E 182 8.16 62.71 3.01
N VAL E 183 7.27 63.54 3.52
CA VAL E 183 6.14 63.04 4.30
C VAL E 183 4.83 63.03 3.52
N THR E 184 4.24 61.84 3.41
CA THR E 184 2.89 61.69 2.90
C THR E 184 2.01 61.40 4.10
N ALA E 185 0.87 62.07 4.22
CA ALA E 185 0.02 61.88 5.39
C ALA E 185 -1.43 61.62 5.03
N THR E 186 -2.12 60.82 5.83
CA THR E 186 -3.56 60.65 5.67
C THR E 186 -4.31 61.23 6.86
N CYS E 187 -5.50 61.78 6.59
CA CYS E 187 -6.38 62.28 7.64
C CYS E 187 -7.75 62.51 7.05
N GLY E 188 -8.67 63.00 7.88
CA GLY E 188 -10.00 63.36 7.41
C GLY E 188 -9.98 64.66 6.63
N ALA E 189 -11.05 64.91 5.87
CA ALA E 189 -11.13 66.10 5.03
C ALA E 189 -10.93 67.42 5.80
N ARG E 190 -11.41 67.47 7.04
CA ARG E 190 -11.36 68.72 7.80
C ARG E 190 -9.97 69.10 8.30
N ASN E 191 -9.05 68.15 8.32
CA ASN E 191 -7.73 68.45 8.85
C ASN E 191 -6.65 68.51 7.80
N ILE E 192 -7.04 68.53 6.53
CA ILE E 192 -6.06 68.55 5.46
C ILE E 192 -5.15 69.77 5.58
N GLU E 193 -5.74 70.95 5.80
CA GLU E 193 -4.92 72.14 5.92
C GLU E 193 -4.09 72.08 7.20
N PHE E 194 -4.68 71.52 8.25
CA PHE E 194 -3.96 71.32 9.50
C PHE E 194 -2.70 70.48 9.33
N VAL E 195 -2.83 69.29 8.74
CA VAL E 195 -1.68 68.40 8.56
C VAL E 195 -0.62 69.04 7.64
N LYS E 196 -1.05 69.83 6.65
CA LYS E 196 -0.12 70.55 5.81
C LYS E 196 0.71 71.56 6.62
N SER E 197 0.09 72.19 7.61
CA SER E 197 0.79 73.16 8.45
C SER E 197 1.85 72.52 9.36
N LEU E 198 1.73 71.22 9.61
CA LEU E 198 2.71 70.49 10.42
C LEU E 198 3.96 70.19 9.61
N GLY E 199 3.84 70.25 8.29
CA GLY E 199 4.97 70.11 7.41
C GLY E 199 4.85 68.98 6.39
N ALA E 200 3.67 68.37 6.27
CA ALA E 200 3.49 67.26 5.35
C ALA E 200 3.58 67.72 3.90
N ASP E 201 4.32 66.99 3.08
CA ASP E 201 4.50 67.35 1.68
C ASP E 201 3.28 66.98 0.85
N GLU E 202 2.60 65.91 1.24
CA GLU E 202 1.35 65.49 0.60
C GLU E 202 0.34 65.05 1.64
N VAL E 203 -0.92 65.43 1.46
CA VAL E 203 -1.97 64.99 2.38
C VAL E 203 -3.13 64.33 1.64
N LEU E 204 -3.50 63.14 2.09
CA LEU E 204 -4.63 62.41 1.53
C LEU E 204 -5.86 62.40 2.45
N ASP E 205 -7.04 62.58 1.87
CA ASP E 205 -8.29 62.36 2.59
C ASP E 205 -8.61 60.88 2.54
N TYR E 206 -8.65 60.22 3.70
CA TYR E 206 -8.70 58.77 3.73
C TYR E 206 -10.06 58.19 3.33
N LYS E 207 -11.06 59.07 3.16
CA LYS E 207 -12.39 58.68 2.70
C LYS E 207 -12.45 58.59 1.16
N THR E 208 -11.58 59.33 0.48
CA THR E 208 -11.46 59.27 -0.98
C THR E 208 -10.82 57.96 -1.41
N PRO E 209 -11.09 57.52 -2.65
CA PRO E 209 -10.49 56.28 -3.17
C PRO E 209 -8.97 56.24 -3.10
N GLU E 210 -8.34 57.39 -3.35
CA GLU E 210 -6.89 57.48 -3.38
C GLU E 210 -6.29 57.39 -1.99
N GLY E 211 -6.96 58.04 -1.03
CA GLY E 211 -6.54 57.95 0.36
C GLY E 211 -6.65 56.54 0.88
N ALA E 212 -7.72 55.84 0.51
CA ALA E 212 -7.96 54.47 0.94
C ALA E 212 -6.94 53.51 0.37
N ALA E 213 -6.39 53.86 -0.79
CA ALA E 213 -5.36 53.05 -1.44
C ALA E 213 -3.97 53.46 -1.00
N LEU E 214 -3.92 54.51 -0.17
CA LEU E 214 -2.68 55.07 0.36
C LEU E 214 -1.74 55.45 -0.76
N LYS E 215 -2.31 55.93 -1.86
CA LYS E 215 -1.52 56.14 -3.06
C LYS E 215 -0.99 57.57 -3.16
N SER E 216 0.33 57.69 -3.17
CA SER E 216 0.99 59.00 -3.23
C SER E 216 0.64 59.76 -4.51
N PRO E 217 0.17 61.00 -4.37
CA PRO E 217 -0.19 61.82 -5.53
C PRO E 217 0.99 62.15 -6.44
N SER E 218 2.22 61.90 -6.02
CA SER E 218 3.40 62.10 -6.88
C SER E 218 4.13 60.81 -7.18
N GLY E 219 3.54 59.69 -6.79
CA GLY E 219 4.06 58.38 -7.17
C GLY E 219 5.11 57.80 -6.25
N LYS E 220 5.35 58.44 -5.11
CA LYS E 220 6.39 57.96 -4.19
C LYS E 220 6.10 56.57 -3.61
N LYS E 221 7.12 55.73 -3.53
CA LYS E 221 7.02 54.50 -2.77
C LYS E 221 7.61 54.75 -1.38
N TYR E 222 6.93 54.25 -0.35
CA TYR E 222 7.30 54.60 1.02
C TYR E 222 8.37 53.66 1.57
N ASP E 223 9.35 54.24 2.26
CA ASP E 223 10.40 53.46 2.88
C ASP E 223 9.94 52.95 4.25
N ALA E 224 9.14 53.75 4.93
CA ALA E 224 8.54 53.34 6.19
C ALA E 224 7.22 54.05 6.40
N VAL E 225 6.28 53.33 6.99
CA VAL E 225 5.00 53.91 7.31
C VAL E 225 4.86 53.99 8.81
N VAL E 226 4.59 55.18 9.35
CA VAL E 226 4.19 55.26 10.75
C VAL E 226 2.67 55.10 10.79
N HIS E 227 2.22 53.86 10.96
CA HIS E 227 0.81 53.49 10.90
C HIS E 227 0.05 53.75 12.22
N CYS E 228 -0.66 54.87 12.28
CA CYS E 228 -1.37 55.29 13.49
C CYS E 228 -2.88 55.09 13.40
N ALA E 229 -3.37 54.63 12.27
CA ALA E 229 -4.79 54.30 12.10
C ALA E 229 -4.99 52.80 12.32
N ASN E 230 -6.16 52.27 11.96
CA ASN E 230 -6.47 50.89 12.33
C ASN E 230 -7.12 49.98 11.28
N GLY E 231 -7.70 50.56 10.23
CA GLY E 231 -8.49 49.75 9.32
C GLY E 231 -7.74 48.88 8.31
N ILE E 232 -6.43 49.06 8.22
CA ILE E 232 -5.72 48.69 6.99
C ILE E 232 -4.90 47.40 7.04
N PRO E 233 -5.27 46.44 6.17
CA PRO E 233 -4.51 45.19 6.01
C PRO E 233 -3.26 45.39 5.15
N PHE E 234 -2.24 44.56 5.37
CA PHE E 234 -0.95 44.77 4.71
C PHE E 234 -1.03 44.87 3.20
N SER E 235 -1.97 44.15 2.59
CA SER E 235 -2.13 44.15 1.14
C SER E 235 -2.37 45.54 0.56
N VAL E 236 -2.93 46.45 1.36
CA VAL E 236 -3.16 47.82 0.91
C VAL E 236 -1.87 48.66 0.91
N PHE E 237 -1.05 48.46 1.94
CA PHE E 237 0.27 49.08 2.03
C PHE E 237 1.26 48.60 0.95
N GLU E 238 1.31 47.28 0.73
CA GLU E 238 2.31 46.62 -0.12
C GLU E 238 2.65 47.27 -1.49
N PRO E 239 1.64 47.57 -2.34
CA PRO E 239 2.02 48.19 -3.61
C PRO E 239 2.70 49.57 -3.45
N ASN E 240 2.52 50.19 -2.28
CA ASN E 240 3.05 51.53 -2.04
C ASN E 240 4.41 51.52 -1.35
N LEU E 241 4.89 50.35 -0.99
CA LEU E 241 6.18 50.26 -0.32
C LEU E 241 7.34 50.14 -1.29
N SER E 242 8.46 50.75 -0.92
CA SER E 242 9.72 50.55 -1.64
C SER E 242 10.16 49.10 -1.47
N GLU E 243 11.24 48.69 -2.13
CA GLU E 243 11.59 47.28 -2.16
C GLU E 243 11.75 46.65 -0.77
N ASN E 244 12.32 47.40 0.17
CA ASN E 244 12.49 46.89 1.52
C ASN E 244 11.74 47.72 2.56
N GLY E 245 10.63 48.31 2.15
CA GLY E 245 9.86 49.19 3.02
C GLY E 245 9.25 48.48 4.21
N LYS E 246 9.13 49.21 5.31
CA LYS E 246 8.52 48.68 6.53
C LYS E 246 7.21 49.40 6.86
N VAL E 247 6.16 48.64 7.16
CA VAL E 247 5.00 49.22 7.83
C VAL E 247 5.20 49.13 9.34
N ILE E 248 5.31 50.26 10.01
CA ILE E 248 5.48 50.24 11.46
C ILE E 248 4.12 50.37 12.14
N ASP E 249 3.58 49.25 12.58
CA ASP E 249 2.24 49.19 13.15
C ASP E 249 2.29 49.57 14.60
N ILE E 250 1.89 50.78 14.95
CA ILE E 250 2.00 51.16 16.37
C ILE E 250 0.79 50.70 17.17
N THR E 251 -0.16 50.03 16.54
CA THR E 251 -1.25 49.40 17.26
C THR E 251 -1.21 47.89 17.00
N PRO E 252 -0.16 47.23 17.47
CA PRO E 252 -0.04 45.82 17.12
C PRO E 252 -1.10 44.95 17.79
N GLY E 253 -1.81 44.16 17.01
CA GLY E 253 -2.72 43.19 17.60
C GLY E 253 -2.27 41.82 17.17
N PRO E 254 -3.07 40.81 17.46
CA PRO E 254 -2.78 39.44 17.03
C PRO E 254 -2.53 39.32 15.51
N ASN E 255 -3.29 40.01 14.66
CA ASN E 255 -3.06 39.94 13.22
C ASN E 255 -1.66 40.43 12.88
N ALA E 256 -1.29 41.57 13.45
CA ALA E 256 0.02 42.17 13.18
C ALA E 256 1.14 41.24 13.64
N MET E 257 1.02 40.70 14.84
CA MET E 257 1.99 39.72 15.31
C MET E 257 2.13 38.54 14.35
N TRP E 258 1.00 37.99 13.92
CA TRP E 258 1.05 36.84 13.03
C TRP E 258 1.70 37.23 11.72
N THR E 259 1.28 38.38 11.17
CA THR E 259 1.83 38.88 9.91
C THR E 259 3.36 38.98 10.02
N TYR E 260 3.79 39.63 11.10
CA TYR E 260 5.20 39.74 11.44
C TYR E 260 5.90 38.38 11.41
N ALA E 261 5.31 37.41 12.09
CA ALA E 261 5.85 36.07 12.16
C ALA E 261 6.05 35.46 10.77
N VAL E 262 5.03 35.53 9.89
CA VAL E 262 5.15 34.77 8.64
C VAL E 262 6.01 35.52 7.66
N LYS E 263 6.11 36.83 7.86
CA LYS E 263 7.01 37.61 7.01
C LYS E 263 8.46 37.47 7.46
N LYS E 264 8.70 37.15 8.72
CA LYS E 264 10.03 36.74 9.15
C LYS E 264 10.34 35.35 8.61
N ILE E 265 9.43 34.40 8.86
CA ILE E 265 9.56 33.02 8.41
C ILE E 265 9.82 32.92 6.90
N THR E 266 9.03 33.64 6.11
CA THR E 266 9.14 33.56 4.65
C THR E 266 10.17 34.52 4.08
N MET E 267 10.84 35.25 4.95
CA MET E 267 11.93 36.13 4.56
C MET E 267 11.46 37.10 3.47
N SER E 268 10.33 37.73 3.74
CA SER E 268 9.77 38.76 2.87
C SER E 268 10.63 40.00 2.93
N LYS E 269 10.84 40.62 1.77
CA LYS E 269 11.64 41.83 1.71
C LYS E 269 10.89 43.00 2.33
N LYS E 270 9.61 43.12 2.04
CA LYS E 270 8.76 44.15 2.67
C LYS E 270 8.28 43.60 4.00
N GLN E 271 8.39 44.41 5.06
CA GLN E 271 8.22 43.92 6.41
C GLN E 271 7.06 44.62 7.11
N LEU E 272 6.40 43.93 8.05
CA LEU E 272 5.50 44.61 8.97
C LEU E 272 6.11 44.49 10.37
N VAL E 273 6.26 45.62 11.03
CA VAL E 273 6.98 45.70 12.29
C VAL E 273 6.11 46.25 13.43
N PRO E 274 5.81 45.39 14.41
CA PRO E 274 5.03 45.87 15.55
C PRO E 274 5.90 46.83 16.35
N LEU E 275 5.29 47.77 17.06
CA LEU E 275 6.06 48.66 17.90
C LEU E 275 5.46 48.75 19.28
N LEU E 276 6.28 48.53 20.29
CA LEU E 276 5.83 48.68 21.65
C LEU E 276 6.70 49.75 22.31
N LEU E 277 6.08 50.83 22.76
CA LEU E 277 6.84 51.96 23.28
C LEU E 277 7.68 51.60 24.51
N ILE E 278 8.96 51.93 24.44
CA ILE E 278 9.84 51.92 25.62
C ILE E 278 10.21 53.34 26.06
N PRO E 279 9.51 53.86 27.08
CA PRO E 279 9.72 55.23 27.57
C PRO E 279 11.06 55.38 28.25
N LYS E 280 11.87 56.35 27.82
CA LYS E 280 13.13 56.65 28.49
C LYS E 280 13.27 58.14 28.73
N ALA E 281 13.82 58.53 29.88
CA ALA E 281 13.95 59.94 30.24
C ALA E 281 14.75 60.74 29.19
N GLU E 282 15.84 60.16 28.68
CA GLU E 282 16.68 60.82 27.68
C GLU E 282 15.84 61.26 26.49
N ASN E 283 14.93 60.40 26.06
CA ASN E 283 14.06 60.70 24.94
C ASN E 283 13.03 61.77 25.30
N LEU E 284 12.47 61.67 26.52
CA LEU E 284 11.49 62.66 26.97
C LEU E 284 12.16 64.03 27.10
N GLU E 285 13.37 64.04 27.63
CA GLU E 285 14.19 65.23 27.75
C GLU E 285 14.41 65.85 26.38
N PHE E 286 14.75 64.98 25.42
CA PHE E 286 14.97 65.37 24.04
C PHE E 286 13.74 65.98 23.39
N MET E 287 12.58 65.34 23.55
CA MET E 287 11.33 65.86 23.00
C MET E 287 10.94 67.19 23.66
N VAL E 288 11.06 67.27 24.98
CA VAL E 288 10.73 68.49 25.71
C VAL E 288 11.60 69.63 25.20
N ASN E 289 12.86 69.32 24.93
CA ASN E 289 13.77 70.32 24.39
C ASN E 289 13.35 70.81 23.00
N LEU E 290 12.88 69.90 22.16
CA LEU E 290 12.42 70.27 20.83
C LEU E 290 11.23 71.20 20.88
N VAL E 291 10.37 71.00 21.88
CA VAL E 291 9.21 71.87 22.06
C VAL E 291 9.65 73.25 22.54
N LYS E 292 10.63 73.26 23.44
CA LYS E 292 11.23 74.50 23.94
C LYS E 292 11.80 75.34 22.79
N GLU E 293 12.52 74.69 21.89
CA GLU E 293 13.18 75.37 20.78
C GLU E 293 12.23 75.62 19.60
N GLY E 294 10.96 75.30 19.77
CA GLY E 294 9.97 75.55 18.74
C GLY E 294 10.04 74.68 17.50
N LYS E 295 10.86 73.63 17.54
CA LYS E 295 11.01 72.71 16.42
C LYS E 295 9.85 71.71 16.33
N VAL E 296 9.23 71.44 17.48
CA VAL E 296 8.01 70.65 17.54
C VAL E 296 6.96 71.43 18.32
N LYS E 297 5.73 71.49 17.83
CA LYS E 297 4.66 72.13 18.60
C LYS E 297 3.63 71.11 19.00
N THR E 298 3.18 71.19 20.24
CA THR E 298 2.11 70.33 20.71
C THR E 298 0.78 70.93 20.31
N VAL E 299 -0.04 70.17 19.61
CA VAL E 299 -1.38 70.64 19.27
C VAL E 299 -2.38 70.08 20.28
N ILE E 300 -3.17 70.97 20.89
CA ILE E 300 -4.11 70.53 21.90
C ILE E 300 -5.54 70.53 21.36
N ASP E 301 -6.16 69.36 21.40
CA ASP E 301 -7.53 69.20 20.89
C ASP E 301 -8.53 69.95 21.74
N SER E 302 -8.45 69.77 23.06
CA SER E 302 -9.35 70.44 24.00
C SER E 302 -8.80 70.36 25.42
N LYS E 303 -9.27 71.23 26.30
CA LYS E 303 -8.90 71.18 27.71
C LYS E 303 -10.15 70.99 28.53
N HIS E 304 -10.08 70.15 29.56
CA HIS E 304 -11.23 69.90 30.41
C HIS E 304 -10.80 69.95 31.88
N PRO E 305 -11.63 70.55 32.74
CA PRO E 305 -11.33 70.51 34.17
C PRO E 305 -11.52 69.10 34.74
N LEU E 306 -10.79 68.76 35.80
CA LEU E 306 -10.88 67.45 36.42
C LEU E 306 -12.32 67.15 36.84
N SER E 307 -13.05 68.18 37.26
CA SER E 307 -14.43 68.02 37.69
C SER E 307 -15.37 67.60 36.55
N LYS E 308 -14.90 67.73 35.31
CA LYS E 308 -15.66 67.35 34.13
C LYS E 308 -14.86 66.39 33.25
N ALA E 309 -13.92 65.66 33.85
CA ALA E 309 -12.99 64.82 33.09
C ALA E 309 -13.68 63.72 32.29
N GLU E 310 -14.88 63.31 32.70
CA GLU E 310 -15.61 62.31 31.93
C GLU E 310 -15.88 62.79 30.51
N ASP E 311 -15.92 64.11 30.31
CA ASP E 311 -16.04 64.69 28.97
C ASP E 311 -14.78 64.42 28.15
N ALA E 312 -13.61 64.59 28.76
CA ALA E 312 -12.36 64.30 28.07
C ALA E 312 -12.31 62.84 27.68
N TRP E 313 -12.71 61.98 28.62
CA TRP E 313 -12.79 60.54 28.41
C TRP E 313 -13.65 60.19 27.19
N ALA E 314 -14.86 60.73 27.16
CA ALA E 314 -15.80 60.52 26.04
C ALA E 314 -15.20 60.98 24.72
N LYS E 315 -14.45 62.08 24.76
CA LYS E 315 -13.83 62.63 23.57
C LYS E 315 -12.75 61.69 23.02
N SER E 316 -12.00 61.08 23.94
CA SER E 316 -10.98 60.09 23.60
C SER E 316 -11.65 58.87 22.97
N ILE E 317 -12.61 58.30 23.68
CA ILE E 317 -13.39 57.16 23.18
C ILE E 317 -13.93 57.37 21.76
N ASP E 318 -14.36 58.60 21.47
CA ASP E 318 -14.99 58.95 20.20
C ASP E 318 -13.98 58.95 19.04
N GLY E 319 -12.73 59.24 19.36
CA GLY E 319 -11.64 59.07 18.41
C GLY E 319 -11.53 60.09 17.31
N HIS E 320 -12.10 61.28 17.51
CA HIS E 320 -12.00 62.33 16.50
C HIS E 320 -11.10 63.46 16.94
N ALA E 321 -10.31 63.21 17.98
CA ALA E 321 -9.38 64.20 18.51
C ALA E 321 -8.37 64.65 17.46
N THR E 322 -8.14 65.96 17.40
CA THR E 322 -7.07 66.51 16.57
C THR E 322 -5.99 67.05 17.48
N GLY E 323 -4.90 66.32 17.61
CA GLY E 323 -3.90 66.61 18.61
C GLY E 323 -4.25 65.88 19.92
N LYS E 324 -3.85 66.45 21.07
CA LYS E 324 -3.99 65.76 22.35
C LYS E 324 -5.08 66.32 23.26
N ILE E 325 -5.83 65.42 23.89
CA ILE E 325 -6.87 65.80 24.83
C ILE E 325 -6.25 66.04 26.21
N ILE E 326 -6.60 67.14 26.86
CA ILE E 326 -5.95 67.50 28.12
C ILE E 326 -6.94 67.66 29.28
N VAL E 327 -6.58 67.10 30.44
CA VAL E 327 -7.32 67.37 31.68
C VAL E 327 -6.48 68.24 32.62
N GLU E 328 -7.06 69.38 33.03
CA GLU E 328 -6.45 70.34 33.95
C GLU E 328 -7.15 70.33 35.31
N PRO E 329 -6.47 70.80 36.36
CA PRO E 329 -7.20 70.93 37.63
C PRO E 329 -8.08 72.18 37.67
N GLY F 3 16.75 13.84 -20.81
CA GLY F 3 16.39 13.85 -19.40
C GLY F 3 17.26 12.93 -18.52
N LYS F 4 18.45 13.41 -18.18
CA LYS F 4 19.42 12.62 -17.42
C LYS F 4 18.87 12.23 -16.03
N LEU F 5 19.42 11.15 -15.46
CA LEU F 5 19.11 10.71 -14.11
C LEU F 5 20.31 10.78 -13.18
N MET F 6 20.04 10.82 -11.89
CA MET F 6 21.10 10.92 -10.89
C MET F 6 20.82 10.11 -9.64
N HIS F 7 21.88 9.76 -8.92
CA HIS F 7 21.75 9.10 -7.63
C HIS F 7 21.39 10.15 -6.57
N ALA F 8 20.55 9.79 -5.61
CA ALA F 8 20.18 10.71 -4.54
C ALA F 8 19.68 9.92 -3.34
N LEU F 9 19.58 10.56 -2.19
CA LEU F 9 18.92 9.95 -1.07
C LEU F 9 17.67 10.73 -0.76
N GLN F 10 16.61 10.02 -0.34
CA GLN F 10 15.37 10.71 0.02
C GLN F 10 14.62 9.94 1.09
N TYR F 11 13.83 10.64 1.88
CA TYR F 11 12.93 9.97 2.81
C TYR F 11 11.50 10.21 2.34
N ASN F 12 10.61 9.29 2.68
CA ASN F 12 9.28 9.26 2.10
C ASN F 12 8.22 9.51 3.16
N SER F 13 8.65 9.75 4.40
CA SER F 13 7.72 9.90 5.51
C SER F 13 8.44 10.36 6.76
N TYR F 14 7.65 10.74 7.77
CA TYR F 14 8.22 11.18 9.03
C TYR F 14 8.73 10.01 9.84
N GLY F 15 9.74 10.29 10.65
CA GLY F 15 10.17 9.40 11.72
C GLY F 15 11.05 8.22 11.36
N GLY F 16 11.57 8.20 10.13
CA GLY F 16 12.38 7.08 9.69
C GLY F 16 13.83 7.00 10.18
N GLY F 17 14.40 8.10 10.67
CA GLY F 17 15.82 8.12 11.00
C GLY F 17 16.68 7.73 9.82
N ALA F 18 17.90 7.28 10.08
CA ALA F 18 18.79 6.90 8.98
C ALA F 18 18.25 5.71 8.19
N ALA F 19 17.49 4.85 8.86
CA ALA F 19 16.88 3.70 8.20
C ALA F 19 15.94 4.12 7.07
N GLY F 20 15.19 5.20 7.30
CA GLY F 20 14.20 5.69 6.36
C GLY F 20 14.76 6.51 5.23
N LEU F 21 16.06 6.74 5.28
CA LEU F 21 16.78 7.37 4.19
C LEU F 21 17.02 6.34 3.12
N GLU F 22 16.50 6.56 1.93
CA GLU F 22 16.52 5.53 0.90
C GLU F 22 17.28 5.99 -0.37
N HIS F 23 18.21 5.15 -0.85
CA HIS F 23 18.96 5.46 -2.05
C HIS F 23 18.09 5.29 -3.27
N VAL F 24 18.01 6.33 -4.08
CA VAL F 24 17.12 6.31 -5.24
C VAL F 24 17.78 6.87 -6.50
N GLN F 25 17.16 6.59 -7.64
CA GLN F 25 17.57 7.14 -8.93
C GLN F 25 16.49 8.08 -9.43
N VAL F 26 16.81 9.37 -9.56
CA VAL F 26 15.80 10.37 -9.89
C VAL F 26 16.27 11.32 -10.98
N PRO F 27 15.32 12.00 -11.64
CA PRO F 27 15.71 12.96 -12.70
C PRO F 27 16.59 14.09 -12.18
N VAL F 28 17.65 14.39 -12.92
CA VAL F 28 18.45 15.57 -12.67
C VAL F 28 17.58 16.80 -12.87
N PRO F 29 17.56 17.70 -11.88
CA PRO F 29 16.72 18.90 -11.93
C PRO F 29 17.13 19.88 -13.04
N THR F 30 16.13 20.57 -13.60
CA THR F 30 16.37 21.55 -14.66
C THR F 30 16.33 22.97 -14.08
N PRO F 31 17.38 23.76 -14.33
CA PRO F 31 17.42 25.13 -13.82
C PRO F 31 16.32 26.01 -14.40
N LYS F 32 15.64 26.74 -13.51
CA LYS F 32 14.75 27.82 -13.89
C LYS F 32 15.56 29.02 -14.40
N SER F 33 14.90 30.08 -14.84
CA SER F 33 15.60 31.16 -15.56
C SER F 33 16.64 31.85 -14.69
N ASN F 34 16.46 31.75 -13.39
CA ASN F 34 17.34 32.41 -12.43
C ASN F 34 18.18 31.45 -11.58
N GLU F 35 18.13 30.16 -11.91
CA GLU F 35 18.82 29.15 -11.13
C GLU F 35 20.08 28.71 -11.84
N VAL F 36 20.98 28.04 -11.12
CA VAL F 36 22.09 27.35 -11.76
C VAL F 36 22.04 25.88 -11.35
N CYS F 37 22.49 25.00 -12.23
CA CYS F 37 22.60 23.59 -11.89
C CYS F 37 24.05 23.23 -11.57
N LEU F 38 24.26 22.72 -10.37
CA LEU F 38 25.59 22.37 -9.92
C LEU F 38 25.79 20.85 -9.93
N LYS F 39 26.95 20.41 -10.43
CA LYS F 39 27.44 19.06 -10.11
C LYS F 39 28.09 19.12 -8.73
N LEU F 40 27.54 18.43 -7.75
CA LEU F 40 27.97 18.61 -6.37
C LEU F 40 29.33 17.98 -6.11
N GLU F 41 30.16 18.71 -5.37
CA GLU F 41 31.49 18.24 -4.99
C GLU F 41 31.56 17.99 -3.48
N ALA F 42 30.66 18.63 -2.74
CA ALA F 42 30.54 18.45 -1.31
C ALA F 42 29.21 18.99 -0.78
N THR F 43 28.63 18.27 0.16
CA THR F 43 27.42 18.72 0.84
C THR F 43 27.65 18.60 2.33
N SER F 44 27.11 19.54 3.11
CA SER F 44 27.25 19.42 4.56
C SER F 44 25.89 19.36 5.22
N LEU F 45 25.82 18.58 6.30
CA LEU F 45 24.56 18.38 7.01
C LEU F 45 24.42 19.41 8.13
N ASN F 46 23.19 19.75 8.46
CA ASN F 46 22.85 20.59 9.60
C ASN F 46 21.76 19.88 10.42
N PRO F 47 21.76 20.07 11.74
CA PRO F 47 20.79 19.35 12.55
C PRO F 47 19.35 19.54 12.09
N VAL F 48 18.96 20.72 11.64
CA VAL F 48 17.60 20.93 11.12
C VAL F 48 17.23 19.87 10.05
N ASP F 49 18.21 19.39 9.29
CA ASP F 49 17.96 18.40 8.27
C ASP F 49 17.26 17.15 8.83
N TRP F 50 17.75 16.61 9.94
CA TRP F 50 17.12 15.42 10.51
C TRP F 50 15.89 15.80 11.34
N LYS F 51 15.87 17.02 11.89
CA LYS F 51 14.70 17.49 12.61
C LYS F 51 13.46 17.56 11.70
N ILE F 52 13.67 18.01 10.47
CA ILE F 52 12.60 18.09 9.52
C ILE F 52 12.02 16.70 9.30
N GLN F 53 12.90 15.73 9.08
CA GLN F 53 12.47 14.35 8.86
C GLN F 53 11.73 13.80 10.07
N LYS F 54 12.11 14.24 11.26
CA LYS F 54 11.51 13.71 12.48
C LYS F 54 10.10 14.25 12.70
N GLY F 55 9.81 15.40 12.10
CA GLY F 55 8.49 15.98 12.22
C GLY F 55 8.47 17.20 13.11
N MET F 56 9.65 17.67 13.49
CA MET F 56 9.74 18.76 14.45
C MET F 56 9.43 20.12 13.86
N ILE F 57 9.41 20.23 12.53
CA ILE F 57 9.25 21.53 11.89
C ILE F 57 7.88 21.60 11.23
N ARG F 58 7.03 20.64 11.55
CA ARG F 58 5.66 20.69 11.09
C ARG F 58 4.94 21.84 11.75
N PRO F 59 4.01 22.48 11.03
CA PRO F 59 3.53 22.18 9.66
C PRO F 59 4.22 22.96 8.56
N PHE F 60 5.43 23.48 8.83
CA PHE F 60 6.16 24.26 7.86
C PHE F 60 6.97 23.42 6.86
N LEU F 61 7.70 22.42 7.38
CA LEU F 61 8.55 21.56 6.57
C LEU F 61 8.42 20.08 6.96
N PRO F 62 8.59 19.17 5.99
CA PRO F 62 8.84 19.40 4.57
C PRO F 62 7.59 19.79 3.84
N ARG F 63 7.71 20.43 2.68
CA ARG F 63 6.53 20.86 1.95
C ARG F 63 5.77 19.68 1.39
N LYS F 64 6.52 18.70 0.88
CA LYS F 64 5.93 17.54 0.23
C LYS F 64 6.92 16.35 0.31
N PHE F 65 6.40 15.13 0.34
CA PHE F 65 7.20 13.92 0.19
C PHE F 65 7.19 13.47 -1.27
N PRO F 66 8.27 12.83 -1.73
CA PRO F 66 9.50 12.54 -0.98
C PRO F 66 10.42 13.73 -0.95
N CYS F 67 11.34 13.73 0.01
CA CYS F 67 12.20 14.86 0.27
C CYS F 67 13.67 14.43 0.14
N ILE F 68 14.43 15.13 -0.71
CA ILE F 68 15.90 14.97 -0.76
C ILE F 68 16.52 16.02 0.17
N PRO F 69 17.11 15.58 1.30
CA PRO F 69 17.54 16.52 2.34
C PRO F 69 18.84 17.27 2.04
N ALA F 70 19.10 18.29 2.88
CA ALA F 70 20.36 19.09 2.93
C ALA F 70 20.38 20.28 1.99
N THR F 71 21.00 21.36 2.45
CA THR F 71 20.98 22.63 1.72
C THR F 71 22.31 23.34 1.53
N ASP F 72 23.37 22.87 2.20
CA ASP F 72 24.70 23.47 2.07
C ASP F 72 25.58 22.73 1.10
N VAL F 73 25.87 23.33 -0.05
CA VAL F 73 26.59 22.61 -1.09
C VAL F 73 27.70 23.42 -1.68
N ALA F 74 28.66 22.71 -2.27
CA ALA F 74 29.71 23.31 -3.09
C ALA F 74 29.86 22.43 -4.32
N GLY F 75 30.09 23.02 -5.48
CA GLY F 75 30.16 22.23 -6.69
C GLY F 75 30.65 22.96 -7.92
N GLU F 76 30.36 22.38 -9.08
CA GLU F 76 30.73 22.96 -10.37
C GLU F 76 29.46 23.22 -11.17
N VAL F 77 29.35 24.41 -11.74
CA VAL F 77 28.19 24.78 -12.53
C VAL F 77 28.19 24.01 -13.84
N VAL F 78 27.08 23.37 -14.18
CA VAL F 78 27.04 22.58 -15.41
C VAL F 78 26.05 23.17 -16.39
N GLU F 79 25.13 23.97 -15.88
CA GLU F 79 24.11 24.58 -16.75
C GLU F 79 23.52 25.78 -16.04
N VAL F 80 23.33 26.90 -16.75
CA VAL F 80 22.69 28.07 -16.12
C VAL F 80 21.40 28.45 -16.81
N GLY F 81 20.53 29.15 -16.08
CA GLY F 81 19.25 29.59 -16.61
C GLY F 81 19.36 30.78 -17.55
N SER F 82 18.30 31.02 -18.30
CA SER F 82 18.32 32.04 -19.35
C SER F 82 18.61 33.46 -18.84
N GLY F 83 18.41 33.68 -17.54
CA GLY F 83 18.57 35.01 -16.99
C GLY F 83 19.76 35.18 -16.07
N VAL F 84 20.59 34.15 -15.96
CA VAL F 84 21.76 34.21 -15.08
C VAL F 84 22.93 34.97 -15.70
N LYS F 85 23.47 35.93 -14.98
CA LYS F 85 24.53 36.82 -15.49
C LYS F 85 25.89 36.56 -14.86
N ASN F 86 25.91 35.99 -13.67
CA ASN F 86 27.14 35.94 -12.87
C ASN F 86 27.86 34.61 -12.85
N PHE F 87 27.30 33.60 -13.50
CA PHE F 87 27.94 32.30 -13.53
C PHE F 87 27.81 31.66 -14.88
N LYS F 88 28.83 30.91 -15.27
CA LYS F 88 28.82 30.16 -16.51
C LYS F 88 29.22 28.73 -16.19
N ALA F 89 29.01 27.82 -17.14
CA ALA F 89 29.43 26.43 -16.95
C ALA F 89 30.93 26.34 -16.67
N GLY F 90 31.29 25.55 -15.66
CA GLY F 90 32.69 25.34 -15.32
C GLY F 90 33.08 26.06 -14.06
N ASP F 91 32.30 27.06 -13.67
CA ASP F 91 32.62 27.86 -12.47
C ASP F 91 32.48 27.04 -11.19
N LYS F 92 33.47 27.14 -10.31
CA LYS F 92 33.39 26.48 -8.99
C LYS F 92 32.60 27.38 -8.05
N VAL F 93 31.60 26.84 -7.38
CA VAL F 93 30.77 27.68 -6.52
C VAL F 93 30.48 27.05 -5.17
N VAL F 94 29.88 27.85 -4.30
CA VAL F 94 29.31 27.40 -3.04
C VAL F 94 27.93 28.05 -2.95
N ALA F 95 26.93 27.32 -2.47
CA ALA F 95 25.56 27.84 -2.53
C ALA F 95 24.69 27.34 -1.40
N VAL F 96 23.56 28.01 -1.20
CA VAL F 96 22.53 27.57 -0.26
C VAL F 96 21.30 27.17 -1.04
N LEU F 97 20.82 25.94 -0.86
CA LEU F 97 19.62 25.49 -1.55
C LEU F 97 18.41 25.90 -0.72
N SER F 98 17.25 26.04 -1.35
CA SER F 98 16.01 26.31 -0.63
C SER F 98 15.63 25.14 0.29
N HIS F 99 15.30 25.45 1.54
CA HIS F 99 14.79 24.44 2.47
C HIS F 99 13.46 23.90 2.00
N LEU F 100 12.83 24.61 1.07
CA LEU F 100 11.55 24.18 0.53
C LEU F 100 11.74 22.92 -0.29
N GLY F 101 12.74 22.94 -1.17
CA GLY F 101 12.93 21.89 -2.16
C GLY F 101 14.09 20.94 -1.90
N GLY F 102 15.03 21.34 -1.03
CA GLY F 102 16.22 20.56 -0.65
C GLY F 102 17.20 20.20 -1.77
N GLY F 103 17.78 19.02 -1.69
CA GLY F 103 18.50 18.45 -2.82
C GLY F 103 19.99 18.36 -2.62
N GLY F 104 20.47 18.38 -1.38
CA GLY F 104 21.91 18.35 -1.15
C GLY F 104 22.51 16.95 -1.26
N LEU F 105 21.80 15.92 -0.79
CA LEU F 105 22.26 14.55 -0.95
C LEU F 105 21.89 14.01 -2.33
N ALA F 106 22.60 14.49 -3.34
CA ALA F 106 22.40 14.06 -4.70
C ALA F 106 23.66 14.39 -5.50
N GLU F 107 23.73 13.92 -6.74
CA GLU F 107 24.86 14.21 -7.61
C GLU F 107 24.76 15.63 -8.15
N PHE F 108 23.53 16.10 -8.35
CA PHE F 108 23.25 17.41 -8.93
C PHE F 108 22.17 18.14 -8.15
N ALA F 109 22.25 19.47 -8.15
CA ALA F 109 21.26 20.29 -7.45
C ALA F 109 21.11 21.66 -8.12
N VAL F 110 19.95 22.27 -7.98
CA VAL F 110 19.84 23.64 -8.49
C VAL F 110 19.80 24.65 -7.35
N ALA F 111 20.41 25.80 -7.60
CA ALA F 111 20.48 26.85 -6.63
C ALA F 111 20.12 28.15 -7.33
N THR F 112 19.50 29.09 -6.62
CA THR F 112 19.24 30.39 -7.22
C THR F 112 20.54 31.18 -7.34
N GLU F 113 20.60 32.07 -8.30
CA GLU F 113 21.76 32.93 -8.47
C GLU F 113 22.00 33.80 -7.22
N LYS F 114 20.93 34.34 -6.66
CA LYS F 114 20.97 35.14 -5.43
C LYS F 114 21.69 34.46 -4.25
N LEU F 115 21.64 33.13 -4.20
CA LEU F 115 22.24 32.41 -3.08
C LEU F 115 23.41 31.56 -3.50
N THR F 116 24.10 31.98 -4.58
CA THR F 116 25.30 31.30 -5.06
C THR F 116 26.49 32.27 -5.12
N VAL F 117 27.65 31.79 -4.68
CA VAL F 117 28.84 32.60 -4.61
C VAL F 117 30.02 31.87 -5.25
N LYS F 118 30.85 32.61 -6.01
CA LYS F 118 32.06 32.00 -6.57
C LYS F 118 32.99 31.51 -5.47
N ARG F 119 33.52 30.30 -5.66
CA ARG F 119 34.44 29.66 -4.74
C ARG F 119 35.86 29.76 -5.28
N PRO F 120 36.68 30.64 -4.67
CA PRO F 120 38.07 30.81 -5.09
C PRO F 120 38.85 29.50 -4.95
N GLN F 121 39.87 29.28 -5.79
CA GLN F 121 40.53 27.98 -5.82
C GLN F 121 41.30 27.66 -4.55
N GLU F 122 41.63 28.69 -3.78
CA GLU F 122 42.31 28.49 -2.50
C GLU F 122 41.41 27.75 -1.50
N VAL F 123 40.10 27.70 -1.76
CA VAL F 123 39.15 27.10 -0.84
C VAL F 123 38.56 25.80 -1.39
N GLY F 124 38.76 24.69 -0.69
CA GLY F 124 38.26 23.39 -1.13
C GLY F 124 36.74 23.33 -1.09
N ALA F 125 36.14 22.33 -1.74
CA ALA F 125 34.70 22.23 -1.77
C ALA F 125 34.10 21.92 -0.40
N ALA F 126 34.73 21.00 0.34
CA ALA F 126 34.21 20.61 1.64
C ALA F 126 34.30 21.78 2.60
N GLU F 127 35.46 22.45 2.57
CA GLU F 127 35.67 23.59 3.47
CA GLU F 127 35.74 23.64 3.39
C GLU F 127 34.68 24.72 3.19
N ALA F 128 34.18 24.83 1.96
CA ALA F 128 33.22 25.87 1.61
C ALA F 128 31.77 25.43 1.87
N ALA F 129 31.48 24.15 1.67
CA ALA F 129 30.11 23.66 1.86
C ALA F 129 29.73 23.66 3.34
N ALA F 130 30.72 23.73 4.22
CA ALA F 130 30.42 23.78 5.66
C ALA F 130 29.85 25.13 6.07
N LEU F 131 30.13 26.15 5.26
CA LEU F 131 29.84 27.56 5.58
C LEU F 131 28.38 28.05 5.61
N PRO F 132 27.60 27.77 4.54
CA PRO F 132 26.31 28.46 4.39
C PRO F 132 25.42 28.53 5.62
N VAL F 133 24.94 27.43 6.18
CA VAL F 133 24.04 27.56 7.34
C VAL F 133 24.82 27.82 8.66
N ALA F 134 25.78 26.96 8.97
CA ALA F 134 26.52 27.09 10.24
C ALA F 134 27.28 28.44 10.36
N GLY F 135 28.06 28.78 9.34
CA GLY F 135 28.84 30.00 9.36
C GLY F 135 28.03 31.28 9.26
N LEU F 136 27.00 31.33 8.39
CA LEU F 136 26.22 32.55 8.23
C LEU F 136 25.40 32.84 9.46
N THR F 137 24.98 31.79 10.16
CA THR F 137 24.29 31.92 11.45
C THR F 137 25.19 32.52 12.51
N ALA F 138 26.44 32.06 12.56
CA ALA F 138 27.37 32.60 13.54
C ALA F 138 27.57 34.07 13.20
N LEU F 139 27.82 34.34 11.93
CA LEU F 139 28.04 35.70 11.48
C LEU F 139 26.87 36.61 11.81
N GLN F 140 25.64 36.10 11.66
CA GLN F 140 24.47 36.93 11.88
C GLN F 140 24.27 37.23 13.37
N ALA F 141 24.48 36.21 14.20
CA ALA F 141 24.35 36.35 15.65
C ALA F 141 25.29 37.40 16.22
N LEU F 142 26.53 37.40 15.78
CA LEU F 142 27.52 38.32 16.31
C LEU F 142 27.39 39.71 15.70
N THR F 143 26.89 39.77 14.47
CA THR F 143 26.80 41.04 13.74
C THR F 143 25.53 41.86 14.03
N ASN F 144 24.38 41.20 14.18
CA ASN F 144 23.16 41.93 14.48
C ASN F 144 22.90 42.03 15.99
N PRO F 145 22.34 40.99 16.64
CA PRO F 145 22.02 41.22 18.06
C PRO F 145 23.20 41.58 18.97
N ALA F 146 24.35 40.92 18.78
CA ALA F 146 25.53 41.16 19.62
C ALA F 146 26.17 42.50 19.26
N GLY F 147 25.96 42.93 18.02
CA GLY F 147 26.37 44.25 17.55
C GLY F 147 27.86 44.44 17.42
N LEU F 148 28.57 43.35 17.15
CA LEU F 148 30.02 43.39 16.98
C LEU F 148 30.41 43.80 15.55
N LYS F 149 31.66 44.21 15.37
CA LYS F 149 32.19 44.56 14.08
C LYS F 149 33.47 43.79 13.92
N LEU F 150 33.67 43.19 12.75
CA LEU F 150 34.77 42.27 12.54
C LEU F 150 36.04 42.92 11.99
N ASP F 151 36.03 44.24 11.81
CA ASP F 151 37.24 44.92 11.33
C ASP F 151 38.11 45.47 12.49
N GLY F 152 37.49 45.88 13.59
CA GLY F 152 38.23 46.46 14.69
C GLY F 152 37.68 47.78 15.21
N THR F 153 36.84 48.43 14.42
CA THR F 153 36.00 49.52 14.89
C THR F 153 35.22 49.15 16.15
N GLY F 154 34.67 47.93 16.15
CA GLY F 154 33.70 47.48 17.13
C GLY F 154 33.99 47.69 18.60
N LYS F 155 32.92 47.61 19.39
CA LYS F 155 32.99 47.75 20.83
C LYS F 155 33.62 46.50 21.46
N LYS F 156 34.43 46.66 22.51
CA LYS F 156 34.93 45.52 23.27
C LYS F 156 33.71 44.78 23.84
N ALA F 157 33.81 43.46 24.01
CA ALA F 157 32.66 42.72 24.53
C ALA F 157 33.00 41.32 25.06
N ASN F 158 32.20 40.85 26.02
CA ASN F 158 32.34 39.48 26.53
C ASN F 158 31.33 38.57 25.91
N ILE F 159 31.79 37.59 25.13
CA ILE F 159 30.91 36.63 24.48
C ILE F 159 31.00 35.24 25.12
N LEU F 160 29.84 34.65 25.39
CA LEU F 160 29.75 33.23 25.73
C LEU F 160 29.24 32.47 24.51
N VAL F 161 29.91 31.39 24.15
CA VAL F 161 29.44 30.55 23.07
C VAL F 161 29.20 29.16 23.61
N THR F 162 27.93 28.77 23.76
CA THR F 162 27.67 27.41 24.20
C THR F 162 27.76 26.47 23.03
N ALA F 163 28.14 25.21 23.31
CA ALA F 163 28.35 24.19 22.27
C ALA F 163 29.35 24.66 21.22
N ALA F 164 30.46 25.21 21.68
CA ALA F 164 31.46 25.79 20.81
C ALA F 164 32.13 24.77 19.91
N SER F 165 31.87 23.48 20.13
CA SER F 165 32.55 22.47 19.34
C SER F 165 31.74 22.05 18.15
N GLY F 166 30.49 22.50 18.09
CA GLY F 166 29.62 22.17 16.97
C GLY F 166 29.81 23.08 15.76
N GLY F 167 28.92 22.93 14.79
CA GLY F 167 28.99 23.68 13.54
C GLY F 167 28.94 25.19 13.73
N VAL F 168 27.81 25.69 14.23
CA VAL F 168 27.71 27.12 14.47
C VAL F 168 28.74 27.57 15.49
N GLY F 169 28.82 26.84 16.60
CA GLY F 169 29.68 27.22 17.69
C GLY F 169 31.13 27.43 17.36
N HIS F 170 31.69 26.55 16.52
CA HIS F 170 33.12 26.64 16.22
C HIS F 170 33.43 27.77 15.24
N TYR F 171 32.43 28.22 14.50
CA TYR F 171 32.58 29.43 13.69
C TYR F 171 32.44 30.62 14.58
N ALA F 172 31.41 30.59 15.45
CA ALA F 172 31.12 31.69 16.38
C ALA F 172 32.34 32.05 17.21
N VAL F 173 33.05 31.06 17.74
CA VAL F 173 34.26 31.34 18.52
C VAL F 173 35.30 32.10 17.71
N GLN F 174 35.58 31.65 16.49
CA GLN F 174 36.57 32.32 15.65
C GLN F 174 36.13 33.71 15.21
N LEU F 175 34.88 33.85 14.77
CA LEU F 175 34.39 35.14 14.32
C LEU F 175 34.38 36.13 15.49
N ALA F 176 34.03 35.64 16.68
CA ALA F 176 34.02 36.50 17.86
C ALA F 176 35.42 37.06 18.17
N LYS F 177 36.46 36.26 17.95
CA LYS F 177 37.82 36.75 18.16
C LYS F 177 38.24 37.81 17.14
N LEU F 178 37.82 37.68 15.88
CA LEU F 178 38.07 38.69 14.88
C LEU F 178 37.45 40.02 15.28
N ALA F 179 36.38 39.95 16.07
CA ALA F 179 35.72 41.14 16.60
C ALA F 179 36.35 41.71 17.90
N ASN F 180 37.51 41.18 18.28
CA ASN F 180 38.19 41.59 19.51
C ASN F 180 37.34 41.43 20.77
N ALA F 181 36.66 40.30 20.87
CA ALA F 181 35.85 40.00 22.04
C ALA F 181 36.55 39.00 22.94
N HIS F 182 36.19 39.02 24.22
CA HIS F 182 36.60 37.98 25.14
C HIS F 182 35.63 36.79 25.04
N VAL F 183 36.13 35.65 24.59
CA VAL F 183 35.27 34.49 24.37
C VAL F 183 35.33 33.43 25.49
N THR F 184 34.17 33.13 26.06
CA THR F 184 34.04 32.04 27.00
C THR F 184 33.26 30.98 26.26
N ALA F 185 33.69 29.73 26.33
CA ALA F 185 33.03 28.68 25.56
C ALA F 185 32.73 27.45 26.40
N THR F 186 31.64 26.76 26.08
CA THR F 186 31.36 25.48 26.70
C THR F 186 31.40 24.38 25.64
N CYS F 187 31.82 23.19 26.09
CA CYS F 187 31.85 22.00 25.26
C CYS F 187 32.12 20.81 26.16
N GLY F 188 32.17 19.62 25.55
CA GLY F 188 32.52 18.42 26.29
C GLY F 188 33.99 18.37 26.65
N ALA F 189 34.32 17.50 27.60
CA ALA F 189 35.71 17.36 28.06
C ALA F 189 36.72 17.04 26.93
N ARG F 190 36.31 16.27 25.93
CA ARG F 190 37.24 15.88 24.89
C ARG F 190 37.62 17.00 23.91
N ASN F 191 36.82 18.06 23.88
CA ASN F 191 37.10 19.13 22.92
C ASN F 191 37.64 20.40 23.54
N ILE F 192 37.97 20.35 24.83
CA ILE F 192 38.50 21.52 25.50
C ILE F 192 39.74 22.09 24.80
N GLU F 193 40.71 21.23 24.48
CA GLU F 193 41.89 21.71 23.78
C GLU F 193 41.51 22.21 22.40
N PHE F 194 40.57 21.52 21.76
CA PHE F 194 40.10 21.92 20.44
C PHE F 194 39.52 23.33 20.44
N VAL F 195 38.58 23.60 21.34
CA VAL F 195 37.95 24.91 21.40
C VAL F 195 38.97 25.99 21.73
N LYS F 196 39.97 25.67 22.56
CA LYS F 196 41.03 26.62 22.87
C LYS F 196 41.79 27.00 21.62
N SER F 197 42.01 26.04 20.73
CA SER F 197 42.78 26.29 19.51
C SER F 197 42.04 27.19 18.52
N LEU F 198 40.70 27.28 18.66
CA LEU F 198 39.89 28.17 17.83
C LEU F 198 40.04 29.62 18.29
N GLY F 199 40.54 29.80 19.51
CA GLY F 199 40.79 31.12 20.03
C GLY F 199 40.03 31.50 21.30
N ALA F 200 39.33 30.54 21.89
CA ALA F 200 38.56 30.83 23.10
C ALA F 200 39.47 31.17 24.27
N ASP F 201 39.13 32.23 24.99
CA ASP F 201 39.93 32.68 26.14
C ASP F 201 39.70 31.79 27.37
N GLU F 202 38.49 31.25 27.50
CA GLU F 202 38.14 30.33 28.58
C GLU F 202 37.25 29.24 28.05
N VAL F 203 37.48 28.01 28.49
CA VAL F 203 36.66 26.89 28.05
C VAL F 203 36.12 26.12 29.23
N LEU F 204 34.81 25.88 29.23
CA LEU F 204 34.15 25.14 30.30
C LEU F 204 33.67 23.75 29.86
N ASP F 205 33.91 22.74 30.68
CA ASP F 205 33.31 21.42 30.45
C ASP F 205 31.90 21.44 30.98
N TYR F 206 30.91 21.24 30.11
CA TYR F 206 29.51 21.51 30.48
C TYR F 206 28.91 20.45 31.42
N LYS F 207 29.66 19.38 31.64
CA LYS F 207 29.25 18.32 32.56
C LYS F 207 29.67 18.67 33.99
N THR F 208 30.70 19.50 34.13
CA THR F 208 31.11 19.97 35.45
C THR F 208 30.09 20.96 36.03
N PRO F 209 30.04 21.08 37.36
CA PRO F 209 29.10 22.02 37.97
C PRO F 209 29.25 23.46 37.48
N GLU F 210 30.48 23.89 37.26
CA GLU F 210 30.75 25.25 36.82
C GLU F 210 30.30 25.47 35.38
N GLY F 211 30.51 24.46 34.53
CA GLY F 211 30.08 24.54 33.15
C GLY F 211 28.56 24.64 33.05
N ALA F 212 27.89 23.85 33.89
CA ALA F 212 26.44 23.81 33.92
C ALA F 212 25.86 25.11 34.43
N ALA F 213 26.63 25.85 35.22
CA ALA F 213 26.17 27.13 35.72
C ALA F 213 26.59 28.26 34.80
N LEU F 214 27.29 27.87 33.71
CA LEU F 214 27.86 28.81 32.74
C LEU F 214 28.68 29.93 33.41
N LYS F 215 29.40 29.55 34.46
CA LYS F 215 30.08 30.53 35.26
C LYS F 215 31.53 30.75 34.80
N SER F 216 31.82 31.97 34.38
CA SER F 216 33.15 32.33 33.90
C SER F 216 34.23 32.13 34.97
N PRO F 217 35.30 31.40 34.63
CA PRO F 217 36.39 31.17 35.59
C PRO F 217 37.17 32.43 36.00
N SER F 218 36.91 33.55 35.34
CA SER F 218 37.53 34.82 35.70
C SER F 218 36.50 35.89 36.08
N GLY F 219 35.25 35.46 36.21
CA GLY F 219 34.21 36.30 36.75
C GLY F 219 33.51 37.20 35.77
N LYS F 220 33.80 37.04 34.48
CA LYS F 220 33.21 37.90 33.44
C LYS F 220 31.68 37.77 33.36
N LYS F 221 31.02 38.90 33.23
CA LYS F 221 29.60 38.89 32.90
C LYS F 221 29.48 39.00 31.37
N TYR F 222 28.59 38.21 30.76
CA TYR F 222 28.51 38.17 29.29
C TYR F 222 27.60 39.25 28.72
N ASP F 223 28.06 39.92 27.68
CA ASP F 223 27.26 40.93 26.97
C ASP F 223 26.31 40.24 25.99
N ALA F 224 26.78 39.17 25.36
CA ALA F 224 25.91 38.37 24.52
C ALA F 224 26.31 36.92 24.59
N VAL F 225 25.33 36.04 24.51
CA VAL F 225 25.59 34.62 24.42
C VAL F 225 25.17 34.13 23.05
N VAL F 226 26.07 33.50 22.31
CA VAL F 226 25.66 32.74 21.12
C VAL F 226 25.29 31.33 21.58
N HIS F 227 24.02 31.13 21.88
CA HIS F 227 23.53 29.88 22.46
C HIS F 227 23.25 28.77 21.44
N CYS F 228 24.20 27.85 21.29
CA CYS F 228 24.11 26.79 20.26
C CYS F 228 23.74 25.43 20.84
N ALA F 229 23.62 25.33 22.16
CA ALA F 229 23.18 24.10 22.83
C ALA F 229 21.67 24.17 23.08
N ASN F 230 21.14 23.26 23.88
CA ASN F 230 19.68 23.17 24.02
C ASN F 230 19.07 22.98 25.41
N GLY F 231 19.86 22.59 26.39
CA GLY F 231 19.26 22.26 27.67
C GLY F 231 18.89 23.39 28.62
N ILE F 232 19.23 24.63 28.26
CA ILE F 232 19.38 25.67 29.28
C ILE F 232 18.26 26.71 29.34
N PRO F 233 17.56 26.78 30.49
CA PRO F 233 16.54 27.80 30.75
C PRO F 233 17.15 29.15 31.15
N PHE F 234 16.44 30.24 30.83
CA PHE F 234 17.00 31.57 31.00
C PHE F 234 17.58 31.83 32.38
N SER F 235 17.00 31.23 33.42
CA SER F 235 17.44 31.46 34.79
C SER F 235 18.89 31.07 35.02
N VAL F 236 19.41 30.16 34.20
CA VAL F 236 20.81 29.74 34.32
C VAL F 236 21.73 30.80 33.73
N PHE F 237 21.31 31.38 32.60
CA PHE F 237 22.05 32.46 31.96
C PHE F 237 22.08 33.74 32.80
N GLU F 238 20.94 34.08 33.39
CA GLU F 238 20.71 35.41 33.98
C GLU F 238 21.78 35.94 34.93
N PRO F 239 22.24 35.14 35.92
CA PRO F 239 23.26 35.67 36.84
C PRO F 239 24.58 36.02 36.15
N ASN F 240 24.81 35.43 34.97
CA ASN F 240 26.05 35.58 34.22
C ASN F 240 25.99 36.71 33.19
N LEU F 241 24.83 37.32 33.02
CA LEU F 241 24.69 38.39 32.04
C LEU F 241 25.04 39.71 32.64
N SER F 242 25.66 40.56 31.81
CA SER F 242 25.84 41.98 32.13
C SER F 242 24.47 42.68 32.21
N GLU F 243 24.44 43.94 32.58
CA GLU F 243 23.15 44.60 32.89
C GLU F 243 22.17 44.53 31.74
N ASN F 244 22.66 44.65 30.51
CA ASN F 244 21.79 44.60 29.33
C ASN F 244 22.14 43.46 28.39
N GLY F 245 22.65 42.37 28.95
CA GLY F 245 23.12 41.26 28.16
C GLY F 245 22.02 40.53 27.42
N LYS F 246 22.37 40.00 26.24
CA LYS F 246 21.41 39.25 25.43
C LYS F 246 21.79 37.78 25.32
N VAL F 247 20.84 36.87 25.54
CA VAL F 247 21.01 35.47 25.15
C VAL F 247 20.43 35.28 23.76
N ILE F 248 21.30 35.06 22.79
CA ILE F 248 20.87 34.85 21.40
C ILE F 248 20.61 33.37 21.17
N ASP F 249 19.36 32.98 21.28
CA ASP F 249 18.96 31.57 21.15
C ASP F 249 18.85 31.17 19.69
N ILE F 250 19.83 30.43 19.16
CA ILE F 250 19.78 30.13 17.74
C ILE F 250 18.93 28.88 17.48
N THR F 251 18.37 28.28 18.52
CA THR F 251 17.41 27.20 18.34
C THR F 251 16.06 27.59 18.93
N PRO F 252 15.42 28.62 18.37
CA PRO F 252 14.24 29.14 19.07
C PRO F 252 13.08 28.17 18.99
N GLY F 253 12.47 27.86 20.12
CA GLY F 253 11.25 27.09 20.09
C GLY F 253 10.17 27.89 20.76
N PRO F 254 9.02 27.26 20.99
CA PRO F 254 7.91 27.95 21.66
C PRO F 254 8.28 28.57 23.02
N ASN F 255 9.08 27.90 23.86
CA ASN F 255 9.54 28.52 25.12
C ASN F 255 10.30 29.81 24.88
N ALA F 256 11.25 29.77 23.94
CA ALA F 256 12.04 30.95 23.59
C ALA F 256 11.16 32.11 23.13
N MET F 257 10.24 31.83 22.22
CA MET F 257 9.30 32.83 21.74
C MET F 257 8.48 33.42 22.85
N TRP F 258 7.95 32.58 23.73
CA TRP F 258 7.18 33.10 24.86
C TRP F 258 8.08 33.94 25.77
N THR F 259 9.28 33.45 26.08
CA THR F 259 10.19 34.17 26.96
C THR F 259 10.44 35.58 26.38
N TYR F 260 10.79 35.60 25.11
CA TYR F 260 10.97 36.83 24.33
C TYR F 260 9.79 37.81 24.47
N ALA F 261 8.58 37.29 24.27
CA ALA F 261 7.38 38.07 24.43
C ALA F 261 7.27 38.71 25.83
N VAL F 262 7.42 37.93 26.90
CA VAL F 262 7.16 38.52 28.22
C VAL F 262 8.32 39.45 28.63
N LYS F 263 9.50 39.20 28.08
CA LYS F 263 10.63 40.06 28.40
C LYS F 263 10.57 41.37 27.61
N LYS F 264 9.90 41.35 26.46
CA LYS F 264 9.52 42.59 25.79
C LYS F 264 8.40 43.31 26.58
N ILE F 265 7.31 42.60 26.83
CA ILE F 265 6.19 43.15 27.58
C ILE F 265 6.62 43.77 28.90
N THR F 266 7.47 43.08 29.65
CA THR F 266 7.81 43.53 31.01
C THR F 266 9.01 44.48 30.98
N MET F 267 9.56 44.69 29.78
CA MET F 267 10.67 45.62 29.56
C MET F 267 11.88 45.24 30.42
N SER F 268 12.22 43.97 30.36
CA SER F 268 13.36 43.43 31.09
C SER F 268 14.63 43.99 30.47
N LYS F 269 15.61 44.32 31.30
CA LYS F 269 16.87 44.84 30.78
C LYS F 269 17.68 43.72 30.13
N LYS F 270 17.72 42.55 30.77
CA LYS F 270 18.36 41.38 30.14
C LYS F 270 17.34 40.71 29.23
N GLN F 271 17.75 40.37 28.02
CA GLN F 271 16.82 39.92 27.01
CA GLN F 271 16.77 39.87 27.09
C GLN F 271 17.17 38.54 26.46
N LEU F 272 16.16 37.84 25.95
CA LEU F 272 16.39 36.61 25.19
C LEU F 272 15.94 36.85 23.76
N VAL F 273 16.84 36.62 22.82
CA VAL F 273 16.59 36.97 21.45
C VAL F 273 16.61 35.75 20.52
N PRO F 274 15.44 35.40 19.93
CA PRO F 274 15.42 34.30 18.97
C PRO F 274 16.14 34.74 17.70
N LEU F 275 16.77 33.80 17.02
CA LEU F 275 17.46 34.11 15.79
C LEU F 275 17.03 33.17 14.67
N LEU F 276 16.60 33.74 13.56
CA LEU F 276 16.27 32.95 12.39
C LEU F 276 17.19 33.42 11.26
N LEU F 277 17.98 32.50 10.73
CA LEU F 277 18.97 32.85 9.71
C LEU F 277 18.36 33.42 8.44
N ILE F 278 18.89 34.58 8.04
CA ILE F 278 18.61 35.12 6.72
C ILE F 278 19.87 35.06 5.85
N PRO F 279 19.96 34.03 4.98
CA PRO F 279 21.10 33.84 4.07
C PRO F 279 21.17 34.91 2.97
N LYS F 280 22.30 35.59 2.86
CA LYS F 280 22.53 36.56 1.80
C LYS F 280 23.89 36.31 1.15
N ALA F 281 23.95 36.45 -0.17
CA ALA F 281 25.21 36.18 -0.90
C ALA F 281 26.37 37.04 -0.39
N GLU F 282 26.12 38.30 -0.05
CA GLU F 282 27.17 39.22 0.43
C GLU F 282 27.85 38.63 1.64
N ASN F 283 27.07 38.04 2.53
CA ASN F 283 27.59 37.44 3.73
C ASN F 283 28.36 36.17 3.41
N LEU F 284 27.81 35.35 2.51
CA LEU F 284 28.48 34.10 2.12
C LEU F 284 29.82 34.40 1.44
N GLU F 285 29.80 35.39 0.57
CA GLU F 285 31.01 35.89 -0.10
C GLU F 285 32.04 36.32 0.94
N PHE F 286 31.57 37.05 1.95
CA PHE F 286 32.40 37.53 3.04
C PHE F 286 33.01 36.38 3.83
N MET F 287 32.20 35.41 4.23
CA MET F 287 32.72 34.24 4.96
C MET F 287 33.69 33.44 4.11
N VAL F 288 33.35 33.21 2.83
CA VAL F 288 34.24 32.46 1.94
C VAL F 288 35.60 33.16 1.86
N ASN F 289 35.57 34.48 1.79
CA ASN F 289 36.79 35.26 1.76
C ASN F 289 37.64 35.09 3.04
N LEU F 290 36.96 35.05 4.19
CA LEU F 290 37.65 34.87 5.45
C LEU F 290 38.38 33.54 5.47
N VAL F 291 37.75 32.51 4.88
CA VAL F 291 38.38 31.20 4.83
C VAL F 291 39.59 31.21 3.89
N LYS F 292 39.43 31.88 2.76
CA LYS F 292 40.51 32.07 1.80
C LYS F 292 41.71 32.69 2.50
N GLU F 293 41.46 33.76 3.27
CA GLU F 293 42.53 34.51 3.94
C GLU F 293 43.03 33.86 5.23
N GLY F 294 42.56 32.66 5.53
CA GLY F 294 43.03 31.95 6.70
C GLY F 294 42.55 32.50 8.05
N LYS F 295 41.68 33.50 8.02
CA LYS F 295 41.18 34.10 9.27
C LYS F 295 40.15 33.22 9.97
N VAL F 296 39.45 32.41 9.19
CA VAL F 296 38.49 31.42 9.70
C VAL F 296 38.85 30.08 9.08
N LYS F 297 38.88 29.01 9.88
CA LYS F 297 39.12 27.69 9.31
C LYS F 297 37.88 26.84 9.51
N THR F 298 37.51 26.10 8.48
CA THR F 298 36.41 25.14 8.59
C THR F 298 36.91 23.85 9.19
N VAL F 299 36.32 23.39 10.30
CA VAL F 299 36.72 22.11 10.86
C VAL F 299 35.78 21.02 10.38
N ILE F 300 36.35 19.96 9.82
CA ILE F 300 35.51 18.90 9.29
C ILE F 300 35.45 17.68 10.21
N ASP F 301 34.23 17.31 10.66
CA ASP F 301 34.07 16.21 11.59
C ASP F 301 34.37 14.88 10.92
N SER F 302 33.81 14.69 9.75
CA SER F 302 34.02 13.47 8.96
C SER F 302 33.54 13.65 7.52
N LYS F 303 34.04 12.81 6.62
CA LYS F 303 33.62 12.84 5.22
C LYS F 303 33.03 11.49 4.87
N HIS F 304 31.90 11.49 4.18
CA HIS F 304 31.24 10.26 3.79
C HIS F 304 30.90 10.29 2.30
N PRO F 305 31.10 9.18 1.58
CA PRO F 305 30.63 9.13 0.18
C PRO F 305 29.11 9.07 0.12
N LEU F 306 28.54 9.59 -0.97
CA LEU F 306 27.11 9.62 -1.13
C LEU F 306 26.52 8.21 -1.03
N SER F 307 27.27 7.21 -1.51
CA SER F 307 26.79 5.82 -1.44
C SER F 307 26.65 5.31 0.00
N LYS F 308 27.20 6.05 0.96
CA LYS F 308 27.13 5.69 2.37
C LYS F 308 26.60 6.85 3.19
N ALA F 309 25.86 7.75 2.55
CA ALA F 309 25.41 8.98 3.21
C ALA F 309 24.56 8.74 4.46
N GLU F 310 23.89 7.58 4.54
CA GLU F 310 23.09 7.29 5.72
C GLU F 310 23.99 7.28 6.98
N ASP F 311 25.28 7.02 6.80
CA ASP F 311 26.22 7.13 7.89
C ASP F 311 26.37 8.58 8.36
N ALA F 312 26.45 9.51 7.40
CA ALA F 312 26.56 10.93 7.74
C ALA F 312 25.32 11.35 8.49
N TRP F 313 24.17 10.88 8.00
CA TRP F 313 22.88 11.20 8.59
C TRP F 313 22.82 10.76 10.05
N ALA F 314 23.12 9.48 10.30
CA ALA F 314 23.21 8.96 11.68
C ALA F 314 24.15 9.76 12.57
N LYS F 315 25.30 10.18 12.03
CA LYS F 315 26.26 10.99 12.78
C LYS F 315 25.67 12.33 13.20
N SER F 316 24.93 12.98 12.28
CA SER F 316 24.21 14.20 12.58
C SER F 316 23.19 14.00 13.68
N ILE F 317 22.32 13.02 13.49
CA ILE F 317 21.29 12.64 14.48
C ILE F 317 21.85 12.41 15.87
N ASP F 318 23.04 11.83 15.93
CA ASP F 318 23.67 11.46 17.18
C ASP F 318 24.18 12.70 17.95
N GLY F 319 24.45 13.78 17.20
CA GLY F 319 24.82 15.07 17.77
C GLY F 319 26.15 15.21 18.50
N HIS F 320 27.11 14.37 18.19
CA HIS F 320 28.43 14.50 18.80
C HIS F 320 29.47 15.00 17.81
N ALA F 321 28.99 15.60 16.73
CA ALA F 321 29.87 16.11 15.70
C ALA F 321 30.77 17.23 16.23
N THR F 322 32.05 17.16 15.88
CA THR F 322 32.95 18.25 16.16
C THR F 322 33.29 18.92 14.84
N GLY F 323 32.74 20.10 14.60
CA GLY F 323 32.82 20.72 13.30
C GLY F 323 31.68 20.26 12.39
N LYS F 324 31.94 20.23 11.07
CA LYS F 324 30.86 19.94 10.12
C LYS F 324 30.94 18.55 9.46
N ILE F 325 29.78 17.89 9.36
CA ILE F 325 29.73 16.57 8.72
C ILE F 325 29.60 16.77 7.21
N ILE F 326 30.38 16.03 6.41
CA ILE F 326 30.42 16.28 4.96
C ILE F 326 30.05 15.07 4.14
N VAL F 327 29.19 15.23 3.14
CA VAL F 327 28.99 14.16 2.15
C VAL F 327 29.60 14.52 0.78
N GLU F 328 30.45 13.63 0.26
CA GLU F 328 31.17 13.81 -1.01
C GLU F 328 30.66 12.82 -2.05
N PRO F 329 30.94 13.09 -3.33
CA PRO F 329 30.55 12.06 -4.30
C PRO F 329 31.59 10.95 -4.41
N GLY G 3 0.96 7.36 -20.79
CA GLY G 3 0.50 8.35 -19.83
C GLY G 3 -0.56 9.30 -20.38
N LYS G 4 -1.84 8.94 -20.22
CA LYS G 4 -2.97 9.77 -20.66
C LYS G 4 -2.99 11.14 -19.97
N LEU G 5 -3.59 12.12 -20.66
CA LEU G 5 -3.56 13.51 -20.21
C LEU G 5 -4.94 14.09 -19.96
N MET G 6 -4.97 15.20 -19.21
CA MET G 6 -6.22 15.86 -18.86
C MET G 6 -6.10 17.39 -18.84
N HIS G 7 -7.25 18.04 -19.00
CA HIS G 7 -7.35 19.48 -18.88
C HIS G 7 -7.45 19.84 -17.38
N ALA G 8 -6.82 20.94 -16.99
CA ALA G 8 -6.93 21.43 -15.62
C ALA G 8 -6.66 22.91 -15.57
N LEU G 9 -6.99 23.53 -14.45
CA LEU G 9 -6.55 24.89 -14.18
C LEU G 9 -5.57 24.86 -13.04
N GLN G 10 -4.57 25.73 -13.10
CA GLN G 10 -3.60 25.81 -12.01
C GLN G 10 -3.02 27.23 -11.91
N TYR G 11 -2.65 27.62 -10.70
CA TYR G 11 -1.90 28.86 -10.53
C TYR G 11 -0.47 28.52 -10.21
N ASN G 12 0.44 29.40 -10.58
CA ASN G 12 1.86 29.13 -10.47
C ASN G 12 2.57 30.02 -9.43
N SER G 13 1.80 30.87 -8.75
CA SER G 13 2.37 31.85 -7.84
C SER G 13 1.28 32.57 -7.07
N TYR G 14 1.69 33.37 -6.08
CA TYR G 14 0.74 34.04 -5.21
C TYR G 14 0.21 35.28 -5.88
N GLY G 15 -1.01 35.68 -5.54
CA GLY G 15 -1.54 36.97 -5.91
C GLY G 15 -2.12 37.15 -7.29
N GLY G 16 -2.27 36.08 -8.04
CA GLY G 16 -2.71 36.20 -9.42
C GLY G 16 -4.19 36.43 -9.66
N GLY G 17 -5.04 36.15 -8.68
CA GLY G 17 -6.48 36.25 -8.88
C GLY G 17 -6.92 35.36 -10.03
N ALA G 18 -8.06 35.68 -10.63
CA ALA G 18 -8.56 34.85 -11.72
C ALA G 18 -7.65 34.93 -12.96
N ALA G 19 -6.95 36.05 -13.10
CA ALA G 19 -6.01 36.20 -14.21
C ALA G 19 -4.88 35.18 -14.11
N GLY G 20 -4.44 34.92 -12.87
CA GLY G 20 -3.33 34.02 -12.62
C GLY G 20 -3.70 32.55 -12.73
N LEU G 21 -5.00 32.27 -12.88
CA LEU G 21 -5.49 30.92 -13.13
C LEU G 21 -5.23 30.56 -14.59
N GLU G 22 -4.52 29.47 -14.83
CA GLU G 22 -4.09 29.16 -16.19
C GLU G 22 -4.54 27.76 -16.65
N HIS G 23 -5.14 27.70 -17.84
CA HIS G 23 -5.58 26.43 -18.41
C HIS G 23 -4.37 25.66 -18.86
N VAL G 24 -4.25 24.42 -18.41
CA VAL G 24 -3.09 23.59 -18.74
C VAL G 24 -3.50 22.16 -19.08
N GLN G 25 -2.56 21.44 -19.67
CA GLN G 25 -2.72 20.02 -19.96
CA GLN G 25 -2.72 20.02 -19.96
C GLN G 25 -1.73 19.24 -19.10
N VAL G 26 -2.23 18.39 -18.21
CA VAL G 26 -1.33 17.70 -17.26
C VAL G 26 -1.65 16.22 -17.15
N PRO G 27 -0.69 15.42 -16.66
CA PRO G 27 -0.95 13.98 -16.48
C PRO G 27 -2.11 13.68 -15.54
N VAL G 28 -2.95 12.73 -15.98
CA VAL G 28 -3.99 12.17 -15.12
C VAL G 28 -3.36 11.47 -13.94
N PRO G 29 -3.78 11.82 -12.72
CA PRO G 29 -3.15 11.24 -11.52
C PRO G 29 -3.40 9.75 -11.39
N THR G 30 -2.42 9.04 -10.83
CA THR G 30 -2.55 7.61 -10.57
C THR G 30 -2.88 7.35 -9.11
N PRO G 31 -3.93 6.54 -8.86
CA PRO G 31 -4.34 6.23 -7.49
C PRO G 31 -3.31 5.46 -6.74
N LYS G 32 -3.04 5.87 -5.50
CA LYS G 32 -2.24 5.08 -4.57
C LYS G 32 -3.09 3.90 -4.07
N SER G 33 -2.51 3.02 -3.27
CA SER G 33 -3.19 1.78 -2.88
C SER G 33 -4.52 2.02 -2.15
N ASN G 34 -4.66 3.19 -1.53
CA ASN G 34 -5.88 3.53 -0.78
C ASN G 34 -6.73 4.66 -1.41
N GLU G 35 -6.36 5.06 -2.62
CA GLU G 35 -7.09 6.15 -3.27
C GLU G 35 -8.00 5.59 -4.34
N VAL G 36 -8.96 6.40 -4.77
CA VAL G 36 -9.73 6.13 -5.99
C VAL G 36 -9.59 7.29 -6.97
N CYS G 37 -9.60 6.96 -8.26
CA CYS G 37 -9.52 7.98 -9.28
C CYS G 37 -10.92 8.26 -9.82
N LEU G 38 -11.35 9.52 -9.71
CA LEU G 38 -12.68 9.93 -10.17
C LEU G 38 -12.65 10.72 -11.47
N LYS G 39 -13.56 10.40 -12.39
CA LYS G 39 -13.84 11.29 -13.51
C LYS G 39 -14.84 12.32 -13.00
N LEU G 40 -14.42 13.57 -12.89
CA LEU G 40 -15.23 14.57 -12.21
C LEU G 40 -16.48 14.93 -13.00
N GLU G 41 -17.59 15.05 -12.27
CA GLU G 41 -18.88 15.43 -12.83
C GLU G 41 -19.31 16.80 -12.30
N ALA G 42 -18.76 17.18 -11.15
CA ALA G 42 -19.00 18.51 -10.55
C ALA G 42 -17.94 18.83 -9.51
N THR G 43 -17.46 20.06 -9.53
CA THR G 43 -16.59 20.56 -8.46
C THR G 43 -17.20 21.83 -7.88
N SER G 44 -17.08 22.02 -6.56
CA SER G 44 -17.56 23.28 -5.99
C SER G 44 -16.42 24.02 -5.34
N LEU G 45 -16.45 25.36 -5.48
CA LEU G 45 -15.43 26.24 -4.91
C LEU G 45 -15.78 26.63 -3.47
N ASN G 46 -14.74 26.91 -2.68
CA ASN G 46 -14.89 27.45 -1.32
C ASN G 46 -13.97 28.68 -1.20
N PRO G 47 -14.37 29.69 -0.42
CA PRO G 47 -13.53 30.88 -0.29
C PRO G 47 -12.07 30.56 0.04
N VAL G 48 -11.81 29.54 0.86
CA VAL G 48 -10.42 29.21 1.20
C VAL G 48 -9.60 28.96 -0.07
N ASP G 49 -10.24 28.47 -1.14
CA ASP G 49 -9.53 28.17 -2.38
C ASP G 49 -8.81 29.40 -2.91
N TRP G 50 -9.48 30.55 -2.92
CA TRP G 50 -8.82 31.74 -3.48
C TRP G 50 -7.93 32.39 -2.43
N LYS G 51 -8.31 32.26 -1.16
CA LYS G 51 -7.46 32.72 -0.07
C LYS G 51 -6.05 32.07 -0.12
N ILE G 52 -6.00 30.78 -0.44
CA ILE G 52 -4.73 30.09 -0.53
C ILE G 52 -3.89 30.76 -1.61
N GLN G 53 -4.51 31.03 -2.75
CA GLN G 53 -3.80 31.63 -3.87
C GLN G 53 -3.34 33.02 -3.53
N LYS G 54 -4.10 33.71 -2.70
CA LYS G 54 -3.75 35.09 -2.36
C LYS G 54 -2.57 35.14 -1.38
N GLY G 55 -2.34 34.06 -0.65
CA GLY G 55 -1.22 34.00 0.27
C GLY G 55 -1.64 34.10 1.72
N MET G 56 -2.94 34.00 1.96
CA MET G 56 -3.45 34.23 3.29
C MET G 56 -3.27 33.03 4.19
N ILE G 57 -2.87 31.89 3.66
CA ILE G 57 -2.78 30.68 4.47
C ILE G 57 -1.32 30.27 4.56
N ARG G 58 -0.43 31.21 4.23
CA ARG G 58 0.98 30.99 4.42
C ARG G 58 1.29 31.01 5.90
N PRO G 59 2.26 30.17 6.35
CA PRO G 59 3.12 29.28 5.56
C PRO G 59 2.61 27.85 5.47
N PHE G 60 1.32 27.64 5.67
CA PHE G 60 0.75 26.30 5.63
C PHE G 60 0.40 25.83 4.22
N LEU G 61 -0.27 26.68 3.45
CA LEU G 61 -0.70 26.33 2.10
C LEU G 61 -0.42 27.47 1.12
N PRO G 62 -0.17 27.13 -0.16
CA PRO G 62 -0.11 25.81 -0.75
C PRO G 62 1.23 25.13 -0.45
N ARG G 63 1.31 23.81 -0.51
CA ARG G 63 2.57 23.15 -0.15
C ARG G 63 3.64 23.44 -1.20
N LYS G 64 3.23 23.45 -2.47
CA LYS G 64 4.16 23.60 -3.59
C LYS G 64 3.41 24.14 -4.81
N PHE G 65 4.10 24.90 -5.65
CA PHE G 65 3.55 25.34 -6.93
C PHE G 65 4.01 24.34 -8.01
N PRO G 66 3.23 24.23 -9.11
CA PRO G 66 1.91 24.82 -9.33
C PRO G 66 0.81 24.09 -8.58
N CYS G 67 -0.31 24.77 -8.36
CA CYS G 67 -1.42 24.22 -7.59
CA CYS G 67 -1.43 24.22 -7.60
C CYS G 67 -2.70 24.15 -8.42
N ILE G 68 -3.33 22.99 -8.43
CA ILE G 68 -4.66 22.82 -9.03
C ILE G 68 -5.67 22.92 -7.92
N PRO G 69 -6.43 24.02 -7.88
CA PRO G 69 -7.28 24.33 -6.72
C PRO G 69 -8.56 23.48 -6.59
N ALA G 70 -9.17 23.54 -5.40
CA ALA G 70 -10.53 23.06 -5.10
C ALA G 70 -10.53 21.63 -4.59
N THR G 71 -11.45 21.33 -3.67
CA THR G 71 -11.43 20.06 -2.97
C THR G 71 -12.76 19.32 -2.87
N ASP G 72 -13.86 19.98 -3.21
CA ASP G 72 -15.17 19.36 -3.13
C ASP G 72 -15.61 18.83 -4.47
N VAL G 73 -15.69 17.52 -4.62
CA VAL G 73 -15.98 16.94 -5.91
C VAL G 73 -17.05 15.84 -5.86
N ALA G 74 -17.68 15.64 -7.02
CA ALA G 74 -18.56 14.51 -7.24
C ALA G 74 -18.18 13.96 -8.59
N GLY G 75 -18.19 12.63 -8.74
CA GLY G 75 -17.84 12.03 -10.00
C GLY G 75 -18.11 10.55 -10.14
N GLU G 76 -17.45 9.94 -11.12
CA GLU G 76 -17.54 8.51 -11.35
C GLU G 76 -16.17 7.88 -11.16
N VAL G 77 -16.13 6.77 -10.45
CA VAL G 77 -14.88 6.06 -10.22
C VAL G 77 -14.43 5.39 -11.51
N VAL G 78 -13.18 5.63 -11.91
CA VAL G 78 -12.67 5.01 -13.12
C VAL G 78 -11.58 3.98 -12.83
N GLU G 79 -10.96 4.07 -11.65
CA GLU G 79 -9.87 3.20 -11.26
C GLU G 79 -9.69 3.24 -9.74
N VAL G 80 -9.53 2.08 -9.12
CA VAL G 80 -9.28 2.05 -7.66
C VAL G 80 -7.94 1.44 -7.34
N GLY G 81 -7.45 1.71 -6.13
CA GLY G 81 -6.14 1.26 -5.68
C GLY G 81 -6.19 -0.18 -5.24
N SER G 82 -5.02 -0.81 -5.12
CA SER G 82 -4.93 -2.22 -4.76
C SER G 82 -5.57 -2.57 -3.39
N GLY G 83 -5.75 -1.58 -2.54
CA GLY G 83 -6.29 -1.82 -1.21
C GLY G 83 -7.70 -1.29 -0.95
N VAL G 84 -8.36 -0.78 -1.98
CA VAL G 84 -9.70 -0.24 -1.86
C VAL G 84 -10.78 -1.34 -1.87
N LYS G 85 -11.64 -1.33 -0.85
CA LYS G 85 -12.65 -2.39 -0.68
C LYS G 85 -14.07 -1.92 -1.00
N ASN G 86 -14.32 -0.62 -0.87
CA ASN G 86 -15.68 -0.09 -0.87
C ASN G 86 -16.16 0.55 -2.17
N PHE G 87 -15.26 0.67 -3.15
CA PHE G 87 -15.63 1.26 -4.43
C PHE G 87 -15.01 0.48 -5.59
N LYS G 88 -15.77 0.41 -6.67
CA LYS G 88 -15.31 -0.21 -7.90
C LYS G 88 -15.52 0.78 -9.02
N ALA G 89 -14.95 0.51 -10.18
CA ALA G 89 -15.15 1.37 -11.35
C ALA G 89 -16.63 1.44 -11.72
N GLY G 90 -17.11 2.65 -12.00
CA GLY G 90 -18.48 2.86 -12.40
C GLY G 90 -19.32 3.47 -11.29
N ASP G 91 -18.87 3.36 -10.05
CA ASP G 91 -19.61 3.88 -8.90
C ASP G 91 -19.69 5.41 -8.91
N LYS G 92 -20.87 5.96 -8.69
CA LYS G 92 -21.03 7.41 -8.54
C LYS G 92 -20.69 7.82 -7.12
N VAL G 93 -19.79 8.79 -6.95
CA VAL G 93 -19.37 9.17 -5.61
C VAL G 93 -19.34 10.67 -5.39
N VAL G 94 -19.13 11.05 -4.13
CA VAL G 94 -18.87 12.42 -3.73
C VAL G 94 -17.70 12.33 -2.76
N ALA G 95 -16.75 13.27 -2.80
CA ALA G 95 -15.53 13.12 -2.01
C ALA G 95 -14.89 14.45 -1.63
N VAL G 96 -14.00 14.39 -0.65
CA VAL G 96 -13.20 15.54 -0.28
C VAL G 96 -11.78 15.24 -0.66
N LEU G 97 -11.15 16.13 -1.40
CA LEU G 97 -9.74 15.97 -1.76
C LEU G 97 -8.88 16.58 -0.66
N SER G 98 -7.63 16.17 -0.57
CA SER G 98 -6.70 16.77 0.37
C SER G 98 -6.37 18.22 -0.03
N HIS G 99 -6.44 19.15 0.92
CA HIS G 99 -6.06 20.56 0.64
CA HIS G 99 -6.07 20.54 0.69
C HIS G 99 -4.59 20.62 0.37
N LEU G 100 -3.87 19.54 0.66
CA LEU G 100 -2.43 19.51 0.43
C LEU G 100 -2.15 19.46 -1.06
N GLY G 101 -2.86 18.57 -1.75
CA GLY G 101 -2.64 18.34 -3.17
C GLY G 101 -3.64 18.99 -4.14
N GLY G 102 -4.83 19.35 -3.65
CA GLY G 102 -5.93 19.87 -4.46
C GLY G 102 -6.31 18.97 -5.63
N GLY G 103 -6.89 19.57 -6.66
CA GLY G 103 -7.15 18.90 -7.91
C GLY G 103 -8.60 18.85 -8.30
N GLY G 104 -9.41 19.79 -7.82
CA GLY G 104 -10.81 19.82 -8.16
C GLY G 104 -11.13 20.41 -9.54
N LEU G 105 -10.37 21.42 -9.94
CA LEU G 105 -10.55 22.02 -11.26
C LEU G 105 -9.74 21.21 -12.26
N ALA G 106 -10.18 19.99 -12.52
CA ALA G 106 -9.58 19.15 -13.55
C ALA G 106 -10.62 18.14 -14.03
N GLU G 107 -10.25 17.36 -15.04
CA GLU G 107 -11.16 16.33 -15.56
C GLU G 107 -11.18 15.13 -14.63
N PHE G 108 -10.04 14.86 -14.01
CA PHE G 108 -9.86 13.71 -13.12
C PHE G 108 -9.19 14.13 -11.81
N ALA G 109 -9.51 13.43 -10.72
CA ALA G 109 -8.86 13.66 -9.44
C ALA G 109 -8.80 12.37 -8.62
N VAL G 110 -7.84 12.29 -7.70
CA VAL G 110 -7.80 11.15 -6.78
C VAL G 110 -8.25 11.55 -5.39
N ALA G 111 -9.00 10.67 -4.75
CA ALA G 111 -9.45 10.91 -3.38
C ALA G 111 -9.16 9.68 -2.55
N THR G 112 -8.95 9.85 -1.25
CA THR G 112 -8.72 8.68 -0.41
C THR G 112 -10.06 7.97 -0.20
N GLU G 113 -10.00 6.67 0.08
CA GLU G 113 -11.21 5.91 0.35
C GLU G 113 -11.91 6.46 1.58
N LYS G 114 -11.13 6.82 2.60
CA LYS G 114 -11.65 7.36 3.86
C LYS G 114 -12.51 8.61 3.68
N LEU G 115 -12.27 9.37 2.63
CA LEU G 115 -13.02 10.61 2.39
C LEU G 115 -13.89 10.54 1.14
N THR G 116 -14.30 9.32 0.77
CA THR G 116 -15.19 9.14 -0.37
C THR G 116 -16.47 8.41 0.07
N VAL G 117 -17.60 8.89 -0.45
CA VAL G 117 -18.90 8.37 -0.08
C VAL G 117 -19.75 8.07 -1.31
N LYS G 118 -20.45 6.94 -1.33
CA LYS G 118 -21.36 6.63 -2.44
C LYS G 118 -22.45 7.69 -2.56
N ARG G 119 -22.63 8.18 -3.78
CA ARG G 119 -23.68 9.13 -4.11
C ARG G 119 -24.90 8.43 -4.70
N PRO G 120 -25.99 8.35 -3.92
CA PRO G 120 -27.24 7.73 -4.39
C PRO G 120 -27.78 8.42 -5.63
N GLN G 121 -28.48 7.69 -6.50
CA GLN G 121 -28.88 8.27 -7.79
C GLN G 121 -29.92 9.39 -7.66
N GLU G 122 -30.62 9.43 -6.53
CA GLU G 122 -31.54 10.51 -6.24
C GLU G 122 -30.83 11.87 -6.08
N VAL G 123 -29.52 11.84 -5.89
CA VAL G 123 -28.74 13.07 -5.69
C VAL G 123 -27.81 13.38 -6.87
N GLY G 124 -28.01 14.54 -7.49
CA GLY G 124 -27.20 14.93 -8.63
C GLY G 124 -25.75 15.21 -8.23
N ALA G 125 -24.86 15.34 -9.22
CA ALA G 125 -23.45 15.56 -8.93
C ALA G 125 -23.20 16.93 -8.31
N ALA G 126 -23.79 17.96 -8.90
CA ALA G 126 -23.59 19.31 -8.39
C ALA G 126 -24.16 19.45 -6.99
N GLU G 127 -25.36 18.92 -6.79
CA GLU G 127 -26.01 18.98 -5.48
C GLU G 127 -25.16 18.30 -4.42
N ALA G 128 -24.39 17.28 -4.80
CA ALA G 128 -23.54 16.56 -3.84
C ALA G 128 -22.18 17.22 -3.64
N ALA G 129 -21.63 17.82 -4.69
CA ALA G 129 -20.31 18.41 -4.62
C ALA G 129 -20.32 19.66 -3.78
N ALA G 130 -21.50 20.23 -3.56
CA ALA G 130 -21.61 21.44 -2.76
C ALA G 130 -21.47 21.13 -1.28
N LEU G 131 -21.70 19.86 -0.91
CA LEU G 131 -21.72 19.42 0.48
C LEU G 131 -20.41 19.38 1.29
N PRO G 132 -19.32 18.76 0.77
CA PRO G 132 -18.17 18.41 1.64
C PRO G 132 -17.66 19.51 2.58
N VAL G 133 -17.15 20.62 2.10
CA VAL G 133 -16.65 21.65 3.00
C VAL G 133 -17.77 22.48 3.60
N ALA G 134 -18.60 23.10 2.77
CA ALA G 134 -19.66 23.98 3.31
C ALA G 134 -20.64 23.24 4.27
N GLY G 135 -21.19 22.11 3.83
CA GLY G 135 -22.13 21.35 4.63
C GLY G 135 -21.58 20.66 5.88
N LEU G 136 -20.40 20.06 5.77
CA LEU G 136 -19.80 19.39 6.93
C LEU G 136 -19.39 20.38 8.01
N THR G 137 -18.99 21.59 7.59
CA THR G 137 -18.69 22.67 8.53
C THR G 137 -19.95 23.09 9.31
N ALA G 138 -21.04 23.31 8.59
CA ALA G 138 -22.29 23.67 9.27
C ALA G 138 -22.67 22.55 10.25
N LEU G 139 -22.57 21.31 9.79
CA LEU G 139 -22.91 20.16 10.61
C LEU G 139 -22.05 20.13 11.86
N GLN G 140 -20.75 20.43 11.70
CA GLN G 140 -19.84 20.30 12.82
C GLN G 140 -20.11 21.39 13.85
N ALA G 141 -20.37 22.60 13.34
CA ALA G 141 -20.63 23.74 14.21
C ALA G 141 -21.85 23.52 15.11
N LEU G 142 -22.93 23.01 14.52
CA LEU G 142 -24.16 22.79 15.26
C LEU G 142 -24.13 21.54 16.14
N THR G 143 -23.33 20.56 15.74
CA THR G 143 -23.26 19.29 16.46
C THR G 143 -22.31 19.30 17.65
N ASN G 144 -21.13 19.90 17.50
CA ASN G 144 -20.18 19.93 18.60
C ASN G 144 -20.36 21.18 19.49
N PRO G 145 -19.78 22.36 19.11
CA PRO G 145 -19.89 23.45 20.10
C PRO G 145 -21.33 23.87 20.48
N ALA G 146 -22.25 23.90 19.52
CA ALA G 146 -23.62 24.32 19.81
C ALA G 146 -24.38 23.22 20.55
N GLY G 147 -23.90 21.99 20.40
CA GLY G 147 -24.40 20.83 21.10
C GLY G 147 -25.84 20.44 20.78
N LEU G 148 -26.24 20.67 19.52
CA LEU G 148 -27.58 20.31 19.09
C LEU G 148 -27.66 18.86 18.64
N LYS G 149 -28.87 18.33 18.58
CA LYS G 149 -29.11 17.01 18.03
C LYS G 149 -30.13 17.17 16.90
N LEU G 150 -29.87 16.52 15.77
CA LEU G 150 -30.74 16.66 14.61
C LEU G 150 -31.90 15.66 14.52
N ASP G 151 -32.09 14.82 15.53
CA ASP G 151 -33.20 13.87 15.48
C ASP G 151 -34.41 14.44 16.23
N GLY G 152 -34.17 15.22 17.29
CA GLY G 152 -35.25 15.74 18.11
C GLY G 152 -35.07 15.52 19.61
N THR G 153 -34.22 14.57 20.00
CA THR G 153 -33.76 14.47 21.38
C THR G 153 -33.29 15.82 21.93
N GLY G 154 -32.59 16.56 21.08
CA GLY G 154 -31.84 17.73 21.49
C GLY G 154 -32.54 18.78 22.32
N LYS G 155 -31.73 19.61 22.97
CA LYS G 155 -32.19 20.75 23.73
C LYS G 155 -32.72 21.85 22.81
N LYS G 156 -33.79 22.53 23.23
CA LYS G 156 -34.27 23.71 22.53
C LYS G 156 -33.15 24.75 22.51
N ALA G 157 -33.07 25.59 21.47
CA ALA G 157 -31.98 26.57 21.42
C ALA G 157 -32.22 27.74 20.48
N ASN G 158 -31.61 28.88 20.79
CA ASN G 158 -31.64 30.04 19.89
C ASN G 158 -30.34 30.13 19.10
N ILE G 159 -30.43 29.95 17.79
CA ILE G 159 -29.25 30.05 16.94
C ILE G 159 -29.25 31.33 16.09
N LEU G 160 -28.12 32.01 16.05
CA LEU G 160 -27.88 33.09 15.09
C LEU G 160 -27.00 32.56 13.98
N VAL G 161 -27.37 32.78 12.73
CA VAL G 161 -26.49 32.40 11.63
C VAL G 161 -26.16 33.60 10.80
N THR G 162 -24.94 34.10 10.91
CA THR G 162 -24.56 35.25 10.12
C THR G 162 -24.16 34.79 8.73
N ALA G 163 -24.41 35.62 7.72
CA ALA G 163 -24.12 35.28 6.32
C ALA G 163 -24.86 34.01 5.93
N ALA G 164 -26.12 33.94 6.33
CA ALA G 164 -26.95 32.78 6.05
C ALA G 164 -27.18 32.48 4.56
N SER G 165 -26.79 33.40 3.68
CA SER G 165 -27.05 33.21 2.25
C SER G 165 -25.87 32.56 1.55
N GLY G 166 -24.76 32.42 2.27
CA GLY G 166 -23.59 31.80 1.68
C GLY G 166 -23.59 30.27 1.80
N GLY G 167 -22.44 29.68 1.46
CA GLY G 167 -22.30 28.24 1.45
C GLY G 167 -22.57 27.59 2.79
N VAL G 168 -21.72 27.88 3.78
CA VAL G 168 -21.94 27.33 5.12
C VAL G 168 -23.26 27.79 5.70
N GLY G 169 -23.52 29.08 5.60
CA GLY G 169 -24.70 29.66 6.20
C GLY G 169 -26.02 29.03 5.78
N HIS G 170 -26.17 28.79 4.48
CA HIS G 170 -27.44 28.30 4.00
C HIS G 170 -27.68 26.81 4.38
N TYR G 171 -26.61 26.09 4.67
CA TYR G 171 -26.75 24.76 5.23
C TYR G 171 -27.04 24.88 6.72
N ALA G 172 -26.28 25.74 7.40
CA ALA G 172 -26.47 25.96 8.83
C ALA G 172 -27.92 26.28 9.17
N VAL G 173 -28.55 27.15 8.40
CA VAL G 173 -29.93 27.51 8.70
C VAL G 173 -30.86 26.28 8.66
N GLN G 174 -30.72 25.46 7.61
CA GLN G 174 -31.54 24.27 7.42
C GLN G 174 -31.27 23.19 8.51
N LEU G 175 -29.99 22.92 8.74
CA LEU G 175 -29.61 21.95 9.74
C LEU G 175 -30.09 22.39 11.11
N ALA G 176 -29.99 23.69 11.39
CA ALA G 176 -30.44 24.20 12.69
C ALA G 176 -31.94 23.95 12.91
N LYS G 177 -32.74 24.03 11.84
CA LYS G 177 -34.17 23.79 11.96
C LYS G 177 -34.50 22.33 12.20
N LEU G 178 -33.74 21.43 11.59
CA LEU G 178 -33.91 20.00 11.89
C LEU G 178 -33.68 19.72 13.37
N ALA G 179 -32.90 20.57 14.02
CA ALA G 179 -32.58 20.41 15.43
C ALA G 179 -33.59 21.10 16.33
N ASN G 180 -34.67 21.60 15.72
CA ASN G 180 -35.72 22.29 16.46
C ASN G 180 -35.23 23.53 17.18
N ALA G 181 -34.42 24.32 16.49
CA ALA G 181 -33.89 25.54 17.08
C ALA G 181 -34.60 26.76 16.50
N HIS G 182 -34.60 27.86 17.25
CA HIS G 182 -35.06 29.13 16.73
C HIS G 182 -33.91 29.81 16.01
N VAL G 183 -34.05 29.97 14.71
CA VAL G 183 -32.99 30.54 13.90
C VAL G 183 -33.18 32.04 13.56
N THR G 184 -32.19 32.85 13.94
CA THR G 184 -32.10 34.23 13.51
C THR G 184 -30.98 34.27 12.49
N ALA G 185 -31.22 34.91 11.35
CA ALA G 185 -30.18 34.92 10.30
C ALA G 185 -29.89 36.33 9.76
N THR G 186 -28.65 36.57 9.36
CA THR G 186 -28.34 37.82 8.68
C THR G 186 -27.94 37.59 7.22
N CYS G 187 -28.29 38.53 6.36
CA CYS G 187 -27.88 38.47 4.97
C CYS G 187 -28.10 39.83 4.34
N GLY G 188 -27.85 39.92 3.03
CA GLY G 188 -28.14 41.14 2.30
C GLY G 188 -29.62 41.29 2.02
N ALA G 189 -30.02 42.51 1.66
CA ALA G 189 -31.43 42.79 1.40
C ALA G 189 -32.05 41.86 0.34
N ARG G 190 -31.29 41.53 -0.71
CA ARG G 190 -31.84 40.73 -1.81
C ARG G 190 -32.14 39.26 -1.46
N ASN G 191 -31.55 38.77 -0.37
CA ASN G 191 -31.74 37.36 -0.04
C ASN G 191 -32.65 37.13 1.16
N ILE G 192 -33.34 38.18 1.61
CA ILE G 192 -34.18 38.05 2.78
C ILE G 192 -35.24 36.98 2.56
N GLU G 193 -35.92 37.04 1.41
CA GLU G 193 -36.95 36.04 1.17
C GLU G 193 -36.31 34.67 0.99
N PHE G 194 -35.14 34.63 0.36
CA PHE G 194 -34.41 33.37 0.20
C PHE G 194 -34.09 32.69 1.55
N VAL G 195 -33.51 33.43 2.48
CA VAL G 195 -33.14 32.86 3.78
C VAL G 195 -34.37 32.43 4.55
N LYS G 196 -35.47 33.17 4.40
CA LYS G 196 -36.73 32.76 5.01
C LYS G 196 -37.21 31.41 4.48
N SER G 197 -36.97 31.12 3.21
CA SER G 197 -37.42 29.87 2.59
C SER G 197 -36.59 28.67 3.05
N LEU G 198 -35.40 28.92 3.58
CA LEU G 198 -34.57 27.86 4.14
C LEU G 198 -35.05 27.46 5.54
N GLY G 199 -35.88 28.32 6.14
CA GLY G 199 -36.51 28.00 7.40
C GLY G 199 -36.21 28.96 8.55
N ALA G 200 -35.52 30.06 8.26
CA ALA G 200 -35.14 31.01 9.30
C ALA G 200 -36.38 31.69 9.88
N ASP G 201 -36.43 31.77 11.21
CA ASP G 201 -37.57 32.36 11.91
C ASP G 201 -37.53 33.88 11.86
N GLU G 202 -36.32 34.43 11.83
CA GLU G 202 -36.12 35.87 11.71
C GLU G 202 -34.95 36.13 10.77
N VAL G 203 -35.09 37.13 9.89
CA VAL G 203 -33.99 37.51 9.01
C VAL G 203 -33.66 39.00 9.11
N LEU G 204 -32.39 39.30 9.28
CA LEU G 204 -31.91 40.69 9.37
C LEU G 204 -31.09 41.09 8.14
N ASP G 205 -31.34 42.30 7.64
CA ASP G 205 -30.49 42.89 6.60
C ASP G 205 -29.30 43.50 7.29
N TYR G 206 -28.10 43.00 7.00
CA TYR G 206 -26.94 43.39 7.79
C TYR G 206 -26.43 44.81 7.52
N LYS G 207 -27.01 45.47 6.51
CA LYS G 207 -26.69 46.85 6.20
C LYS G 207 -27.51 47.82 7.08
N THR G 208 -28.66 47.36 7.54
CA THR G 208 -29.47 48.16 8.47
C THR G 208 -28.81 48.25 9.85
N PRO G 209 -29.12 49.31 10.61
CA PRO G 209 -28.56 49.42 11.98
C PRO G 209 -28.82 48.19 12.86
N GLU G 210 -30.02 47.62 12.77
CA GLU G 210 -30.41 46.48 13.60
C GLU G 210 -29.66 45.22 13.20
N GLY G 211 -29.47 45.02 11.91
CA GLY G 211 -28.70 43.90 11.42
C GLY G 211 -27.24 43.98 11.87
N ALA G 212 -26.71 45.20 11.87
CA ALA G 212 -25.32 45.42 12.25
C ALA G 212 -25.12 45.18 13.74
N ALA G 213 -26.17 45.38 14.53
CA ALA G 213 -26.09 45.15 15.97
C ALA G 213 -26.42 43.71 16.31
N LEU G 214 -26.82 42.95 15.28
CA LEU G 214 -27.22 41.55 15.40
C LEU G 214 -28.38 41.39 16.39
N LYS G 215 -29.26 42.38 16.40
CA LYS G 215 -30.30 42.44 17.41
C LYS G 215 -31.60 41.75 16.95
N SER G 216 -31.98 40.70 17.67
CA SER G 216 -33.17 39.92 17.35
C SER G 216 -34.42 40.77 17.41
N PRO G 217 -35.23 40.76 16.36
CA PRO G 217 -36.47 41.53 16.32
C PRO G 217 -37.52 41.09 17.37
N SER G 218 -37.31 39.95 18.02
CA SER G 218 -38.22 39.49 19.07
C SER G 218 -37.54 39.40 20.42
N GLY G 219 -36.30 39.88 20.48
CA GLY G 219 -35.57 40.00 21.72
C GLY G 219 -34.80 38.79 22.19
N LYS G 220 -34.70 37.77 21.34
CA LYS G 220 -34.01 36.53 21.72
C LYS G 220 -32.52 36.74 21.99
N LYS G 221 -32.02 36.09 23.03
CA LYS G 221 -30.59 36.01 23.25
C LYS G 221 -30.09 34.68 22.69
N TYR G 222 -28.96 34.71 21.99
CA TYR G 222 -28.50 33.54 21.24
C TYR G 222 -27.67 32.60 22.09
N ASP G 223 -27.94 31.31 21.97
CA ASP G 223 -27.17 30.29 22.70
C ASP G 223 -25.88 29.97 21.95
N ALA G 224 -25.96 29.97 20.63
CA ALA G 224 -24.80 29.81 19.79
C ALA G 224 -24.97 30.60 18.48
N VAL G 225 -23.88 31.17 18.00
CA VAL G 225 -23.84 31.81 16.72
C VAL G 225 -22.97 31.00 15.76
N VAL G 226 -23.53 30.59 14.64
CA VAL G 226 -22.69 30.07 13.57
C VAL G 226 -22.27 31.28 12.73
N HIS G 227 -21.09 31.80 13.04
CA HIS G 227 -20.57 33.03 12.46
C HIS G 227 -19.85 32.79 11.13
N CYS G 228 -20.53 33.04 10.02
CA CYS G 228 -19.98 32.77 8.70
C CYS G 228 -19.55 34.03 7.97
N ALA G 229 -19.77 35.20 8.59
CA ALA G 229 -19.33 36.46 8.02
C ALA G 229 -17.99 36.85 8.62
N ASN G 230 -17.54 38.09 8.45
CA ASN G 230 -16.17 38.45 8.84
C ASN G 230 -15.95 39.78 9.52
N GLY G 231 -16.91 40.67 9.47
CA GLY G 231 -16.61 42.00 9.95
C GLY G 231 -16.66 42.23 11.45
N ILE G 232 -17.12 41.25 12.20
CA ILE G 232 -17.70 41.51 13.51
C ILE G 232 -16.84 41.14 14.71
N PRO G 233 -16.49 42.14 15.55
CA PRO G 233 -15.76 41.97 16.81
C PRO G 233 -16.68 41.49 17.94
N PHE G 234 -16.10 40.76 18.89
CA PHE G 234 -16.90 40.09 19.91
C PHE G 234 -17.85 41.02 20.65
N SER G 235 -17.45 42.27 20.84
CA SER G 235 -18.30 43.23 21.56
C SER G 235 -19.69 43.42 20.93
N VAL G 236 -19.81 43.18 19.63
CA VAL G 236 -21.09 43.31 18.95
C VAL G 236 -21.99 42.12 19.28
N PHE G 237 -21.41 40.93 19.28
CA PHE G 237 -22.11 39.70 19.65
C PHE G 237 -22.58 39.70 21.12
N GLU G 238 -21.72 40.15 22.02
CA GLU G 238 -21.89 39.98 23.46
C GLU G 238 -23.26 40.34 24.04
N PRO G 239 -23.80 41.54 23.74
CA PRO G 239 -25.11 41.85 24.34
C PRO G 239 -26.24 40.94 23.88
N ASN G 240 -26.01 40.24 22.76
CA ASN G 240 -27.02 39.37 22.19
C ASN G 240 -26.91 37.93 22.62
N LEU G 241 -25.89 37.61 23.41
CA LEU G 241 -25.68 36.23 23.83
C LEU G 241 -26.40 35.95 25.13
N SER G 242 -26.92 34.73 25.25
CA SER G 242 -27.43 34.22 26.52
C SER G 242 -26.27 34.12 27.52
N GLU G 243 -26.57 33.76 28.77
CA GLU G 243 -25.53 33.82 29.80
C GLU G 243 -24.26 33.04 29.45
N ASN G 244 -24.40 31.87 28.81
CA ASN G 244 -23.24 31.04 28.46
C ASN G 244 -23.13 30.81 26.98
N GLY G 245 -23.53 31.81 26.21
CA GLY G 245 -23.61 31.69 24.76
C GLY G 245 -22.25 31.62 24.10
N LYS G 246 -22.18 30.88 23.01
CA LYS G 246 -20.94 30.72 22.26
C LYS G 246 -21.02 31.38 20.89
N VAL G 247 -20.01 32.18 20.53
CA VAL G 247 -19.83 32.58 19.15
C VAL G 247 -18.89 31.55 18.47
N ILE G 248 -19.43 30.78 17.56
CA ILE G 248 -18.60 29.81 16.83
C ILE G 248 -18.05 30.46 15.58
N ASP G 249 -16.79 30.88 15.63
CA ASP G 249 -16.15 31.59 14.53
C ASP G 249 -15.61 30.62 13.53
N ILE G 250 -16.26 30.48 12.38
CA ILE G 250 -15.78 29.46 11.44
C ILE G 250 -14.69 30.01 10.54
N THR G 251 -14.33 31.28 10.71
CA THR G 251 -13.19 31.85 10.00
C THR G 251 -12.18 32.34 11.01
N PRO G 252 -11.57 31.41 11.75
CA PRO G 252 -10.74 31.85 12.88
C PRO G 252 -9.45 32.46 12.39
N GLY G 253 -9.14 33.66 12.84
CA GLY G 253 -7.87 34.28 12.53
C GLY G 253 -7.13 34.51 13.81
N PRO G 254 -6.00 35.21 13.73
CA PRO G 254 -5.21 35.55 14.93
C PRO G 254 -6.04 36.28 16.01
N ASN G 255 -6.90 37.23 15.64
CA ASN G 255 -7.76 37.87 16.64
C ASN G 255 -8.65 36.87 17.36
N ALA G 256 -9.30 35.99 16.60
CA ALA G 256 -10.14 34.96 17.21
C ALA G 256 -9.35 34.08 18.19
N MET G 257 -8.20 33.57 17.76
CA MET G 257 -7.38 32.73 18.61
C MET G 257 -7.01 33.48 19.90
N TRP G 258 -6.60 34.74 19.77
CA TRP G 258 -6.24 35.50 20.94
C TRP G 258 -7.46 35.66 21.86
N THR G 259 -8.59 36.09 21.29
CA THR G 259 -9.82 36.26 22.06
C THR G 259 -10.17 34.98 22.82
N TYR G 260 -10.10 33.86 22.12
CA TYR G 260 -10.32 32.54 22.69
C TYR G 260 -9.42 32.30 23.90
N ALA G 261 -8.14 32.60 23.72
CA ALA G 261 -7.18 32.43 24.79
C ALA G 261 -7.57 33.25 26.03
N VAL G 262 -7.87 34.54 25.87
CA VAL G 262 -8.04 35.35 27.08
C VAL G 262 -9.41 35.07 27.69
N LYS G 263 -10.34 34.57 26.89
CA LYS G 263 -11.63 34.21 27.46
C LYS G 263 -11.56 32.85 28.16
N LYS G 264 -10.59 32.01 27.80
CA LYS G 264 -10.29 30.82 28.57
C LYS G 264 -9.57 31.20 29.88
N ILE G 265 -8.46 31.93 29.74
CA ILE G 265 -7.70 32.46 30.87
C ILE G 265 -8.57 33.17 31.90
N THR G 266 -9.43 34.09 31.46
CA THR G 266 -10.24 34.89 32.39
C THR G 266 -11.53 34.19 32.79
N MET G 267 -11.73 32.97 32.27
CA MET G 267 -12.91 32.15 32.58
C MET G 267 -14.21 32.89 32.36
N SER G 268 -14.31 33.51 31.18
CA SER G 268 -15.50 34.24 30.77
C SER G 268 -16.62 33.25 30.56
N LYS G 269 -17.83 33.64 30.96
CA LYS G 269 -18.97 32.75 30.78
C LYS G 269 -19.39 32.69 29.30
N LYS G 270 -19.44 33.85 28.63
CA LYS G 270 -19.66 33.89 27.18
C LYS G 270 -18.34 33.60 26.46
N GLN G 271 -18.37 32.70 25.48
CA GLN G 271 -17.12 32.25 24.88
CA GLN G 271 -17.14 32.22 24.86
C GLN G 271 -17.08 32.50 23.38
N LEU G 272 -15.87 32.61 22.85
CA LEU G 272 -15.68 32.62 21.41
C LEU G 272 -14.92 31.36 21.05
N VAL G 273 -15.47 30.57 20.15
CA VAL G 273 -14.93 29.25 19.81
C VAL G 273 -14.48 29.12 18.36
N PRO G 274 -13.16 28.96 18.14
CA PRO G 274 -12.70 28.78 16.75
C PRO G 274 -13.14 27.44 16.26
N LEU G 275 -13.35 27.28 14.96
CA LEU G 275 -13.73 25.99 14.41
C LEU G 275 -12.86 25.66 13.21
N LEU G 276 -12.29 24.47 13.24
CA LEU G 276 -11.53 23.98 12.11
C LEU G 276 -12.15 22.67 11.69
N LEU G 277 -12.61 22.62 10.44
CA LEU G 277 -13.33 21.45 9.95
C LEU G 277 -12.53 20.16 9.99
N ILE G 278 -13.10 19.11 10.59
CA ILE G 278 -12.56 17.76 10.48
C ILE G 278 -13.51 16.88 9.64
N PRO G 279 -13.19 16.69 8.36
CA PRO G 279 -14.03 15.94 7.42
C PRO G 279 -14.05 14.45 7.72
N LYS G 280 -15.22 13.85 7.86
CA LYS G 280 -15.28 12.40 8.10
C LYS G 280 -16.35 11.83 7.19
N ALA G 281 -16.10 10.63 6.67
CA ALA G 281 -17.03 9.99 5.76
C ALA G 281 -18.42 9.76 6.37
N GLU G 282 -18.48 9.40 7.64
CA GLU G 282 -19.77 9.18 8.33
C GLU G 282 -20.65 10.42 8.24
N ASN G 283 -20.04 11.59 8.42
CA ASN G 283 -20.76 12.84 8.36
C ASN G 283 -21.19 13.19 6.93
N LEU G 284 -20.29 12.95 5.97
CA LEU G 284 -20.61 13.21 4.57
C LEU G 284 -21.76 12.30 4.12
N GLU G 285 -21.67 11.03 4.51
CA GLU G 285 -22.71 10.05 4.26
C GLU G 285 -24.03 10.53 4.84
N PHE G 286 -23.98 11.04 6.07
CA PHE G 286 -25.15 11.57 6.74
C PHE G 286 -25.74 12.78 5.99
N MET G 287 -24.90 13.71 5.56
CA MET G 287 -25.38 14.89 4.85
C MET G 287 -25.95 14.50 3.51
N VAL G 288 -25.25 13.61 2.80
CA VAL G 288 -25.75 13.17 1.49
C VAL G 288 -27.14 12.53 1.65
N ASN G 289 -27.32 11.80 2.74
CA ASN G 289 -28.58 11.17 2.99
C ASN G 289 -29.68 12.20 3.23
N LEU G 290 -29.35 13.26 3.96
CA LEU G 290 -30.33 14.30 4.23
C LEU G 290 -30.82 14.98 2.95
N VAL G 291 -29.91 15.12 1.99
CA VAL G 291 -30.24 15.70 0.70
C VAL G 291 -31.12 14.74 -0.09
N LYS G 292 -30.78 13.45 -0.02
CA LYS G 292 -31.60 12.40 -0.65
C LYS G 292 -33.04 12.45 -0.16
N GLU G 293 -33.20 12.56 1.16
CA GLU G 293 -34.52 12.54 1.79
C GLU G 293 -35.22 13.89 1.74
N GLY G 294 -34.60 14.86 1.08
CA GLY G 294 -35.19 16.19 0.92
C GLY G 294 -35.22 17.06 2.16
N LYS G 295 -34.53 16.64 3.21
CA LYS G 295 -34.53 17.39 4.46
C LYS G 295 -33.60 18.60 4.36
N VAL G 296 -32.58 18.48 3.52
CA VAL G 296 -31.67 19.59 3.22
C VAL G 296 -31.61 19.74 1.72
N LYS G 297 -31.70 20.97 1.22
CA LYS G 297 -31.54 21.19 -0.22
C LYS G 297 -30.28 22.00 -0.48
N THR G 298 -29.51 21.60 -1.48
CA THR G 298 -28.34 22.34 -1.88
C THR G 298 -28.75 23.48 -2.79
N VAL G 299 -28.35 24.70 -2.47
CA VAL G 299 -28.69 25.81 -3.36
C VAL G 299 -27.47 26.14 -4.20
N ILE G 300 -27.67 26.20 -5.51
CA ILE G 300 -26.54 26.39 -6.41
C ILE G 300 -26.53 27.81 -6.96
N ASP G 301 -25.45 28.54 -6.68
CA ASP G 301 -25.34 29.94 -7.11
C ASP G 301 -25.25 30.06 -8.62
N SER G 302 -24.35 29.27 -9.20
CA SER G 302 -24.14 29.24 -10.64
C SER G 302 -23.37 27.99 -11.07
N LYS G 303 -23.45 27.67 -12.37
CA LYS G 303 -22.69 26.55 -12.92
C LYS G 303 -21.79 27.07 -14.04
N HIS G 304 -20.55 26.62 -14.06
CA HIS G 304 -19.60 27.04 -15.07
C HIS G 304 -18.87 25.85 -15.65
N PRO G 305 -18.70 25.82 -16.98
CA PRO G 305 -17.87 24.77 -17.58
C PRO G 305 -16.38 24.95 -17.19
N LEU G 306 -15.66 23.84 -17.10
CA LEU G 306 -14.24 23.86 -16.79
C LEU G 306 -13.46 24.79 -17.73
N SER G 307 -13.89 24.86 -18.99
CA SER G 307 -13.24 25.72 -19.99
C SER G 307 -13.41 27.22 -19.69
N LYS G 308 -14.31 27.55 -18.78
CA LYS G 308 -14.53 28.93 -18.35
C LYS G 308 -14.45 29.05 -16.82
N ALA G 309 -13.72 28.13 -16.18
CA ALA G 309 -13.68 28.05 -14.73
C ALA G 309 -13.16 29.31 -14.07
N GLU G 310 -12.32 30.08 -14.75
CA GLU G 310 -11.85 31.35 -14.19
C GLU G 310 -13.03 32.27 -13.85
N ASP G 311 -14.16 32.11 -14.52
CA ASP G 311 -15.37 32.84 -14.18
C ASP G 311 -15.89 32.42 -12.80
N ALA G 312 -15.89 31.10 -12.54
CA ALA G 312 -16.30 30.60 -11.23
C ALA G 312 -15.40 31.18 -10.15
N TRP G 313 -14.10 31.08 -10.40
CA TRP G 313 -13.08 31.64 -9.51
C TRP G 313 -13.35 33.11 -9.17
N ALA G 314 -13.55 33.94 -10.19
CA ALA G 314 -13.84 35.35 -10.00
C ALA G 314 -15.09 35.55 -9.14
N LYS G 315 -16.07 34.67 -9.34
CA LYS G 315 -17.34 34.79 -8.63
C LYS G 315 -17.13 34.50 -7.16
N SER G 316 -16.28 33.51 -6.88
CA SER G 316 -15.89 33.15 -5.51
C SER G 316 -15.18 34.30 -4.82
N ILE G 317 -14.11 34.78 -5.45
CA ILE G 317 -13.36 35.95 -5.02
C ILE G 317 -14.26 37.12 -4.67
N ASP G 318 -15.30 37.32 -5.48
CA ASP G 318 -16.16 38.49 -5.34
C ASP G 318 -17.03 38.43 -4.09
N GLY G 319 -17.29 37.22 -3.64
CA GLY G 319 -17.98 36.96 -2.39
C GLY G 319 -19.45 37.28 -2.31
N HIS G 320 -20.16 37.33 -3.45
CA HIS G 320 -21.61 37.60 -3.39
C HIS G 320 -22.43 36.38 -3.74
N ALA G 321 -21.80 35.23 -3.70
CA ALA G 321 -22.47 33.98 -3.99
C ALA G 321 -23.66 33.73 -3.06
N THR G 322 -24.76 33.25 -3.64
CA THR G 322 -25.86 32.77 -2.86
C THR G 322 -25.96 31.27 -3.04
N GLY G 323 -25.57 30.51 -2.02
CA GLY G 323 -25.38 29.08 -2.18
C GLY G 323 -23.98 28.74 -2.69
N LYS G 324 -23.86 27.64 -3.41
CA LYS G 324 -22.54 27.18 -3.86
C LYS G 324 -22.23 27.36 -5.36
N ILE G 325 -21.00 27.79 -5.64
CA ILE G 325 -20.53 27.95 -7.01
C ILE G 325 -20.05 26.59 -7.56
N ILE G 326 -20.49 26.22 -8.75
CA ILE G 326 -20.15 24.90 -9.28
C ILE G 326 -19.41 24.93 -10.62
N VAL G 327 -18.36 24.14 -10.75
CA VAL G 327 -17.71 23.92 -12.04
C VAL G 327 -17.98 22.51 -12.54
N GLU G 328 -18.52 22.45 -13.76
CA GLU G 328 -18.88 21.18 -14.44
C GLU G 328 -17.95 20.94 -15.61
N PRO G 329 -17.84 19.68 -16.09
CA PRO G 329 -17.06 19.48 -17.31
C PRO G 329 -17.86 19.82 -18.57
N LYS H 4 -8.04 45.91 63.35
CA LYS H 4 -7.49 44.67 63.87
C LYS H 4 -6.38 44.18 62.97
N LEU H 5 -5.47 43.35 63.51
CA LEU H 5 -4.30 42.92 62.75
C LEU H 5 -4.02 41.41 62.73
N MET H 6 -3.35 40.94 61.67
CA MET H 6 -3.00 39.51 61.54
C MET H 6 -1.56 39.23 61.09
N HIS H 7 -1.08 38.04 61.43
CA HIS H 7 0.21 37.54 60.98
C HIS H 7 0.06 36.97 59.56
N ALA H 8 1.06 37.19 58.71
CA ALA H 8 1.03 36.64 57.35
C ALA H 8 2.43 36.52 56.81
N LEU H 9 2.57 35.78 55.71
CA LEU H 9 3.83 35.77 55.00
C LEU H 9 3.62 36.40 53.63
N GLN H 10 4.62 37.11 53.15
CA GLN H 10 4.51 37.72 51.84
C GLN H 10 5.88 37.88 51.20
N TYR H 11 5.93 37.79 49.87
CA TYR H 11 7.15 38.17 49.17
C TYR H 11 6.97 39.55 48.53
N ASN H 12 8.08 40.24 48.34
CA ASN H 12 8.03 41.61 47.87
C ASN H 12 8.61 41.78 46.46
N SER H 13 9.07 40.68 45.87
CA SER H 13 9.75 40.74 44.58
C SER H 13 9.94 39.35 44.03
N TYR H 14 10.37 39.28 42.77
CA TYR H 14 10.65 38.00 42.14
C TYR H 14 11.97 37.37 42.63
N GLY H 15 12.02 36.03 42.59
CA GLY H 15 13.25 35.28 42.71
C GLY H 15 13.81 35.06 44.12
N GLY H 16 13.03 35.38 45.14
CA GLY H 16 13.52 35.28 46.49
C GLY H 16 13.59 33.90 47.10
N GLY H 17 12.84 32.94 46.55
CA GLY H 17 12.74 31.62 47.16
C GLY H 17 12.20 31.70 48.58
N ALA H 18 12.49 30.70 49.42
CA ALA H 18 11.99 30.73 50.79
C ALA H 18 12.63 31.86 51.61
N ALA H 19 13.84 32.26 51.25
CA ALA H 19 14.49 33.39 51.90
C ALA H 19 13.68 34.68 51.73
N GLY H 20 13.13 34.88 50.53
CA GLY H 20 12.39 36.09 50.22
C GLY H 20 10.99 36.12 50.79
N LEU H 21 10.57 35.01 51.41
CA LEU H 21 9.32 34.95 52.12
C LEU H 21 9.50 35.65 53.47
N GLU H 22 8.67 36.64 53.75
CA GLU H 22 8.90 37.47 54.92
C GLU H 22 7.67 37.53 55.86
N HIS H 23 7.90 37.26 57.15
CA HIS H 23 6.84 37.32 58.15
C HIS H 23 6.45 38.76 58.43
N VAL H 24 5.16 39.05 58.30
CA VAL H 24 4.69 40.44 58.43
C VAL H 24 3.41 40.51 59.22
N GLN H 25 3.08 41.72 59.64
CA GLN H 25 1.85 42.02 60.35
C GLN H 25 1.01 42.93 59.46
N VAL H 26 -0.15 42.46 59.01
CA VAL H 26 -0.95 43.23 58.06
C VAL H 26 -2.42 43.27 58.46
N PRO H 27 -3.18 44.24 57.90
CA PRO H 27 -4.62 44.33 58.21
C PRO H 27 -5.41 43.10 57.80
N VAL H 28 -6.30 42.68 58.69
CA VAL H 28 -7.24 41.61 58.37
C VAL H 28 -8.17 42.09 57.27
N PRO H 29 -8.30 41.29 56.20
CA PRO H 29 -9.12 41.73 55.05
C PRO H 29 -10.60 41.85 55.41
N THR H 30 -11.28 42.78 54.75
CA THR H 30 -12.72 42.98 54.95
C THR H 30 -13.49 42.36 53.79
N PRO H 31 -14.48 41.50 54.11
CA PRO H 31 -15.28 40.85 53.08
C PRO H 31 -16.11 41.84 52.27
N LYS H 32 -16.06 41.70 50.94
CA LYS H 32 -16.98 42.42 50.06
C LYS H 32 -18.37 41.79 50.19
N SER H 33 -19.35 42.33 49.47
CA SER H 33 -20.76 41.92 49.67
C SER H 33 -21.01 40.44 49.37
N ASN H 34 -20.15 39.85 48.55
CA ASN H 34 -20.28 38.44 48.15
C ASN H 34 -19.18 37.52 48.69
N GLU H 35 -18.32 38.06 49.56
CA GLU H 35 -17.21 37.29 50.11
C GLU H 35 -17.50 36.84 51.54
N VAL H 36 -16.75 35.85 52.02
CA VAL H 36 -16.77 35.51 53.43
C VAL H 36 -15.36 35.60 54.00
N CYS H 37 -15.26 35.97 55.26
CA CYS H 37 -13.95 36.02 55.90
C CYS H 37 -13.73 34.77 56.76
N LEU H 38 -12.67 34.04 56.47
CA LEU H 38 -12.37 32.81 57.18
C LEU H 38 -11.24 32.98 58.16
N LYS H 39 -11.38 32.45 59.37
CA LYS H 39 -10.24 32.21 60.24
C LYS H 39 -9.63 30.88 59.83
N LEU H 40 -8.43 30.93 59.28
CA LEU H 40 -7.85 29.75 58.65
C LEU H 40 -7.46 28.69 59.66
N GLU H 41 -7.75 27.44 59.33
CA GLU H 41 -7.42 26.29 60.15
C GLU H 41 -6.38 25.41 59.44
N ALA H 42 -6.32 25.53 58.11
CA ALA H 42 -5.32 24.84 57.30
C ALA H 42 -5.20 25.46 55.91
N THR H 43 -3.97 25.58 55.42
CA THR H 43 -3.71 26.00 54.06
C THR H 43 -2.84 24.95 53.40
N SER H 44 -3.02 24.70 52.11
CA SER H 44 -2.10 23.80 51.41
C SER H 44 -1.41 24.50 50.25
N LEU H 45 -0.17 24.12 50.01
CA LEU H 45 0.62 24.75 48.95
C LEU H 45 0.47 23.97 47.65
N ASN H 46 0.59 24.67 46.52
CA ASN H 46 0.66 24.05 45.20
C ASN H 46 1.89 24.58 44.50
N PRO H 47 2.51 23.77 43.63
CA PRO H 47 3.74 24.21 42.96
C PRO H 47 3.62 25.57 42.26
N VAL H 48 2.44 25.89 41.72
CA VAL H 48 2.23 27.18 41.06
C VAL H 48 2.54 28.35 42.01
N ASP H 49 2.32 28.14 43.31
CA ASP H 49 2.57 29.19 44.29
C ASP H 49 4.01 29.69 44.25
N TRP H 50 4.98 28.77 44.18
CA TRP H 50 6.37 29.21 44.17
C TRP H 50 6.79 29.62 42.75
N LYS H 51 6.13 29.05 41.76
CA LYS H 51 6.36 29.41 40.36
C LYS H 51 6.01 30.88 40.10
N ILE H 52 4.91 31.34 40.68
CA ILE H 52 4.54 32.73 40.59
C ILE H 52 5.64 33.63 41.16
N GLN H 53 6.15 33.26 42.33
CA GLN H 53 7.20 34.03 42.97
C GLN H 53 8.47 34.01 42.12
N LYS H 54 8.68 32.93 41.37
CA LYS H 54 9.93 32.80 40.63
C LYS H 54 9.90 33.67 39.38
N GLY H 55 8.68 34.00 38.95
CA GLY H 55 8.45 34.86 37.80
C GLY H 55 8.04 34.06 36.58
N MET H 56 7.66 32.81 36.79
CA MET H 56 7.36 31.92 35.68
C MET H 56 5.99 32.17 35.11
N ILE H 57 5.17 32.96 35.79
CA ILE H 57 3.81 33.17 35.32
C ILE H 57 3.63 34.64 34.88
N ARG H 58 4.74 35.33 34.68
CA ARG H 58 4.70 36.66 34.11
C ARG H 58 4.30 36.56 32.63
N PRO H 59 3.55 37.53 32.13
CA PRO H 59 3.11 38.77 32.80
C PRO H 59 1.71 38.70 33.42
N PHE H 60 1.23 37.49 33.71
CA PHE H 60 -0.10 37.32 34.27
C PHE H 60 -0.13 37.44 35.80
N LEU H 61 0.84 36.82 36.48
CA LEU H 61 0.89 36.84 37.95
C LEU H 61 2.31 37.02 38.47
N PRO H 62 2.45 37.65 39.64
CA PRO H 62 1.41 38.19 40.51
C PRO H 62 0.92 39.54 39.98
N ARG H 63 -0.30 39.95 40.32
CA ARG H 63 -0.81 41.22 39.81
C ARG H 63 -0.02 42.42 40.34
N LYS H 64 0.31 42.34 41.63
CA LYS H 64 0.98 43.44 42.33
C LYS H 64 1.77 42.90 43.53
N PHE H 65 2.87 43.57 43.87
CA PHE H 65 3.60 43.29 45.10
C PHE H 65 3.13 44.25 46.21
N PRO H 66 3.19 43.81 47.49
CA PRO H 66 3.59 42.48 47.95
C PRO H 66 2.47 41.46 47.80
N CYS H 67 2.85 40.20 47.77
CA CYS H 67 1.89 39.13 47.51
C CYS H 67 1.89 38.16 48.67
N ILE H 68 0.70 37.85 49.19
CA ILE H 68 0.55 36.78 50.19
C ILE H 68 0.12 35.51 49.48
N PRO H 69 1.00 34.50 49.44
CA PRO H 69 0.78 33.33 48.59
C PRO H 69 -0.21 32.30 49.11
N ALA H 70 -0.61 31.38 48.22
CA ALA H 70 -1.44 30.18 48.47
C ALA H 70 -2.95 30.45 48.38
N THR H 71 -3.68 29.46 47.87
CA THR H 71 -5.09 29.62 47.55
C THR H 71 -6.02 28.52 48.06
N ASP H 72 -5.46 27.41 48.53
CA ASP H 72 -6.27 26.32 49.06
C ASP H 72 -6.40 26.38 50.57
N VAL H 73 -7.60 26.68 51.07
CA VAL H 73 -7.79 26.89 52.50
C VAL H 73 -8.99 26.15 53.08
N ALA H 74 -8.92 25.88 54.38
CA ALA H 74 -10.05 25.41 55.16
C ALA H 74 -10.06 26.23 56.43
N GLY H 75 -11.24 26.58 56.92
CA GLY H 75 -11.32 27.40 58.11
C GLY H 75 -12.69 27.59 58.69
N GLU H 76 -12.83 28.60 59.54
CA GLU H 76 -14.11 28.94 60.16
C GLU H 76 -14.53 30.34 59.72
N VAL H 77 -15.79 30.48 59.35
CA VAL H 77 -16.33 31.76 58.93
C VAL H 77 -16.45 32.67 60.14
N VAL H 78 -15.93 33.89 60.04
CA VAL H 78 -16.00 34.82 61.16
C VAL H 78 -16.85 36.05 60.81
N GLU H 79 -17.04 36.28 59.52
CA GLU H 79 -17.80 37.43 59.04
C GLU H 79 -18.23 37.21 57.58
N VAL H 80 -19.49 37.50 57.26
CA VAL H 80 -19.96 37.37 55.88
C VAL H 80 -20.39 38.71 55.31
N GLY H 81 -20.41 38.80 53.99
CA GLY H 81 -20.79 40.02 53.30
C GLY H 81 -22.29 40.22 53.28
N SER H 82 -22.71 41.43 52.96
CA SER H 82 -24.13 41.78 52.99
C SER H 82 -24.98 40.94 52.04
N GLY H 83 -24.39 40.28 51.05
CA GLY H 83 -25.17 39.53 50.08
C GLY H 83 -25.00 38.02 50.13
N VAL H 84 -24.31 37.54 51.15
CA VAL H 84 -24.06 36.10 51.31
C VAL H 84 -25.26 35.38 51.95
N LYS H 85 -25.72 34.32 51.29
CA LYS H 85 -26.92 33.58 51.71
C LYS H 85 -26.61 32.22 52.34
N ASN H 86 -25.49 31.62 51.96
CA ASN H 86 -25.23 30.21 52.26
C ASN H 86 -24.30 29.95 53.43
N PHE H 87 -23.74 31.00 54.01
CA PHE H 87 -22.83 30.83 55.13
C PHE H 87 -23.06 31.87 56.20
N LYS H 88 -22.88 31.46 57.44
CA LYS H 88 -23.00 32.36 58.58
C LYS H 88 -21.74 32.20 59.42
N ALA H 89 -21.54 33.08 60.39
CA ALA H 89 -20.40 32.97 61.30
C ALA H 89 -20.45 31.66 62.08
N GLY H 90 -19.29 30.99 62.17
CA GLY H 90 -19.19 29.73 62.89
C GLY H 90 -19.14 28.51 61.99
N ASP H 91 -19.59 28.64 60.75
CA ASP H 91 -19.59 27.52 59.79
C ASP H 91 -18.17 27.08 59.42
N LYS H 92 -17.92 25.78 59.46
CA LYS H 92 -16.66 25.23 58.99
C LYS H 92 -16.69 25.11 57.47
N VAL H 93 -15.68 25.65 56.79
CA VAL H 93 -15.69 25.61 55.33
C VAL H 93 -14.34 25.21 54.71
N VAL H 94 -14.38 24.97 53.39
CA VAL H 94 -13.19 24.78 52.57
C VAL H 94 -13.40 25.65 51.33
N ALA H 95 -12.36 26.33 50.87
CA ALA H 95 -12.54 27.32 49.80
C ALA H 95 -11.32 27.47 48.90
N VAL H 96 -11.55 28.04 47.71
CA VAL H 96 -10.45 28.44 46.84
C VAL H 96 -10.36 29.97 46.78
N LEU H 97 -9.18 30.49 47.06
CA LEU H 97 -8.99 31.93 47.00
C LEU H 97 -8.61 32.31 45.57
N SER H 98 -8.84 33.57 45.21
CA SER H 98 -8.43 34.05 43.90
C SER H 98 -6.91 34.09 43.79
N HIS H 99 -6.38 33.55 42.69
CA HIS H 99 -4.94 33.62 42.43
C HIS H 99 -4.51 35.06 42.23
N LEU H 100 -5.47 35.94 42.00
CA LEU H 100 -5.20 37.34 41.78
C LEU H 100 -4.71 37.98 43.07
N GLY H 101 -5.45 37.75 44.15
CA GLY H 101 -5.17 38.38 45.44
C GLY H 101 -4.49 37.51 46.47
N GLY H 102 -4.69 36.19 46.38
CA GLY H 102 -4.10 35.22 47.29
C GLY H 102 -4.50 35.40 48.74
N GLY H 103 -3.65 34.92 49.64
CA GLY H 103 -3.84 35.14 51.05
C GLY H 103 -4.01 33.86 51.86
N GLY H 104 -3.40 32.78 51.41
CA GLY H 104 -3.48 31.51 52.15
C GLY H 104 -2.56 31.46 53.36
N LEU H 105 -1.35 32.01 53.25
CA LEU H 105 -0.42 32.02 54.36
C LEU H 105 -0.68 33.22 55.26
N ALA H 106 -1.79 33.16 55.98
CA ALA H 106 -2.18 34.20 56.90
C ALA H 106 -3.15 33.62 57.91
N GLU H 107 -3.49 34.41 58.92
CA GLU H 107 -4.43 33.96 59.95
C GLU H 107 -5.85 34.03 59.45
N PHE H 108 -6.11 35.00 58.58
CA PHE H 108 -7.43 35.25 58.00
C PHE H 108 -7.35 35.44 56.49
N ALA H 109 -8.41 35.05 55.79
CA ALA H 109 -8.49 35.28 54.35
C ALA H 109 -9.94 35.45 53.90
N VAL H 110 -10.15 36.11 52.77
CA VAL H 110 -11.49 36.22 52.23
C VAL H 110 -11.66 35.36 50.99
N ALA H 111 -12.81 34.74 50.86
CA ALA H 111 -13.14 33.91 49.71
C ALA H 111 -14.51 34.29 49.18
N THR H 112 -14.73 34.14 47.89
CA THR H 112 -16.06 34.40 47.36
C THR H 112 -16.99 33.27 47.77
N GLU H 113 -18.29 33.57 47.84
CA GLU H 113 -19.29 32.57 48.17
C GLU H 113 -19.32 31.47 47.11
N LYS H 114 -19.17 31.86 45.86
CA LYS H 114 -19.14 30.94 44.72
C LYS H 114 -18.06 29.85 44.83
N LEU H 115 -16.97 30.17 45.52
CA LEU H 115 -15.88 29.20 45.65
C LEU H 115 -15.68 28.72 47.08
N THR H 116 -16.75 28.72 47.86
CA THR H 116 -16.70 28.23 49.23
C THR H 116 -17.72 27.10 49.42
N VAL H 117 -17.30 26.05 50.11
CA VAL H 117 -18.15 24.88 50.32
C VAL H 117 -18.17 24.49 51.81
N LYS H 118 -19.33 24.09 52.33
CA LYS H 118 -19.41 23.62 53.71
C LYS H 118 -18.59 22.35 53.91
N ARG H 119 -17.77 22.35 54.97
CA ARG H 119 -16.92 21.22 55.33
C ARG H 119 -17.58 20.39 56.43
N PRO H 120 -18.10 19.20 56.07
CA PRO H 120 -18.74 18.31 57.06
C PRO H 120 -17.78 17.94 58.18
N GLN H 121 -18.28 17.68 59.39
CA GLN H 121 -17.39 17.49 60.53
C GLN H 121 -16.58 16.20 60.44
N GLU H 122 -17.00 15.28 59.57
CA GLU H 122 -16.25 14.05 59.34
C GLU H 122 -14.91 14.31 58.63
N VAL H 123 -14.76 15.51 58.07
CA VAL H 123 -13.57 15.88 57.31
C VAL H 123 -12.74 16.96 58.01
N GLY H 124 -11.49 16.63 58.35
CA GLY H 124 -10.61 17.57 59.03
C GLY H 124 -10.25 18.75 58.15
N ALA H 125 -9.66 19.79 58.73
CA ALA H 125 -9.32 20.99 57.97
C ALA H 125 -8.21 20.73 56.97
N ALA H 126 -7.17 20.03 57.41
CA ALA H 126 -6.03 19.78 56.53
C ALA H 126 -6.42 18.85 55.40
N GLU H 127 -7.23 17.83 55.73
CA GLU H 127 -7.71 16.88 54.73
C GLU H 127 -8.56 17.57 53.65
N ALA H 128 -9.22 18.65 54.01
CA ALA H 128 -10.07 19.38 53.07
C ALA H 128 -9.31 20.46 52.30
N ALA H 129 -8.33 21.07 52.96
CA ALA H 129 -7.59 22.14 52.33
C ALA H 129 -6.68 21.60 51.21
N ALA H 130 -6.44 20.29 51.21
CA ALA H 130 -5.58 19.69 50.19
C ALA H 130 -6.31 19.56 48.85
N LEU H 131 -7.63 19.59 48.92
CA LEU H 131 -8.50 19.30 47.78
C LEU H 131 -8.59 20.33 46.64
N PRO H 132 -8.83 21.63 46.95
CA PRO H 132 -9.23 22.56 45.89
C PRO H 132 -8.38 22.54 44.61
N VAL H 133 -7.10 22.89 44.62
CA VAL H 133 -6.37 22.87 43.34
C VAL H 133 -6.00 21.44 42.91
N ALA H 134 -5.31 20.68 43.77
CA ALA H 134 -4.85 19.35 43.40
C ALA H 134 -5.98 18.40 43.01
N GLY H 135 -7.00 18.33 43.86
CA GLY H 135 -8.11 17.41 43.66
C GLY H 135 -9.05 17.75 42.52
N LEU H 136 -9.43 19.03 42.40
CA LEU H 136 -10.32 19.45 41.33
C LEU H 136 -9.66 19.32 39.95
N THR H 137 -8.33 19.47 39.89
CA THR H 137 -7.58 19.27 38.65
C THR H 137 -7.61 17.81 38.25
N ALA H 138 -7.40 16.91 39.20
CA ALA H 138 -7.49 15.50 38.89
C ALA H 138 -8.89 15.18 38.41
N LEU H 139 -9.88 15.71 39.11
CA LEU H 139 -11.29 15.47 38.76
C LEU H 139 -11.59 15.96 37.36
N GLN H 140 -11.09 17.14 37.01
CA GLN H 140 -11.38 17.74 35.71
C GLN H 140 -10.73 16.98 34.58
N ALA H 141 -9.49 16.55 34.79
CA ALA H 141 -8.74 15.80 33.78
C ALA H 141 -9.44 14.48 33.42
N LEU H 142 -9.96 13.78 34.43
CA LEU H 142 -10.56 12.47 34.19
C LEU H 142 -12.00 12.58 33.70
N THR H 143 -12.66 13.69 34.06
CA THR H 143 -14.06 13.90 33.73
C THR H 143 -14.27 14.50 32.34
N ASN H 144 -13.47 15.49 31.95
CA ASN H 144 -13.64 16.11 30.64
C ASN H 144 -12.77 15.40 29.57
N PRO H 145 -11.46 15.70 29.47
CA PRO H 145 -10.78 15.09 28.32
C PRO H 145 -10.77 13.56 28.30
N ALA H 146 -10.62 12.92 29.45
CA ALA H 146 -10.52 11.46 29.51
C ALA H 146 -11.89 10.86 29.33
N GLY H 147 -12.90 11.65 29.65
CA GLY H 147 -14.29 11.28 29.44
C GLY H 147 -14.81 10.14 30.30
N LEU H 148 -14.26 9.99 31.49
CA LEU H 148 -14.68 8.94 32.41
C LEU H 148 -15.90 9.36 33.23
N LYS H 149 -16.57 8.38 33.83
CA LYS H 149 -17.66 8.65 34.76
C LYS H 149 -17.35 7.93 36.05
N LEU H 150 -17.61 8.58 37.17
CA LEU H 150 -17.20 8.05 38.47
C LEU H 150 -18.28 7.22 39.16
N ASP H 151 -19.43 7.03 38.53
CA ASP H 151 -20.47 6.23 39.17
C ASP H 151 -20.41 4.75 38.72
N GLY H 152 -20.01 4.51 37.48
CA GLY H 152 -19.96 3.15 36.95
C GLY H 152 -20.58 3.01 35.58
N THR H 153 -21.39 3.99 35.18
CA THR H 153 -21.88 4.10 33.79
C THR H 153 -20.73 4.05 32.80
N GLY H 154 -19.65 4.74 33.16
CA GLY H 154 -18.53 5.05 32.26
C GLY H 154 -17.93 3.91 31.46
N LYS H 155 -17.23 4.31 30.40
CA LYS H 155 -16.50 3.38 29.54
C LYS H 155 -15.27 2.83 30.25
N LYS H 156 -14.95 1.56 30.03
CA LYS H 156 -13.70 0.99 30.52
C LYS H 156 -12.55 1.76 29.88
N ALA H 157 -11.41 1.88 30.57
CA ALA H 157 -10.30 2.67 30.03
C ALA H 157 -8.95 2.39 30.67
N ASN H 158 -7.89 2.60 29.91
CA ASN H 158 -6.53 2.51 30.43
C ASN H 158 -5.94 3.89 30.74
N ILE H 159 -5.71 4.17 32.01
CA ILE H 159 -5.16 5.45 32.38
C ILE H 159 -3.71 5.33 32.83
N LEU H 160 -2.87 6.22 32.32
CA LEU H 160 -1.53 6.43 32.85
C LEU H 160 -1.53 7.69 33.70
N VAL H 161 -1.01 7.59 34.92
CA VAL H 161 -0.83 8.77 35.75
C VAL H 161 0.63 8.96 36.06
N THR H 162 1.27 9.95 35.44
CA THR H 162 2.67 10.24 35.77
C THR H 162 2.74 11.08 37.05
N ALA H 163 3.82 10.89 37.81
CA ALA H 163 3.99 11.58 39.08
C ALA H 163 2.81 11.31 40.02
N ALA H 164 2.43 10.05 40.11
CA ALA H 164 1.29 9.66 40.88
C ALA H 164 1.45 9.87 42.39
N SER H 165 2.65 10.21 42.82
CA SER H 165 2.90 10.38 44.26
C SER H 165 2.72 11.84 44.69
N GLY H 166 2.53 12.73 43.72
CA GLY H 166 2.32 14.14 43.99
C GLY H 166 0.88 14.48 44.34
N GLY H 167 0.62 15.79 44.48
CA GLY H 167 -0.69 16.28 44.84
C GLY H 167 -1.79 15.87 43.88
N VAL H 168 -1.70 16.35 42.63
CA VAL H 168 -2.68 15.96 41.64
C VAL H 168 -2.65 14.46 41.39
N GLY H 169 -1.45 13.93 41.20
CA GLY H 169 -1.29 12.52 40.87
C GLY H 169 -1.95 11.54 41.81
N HIS H 170 -1.80 11.76 43.12
CA HIS H 170 -2.32 10.80 44.09
C HIS H 170 -3.83 10.89 44.21
N TYR H 171 -4.43 12.01 43.81
CA TYR H 171 -5.86 12.08 43.69
C TYR H 171 -6.30 11.39 42.39
N ALA H 172 -5.58 11.69 41.31
CA ALA H 172 -5.90 11.14 39.99
C ALA H 172 -5.94 9.61 40.03
N VAL H 173 -4.99 8.97 40.71
CA VAL H 173 -4.97 7.51 40.78
C VAL H 173 -6.25 6.97 41.44
N GLN H 174 -6.64 7.55 42.56
CA GLN H 174 -7.86 7.13 43.29
C GLN H 174 -9.14 7.42 42.50
N LEU H 175 -9.27 8.62 41.97
CA LEU H 175 -10.45 8.98 41.20
C LEU H 175 -10.56 8.07 39.97
N ALA H 176 -9.42 7.74 39.36
CA ALA H 176 -9.43 6.88 38.18
C ALA H 176 -9.98 5.49 38.50
N LYS H 177 -9.67 4.98 39.68
CA LYS H 177 -10.19 3.67 40.10
C LYS H 177 -11.70 3.67 40.34
N LEU H 178 -12.22 4.76 40.90
CA LEU H 178 -13.65 4.93 41.07
C LEU H 178 -14.35 4.87 39.71
N ALA H 179 -13.63 5.22 38.66
CA ALA H 179 -14.17 5.22 37.31
C ALA H 179 -13.97 3.87 36.61
N ASN H 180 -13.56 2.86 37.37
CA ASN H 180 -13.34 1.51 36.83
C ASN H 180 -12.32 1.48 35.69
N ALA H 181 -11.23 2.20 35.88
CA ALA H 181 -10.18 2.23 34.87
C ALA H 181 -8.97 1.41 35.32
N HIS H 182 -8.20 0.93 34.35
CA HIS H 182 -6.93 0.31 34.64
C HIS H 182 -5.84 1.41 34.76
N VAL H 183 -5.28 1.54 35.95
CA VAL H 183 -4.33 2.62 36.22
C VAL H 183 -2.88 2.15 36.19
N THR H 184 -2.09 2.76 35.32
CA THR H 184 -0.65 2.60 35.33
C THR H 184 -0.08 3.88 35.91
N ALA H 185 0.86 3.79 36.84
CA ALA H 185 1.39 4.99 37.48
C ALA H 185 2.90 5.03 37.48
N THR H 186 3.47 6.23 37.41
CA THR H 186 4.92 6.39 37.59
C THR H 186 5.20 7.18 38.86
N CYS H 187 6.31 6.86 39.52
CA CYS H 187 6.78 7.59 40.69
C CYS H 187 8.20 7.18 40.97
N GLY H 188 8.77 7.74 42.03
CA GLY H 188 10.09 7.34 42.47
C GLY H 188 10.08 6.00 43.20
N ALA H 189 11.26 5.40 43.35
CA ALA H 189 11.37 4.07 43.93
C ALA H 189 10.78 3.98 45.33
N ARG H 190 10.87 5.07 46.10
CA ARG H 190 10.42 5.03 47.49
C ARG H 190 8.91 5.03 47.67
N ASN H 191 8.19 5.44 46.64
CA ASN H 191 6.74 5.53 46.76
C ASN H 191 5.97 4.44 46.03
N ILE H 192 6.67 3.42 45.54
CA ILE H 192 6.04 2.38 44.76
C ILE H 192 4.95 1.69 45.56
N GLU H 193 5.26 1.33 46.81
CA GLU H 193 4.26 0.68 47.64
C GLU H 193 3.15 1.68 47.95
N PHE H 194 3.51 2.94 48.14
CA PHE H 194 2.52 3.98 48.39
C PHE H 194 1.50 4.11 47.27
N VAL H 195 1.96 4.23 46.03
CA VAL H 195 1.08 4.39 44.88
C VAL H 195 0.22 3.15 44.69
N LYS H 196 0.78 1.98 44.98
CA LYS H 196 -0.01 0.74 44.92
C LYS H 196 -1.19 0.80 45.90
N SER H 197 -0.97 1.38 47.07
CA SER H 197 -2.03 1.45 48.10
C SER H 197 -3.17 2.40 47.71
N LEU H 198 -2.89 3.31 46.78
CA LEU H 198 -3.92 4.22 46.30
C LEU H 198 -4.84 3.51 45.32
N GLY H 199 -4.36 2.39 44.78
CA GLY H 199 -5.18 1.57 43.91
C GLY H 199 -4.61 1.34 42.52
N ALA H 200 -3.37 1.74 42.30
CA ALA H 200 -2.76 1.59 40.97
C ALA H 200 -2.52 0.12 40.65
N ASP H 201 -2.89 -0.28 39.43
CA ASP H 201 -2.76 -1.67 39.01
C ASP H 201 -1.31 -1.97 38.65
N GLU H 202 -0.59 -0.96 38.16
CA GLU H 202 0.82 -1.11 37.81
C GLU H 202 1.57 0.12 38.22
N VAL H 203 2.76 -0.04 38.81
CA VAL H 203 3.58 1.10 39.18
C VAL H 203 4.98 1.01 38.59
N LEU H 204 5.43 2.07 37.93
CA LEU H 204 6.77 2.16 37.35
C LEU H 204 7.68 3.14 38.11
N ASP H 205 8.92 2.72 38.33
CA ASP H 205 9.94 3.63 38.85
C ASP H 205 10.50 4.41 37.67
N TYR H 206 10.35 5.75 37.71
CA TYR H 206 10.62 6.55 36.52
C TYR H 206 12.11 6.74 36.24
N LYS H 207 12.94 6.25 37.15
CA LYS H 207 14.39 6.28 36.98
C LYS H 207 14.87 5.07 36.17
N THR H 208 14.10 3.98 36.22
CA THR H 208 14.39 2.78 35.44
C THR H 208 14.14 3.04 33.97
N PRO H 209 14.84 2.33 33.06
CA PRO H 209 14.60 2.46 31.62
C PRO H 209 13.13 2.27 31.19
N GLU H 210 12.42 1.32 31.81
CA GLU H 210 11.01 1.05 31.47
C GLU H 210 10.08 2.16 31.93
N GLY H 211 10.36 2.73 33.11
CA GLY H 211 9.62 3.86 33.62
C GLY H 211 9.80 5.08 32.72
N ALA H 212 11.03 5.29 32.28
CA ALA H 212 11.35 6.42 31.42
C ALA H 212 10.70 6.29 30.04
N ALA H 213 10.42 5.06 29.62
CA ALA H 213 9.76 4.82 28.34
C ALA H 213 8.24 4.79 28.52
N LEU H 214 7.80 4.91 29.77
CA LEU H 214 6.38 4.84 30.15
C LEU H 214 5.73 3.56 29.64
N LYS H 215 6.49 2.47 29.67
CA LYS H 215 6.05 1.24 29.04
C LYS H 215 5.34 0.31 30.04
N SER H 216 4.06 0.06 29.79
CA SER H 216 3.25 -0.79 30.65
C SER H 216 3.82 -2.21 30.75
N PRO H 217 4.04 -2.69 31.99
CA PRO H 217 4.54 -4.05 32.21
C PRO H 217 3.60 -5.17 31.72
N SER H 218 2.37 -4.85 31.35
CA SER H 218 1.45 -5.84 30.79
C SER H 218 1.05 -5.50 29.35
N GLY H 219 1.71 -4.49 28.80
CA GLY H 219 1.54 -4.12 27.40
C GLY H 219 0.40 -3.19 27.05
N LYS H 220 -0.26 -2.62 28.06
CA LYS H 220 -1.44 -1.80 27.83
C LYS H 220 -1.11 -0.54 27.05
N LYS H 221 -1.97 -0.16 26.11
CA LYS H 221 -1.87 1.15 25.48
C LYS H 221 -2.84 2.07 26.19
N TYR H 222 -2.40 3.30 26.46
CA TYR H 222 -3.18 4.20 27.31
C TYR H 222 -4.21 4.98 26.49
N ASP H 223 -5.40 5.11 27.03
CA ASP H 223 -6.44 5.89 26.39
C ASP H 223 -6.29 7.36 26.74
N ALA H 224 -5.85 7.62 27.97
CA ALA H 224 -5.56 8.97 28.42
C ALA H 224 -4.45 8.96 29.44
N VAL H 225 -3.58 9.96 29.38
CA VAL H 225 -2.55 10.13 30.39
C VAL H 225 -2.84 11.38 31.21
N VAL H 226 -2.93 11.22 32.53
CA VAL H 226 -2.93 12.39 33.39
C VAL H 226 -1.48 12.70 33.71
N HIS H 227 -0.90 13.59 32.89
CA HIS H 227 0.51 13.91 32.95
C HIS H 227 0.83 14.98 34.01
N CYS H 228 1.34 14.53 35.16
CA CYS H 228 1.59 15.44 36.28
C CYS H 228 3.07 15.72 36.50
N ALA H 229 3.92 15.08 35.70
CA ALA H 229 5.36 15.33 35.74
C ALA H 229 5.73 16.33 34.64
N ASN H 230 7.02 16.49 34.34
CA ASN H 230 7.43 17.60 33.47
C ASN H 230 8.49 17.29 32.40
N GLY H 231 9.22 16.19 32.55
CA GLY H 231 10.35 16.00 31.68
C GLY H 231 10.07 15.52 30.26
N ILE H 232 8.83 15.14 29.99
CA ILE H 232 8.56 14.22 28.89
C ILE H 232 7.98 14.85 27.62
N PRO H 233 8.68 14.69 26.48
CA PRO H 233 8.22 15.10 25.14
C PRO H 233 7.27 14.08 24.50
N PHE H 234 6.37 14.55 23.64
CA PHE H 234 5.28 13.73 23.16
C PHE H 234 5.72 12.41 22.56
N SER H 235 6.90 12.40 21.93
CA SER H 235 7.41 11.20 21.27
C SER H 235 7.59 10.01 22.23
N VAL H 236 7.78 10.30 23.52
CA VAL H 236 7.89 9.24 24.53
C VAL H 236 6.53 8.62 24.84
N PHE H 237 5.52 9.47 24.93
CA PHE H 237 4.14 9.03 25.13
C PHE H 237 3.58 8.23 23.94
N GLU H 238 3.87 8.70 22.73
CA GLU H 238 3.20 8.22 21.50
C GLU H 238 3.11 6.69 21.31
N PRO H 239 4.23 5.95 21.45
CA PRO H 239 4.12 4.50 21.23
C PRO H 239 3.23 3.81 22.26
N ASN H 240 2.99 4.47 23.38
CA ASN H 240 2.19 3.88 24.45
C ASN H 240 0.70 4.25 24.37
N LEU H 241 0.34 5.10 23.42
CA LEU H 241 -1.05 5.54 23.31
C LEU H 241 -1.87 4.63 22.39
N SER H 242 -3.11 4.38 22.80
CA SER H 242 -4.09 3.73 21.94
C SER H 242 -4.31 4.60 20.71
N GLU H 243 -5.11 4.12 19.76
CA GLU H 243 -5.21 4.81 18.47
C GLU H 243 -5.61 6.29 18.60
N ASN H 244 -6.55 6.60 19.51
CA ASN H 244 -6.99 7.97 19.69
C ASN H 244 -6.69 8.51 21.09
N GLY H 245 -5.58 8.05 21.67
CA GLY H 245 -5.24 8.38 23.04
C GLY H 245 -4.88 9.83 23.22
N LYS H 246 -5.18 10.37 24.40
CA LYS H 246 -4.88 11.75 24.72
C LYS H 246 -3.84 11.83 25.84
N VAL H 247 -2.82 12.66 25.64
CA VAL H 247 -1.97 13.07 26.75
C VAL H 247 -2.55 14.36 27.32
N ILE H 248 -3.03 14.31 28.56
CA ILE H 248 -3.57 15.50 29.21
C ILE H 248 -2.47 16.17 30.02
N ASP H 249 -1.87 17.21 29.46
CA ASP H 249 -0.74 17.90 30.06
C ASP H 249 -1.23 18.90 31.08
N ILE H 250 -1.13 18.60 32.37
CA ILE H 250 -1.69 19.55 33.33
C ILE H 250 -0.69 20.65 33.69
N THR H 251 0.48 20.62 33.06
CA THR H 251 1.42 21.72 33.20
C THR H 251 1.69 22.32 31.84
N PRO H 252 0.68 22.94 31.21
CA PRO H 252 0.87 23.35 29.82
C PRO H 252 1.84 24.51 29.70
N GLY H 253 2.85 24.38 28.85
CA GLY H 253 3.74 25.47 28.59
C GLY H 253 3.64 25.81 27.12
N PRO H 254 4.49 26.73 26.66
CA PRO H 254 4.54 27.07 25.22
C PRO H 254 4.72 25.83 24.33
N ASN H 255 5.60 24.89 24.69
CA ASN H 255 5.76 23.67 23.89
C ASN H 255 4.45 22.91 23.76
N ALA H 256 3.76 22.72 24.88
CA ALA H 256 2.48 22.02 24.87
C ALA H 256 1.49 22.72 23.95
N MET H 257 1.38 24.05 24.09
CA MET H 257 0.43 24.81 23.30
C MET H 257 0.75 24.65 21.82
N TRP H 258 2.02 24.74 21.47
CA TRP H 258 2.41 24.61 20.07
C TRP H 258 2.08 23.19 19.58
N THR H 259 2.46 22.18 20.34
CA THR H 259 2.18 20.80 19.98
C THR H 259 0.68 20.61 19.72
N TYR H 260 -0.13 21.11 20.65
CA TYR H 260 -1.57 21.10 20.54
C TYR H 260 -2.05 21.71 19.21
N ALA H 261 -1.49 22.87 18.89
CA ALA H 261 -1.81 23.57 17.66
C ALA H 261 -1.51 22.71 16.42
N VAL H 262 -0.31 22.16 16.31
CA VAL H 262 0.03 21.45 15.08
C VAL H 262 -0.67 20.10 15.02
N LYS H 263 -1.05 19.56 16.18
CA LYS H 263 -1.78 18.29 16.16
C LYS H 263 -3.26 18.50 15.84
N LYS H 264 -3.77 19.70 16.10
CA LYS H 264 -5.08 20.10 15.60
C LYS H 264 -5.01 20.35 14.09
N ILE H 265 -4.09 21.23 13.68
CA ILE H 265 -3.85 21.54 12.28
C ILE H 265 -3.66 20.30 11.43
N THR H 266 -2.83 19.36 11.87
CA THR H 266 -2.52 18.18 11.04
C THR H 266 -3.48 17.03 11.26
N MET H 267 -4.48 17.28 12.11
CA MET H 267 -5.54 16.31 12.37
C MET H 267 -4.99 14.96 12.80
N SER H 268 -4.08 15.01 13.78
CA SER H 268 -3.46 13.82 14.35
C SER H 268 -4.48 13.06 15.17
N LYS H 269 -4.44 11.74 15.11
CA LYS H 269 -5.41 10.94 15.83
C LYS H 269 -5.07 10.93 17.31
N LYS H 270 -3.78 10.77 17.61
CA LYS H 270 -3.30 10.92 18.98
C LYS H 270 -3.12 12.39 19.33
N GLN H 271 -3.67 12.82 20.46
CA GLN H 271 -3.79 14.23 20.78
C GLN H 271 -2.98 14.60 22.02
N LEU H 272 -2.50 15.85 22.09
CA LEU H 272 -1.99 16.38 23.36
C LEU H 272 -2.90 17.52 23.76
N VAL H 273 -3.47 17.41 24.95
CA VAL H 273 -4.49 18.35 25.44
C VAL H 273 -4.03 19.14 26.67
N PRO H 274 -3.87 20.48 26.53
CA PRO H 274 -3.50 21.28 27.70
C PRO H 274 -4.70 21.33 28.62
N LEU H 275 -4.46 21.47 29.92
CA LEU H 275 -5.56 21.60 30.88
C LEU H 275 -5.33 22.81 31.77
N LEU H 276 -6.36 23.63 31.90
CA LEU H 276 -6.33 24.76 32.80
C LEU H 276 -7.52 24.60 33.73
N LEU H 277 -7.26 24.49 35.03
CA LEU H 277 -8.30 24.21 36.00
C LEU H 277 -9.35 25.30 36.07
N ILE H 278 -10.62 24.88 35.98
CA ILE H 278 -11.75 25.74 36.25
C ILE H 278 -12.45 25.28 37.54
N PRO H 279 -12.17 25.98 38.67
CA PRO H 279 -12.71 25.61 39.98
C PRO H 279 -14.20 25.92 40.08
N LYS H 280 -15.00 24.94 40.45
CA LYS H 280 -16.42 25.17 40.66
C LYS H 280 -16.86 24.55 41.97
N ALA H 281 -17.77 25.22 42.67
CA ALA H 281 -18.22 24.74 43.99
C ALA H 281 -18.84 23.34 43.93
N GLU H 282 -19.61 23.06 42.87
CA GLU H 282 -20.25 21.75 42.72
C GLU H 282 -19.22 20.63 42.76
N ASN H 283 -18.09 20.86 42.10
CA ASN H 283 -17.01 19.89 42.04
C ASN H 283 -16.30 19.76 43.38
N LEU H 284 -16.07 20.90 44.04
CA LEU H 284 -15.43 20.89 45.36
C LEU H 284 -16.32 20.18 46.38
N GLU H 285 -17.63 20.47 46.32
CA GLU H 285 -18.63 19.80 47.13
C GLU H 285 -18.58 18.30 46.89
N PHE H 286 -18.51 17.93 45.62
CA PHE H 286 -18.41 16.53 45.21
C PHE H 286 -17.16 15.84 45.77
N MET H 287 -16.00 16.49 45.64
CA MET H 287 -14.75 15.94 46.14
C MET H 287 -14.78 15.83 47.65
N VAL H 288 -15.26 16.88 48.32
CA VAL H 288 -15.34 16.88 49.78
C VAL H 288 -16.21 15.71 50.25
N ASN H 289 -17.27 15.45 49.51
CA ASN H 289 -18.17 14.36 49.83
C ASN H 289 -17.46 13.00 49.70
N LEU H 290 -16.65 12.85 48.65
CA LEU H 290 -15.91 11.62 48.42
C LEU H 290 -14.97 11.32 49.58
N VAL H 291 -14.37 12.38 50.13
CA VAL H 291 -13.46 12.24 51.27
C VAL H 291 -14.23 11.85 52.52
N LYS H 292 -15.40 12.46 52.69
CA LYS H 292 -16.30 12.13 53.79
C LYS H 292 -16.66 10.64 53.77
N GLU H 293 -17.01 10.14 52.59
CA GLU H 293 -17.44 8.74 52.42
C GLU H 293 -16.27 7.75 52.34
N GLY H 294 -15.06 8.25 52.52
CA GLY H 294 -13.87 7.41 52.51
C GLY H 294 -13.47 6.83 51.16
N LYS H 295 -14.10 7.32 50.09
CA LYS H 295 -13.79 6.83 48.74
C LYS H 295 -12.49 7.44 48.21
N VAL H 296 -12.17 8.63 48.70
CA VAL H 296 -10.90 9.29 48.42
C VAL H 296 -10.25 9.68 49.74
N LYS H 297 -8.95 9.41 49.89
CA LYS H 297 -8.25 9.86 51.07
C LYS H 297 -7.20 10.89 50.69
N THR H 298 -7.13 11.96 51.47
CA THR H 298 -6.10 12.96 51.30
C THR H 298 -4.83 12.50 51.97
N VAL H 299 -3.73 12.45 51.24
CA VAL H 299 -2.45 12.10 51.85
C VAL H 299 -1.68 13.36 52.14
N ILE H 300 -1.25 13.52 53.39
CA ILE H 300 -0.55 14.74 53.79
C ILE H 300 0.95 14.49 53.91
N ASP H 301 1.73 15.23 53.14
CA ASP H 301 3.19 15.10 53.14
C ASP H 301 3.79 15.55 54.47
N SER H 302 3.37 16.73 54.93
CA SER H 302 3.86 17.30 56.20
C SER H 302 2.99 18.46 56.65
N LYS H 303 3.08 18.78 57.93
CA LYS H 303 2.35 19.92 58.47
C LYS H 303 3.34 20.91 59.08
N HIS H 304 3.14 22.18 58.83
CA HIS H 304 4.01 23.22 59.35
C HIS H 304 3.21 24.35 59.96
N PRO H 305 3.66 24.86 61.11
CA PRO H 305 2.99 26.04 61.68
C PRO H 305 3.27 27.28 60.84
N LEU H 306 2.34 28.23 60.87
CA LEU H 306 2.49 29.46 60.10
C LEU H 306 3.79 30.18 60.46
N SER H 307 4.19 30.07 61.73
CA SER H 307 5.42 30.73 62.19
C SER H 307 6.69 30.13 61.59
N LYS H 308 6.54 28.96 60.97
CA LYS H 308 7.64 28.30 60.28
C LYS H 308 7.27 27.97 58.83
N ALA H 309 6.32 28.72 58.25
CA ALA H 309 5.79 28.42 56.92
C ALA H 309 6.84 28.44 55.81
N GLU H 310 7.93 29.18 56.00
CA GLU H 310 9.01 29.16 55.01
C GLU H 310 9.57 27.75 54.79
N ASP H 311 9.44 26.88 55.80
CA ASP H 311 9.80 25.48 55.69
C ASP H 311 8.88 24.75 54.70
N ALA H 312 7.59 24.99 54.81
CA ALA H 312 6.63 24.41 53.89
C ALA H 312 6.92 24.86 52.46
N TRP H 313 7.15 26.16 52.30
CA TRP H 313 7.54 26.75 51.03
C TRP H 313 8.74 26.03 50.42
N ALA H 314 9.81 25.91 51.21
CA ALA H 314 11.02 25.24 50.73
C ALA H 314 10.74 23.82 50.28
N LYS H 315 9.82 23.16 50.98
CA LYS H 315 9.48 21.76 50.72
C LYS H 315 8.77 21.64 49.39
N SER H 316 7.87 22.59 49.13
CA SER H 316 7.18 22.70 47.86
C SER H 316 8.20 22.90 46.75
N ILE H 317 9.01 23.97 46.87
CA ILE H 317 10.05 24.29 45.89
C ILE H 317 10.91 23.08 45.53
N ASP H 318 11.23 22.26 46.53
CA ASP H 318 12.11 21.11 46.37
C ASP H 318 11.47 20.02 45.51
N GLY H 319 10.15 19.98 45.49
CA GLY H 319 9.43 19.05 44.64
C GLY H 319 9.47 17.57 44.97
N HIS H 320 9.71 17.19 46.22
CA HIS H 320 9.74 15.77 46.57
C HIS H 320 8.56 15.38 47.44
N ALA H 321 7.57 16.27 47.50
CA ALA H 321 6.39 16.05 48.31
C ALA H 321 5.66 14.77 47.92
N THR H 322 5.22 14.01 48.91
CA THR H 322 4.35 12.88 48.68
C THR H 322 3.00 13.22 49.29
N GLY H 323 2.04 13.56 48.42
CA GLY H 323 0.77 14.08 48.89
C GLY H 323 0.87 15.58 49.00
N LYS H 324 0.11 16.18 49.92
CA LYS H 324 0.00 17.64 49.99
C LYS H 324 0.71 18.26 51.21
N ILE H 325 1.40 19.36 50.98
CA ILE H 325 2.07 20.10 52.05
C ILE H 325 1.08 21.03 52.74
N ILE H 326 1.05 21.02 54.08
CA ILE H 326 0.04 21.79 54.81
C ILE H 326 0.63 22.83 55.78
N VAL H 327 0.07 24.04 55.76
CA VAL H 327 0.39 25.03 56.78
C VAL H 327 -0.80 25.25 57.73
N GLU H 328 -0.53 25.07 59.02
CA GLU H 328 -1.53 25.23 60.11
C GLU H 328 -1.23 26.47 60.94
N PRO H 329 -2.25 26.99 61.65
CA PRO H 329 -1.91 28.09 62.57
C PRO H 329 -1.30 27.56 63.87
PA NAP I . 11.87 -10.82 -32.07
O1A NAP I . 11.50 -9.88 -30.93
O2A NAP I . 13.32 -10.58 -32.49
O5B NAP I . 10.85 -10.59 -33.26
C5B NAP I . 11.08 -9.51 -34.18
C4B NAP I . 10.84 -9.86 -35.61
O4B NAP I . 9.83 -10.94 -35.79
C3B NAP I . 10.33 -8.65 -36.28
O3B NAP I . 11.35 -8.16 -37.23
C2B NAP I . 9.05 -9.03 -36.89
O2B NAP I . 8.90 -8.47 -38.21
C1B NAP I . 9.09 -10.48 -37.01
N9A NAP I . 7.81 -11.04 -37.10
C8A NAP I . 6.79 -10.90 -36.26
N7A NAP I . 5.72 -11.58 -36.68
C5A NAP I . 6.02 -12.17 -37.85
C6A NAP I . 5.34 -12.98 -38.75
N6A NAP I . 3.99 -13.35 -38.53
N1A NAP I . 5.95 -13.43 -39.82
C2A NAP I . 7.23 -13.11 -40.10
N3A NAP I . 7.92 -12.32 -39.26
C4A NAP I . 7.36 -11.84 -38.13
O3 NAP I . 11.73 -12.35 -31.60
PN NAP I . 12.88 -13.41 -31.18
O1N NAP I . 13.68 -13.91 -32.37
O2N NAP I . 13.86 -12.84 -30.18
O5D NAP I . 12.01 -14.64 -30.55
C5D NAP I . 10.82 -15.10 -31.25
C4D NAP I . 9.97 -15.90 -30.30
O4D NAP I . 10.74 -17.11 -29.85
C3D NAP I . 9.60 -15.19 -29.07
O3D NAP I . 8.18 -15.52 -28.87
C2D NAP I . 10.45 -15.71 -27.97
O2D NAP I . 9.84 -15.68 -26.64
C1D NAP I . 10.73 -17.09 -28.34
N1N NAP I . 11.96 -17.62 -27.90
C2N NAP I . 11.95 -18.83 -27.23
C3N NAP I . 13.12 -19.43 -26.77
C7N NAP I . 13.00 -20.82 -26.06
O7N NAP I . 13.92 -21.33 -25.45
N7N NAP I . 11.80 -21.58 -26.19
C4N NAP I . 14.33 -18.79 -26.97
C5N NAP I . 14.36 -17.57 -27.63
C6N NAP I . 13.17 -16.97 -28.10
P2B NAP I . 8.08 -7.14 -38.52
O1X NAP I . 8.45 -5.95 -37.68
O2X NAP I . 8.44 -6.85 -39.97
O3X NAP I . 6.62 -7.39 -38.23
C11 KZH J . -0.58 -25.66 -1.65
C10 KZH J . 0.60 -25.83 -2.60
C9 KZH J . 0.52 -25.53 -3.91
C8 KZH J . 0.50 -24.07 -4.37
C7 KZH J . 1.60 -23.68 -5.32
C6 KZH J . 1.93 -22.20 -5.32
C5 KZH J . 2.35 -21.71 -6.69
C4 KZH J . 2.84 -20.28 -6.73
C3 KZH J . 2.52 -19.61 -8.05
C2 KZH J . 3.35 -18.36 -8.31
C1 KZH J . 2.70 -17.20 -9.07
O1 KZH J . 2.91 -17.01 -10.32
O2 KZH J . 1.98 -16.39 -8.44
PA NAP K . 7.31 -58.96 -19.34
O1A NAP K . 6.02 -59.18 -18.58
O2A NAP K . 7.48 -60.00 -20.45
O5B NAP K . 8.53 -59.14 -18.33
C5B NAP K . 8.24 -59.72 -17.04
C4B NAP K . 9.53 -59.98 -16.33
O4B NAP K . 9.95 -58.77 -15.58
C3B NAP K . 9.37 -61.10 -15.38
O3B NAP K . 10.29 -62.17 -15.73
C2B NAP K . 9.64 -60.56 -14.05
O2B NAP K . 10.40 -61.50 -13.22
C1B NAP K . 10.38 -59.29 -14.24
N9A NAP K . 10.07 -58.33 -13.26
C8A NAP K . 8.86 -58.06 -12.80
N7A NAP K . 8.93 -57.11 -11.87
C5A NAP K . 10.20 -56.74 -11.70
C6A NAP K . 10.84 -55.79 -10.88
N6A NAP K . 10.06 -55.00 -9.98
N1A NAP K . 12.16 -55.65 -10.93
C2A NAP K . 12.91 -56.40 -11.78
N3A NAP K . 12.32 -57.33 -12.59
C4A NAP K . 10.97 -57.52 -12.58
O3 NAP K . 7.20 -57.44 -19.90
PN NAP K . 8.05 -56.62 -21.00
O1N NAP K . 9.54 -56.85 -20.81
O2N NAP K . 7.63 -57.03 -22.42
O5D NAP K . 7.71 -55.02 -20.84
C5D NAP K . 7.44 -54.41 -19.54
C4D NAP K . 6.73 -53.08 -19.67
O4D NAP K . 7.20 -52.31 -20.88
C3D NAP K . 5.27 -53.24 -19.82
O3D NAP K . 4.63 -52.43 -18.76
C2D NAP K . 4.93 -52.84 -21.20
O2D NAP K . 3.60 -52.27 -21.36
C1D NAP K . 5.93 -51.85 -21.57
N1N NAP K . 6.19 -51.65 -22.94
C2N NAP K . 5.98 -50.42 -23.54
C3N NAP K . 6.27 -50.21 -24.90
C7N NAP K . 6.05 -48.81 -25.55
O7N NAP K . 5.76 -48.65 -26.72
N7N NAP K . 6.24 -47.66 -24.71
C4N NAP K . 6.80 -51.23 -25.65
C5N NAP K . 7.02 -52.46 -25.06
C6N NAP K . 6.72 -52.66 -23.70
P2B NAP K . 9.71 -62.11 -11.93
O1X NAP K . 8.96 -63.30 -12.47
O2X NAP K . 10.74 -62.51 -10.89
O3X NAP K . 8.66 -61.20 -11.30
PA NAP L . -22.79 -21.92 -33.95
O1A NAP L . -22.04 -22.36 -35.19
O2A NAP L . -24.24 -22.39 -33.93
O5B NAP L . -22.73 -20.29 -33.87
C5B NAP L . -23.08 -19.46 -35.00
C4B NAP L . -23.12 -18.01 -34.61
O4B NAP L . -21.86 -17.61 -33.92
C3B NAP L . -23.27 -17.07 -35.74
O3B NAP L . -24.56 -16.40 -35.62
C2B NAP L . -22.15 -16.12 -35.66
O2B NAP L . -22.50 -14.75 -36.00
C1B NAP L . -21.70 -16.17 -34.26
N9A NAP L . -20.38 -15.78 -34.09
C8A NAP L . -19.31 -16.26 -34.70
N7A NAP L . -18.21 -15.66 -34.28
C5A NAP L . -18.53 -14.76 -33.35
C6A NAP L . -17.82 -13.84 -32.58
N6A NAP L . -16.39 -13.74 -32.68
N1A NAP L . -18.46 -13.07 -31.73
C2A NAP L . -19.80 -13.12 -31.59
N3A NAP L . -20.53 -13.97 -32.33
C4A NAP L . -19.93 -14.81 -33.21
O3 NAP L . -22.03 -22.61 -32.71
PN NAP L . -22.68 -23.19 -31.36
O1N NAP L . -23.69 -22.24 -30.74
O2N NAP L . -23.31 -24.52 -31.66
O5D NAP L . -21.47 -23.40 -30.28
C5D NAP L . -20.33 -22.51 -30.24
C4D NAP L . -19.07 -23.23 -29.79
O4D NAP L . -19.36 -24.09 -28.61
C3D NAP L . -18.52 -24.10 -30.83
O3D NAP L . -17.07 -23.90 -30.82
C2D NAP L . -18.93 -25.46 -30.45
O2D NAP L . -18.10 -26.51 -31.05
C1D NAP L . -18.82 -25.44 -28.99
N1N NAP L . -19.58 -26.39 -28.29
C2N NAP L . -19.03 -26.95 -27.17
C3N NAP L . -19.73 -27.89 -26.40
C7N NAP L . -19.06 -28.48 -25.14
O7N NAP L . -19.63 -29.34 -24.50
N7N NAP L . -17.79 -27.98 -24.70
C4N NAP L . -20.99 -28.25 -26.77
C5N NAP L . -21.55 -27.70 -27.90
C6N NAP L . -20.84 -26.75 -28.66
P2B NAP L . -21.95 -14.19 -37.39
O1X NAP L . -22.60 -15.09 -38.41
O2X NAP L . -22.44 -12.76 -37.55
O3X NAP L . -20.44 -14.30 -37.58
C7 KZH M . -2.35 -44.84 -29.22
C6 KZH M . -3.72 -44.98 -29.87
C5 KZH M . -4.23 -43.76 -30.61
C4 KZH M . -4.74 -44.02 -32.03
C3 KZH M . -5.71 -42.97 -32.56
C2 KZH M . -5.41 -42.54 -33.99
C1 KZH M . -6.13 -41.29 -34.47
O1 KZH M . -6.85 -40.60 -33.68
O2 KZH M . -6.02 -40.93 -35.68
PA NAP N . -0.89 -36.49 8.58
O1A NAP N . 0.60 -36.17 8.65
O2A NAP N . -1.64 -35.71 9.67
O5B NAP N . -1.11 -38.08 8.63
C5B NAP N . -0.66 -38.92 9.70
C4B NAP N . -1.64 -40.02 9.94
O4B NAP N . -2.04 -40.70 8.68
C3B NAP N . -1.06 -41.07 10.82
O3B NAP N . -1.71 -40.99 12.12
C2B NAP N . -1.21 -42.35 10.10
O2B NAP N . -1.54 -43.51 10.95
C1B NAP N . -2.25 -42.12 9.08
N9A NAP N . -2.14 -42.95 7.96
C8A NAP N . -1.08 -43.04 7.17
N7A NAP N . -1.29 -43.90 6.17
C5A NAP N . -2.52 -44.41 6.28
C6A NAP N . -3.23 -45.34 5.53
N6A NAP N . -2.62 -45.94 4.37
N1A NAP N . -4.46 -45.68 5.89
C2A NAP N . -5.03 -45.11 6.99
N3A NAP N . -4.36 -44.20 7.77
C4A NAP N . -3.10 -43.82 7.44
O3 NAP N . -1.41 -36.04 7.13
PN NAP N . -2.45 -34.85 6.87
O1N NAP N . -3.82 -35.14 7.46
O2N NAP N . -1.91 -33.55 7.46
O5D NAP N . -2.54 -34.76 5.26
C5D NAP N . -2.70 -36.02 4.56
C4D NAP N . -2.37 -35.81 3.10
O4D NAP N . -3.26 -34.74 2.55
C3D NAP N . -0.98 -35.35 2.97
O3D NAP N . -0.38 -36.07 1.87
C2D NAP N . -1.06 -33.90 2.73
O2D NAP N . 0.12 -33.43 1.98
C1D NAP N . -2.31 -33.70 2.00
N1N NAP N . -2.89 -32.43 2.13
C2N NAP N . -3.36 -31.78 0.99
C3N NAP N . -3.93 -30.51 1.02
C7N NAP N . -4.48 -29.86 -0.30
O7N NAP N . -4.81 -28.68 -0.34
N7N NAP N . -4.64 -30.67 -1.49
C4N NAP N . -4.03 -29.88 2.23
C5N NAP N . -3.57 -30.50 3.38
C6N NAP N . -2.99 -31.79 3.35
P2B NAP N . -0.37 -44.52 11.35
O1X NAP N . 0.69 -43.76 12.13
O2X NAP N . -0.99 -45.60 12.21
O3X NAP N . 0.31 -45.12 10.13
C8 KZH O . 11.85 -21.63 -17.31
C7 KZH O . 11.29 -22.15 -15.99
C6 KZH O . 12.23 -22.06 -14.79
C5 KZH O . 11.52 -22.40 -13.49
C4 KZH O . 12.43 -22.59 -12.29
C3 KZH O . 12.38 -23.96 -11.60
C2 KZH O . 13.40 -24.06 -10.49
C1 KZH O . 13.11 -25.16 -9.48
O1 KZH O . 12.12 -25.13 -8.70
O2 KZH O . 13.89 -26.12 -9.43
PA NAP P . -5.97 59.08 18.10
O1A NAP P . -6.63 57.92 18.80
O2A NAP P . -6.13 60.35 18.93
O5B NAP P . -6.63 59.19 16.63
C5B NAP P . -7.50 60.26 16.21
C4B NAP P . -7.04 60.86 14.91
O4B NAP P . -6.66 59.81 13.93
C3B NAP P . -8.14 61.66 14.29
O3B NAP P . -7.65 62.91 13.71
C2B NAP P . -8.70 60.83 13.25
O2B NAP P . -9.36 61.65 12.24
C1B NAP P . -7.53 60.03 12.74
N9A NAP P . -7.99 58.84 12.15
C8A NAP P . -8.95 58.05 12.67
N7A NAP P . -9.20 57.04 11.86
C5A NAP P . -8.44 57.13 10.76
C6A NAP P . -8.30 56.35 9.61
N6A NAP P . -9.09 55.16 9.45
N1A NAP P . -7.42 56.70 8.66
C2A NAP P . -6.66 57.81 8.80
N3A NAP P . -6.77 58.59 9.90
C4A NAP P . -7.65 58.29 10.92
O3 NAP P . -4.37 58.85 17.87
PN NAP P . -3.13 58.68 18.91
O1N NAP P . -1.91 59.36 18.35
O2N NAP P . -3.45 59.27 20.27
O5D NAP P . -2.76 57.09 18.99
C5D NAP P . -3.48 56.17 18.11
C4D NAP P . -3.02 54.75 18.28
O4D NAP P . -1.58 54.68 18.66
C3D NAP P . -3.79 54.05 19.34
O3D NAP P . -4.37 52.85 18.73
C2D NAP P . -2.85 53.77 20.42
O2D NAP P . -3.26 52.55 21.15
C1D NAP P . -1.56 53.62 19.74
N1N NAP P . -0.37 53.79 20.49
C2N NAP P . 0.51 52.74 20.65
C3N NAP P . 1.72 52.88 21.34
C7N NAP P . 2.72 51.70 21.55
O7N NAP P . 3.39 51.66 22.56
N7N NAP P . 2.88 50.67 20.57
C4N NAP P . 2.03 54.10 21.87
C5N NAP P . 1.17 55.16 21.69
C6N NAP P . -0.04 55.01 20.99
P2B NAP P . -10.95 61.68 12.02
O1X NAP P . -11.60 62.15 13.31
O2X NAP P . -11.27 62.64 10.90
O3X NAP P . -11.54 60.36 11.63
PA NAP Q . 26.00 20.62 16.04
O1A NAP Q . 25.32 19.35 15.53
O2A NAP Q . 27.21 20.91 15.16
O5B NAP Q . 26.39 20.39 17.58
C5B NAP Q . 27.26 19.33 18.02
C4B NAP Q . 28.05 19.81 19.21
O4B NAP Q . 27.21 20.52 20.22
C3B NAP Q . 28.75 18.68 19.86
O3B NAP Q . 30.19 18.95 19.78
C2B NAP Q . 28.25 18.59 21.25
O2B NAP Q . 29.26 18.23 22.24
C1B NAP Q . 27.76 19.97 21.51
N9A NAP Q . 26.88 20.01 22.59
C8A NAP Q . 25.74 19.34 22.79
N7A NAP Q . 25.20 19.68 23.96
C5A NAP Q . 25.99 20.58 24.57
C6A NAP Q . 25.96 21.30 25.77
N6A NAP Q . 24.91 21.16 26.73
N1A NAP Q . 26.94 22.16 26.06
C2A NAP Q . 27.97 22.36 25.23
N3A NAP Q . 28.03 21.69 24.06
C4A NAP Q . 27.07 20.82 23.70
O3 NAP Q . 24.99 21.92 16.05
PN NAP Q . 24.93 23.25 15.12
O1N NAP Q . 25.99 24.23 15.56
O2N NAP Q . 25.11 23.01 13.63
O5D NAP Q . 23.48 23.90 15.42
C5D NAP Q . 23.09 23.81 16.82
C4D NAP Q . 21.64 24.17 17.08
O4D NAP Q . 21.29 25.53 16.58
C3D NAP Q . 20.71 23.25 16.45
O3D NAP Q . 19.58 23.22 17.35
C2D NAP Q . 20.26 23.85 15.20
O2D NAP Q . 18.91 23.35 14.85
C1D NAP Q . 20.23 25.29 15.51
N1N NAP Q . 20.51 26.09 14.38
C2N NAP Q . 19.61 27.09 14.06
C3N NAP Q . 19.81 27.95 12.96
C7N NAP Q . 18.76 29.07 12.75
O7N NAP Q . 18.53 29.60 11.67
N7N NAP Q . 18.10 29.56 13.91
C4N NAP Q . 20.92 27.77 12.17
C5N NAP Q . 21.83 26.76 12.48
C6N NAP Q . 21.63 25.91 13.60
P2B NAP Q . 29.26 16.77 22.87
O1X NAP Q . 29.81 15.87 21.81
O2X NAP Q . 30.16 16.68 24.11
O3X NAP Q . 27.83 16.38 23.19
C9 KZH R . -5.58 25.13 7.04
C8 KZH R . -4.89 23.82 7.43
C7 KZH R . -3.48 23.71 6.88
C6 KZH R . -2.90 22.31 6.78
C5 KZH R . -1.37 22.38 6.81
C4 KZH R . -0.64 21.11 6.42
C3 KZH R . 0.53 20.69 7.31
C2 KZH R . 1.15 19.38 6.80
C1 KZH R . 1.98 18.54 7.75
O1 KZH R . 2.89 19.09 8.45
O2 KZH R . 1.78 17.29 7.83
PA NAP S . -19.54 32.49 1.01
O1A NAP S . -18.52 32.91 -0.04
O2A NAP S . -20.41 31.40 0.37
O5B NAP S . -20.37 33.77 1.55
C5B NAP S . -21.07 34.62 0.63
C4B NAP S . -22.17 35.30 1.36
O4B NAP S . -21.68 35.95 2.59
C3B NAP S . -22.85 36.37 0.57
O3B NAP S . -24.26 36.01 0.41
C2B NAP S . -22.79 37.58 1.36
O2B NAP S . -24.01 38.34 1.20
C1B NAP S . -22.63 37.10 2.72
N9A NAP S . -22.10 38.02 3.61
C8A NAP S . -20.88 38.57 3.60
N7A NAP S . -20.73 39.38 4.66
C5A NAP S . -21.84 39.35 5.38
C6A NAP S . -22.26 39.96 6.54
N6A NAP S . -21.38 40.83 7.21
N1A NAP S . -23.47 39.72 7.03
C2A NAP S . -24.33 38.87 6.43
N3A NAP S . -23.96 38.25 5.29
C4A NAP S . -22.74 38.46 4.75
O3 NAP S . -18.73 31.92 2.28
PN NAP S . -18.78 30.46 2.96
O1N NAP S . -20.15 30.15 3.56
O2N NAP S . -18.37 29.33 2.03
O5D NAP S . -17.67 30.66 4.11
C5D NAP S . -17.66 31.92 4.83
C4D NAP S . -16.42 31.90 5.67
O4D NAP S . -16.34 30.59 6.38
C3D NAP S . -15.19 32.03 4.85
O3D NAP S . -14.30 33.00 5.49
C2D NAP S . -14.62 30.68 4.78
O2D NAP S . -13.18 30.73 4.51
C1D NAP S . -14.94 30.12 6.09
N1N NAP S . -14.92 28.71 6.17
C2N NAP S . -14.18 28.10 7.17
C3N NAP S . -14.13 26.71 7.29
C7N NAP S . -13.33 26.06 8.45
O7N NAP S . -12.96 24.89 8.36
N7N NAP S . -13.07 26.79 9.66
C4N NAP S . -14.81 25.93 6.39
C5N NAP S . -15.55 26.52 5.39
C6N NAP S . -15.61 27.92 5.28
P2B NAP S . -23.97 39.63 0.22
O1X NAP S . -23.48 39.20 -1.15
O2X NAP S . -25.37 40.20 0.11
O3X NAP S . -22.99 40.64 0.81
C11 KZH T . 14.91 26.92 8.69
C10 KZH T . 13.61 26.65 9.41
C9 KZH T . 12.56 27.51 9.41
C8 KZH T . 11.95 28.09 8.12
C7 KZH T . 10.62 27.48 7.71
C6 KZH T . 9.95 28.13 6.52
C5 KZH T . 8.71 27.38 6.04
C4 KZH T . 8.30 27.60 4.59
C3 KZH T . 7.32 28.73 4.34
C2 KZH T . 6.81 28.73 2.90
C1 KZH T . 5.85 29.83 2.41
O1 KZH T . 4.64 29.84 2.79
O2 KZH T . 6.23 30.70 1.60
PA NAP U . 3.90 17.81 43.23
O1A NAP U . 4.85 18.82 43.89
O2A NAP U . 2.91 17.35 44.30
O5B NAP U . 4.71 16.56 42.65
C5B NAP U . 5.68 15.96 43.52
C4B NAP U . 5.87 14.52 43.21
O4B NAP U . 6.15 14.37 41.76
C3B NAP U . 7.02 13.93 43.94
O3B NAP U . 6.56 12.91 44.89
C2B NAP U . 7.93 13.42 42.90
O2B NAP U . 8.55 12.16 43.29
C1B NAP U . 7.13 13.26 41.67
N9A NAP U . 7.82 13.38 40.46
C8A NAP U . 8.55 14.41 40.01
N7A NAP U . 9.02 14.16 38.78
C5A NAP U . 8.60 12.96 38.39
C6A NAP U . 8.77 12.18 37.24
N6A NAP U . 9.52 12.61 36.14
N1A NAP U . 8.20 10.99 37.16
C2A NAP U . 7.44 10.50 38.16
N3A NAP U . 7.27 11.21 39.30
C4A NAP U . 7.82 12.44 39.44
O3 NAP U . 3.17 18.55 42.01
PN NAP U . 1.59 18.54 41.72
O1N NAP U . 1.08 17.11 41.61
O2N NAP U . 0.90 19.23 42.88
O5D NAP U . 1.34 19.28 40.30
C5D NAP U . 2.02 18.76 39.12
C4D NAP U . 2.19 19.85 38.09
O4D NAP U . 0.86 20.26 37.54
C3D NAP U . 2.78 21.06 38.68
O3D NAP U . 3.78 21.56 37.74
C2D NAP U . 1.73 22.04 38.82
O2D NAP U . 2.32 23.36 38.65
C1D NAP U . 0.80 21.75 37.75
N1N NAP U . -0.53 22.05 38.07
C2N NAP U . -1.37 22.52 37.08
C3N NAP U . -2.72 22.80 37.34
C7N NAP U . -3.63 23.32 36.18
O7N NAP U . -4.55 24.09 36.36
N7N NAP U . -3.37 22.84 34.86
C4N NAP U . -3.21 22.61 38.60
C5N NAP U . -2.38 22.13 39.59
C6N NAP U . -1.03 21.84 39.33
P2B NAP U . 10.12 12.19 43.55
O1X NAP U . 10.44 13.24 44.59
O2X NAP U . 10.52 10.82 44.09
O3X NAP U . 10.85 12.49 42.25
C6 KZH V . 2.66 45.83 30.19
C5 KZH V . 2.28 44.78 31.22
C4 KZH V . 3.30 44.55 32.32
C3 KZH V . 3.12 43.20 32.99
C2 KZH V . 3.54 43.11 34.45
C1 KZH V . 4.65 42.13 34.82
O1 KZH V . 4.41 40.88 34.91
O2 KZH V . 5.81 42.57 35.06
#